data_6D0U
#
_entry.id   6D0U
#
_cell.length_a   91.605
_cell.length_b   258.422
_cell.length_c   91.876
_cell.angle_alpha   90.00
_cell.angle_beta   90.54
_cell.angle_gamma   90.00
#
_symmetry.space_group_name_H-M   'P 1 21 1'
#
loop_
_entity.id
_entity.type
_entity.pdbx_description
1 polymer Hemagglutinin
2 polymer 'Antibody C05 V110P/A117E mutant, heavy chain'
3 polymer 'Antibody C05, light chain'
4 non-polymer 2-acetamido-2-deoxy-beta-D-glucopyranose
#
loop_
_entity_poly.entity_id
_entity_poly.type
_entity_poly.pdbx_seq_one_letter_code
_entity_poly.pdbx_strand_id
1 'polypeptide(L)'
;VQSSSTGKICNNPHRILDGIDCTLIDALLGDPHCDVFQNETWDLFVERSKAFSNCYPYDVPDYASLRSLVASSGTLEFIT
EGFTWTGVTQNGGSNACKRGPGSGFFSRLNWLTKSGSTYPVLNVTMPNNDNFDKLYIWGVHHPSTNQEQTSLYVQASGRV
TVSTRRSQQTIIPNIGSRPWVRGLSSRISIYWTIVKPGDVLVINSNGNLIAPRGYFKMRTGKSSIMRSDAPIDTCISECI
TPNGSIPNDKPFQNVNKITYGACPKYVGHHHHHH
;
A,B,J,G
2 'polypeptide(L)'
;QVQLQESGGGLVQPGESLRLSCVGSGSSFGESTLSYYAVSWVRQAPGKGLEWLSIINAGGGDIDYADSVEGRFTISRDNS
KETLYLQMTNLRVEDTGVYYCAKHMSMQQVPSAGWEREDLVGDAFDVWGQGTMVTVSSASTKGPSVFPLAPSSKSTSGGT
AALGCLVKDYFPEPVTVSWNSGALTSGVHTFPAVLQSSGLYSLSSVVTVPSSSLGTQTYICNVNHKPSNTKVDKRVEPKS
CHHHHHH
;
E,C,K,H
3 'polypeptide(L)'
;DIQLTQSPSSLSASVGDRVTLTCQASQDIRKFLNWYQQKPGKGPKLLIYDASNLQRGVPSRFSGGGSGTDFTLIISSLQP
EDVGTYYCQQYDGLPFTFGGGTKVVIKRTVAAPSVFIFPPSDEQLKSGTASVVCLLNNFYPREAKVQWKVDNALQSGNSQ
ESVTEQDSKDSTYSLSSTLTLSKADYEKHKVYACEVTHQGLSSPVTKSFNRGEC
;
F,D,L,I
#
loop_
_chem_comp.id
_chem_comp.type
_chem_comp.name
_chem_comp.formula
NAG D-saccharide, beta linking 2-acetamido-2-deoxy-beta-D-glucopyranose 'C8 H15 N O6'
#
# COMPACT_ATOMS: atom_id res chain seq x y z
N VAL A 1 -15.79 -33.05 -12.22
CA VAL A 1 -15.30 -31.64 -12.07
C VAL A 1 -16.21 -30.69 -12.86
N GLN A 2 -16.68 -29.64 -12.19
CA GLN A 2 -17.59 -28.66 -12.81
C GLN A 2 -16.81 -27.55 -13.52
N SER A 3 -16.94 -27.52 -14.85
CA SER A 3 -16.24 -26.54 -15.70
C SER A 3 -17.18 -25.57 -16.45
N SER A 4 -18.48 -25.58 -16.12
CA SER A 4 -19.47 -24.71 -16.76
C SER A 4 -20.32 -23.99 -15.71
N SER A 5 -20.91 -22.86 -16.12
CA SER A 5 -21.76 -22.02 -15.26
C SER A 5 -23.07 -21.68 -15.96
N THR A 6 -24.05 -21.25 -15.17
CA THR A 6 -25.37 -20.82 -15.68
C THR A 6 -25.35 -19.39 -16.25
N GLY A 7 -24.43 -18.58 -15.75
CA GLY A 7 -24.24 -17.19 -16.15
C GLY A 7 -24.97 -16.22 -15.24
N LYS A 8 -25.70 -16.74 -14.24
CA LYS A 8 -26.56 -15.90 -13.41
C LYS A 8 -26.34 -16.24 -11.95
N ILE A 9 -26.25 -15.25 -11.08
CA ILE A 9 -26.12 -15.49 -9.64
C ILE A 9 -27.51 -15.66 -9.02
N CYS A 10 -27.74 -16.80 -8.40
CA CYS A 10 -29.04 -17.10 -7.78
C CYS A 10 -29.22 -16.38 -6.45
N ASN A 11 -30.40 -15.79 -6.29
CA ASN A 11 -30.74 -14.97 -5.13
C ASN A 11 -31.05 -15.72 -3.82
N ASN A 12 -31.08 -17.05 -3.89
CA ASN A 12 -31.21 -17.91 -2.74
C ASN A 12 -30.16 -19.03 -2.82
N PRO A 13 -29.81 -19.61 -1.66
CA PRO A 13 -30.38 -19.33 -0.34
C PRO A 13 -29.78 -18.12 0.39
N HIS A 14 -28.65 -17.62 -0.12
CA HIS A 14 -27.93 -16.53 0.53
C HIS A 14 -28.55 -15.20 0.21
N ARG A 15 -28.53 -14.27 1.17
CA ARG A 15 -28.96 -12.91 0.91
C ARG A 15 -27.89 -12.11 0.15
N ILE A 16 -28.21 -11.84 -1.12
CA ILE A 16 -27.34 -11.14 -2.04
C ILE A 16 -27.77 -9.69 -2.09
N LEU A 17 -26.82 -8.78 -1.95
CA LEU A 17 -27.09 -7.37 -2.07
C LEU A 17 -26.30 -6.85 -3.28
N ASP A 18 -27.03 -6.38 -4.28
CA ASP A 18 -26.45 -5.83 -5.51
C ASP A 18 -26.03 -4.38 -5.27
N GLY A 19 -24.74 -4.12 -5.41
CA GLY A 19 -24.21 -2.77 -5.24
C GLY A 19 -24.54 -1.79 -6.37
N ILE A 20 -24.86 -2.31 -7.54
CA ILE A 20 -25.26 -1.46 -8.67
C ILE A 20 -24.20 -0.40 -8.96
N ASP A 21 -24.47 0.88 -8.73
CA ASP A 21 -23.49 1.94 -8.99
C ASP A 21 -22.58 2.28 -7.80
N CYS A 22 -22.50 1.40 -6.77
CA CYS A 22 -21.76 1.73 -5.58
C CYS A 22 -20.81 0.63 -5.13
N THR A 23 -19.60 1.02 -4.78
CA THR A 23 -18.69 0.16 -4.11
C THR A 23 -19.08 0.09 -2.65
N LEU A 24 -18.59 -0.90 -1.91
CA LEU A 24 -18.96 -1.03 -0.51
C LEU A 24 -18.43 0.10 0.34
N ILE A 25 -17.23 0.60 0.03
CA ILE A 25 -16.65 1.74 0.75
C ILE A 25 -17.46 3.00 0.56
N ASP A 26 -17.92 3.27 -0.65
CA ASP A 26 -18.76 4.44 -0.93
C ASP A 26 -20.08 4.36 -0.17
N ALA A 27 -20.59 3.14 -0.03
CA ALA A 27 -21.81 2.92 0.73
C ALA A 27 -21.55 3.17 2.20
N LEU A 28 -20.39 2.71 2.67
CA LEU A 28 -20.00 2.87 4.08
C LEU A 28 -19.93 4.35 4.48
N LEU A 29 -19.20 5.12 3.71
CA LEU A 29 -18.92 6.54 3.96
C LEU A 29 -20.16 7.40 3.80
N GLY A 30 -21.03 7.01 2.86
CA GLY A 30 -22.26 7.76 2.62
C GLY A 30 -22.15 8.78 1.51
N ASP A 31 -21.58 8.34 0.41
CA ASP A 31 -21.63 9.04 -0.89
C ASP A 31 -23.11 9.20 -1.22
N PRO A 32 -23.60 10.45 -1.48
CA PRO A 32 -25.02 10.68 -1.65
C PRO A 32 -25.83 9.69 -2.51
N HIS A 33 -25.28 9.24 -3.64
CA HIS A 33 -25.96 8.30 -4.51
C HIS A 33 -25.82 6.85 -4.06
N CYS A 34 -25.25 6.63 -2.88
CA CYS A 34 -25.27 5.37 -2.17
C CYS A 34 -26.11 5.33 -0.91
N ASP A 35 -26.96 6.33 -0.71
CA ASP A 35 -27.69 6.48 0.56
C ASP A 35 -28.74 5.38 0.79
N VAL A 36 -29.24 4.82 -0.30
CA VAL A 36 -30.19 3.70 -0.22
C VAL A 36 -29.58 2.52 0.55
N PHE A 37 -28.24 2.42 0.55
CA PHE A 37 -27.60 1.29 1.23
C PHE A 37 -27.36 1.51 2.70
N GLN A 38 -27.79 2.66 3.22
CA GLN A 38 -27.76 2.87 4.67
C GLN A 38 -28.50 1.80 5.47
N ASN A 39 -27.83 1.30 6.49
CA ASN A 39 -28.36 0.26 7.37
C ASN A 39 -28.72 -1.09 6.69
N GLU A 40 -28.15 -1.37 5.54
CA GLU A 40 -28.39 -2.62 4.80
C GLU A 40 -27.58 -3.78 5.38
N THR A 41 -27.99 -5.01 5.04
CA THR A 41 -27.27 -6.23 5.43
C THR A 41 -27.05 -7.14 4.23
N TRP A 42 -26.10 -8.07 4.32
CA TRP A 42 -25.86 -9.02 3.24
C TRP A 42 -25.18 -10.27 3.73
N ASP A 43 -25.43 -11.40 3.06
CA ASP A 43 -24.54 -12.54 3.12
C ASP A 43 -23.49 -12.44 2.04
N LEU A 44 -23.80 -11.80 0.95
CA LEU A 44 -22.80 -11.53 -0.12
C LEU A 44 -23.08 -10.20 -0.76
N PHE A 45 -22.11 -9.28 -0.67
CA PHE A 45 -22.16 -8.00 -1.37
C PHE A 45 -21.56 -8.24 -2.74
N VAL A 46 -22.23 -7.73 -3.76
CA VAL A 46 -21.74 -7.85 -5.15
C VAL A 46 -21.32 -6.52 -5.74
N GLU A 47 -19.99 -6.29 -5.89
CA GLU A 47 -19.50 -5.04 -6.49
C GLU A 47 -19.49 -5.11 -8.00
N ARG A 48 -20.18 -4.17 -8.68
CA ARG A 48 -20.20 -4.14 -10.13
C ARG A 48 -19.09 -3.22 -10.64
N SER A 49 -18.68 -3.48 -11.87
CA SER A 49 -17.66 -2.67 -12.53
C SER A 49 -18.15 -1.27 -12.89
N LYS A 50 -19.47 -1.08 -12.90
CA LYS A 50 -20.08 0.21 -13.22
C LYS A 50 -20.06 1.20 -12.07
N ALA A 51 -19.71 0.73 -10.87
CA ALA A 51 -19.59 1.60 -9.71
C ALA A 51 -18.69 2.80 -9.96
N PHE A 52 -19.05 3.93 -9.38
CA PHE A 52 -18.23 5.15 -9.48
C PHE A 52 -18.43 6.00 -8.24
N SER A 53 -17.48 6.90 -8.01
CA SER A 53 -17.59 7.87 -6.89
C SER A 53 -18.02 9.22 -7.40
N ASN A 54 -18.89 9.88 -6.62
CA ASN A 54 -19.43 11.16 -6.95
C ASN A 54 -19.54 12.11 -5.77
N CYS A 55 -18.57 12.03 -4.84
CA CYS A 55 -18.45 12.86 -3.70
C CYS A 55 -17.09 13.57 -3.71
N TYR A 56 -16.64 13.98 -2.54
CA TYR A 56 -15.37 14.67 -2.43
C TYR A 56 -14.27 13.70 -2.79
N PRO A 57 -13.31 14.14 -3.62
CA PRO A 57 -12.23 13.24 -4.02
C PRO A 57 -11.41 12.67 -2.86
N TYR A 58 -11.17 11.37 -2.86
CA TYR A 58 -10.71 10.70 -1.65
C TYR A 58 -9.88 9.52 -1.97
N ASP A 59 -9.05 9.11 -1.02
CA ASP A 59 -8.40 7.79 -1.10
C ASP A 59 -8.42 7.13 0.26
N VAL A 60 -8.11 5.83 0.29
CA VAL A 60 -8.03 5.07 1.54
C VAL A 60 -6.66 4.41 1.60
N PRO A 61 -5.72 5.00 2.39
CA PRO A 61 -4.55 4.18 2.78
C PRO A 61 -4.98 2.81 3.30
N ASP A 62 -4.50 1.73 2.65
CA ASP A 62 -4.94 0.39 2.96
C ASP A 62 -6.45 0.10 2.69
N TYR A 63 -6.85 0.44 1.46
CA TYR A 63 -8.20 0.22 0.98
C TYR A 63 -8.71 -1.23 1.15
N ALA A 64 -7.91 -2.19 0.72
CA ALA A 64 -8.33 -3.57 0.63
C ALA A 64 -8.62 -4.20 1.99
N SER A 65 -7.93 -3.75 3.01
CA SER A 65 -8.18 -4.23 4.38
C SER A 65 -9.48 -3.73 4.96
N LEU A 66 -9.76 -2.45 4.78
CA LEU A 66 -11.03 -1.88 5.30
C LEU A 66 -12.23 -2.48 4.60
N ARG A 67 -12.11 -2.59 3.27
CA ARG A 67 -13.11 -3.25 2.43
C ARG A 67 -13.39 -4.68 2.92
N SER A 68 -12.33 -5.44 3.18
CA SER A 68 -12.51 -6.79 3.66
C SER A 68 -13.22 -6.88 5.00
N LEU A 69 -12.81 -6.06 5.95
CA LEU A 69 -13.40 -6.00 7.29
C LEU A 69 -14.90 -5.73 7.32
N VAL A 70 -15.28 -4.71 6.55
CA VAL A 70 -16.71 -4.32 6.41
C VAL A 70 -17.50 -5.42 5.73
N ALA A 71 -16.92 -6.00 4.67
CA ALA A 71 -17.58 -7.03 3.89
C ALA A 71 -17.88 -8.24 4.81
N SER A 72 -16.91 -8.57 5.65
CA SER A 72 -17.02 -9.71 6.52
C SER A 72 -18.01 -9.43 7.65
N SER A 73 -18.07 -8.18 8.07
CA SER A 73 -19.06 -7.77 9.07
C SER A 73 -20.51 -7.91 8.60
N GLY A 74 -20.75 -7.64 7.32
CA GLY A 74 -22.01 -8.00 6.68
C GLY A 74 -23.14 -7.07 7.00
N THR A 75 -22.81 -5.85 7.38
CA THR A 75 -23.85 -4.86 7.74
C THR A 75 -23.29 -3.47 7.68
N LEU A 76 -24.14 -2.49 7.35
CA LEU A 76 -23.75 -1.08 7.49
C LEU A 76 -24.53 -0.34 8.56
N GLU A 77 -24.92 -1.07 9.62
CA GLU A 77 -25.74 -0.49 10.67
C GLU A 77 -24.98 0.57 11.46
N PHE A 78 -25.27 1.83 11.16
CA PHE A 78 -24.66 2.96 11.79
C PHE A 78 -25.49 3.39 12.99
N ILE A 79 -24.78 3.84 13.99
CA ILE A 79 -25.37 4.47 15.20
C ILE A 79 -24.68 5.78 15.46
N THR A 80 -25.40 6.88 15.23
CA THR A 80 -24.91 8.19 15.49
C THR A 80 -24.68 8.39 16.98
N GLU A 81 -23.58 9.04 17.30
CA GLU A 81 -23.29 9.45 18.68
C GLU A 81 -23.17 10.95 18.78
N GLY A 82 -23.47 11.46 19.97
CA GLY A 82 -23.21 12.87 20.31
C GLY A 82 -21.76 13.27 20.52
N PHE A 83 -21.10 13.51 19.39
CA PHE A 83 -19.75 14.13 19.44
C PHE A 83 -19.80 15.65 19.63
N THR A 84 -19.14 16.14 20.69
CA THR A 84 -19.13 17.54 21.02
C THR A 84 -17.89 18.26 20.47
N TRP A 85 -18.05 18.87 19.29
CA TRP A 85 -16.97 19.58 18.63
C TRP A 85 -17.03 21.03 19.02
N THR A 86 -16.38 21.36 20.14
CA THR A 86 -16.46 22.70 20.72
C THR A 86 -15.56 23.68 19.99
N GLY A 87 -16.16 24.79 19.57
CA GLY A 87 -15.44 25.91 18.99
C GLY A 87 -15.09 25.79 17.52
N VAL A 88 -15.75 24.91 16.81
CA VAL A 88 -15.49 24.75 15.36
C VAL A 88 -16.81 24.60 14.61
N THR A 89 -16.89 25.12 13.37
CA THR A 89 -18.04 24.95 12.51
C THR A 89 -18.17 23.50 12.06
N GLN A 90 -19.39 22.95 12.12
CA GLN A 90 -19.64 21.59 11.68
C GLN A 90 -20.30 21.51 10.31
N ASN A 91 -20.51 20.27 9.84
CA ASN A 91 -21.24 19.96 8.64
C ASN A 91 -20.77 20.68 7.38
N GLY A 92 -19.43 20.65 7.18
CA GLY A 92 -18.87 21.16 5.94
C GLY A 92 -19.24 20.28 4.77
N GLY A 93 -19.57 20.94 3.64
CA GLY A 93 -20.02 20.29 2.43
C GLY A 93 -19.34 20.81 1.16
N SER A 94 -19.75 20.27 0.03
CA SER A 94 -19.09 20.57 -1.23
C SER A 94 -20.00 20.41 -2.42
N ASN A 95 -19.75 21.16 -3.47
CA ASN A 95 -20.39 21.01 -4.77
C ASN A 95 -19.96 19.76 -5.54
N ALA A 96 -18.85 19.20 -5.08
CA ALA A 96 -18.32 17.94 -5.60
C ALA A 96 -19.08 16.77 -5.00
N CYS A 97 -19.84 17.05 -3.94
CA CYS A 97 -20.68 16.06 -3.34
C CYS A 97 -22.11 16.52 -3.08
N LYS A 98 -22.86 16.71 -4.16
CA LYS A 98 -24.26 17.16 -4.10
C LYS A 98 -25.16 16.08 -3.49
N ARG A 99 -26.07 16.49 -2.62
CA ARG A 99 -27.20 15.71 -2.21
C ARG A 99 -28.44 16.51 -2.36
N GLY A 100 -29.31 16.05 -3.26
CA GLY A 100 -30.47 16.85 -3.69
C GLY A 100 -29.90 18.05 -4.43
N PRO A 101 -30.60 19.23 -4.36
CA PRO A 101 -30.13 20.39 -5.12
C PRO A 101 -28.85 21.00 -4.55
N GLY A 102 -28.73 21.04 -3.23
CA GLY A 102 -27.64 21.75 -2.54
C GLY A 102 -26.35 20.97 -2.33
N SER A 103 -25.36 21.68 -1.80
CA SER A 103 -24.06 21.06 -1.51
C SER A 103 -24.16 20.14 -0.31
N GLY A 104 -23.42 19.04 -0.37
CA GLY A 104 -23.44 18.06 0.68
C GLY A 104 -22.09 17.41 0.92
N PHE A 105 -22.11 16.35 1.70
CA PHE A 105 -20.91 15.63 2.07
C PHE A 105 -21.26 14.17 2.32
N PHE A 106 -20.24 13.35 2.55
CA PHE A 106 -20.41 12.01 3.09
C PHE A 106 -21.31 12.05 4.33
N SER A 107 -22.33 11.19 4.34
CA SER A 107 -23.34 11.23 5.38
C SER A 107 -22.81 10.78 6.74
N ARG A 108 -21.72 10.00 6.74
CA ARG A 108 -21.19 9.48 8.00
C ARG A 108 -19.98 10.27 8.49
N LEU A 109 -19.69 11.40 7.85
CA LEU A 109 -18.53 12.17 8.21
C LEU A 109 -18.86 13.62 8.45
N ASN A 110 -18.06 14.33 9.26
CA ASN A 110 -18.41 15.66 9.73
C ASN A 110 -17.21 16.60 9.51
N TRP A 111 -17.24 17.41 8.47
CA TRP A 111 -16.06 18.20 8.10
C TRP A 111 -15.99 19.46 8.95
N LEU A 112 -15.01 19.48 9.87
CA LEU A 112 -14.87 20.56 10.86
C LEU A 112 -13.87 21.55 10.34
N THR A 113 -14.30 22.81 10.17
CA THR A 113 -13.44 23.94 9.81
C THR A 113 -13.36 24.90 11.01
N LYS A 114 -12.86 26.11 10.83
CA LYS A 114 -12.74 27.06 11.88
C LYS A 114 -14.04 27.70 12.24
N SER A 115 -14.12 28.23 13.48
CA SER A 115 -15.19 29.08 13.92
C SER A 115 -14.65 30.43 14.25
N GLY A 116 -15.19 31.47 13.60
CA GLY A 116 -14.61 32.82 13.69
C GLY A 116 -13.21 32.85 13.12
N SER A 117 -12.24 33.22 13.94
CA SER A 117 -10.85 33.30 13.46
C SER A 117 -9.96 32.33 14.18
N THR A 118 -10.54 31.29 14.75
CA THR A 118 -9.77 30.38 15.64
C THR A 118 -10.18 28.94 15.45
N TYR A 119 -9.18 28.00 15.46
CA TYR A 119 -9.41 26.60 15.43
C TYR A 119 -8.72 26.11 16.69
N PRO A 120 -9.52 25.70 17.68
CA PRO A 120 -8.94 25.21 18.93
C PRO A 120 -8.44 23.78 18.86
N VAL A 121 -7.61 23.40 19.82
CA VAL A 121 -7.17 22.02 19.89
C VAL A 121 -8.37 21.21 20.42
N LEU A 122 -8.98 20.43 19.50
CA LEU A 122 -10.05 19.55 19.84
C LEU A 122 -9.50 18.35 20.61
N ASN A 123 -10.30 17.93 21.59
CA ASN A 123 -10.00 16.76 22.38
C ASN A 123 -11.25 16.16 22.93
N VAL A 124 -11.83 15.21 22.17
CA VAL A 124 -13.06 14.53 22.60
C VAL A 124 -12.69 13.07 22.90
N THR A 125 -13.58 12.45 23.67
CA THR A 125 -13.42 11.06 24.07
C THR A 125 -14.76 10.37 23.95
N MET A 126 -14.81 9.07 23.69
CA MET A 126 -16.07 8.40 23.53
C MET A 126 -15.89 6.95 23.94
N PRO A 127 -16.35 6.59 25.17
CA PRO A 127 -16.08 5.22 25.60
C PRO A 127 -17.03 4.22 24.94
N ASN A 128 -16.53 3.00 24.75
CA ASN A 128 -17.35 1.85 24.39
C ASN A 128 -17.80 1.08 25.61
N ASN A 129 -19.03 1.28 26.03
CA ASN A 129 -19.65 0.64 27.17
C ASN A 129 -20.55 -0.53 26.78
N ASP A 130 -20.55 -0.83 25.48
CA ASP A 130 -21.23 -2.01 24.97
C ASP A 130 -20.30 -3.22 24.94
N ASN A 131 -20.90 -4.38 24.67
CA ASN A 131 -20.24 -5.67 24.64
C ASN A 131 -19.75 -6.10 23.28
N PHE A 132 -20.00 -5.29 22.24
CA PHE A 132 -19.50 -5.50 20.89
C PHE A 132 -18.54 -4.37 20.38
N ASP A 133 -17.81 -4.73 19.33
CA ASP A 133 -16.80 -3.85 18.74
C ASP A 133 -17.42 -2.74 17.92
N LYS A 134 -16.86 -1.53 18.06
CA LYS A 134 -17.34 -0.37 17.33
C LYS A 134 -16.37 -0.09 16.23
N LEU A 135 -16.86 0.15 15.01
CA LEU A 135 -15.95 0.60 13.94
C LEU A 135 -16.17 2.08 13.67
N TYR A 136 -15.19 2.91 13.94
CA TYR A 136 -15.25 4.34 13.62
C TYR A 136 -14.51 4.63 12.31
N ILE A 137 -15.15 5.45 11.50
CA ILE A 137 -14.53 5.88 10.22
C ILE A 137 -14.25 7.35 10.26
N TRP A 138 -13.01 7.78 10.07
CA TRP A 138 -12.69 9.22 10.11
C TRP A 138 -11.67 9.49 9.02
N GLY A 139 -11.30 10.76 8.85
CA GLY A 139 -10.34 11.11 7.82
C GLY A 139 -9.59 12.39 8.11
N VAL A 140 -8.72 12.73 7.15
CA VAL A 140 -7.89 13.92 7.22
C VAL A 140 -7.94 14.62 5.88
N HIS A 141 -8.15 15.94 5.93
CA HIS A 141 -8.18 16.74 4.70
C HIS A 141 -6.77 17.18 4.36
N HIS A 142 -6.38 16.98 3.12
CA HIS A 142 -5.08 17.45 2.61
C HIS A 142 -5.27 18.59 1.62
N PRO A 143 -5.11 19.87 2.08
CA PRO A 143 -5.33 20.98 1.18
C PRO A 143 -4.31 21.05 0.07
N SER A 144 -4.63 21.71 -1.04
CA SER A 144 -3.69 21.78 -2.15
C SER A 144 -2.75 23.00 -2.04
N THR A 145 -3.10 24.01 -1.25
CA THR A 145 -2.18 25.11 -0.95
C THR A 145 -2.18 25.49 0.53
N ASN A 146 -1.17 26.28 0.90
CA ASN A 146 -1.10 26.87 2.27
C ASN A 146 -2.21 27.87 2.55
N GLN A 147 -2.64 28.60 1.52
CA GLN A 147 -3.75 29.53 1.58
C GLN A 147 -5.03 28.83 2.06
N GLU A 148 -5.27 27.68 1.46
CA GLU A 148 -6.37 26.84 1.84
C GLU A 148 -6.29 26.32 3.24
N GLN A 149 -5.11 25.87 3.64
CA GLN A 149 -4.87 25.40 5.02
C GLN A 149 -5.23 26.43 6.07
N THR A 150 -4.79 27.70 5.86
CA THR A 150 -5.01 28.71 6.87
C THR A 150 -6.40 29.34 6.81
N SER A 151 -7.05 29.20 5.63
CA SER A 151 -8.44 29.63 5.49
C SER A 151 -9.34 28.64 6.21
N LEU A 152 -9.12 27.34 6.05
CA LEU A 152 -9.98 26.37 6.63
C LEU A 152 -9.74 26.06 8.08
N TYR A 153 -8.49 25.94 8.47
CA TYR A 153 -8.12 25.54 9.82
C TYR A 153 -7.22 26.46 10.59
N VAL A 154 -6.95 27.68 10.09
CA VAL A 154 -6.15 28.67 10.88
C VAL A 154 -4.64 28.32 10.97
N GLN A 155 -4.36 27.25 11.71
CA GLN A 155 -2.96 26.83 11.94
C GLN A 155 -2.32 26.41 10.62
N ALA A 156 -1.04 26.76 10.49
CA ALA A 156 -0.28 26.52 9.27
C ALA A 156 -0.04 25.02 9.04
N SER A 157 -0.02 24.24 10.12
CA SER A 157 0.09 22.82 10.02
C SER A 157 -0.88 22.10 10.93
N GLY A 158 -1.68 21.20 10.35
CA GLY A 158 -2.64 20.44 11.07
C GLY A 158 -2.10 19.16 11.69
N ARG A 159 -2.98 18.46 12.37
CA ARG A 159 -2.56 17.17 12.99
C ARG A 159 -3.78 16.44 13.46
N VAL A 160 -3.87 15.16 13.19
CA VAL A 160 -5.02 14.37 13.64
C VAL A 160 -4.52 13.14 14.35
N THR A 161 -4.89 12.97 15.64
CA THR A 161 -4.47 11.81 16.38
C THR A 161 -5.68 11.10 16.91
N VAL A 162 -5.97 9.92 16.35
CA VAL A 162 -7.10 9.10 16.83
C VAL A 162 -6.50 7.87 17.48
N SER A 163 -6.94 7.52 18.67
CA SER A 163 -6.25 6.52 19.46
C SER A 163 -7.22 5.71 20.31
N THR A 164 -6.75 4.56 20.75
CA THR A 164 -7.34 3.76 21.80
C THR A 164 -6.21 3.37 22.78
N ARG A 165 -6.52 2.58 23.80
CA ARG A 165 -5.50 2.10 24.74
C ARG A 165 -4.46 1.21 24.04
N ARG A 166 -4.92 0.37 23.12
CA ARG A 166 -4.05 -0.53 22.36
C ARG A 166 -3.22 0.18 21.29
N SER A 167 -3.88 0.96 20.43
CA SER A 167 -3.29 1.45 19.18
C SER A 167 -3.44 2.95 19.09
N GLN A 168 -2.62 3.56 18.25
CA GLN A 168 -2.67 5.01 18.00
C GLN A 168 -2.26 5.33 16.55
N GLN A 169 -2.95 6.31 15.96
CA GLN A 169 -2.61 6.79 14.62
C GLN A 169 -2.53 8.29 14.65
N THR A 170 -1.37 8.84 14.28
CA THR A 170 -1.20 10.27 14.10
C THR A 170 -0.88 10.50 12.63
N ILE A 171 -1.61 11.44 12.04
CA ILE A 171 -1.47 11.80 10.64
C ILE A 171 -1.13 13.29 10.59
N ILE A 172 -0.09 13.62 9.83
CA ILE A 172 0.23 14.98 9.48
C ILE A 172 -0.23 15.19 8.06
N PRO A 173 -1.09 16.20 7.83
CA PRO A 173 -1.59 16.39 6.46
C PRO A 173 -0.61 16.95 5.44
N ASN A 174 -0.63 16.40 4.23
CA ASN A 174 0.35 16.76 3.23
C ASN A 174 -0.15 17.88 2.34
N ILE A 175 0.38 19.09 2.50
CA ILE A 175 -0.15 20.23 1.80
C ILE A 175 0.47 20.28 0.39
N GLY A 176 -0.31 20.00 -0.63
CA GLY A 176 0.23 20.09 -1.99
C GLY A 176 -0.73 19.56 -3.00
N SER A 177 -0.50 19.88 -4.27
CA SER A 177 -1.45 19.49 -5.33
C SER A 177 -1.39 18.01 -5.69
N ARG A 178 -2.57 17.37 -5.77
CA ARG A 178 -2.71 16.07 -6.33
C ARG A 178 -3.27 16.24 -7.75
N PRO A 179 -3.42 15.12 -8.48
CA PRO A 179 -4.04 15.21 -9.78
C PRO A 179 -5.49 15.69 -9.72
N TRP A 180 -5.85 16.48 -10.72
CA TRP A 180 -7.18 17.11 -10.73
C TRP A 180 -8.28 16.06 -10.85
N VAL A 181 -9.15 16.02 -9.83
CA VAL A 181 -10.29 15.12 -9.79
C VAL A 181 -11.55 15.95 -9.54
N ARG A 182 -12.48 15.89 -10.50
CA ARG A 182 -13.67 16.69 -10.50
C ARG A 182 -13.45 18.11 -9.98
N GLY A 183 -12.46 18.76 -10.58
CA GLY A 183 -12.14 20.16 -10.29
C GLY A 183 -11.47 20.45 -8.95
N LEU A 184 -10.88 19.39 -8.35
CA LEU A 184 -10.29 19.57 -7.02
C LEU A 184 -8.93 18.89 -6.85
N SER A 185 -7.86 19.69 -6.72
CA SER A 185 -6.52 19.17 -6.46
C SER A 185 -6.35 18.63 -5.04
N SER A 186 -7.14 19.14 -4.09
CA SER A 186 -7.11 18.65 -2.69
C SER A 186 -7.75 17.24 -2.55
N ARG A 187 -7.59 16.63 -1.38
CA ARG A 187 -8.01 15.25 -1.12
C ARG A 187 -8.41 15.03 0.34
N ILE A 188 -9.14 13.95 0.57
CA ILE A 188 -9.34 13.42 1.91
C ILE A 188 -8.74 12.02 1.92
N SER A 189 -7.98 11.70 2.97
CA SER A 189 -7.55 10.31 3.22
C SER A 189 -8.39 9.73 4.36
N ILE A 190 -8.79 8.48 4.18
CA ILE A 190 -9.66 7.80 5.16
C ILE A 190 -8.82 6.81 5.99
N TYR A 191 -9.06 6.86 7.28
CA TYR A 191 -8.52 5.97 8.29
C TYR A 191 -9.68 5.43 9.10
N TRP A 192 -9.44 4.31 9.78
CA TRP A 192 -10.44 3.66 10.62
C TRP A 192 -9.88 3.26 11.99
N THR A 193 -10.79 3.09 12.97
CA THR A 193 -10.37 2.67 14.30
C THR A 193 -11.38 1.78 14.93
N ILE A 194 -10.92 0.62 15.42
CA ILE A 194 -11.78 -0.32 16.13
C ILE A 194 -11.64 -0.14 17.63
N VAL A 195 -12.77 -0.12 18.33
CA VAL A 195 -12.76 0.13 19.76
C VAL A 195 -13.47 -1.01 20.43
N LYS A 196 -12.75 -1.84 21.21
CA LYS A 196 -13.31 -3.01 21.81
C LYS A 196 -14.08 -2.62 23.06
N PRO A 197 -14.84 -3.57 23.64
CA PRO A 197 -15.52 -3.32 24.90
C PRO A 197 -14.66 -2.88 26.06
N GLY A 198 -15.04 -1.77 26.70
CA GLY A 198 -14.27 -1.23 27.80
C GLY A 198 -13.22 -0.26 27.33
N ASP A 199 -13.00 -0.23 26.01
CA ASP A 199 -11.99 0.70 25.47
C ASP A 199 -12.61 2.03 25.06
N VAL A 200 -11.73 3.03 24.94
CA VAL A 200 -12.10 4.42 24.75
C VAL A 200 -11.42 5.11 23.53
N LEU A 201 -12.25 5.49 22.57
CA LEU A 201 -11.82 6.30 21.44
C LEU A 201 -11.48 7.69 21.85
N VAL A 202 -10.30 8.16 21.50
CA VAL A 202 -9.94 9.54 21.79
C VAL A 202 -9.45 10.21 20.54
N ILE A 203 -10.11 11.29 20.14
CA ILE A 203 -9.71 12.04 18.96
C ILE A 203 -9.16 13.38 19.45
N ASN A 204 -8.07 13.79 18.87
CA ASN A 204 -7.41 15.04 19.28
C ASN A 204 -6.86 15.68 18.00
N SER A 205 -7.15 16.93 17.79
CA SER A 205 -6.67 17.59 16.56
C SER A 205 -6.65 19.10 16.65
N ASN A 206 -5.63 19.70 16.02
CA ASN A 206 -5.54 21.14 15.86
C ASN A 206 -5.68 21.56 14.39
N GLY A 207 -6.39 20.78 13.60
CA GLY A 207 -6.58 21.07 12.19
C GLY A 207 -6.81 19.84 11.33
N ASN A 208 -7.53 20.03 10.22
CA ASN A 208 -7.64 19.08 9.11
C ASN A 208 -8.46 17.81 9.39
N LEU A 209 -9.13 17.81 10.54
CA LEU A 209 -9.89 16.65 10.98
C LEU A 209 -11.20 16.49 10.21
N ILE A 210 -11.41 15.31 9.61
CA ILE A 210 -12.73 14.98 9.08
C ILE A 210 -13.36 14.04 10.10
N ALA A 211 -14.24 14.51 10.96
CA ALA A 211 -14.61 13.79 12.16
C ALA A 211 -15.67 12.72 11.88
N PRO A 212 -15.68 11.64 12.69
CA PRO A 212 -16.73 10.64 12.62
C PRO A 212 -18.02 11.08 13.28
N ARG A 213 -19.14 10.54 12.79
CA ARG A 213 -20.45 10.92 13.35
C ARG A 213 -21.00 9.88 14.33
N GLY A 214 -20.34 8.78 14.48
CA GLY A 214 -20.80 7.67 15.27
C GLY A 214 -20.00 6.43 14.93
N TYR A 215 -20.62 5.24 15.05
CA TYR A 215 -19.90 4.01 14.78
C TYR A 215 -20.72 3.02 14.00
N PHE A 216 -20.07 1.94 13.57
CA PHE A 216 -20.76 0.85 12.88
C PHE A 216 -20.69 -0.39 13.72
N LYS A 217 -21.78 -1.10 13.85
CA LYS A 217 -21.87 -2.31 14.66
C LYS A 217 -21.17 -3.42 13.91
N MET A 218 -20.23 -4.07 14.59
CA MET A 218 -19.45 -5.16 14.00
C MET A 218 -20.02 -6.52 14.39
N ARG A 219 -19.93 -7.45 13.44
CA ARG A 219 -20.35 -8.83 13.64
C ARG A 219 -19.32 -9.77 13.02
N THR A 220 -19.43 -11.04 13.38
CA THR A 220 -18.61 -12.10 12.77
C THR A 220 -19.51 -13.22 12.31
N GLY A 221 -19.78 -13.27 11.01
CA GLY A 221 -20.63 -14.29 10.41
C GLY A 221 -20.06 -14.91 9.13
N LYS A 222 -20.94 -15.23 8.19
CA LYS A 222 -20.54 -15.83 6.92
C LYS A 222 -20.49 -14.79 5.80
N SER A 223 -20.54 -13.51 6.11
CA SER A 223 -20.69 -12.48 5.07
C SER A 223 -19.38 -12.28 4.32
N SER A 224 -19.49 -11.81 3.07
CA SER A 224 -18.32 -11.64 2.21
C SER A 224 -18.60 -10.71 1.07
N ILE A 225 -17.65 -10.52 0.16
CA ILE A 225 -17.82 -9.58 -0.97
C ILE A 225 -17.22 -10.21 -2.21
N MET A 226 -17.77 -9.84 -3.35
CA MET A 226 -17.36 -10.44 -4.64
C MET A 226 -17.48 -9.45 -5.79
N ARG A 227 -16.48 -9.42 -6.69
CA ARG A 227 -16.54 -8.59 -7.88
C ARG A 227 -17.11 -9.44 -9.02
N SER A 228 -18.18 -8.96 -9.65
CA SER A 228 -18.89 -9.72 -10.66
C SER A 228 -19.75 -8.80 -11.50
N ASP A 229 -19.93 -9.12 -12.78
CA ASP A 229 -20.90 -8.40 -13.60
C ASP A 229 -22.09 -9.28 -14.00
N ALA A 230 -22.15 -10.48 -13.44
CA ALA A 230 -23.24 -11.43 -13.77
C ALA A 230 -24.55 -11.00 -13.09
N PRO A 231 -25.67 -10.97 -13.84
CA PRO A 231 -26.92 -10.48 -13.26
C PRO A 231 -27.55 -11.44 -12.23
N ILE A 232 -28.48 -10.92 -11.44
CA ILE A 232 -29.17 -11.69 -10.39
C ILE A 232 -30.42 -12.34 -10.97
N ASP A 233 -30.78 -13.51 -10.46
CA ASP A 233 -31.94 -14.28 -10.95
C ASP A 233 -32.70 -14.94 -9.80
N THR A 234 -33.98 -15.25 -10.03
CA THR A 234 -34.86 -15.90 -9.03
C THR A 234 -34.78 -17.44 -9.06
N CYS A 235 -33.64 -17.97 -8.60
CA CYS A 235 -33.37 -19.41 -8.55
C CYS A 235 -32.78 -19.82 -7.19
N ILE A 236 -32.41 -21.10 -7.05
CA ILE A 236 -31.68 -21.62 -5.89
C ILE A 236 -30.37 -22.28 -6.33
N SER A 237 -29.29 -21.88 -5.66
CA SER A 237 -27.97 -22.48 -5.88
C SER A 237 -27.04 -22.17 -4.70
N GLU A 238 -26.55 -23.23 -4.06
CA GLU A 238 -25.68 -23.11 -2.88
C GLU A 238 -24.38 -22.37 -3.19
N CYS A 239 -23.76 -22.74 -4.31
CA CYS A 239 -22.48 -22.19 -4.74
C CYS A 239 -22.69 -21.01 -5.71
N ILE A 240 -21.93 -19.97 -5.44
CA ILE A 240 -21.90 -18.77 -6.28
C ILE A 240 -20.45 -18.47 -6.67
N THR A 241 -20.24 -18.13 -7.93
CA THR A 241 -18.93 -17.64 -8.37
C THR A 241 -19.14 -16.34 -9.09
N PRO A 242 -18.06 -15.64 -9.43
CA PRO A 242 -18.17 -14.44 -10.27
C PRO A 242 -18.72 -14.68 -11.67
N ASN A 243 -18.40 -15.83 -12.26
CA ASN A 243 -18.92 -16.24 -13.54
C ASN A 243 -20.37 -16.73 -13.50
N GLY A 244 -20.90 -16.93 -12.31
CA GLY A 244 -22.33 -17.27 -12.18
C GLY A 244 -22.50 -18.32 -11.15
N SER A 245 -23.72 -18.65 -10.77
CA SER A 245 -23.97 -19.77 -9.88
C SER A 245 -23.73 -21.11 -10.54
N ILE A 246 -23.17 -22.04 -9.75
CA ILE A 246 -22.81 -23.35 -10.24
C ILE A 246 -23.39 -24.44 -9.34
N PRO A 247 -23.73 -25.61 -9.92
CA PRO A 247 -24.02 -26.80 -9.10
C PRO A 247 -22.79 -27.26 -8.31
N ASN A 248 -23.00 -27.58 -7.03
CA ASN A 248 -21.94 -28.08 -6.14
C ASN A 248 -21.94 -29.61 -5.99
N ASP A 249 -22.79 -30.29 -6.77
CA ASP A 249 -22.93 -31.75 -6.73
C ASP A 249 -21.62 -32.52 -6.99
N LYS A 250 -20.82 -32.03 -7.95
CA LYS A 250 -19.53 -32.64 -8.28
C LYS A 250 -18.47 -32.19 -7.26
N PRO A 251 -17.48 -33.06 -6.97
CA PRO A 251 -16.55 -32.80 -5.87
C PRO A 251 -15.53 -31.67 -6.10
N PHE A 252 -15.20 -31.37 -7.37
CA PHE A 252 -14.28 -30.30 -7.72
C PHE A 252 -14.87 -29.38 -8.79
N GLN A 253 -14.16 -28.28 -9.06
CA GLN A 253 -14.55 -27.30 -10.10
C GLN A 253 -13.38 -26.41 -10.57
N ASN A 254 -13.50 -25.85 -11.78
CA ASN A 254 -12.49 -24.93 -12.28
C ASN A 254 -13.14 -23.75 -13.02
N VAL A 255 -14.29 -23.33 -12.51
CA VAL A 255 -15.01 -22.17 -13.08
C VAL A 255 -14.33 -20.87 -12.65
N ASN A 256 -14.01 -20.78 -11.36
CA ASN A 256 -13.27 -19.64 -10.81
C ASN A 256 -12.65 -19.99 -9.46
N LYS A 257 -11.46 -19.44 -9.18
CA LYS A 257 -10.82 -19.59 -7.87
C LYS A 257 -11.59 -18.92 -6.72
N ILE A 258 -12.32 -17.84 -7.02
CA ILE A 258 -13.15 -17.12 -6.07
C ILE A 258 -14.53 -17.73 -6.05
N THR A 259 -14.96 -18.13 -4.85
CA THR A 259 -16.31 -18.68 -4.65
C THR A 259 -16.95 -18.20 -3.33
N TYR A 260 -18.26 -18.43 -3.22
CA TYR A 260 -18.99 -18.17 -2.00
C TYR A 260 -20.06 -19.23 -1.78
N GLY A 261 -20.08 -19.76 -0.55
CA GLY A 261 -21.04 -20.76 -0.12
C GLY A 261 -20.40 -22.13 -0.08
N ALA A 262 -21.24 -23.13 0.12
CA ALA A 262 -20.81 -24.55 0.11
C ALA A 262 -20.51 -24.98 -1.33
N CYS A 263 -19.21 -24.95 -1.66
CA CYS A 263 -18.74 -25.10 -3.03
C CYS A 263 -17.75 -26.27 -3.20
N PRO A 264 -17.56 -26.74 -4.45
CA PRO A 264 -16.45 -27.66 -4.74
C PRO A 264 -15.09 -26.95 -4.71
N LYS A 265 -14.01 -27.73 -4.61
CA LYS A 265 -12.65 -27.17 -4.51
C LYS A 265 -12.08 -26.83 -5.90
N TYR A 266 -11.28 -25.77 -5.95
CA TYR A 266 -10.77 -25.25 -7.22
C TYR A 266 -9.58 -26.06 -7.76
N VAL A 267 -9.60 -26.35 -9.05
CA VAL A 267 -8.52 -27.08 -9.75
C VAL A 267 -8.36 -26.38 -11.10
N VAL B 2 -10.19 42.82 2.75
CA VAL B 2 -11.06 43.09 1.58
C VAL B 2 -11.51 44.53 1.64
N GLN B 3 -11.57 45.15 0.46
CA GLN B 3 -12.22 46.45 0.27
C GLN B 3 -13.23 46.28 -0.85
N LEU B 4 -14.20 47.17 -0.91
CA LEU B 4 -15.25 47.11 -1.91
C LEU B 4 -15.37 48.45 -2.61
N GLN B 5 -15.90 48.38 -3.81
CA GLN B 5 -16.24 49.62 -4.54
C GLN B 5 -17.38 49.38 -5.47
N GLU B 6 -18.31 50.32 -5.55
CA GLU B 6 -19.48 50.20 -6.40
C GLU B 6 -19.34 51.09 -7.63
N SER B 7 -20.13 50.75 -8.64
CA SER B 7 -20.21 51.51 -9.89
C SER B 7 -21.53 51.17 -10.53
N GLY B 8 -21.88 51.95 -11.57
CA GLY B 8 -23.03 51.68 -12.42
C GLY B 8 -24.18 52.64 -12.15
N GLY B 9 -24.09 53.36 -11.05
CA GLY B 9 -25.12 54.28 -10.63
C GLY B 9 -25.20 55.53 -11.49
N GLY B 10 -26.41 56.07 -11.57
CA GLY B 10 -26.68 57.20 -12.45
C GLY B 10 -28.12 57.65 -12.39
N LEU B 11 -28.56 58.38 -13.41
CA LEU B 11 -29.93 58.81 -13.56
C LEU B 11 -30.69 57.85 -14.45
N VAL B 12 -31.90 57.50 -14.06
CA VAL B 12 -32.79 56.71 -14.95
C VAL B 12 -34.24 57.20 -14.83
N GLN B 13 -35.00 56.93 -15.87
CA GLN B 13 -36.45 57.19 -15.87
C GLN B 13 -37.23 56.07 -15.19
N PRO B 14 -38.32 56.47 -14.50
CA PRO B 14 -39.25 55.43 -13.98
C PRO B 14 -39.76 54.42 -15.02
N GLY B 15 -39.36 53.16 -14.77
CA GLY B 15 -39.67 51.99 -15.54
C GLY B 15 -38.46 51.33 -16.16
N GLU B 16 -37.38 52.08 -16.34
CA GLU B 16 -36.13 51.62 -16.91
C GLU B 16 -35.37 50.60 -16.06
N SER B 17 -34.40 49.98 -16.72
CA SER B 17 -33.45 49.06 -16.10
C SER B 17 -32.08 49.68 -15.81
N LEU B 18 -31.41 49.17 -14.77
CA LEU B 18 -30.06 49.61 -14.48
C LEU B 18 -29.32 48.54 -13.68
N ARG B 19 -28.13 48.20 -14.16
CA ARG B 19 -27.27 47.25 -13.49
C ARG B 19 -26.31 48.02 -12.61
N LEU B 20 -26.10 47.51 -11.40
CA LEU B 20 -25.02 48.02 -10.50
C LEU B 20 -23.97 46.94 -10.29
N SER B 21 -22.68 47.32 -10.34
CA SER B 21 -21.60 46.38 -10.08
C SER B 21 -20.94 46.69 -8.73
N CYS B 22 -20.20 45.72 -8.23
CA CYS B 22 -19.35 45.92 -7.03
C CYS B 22 -18.15 45.03 -7.10
N VAL B 23 -16.95 45.62 -7.20
CA VAL B 23 -15.71 44.89 -7.29
C VAL B 23 -15.05 44.87 -5.90
N GLY B 24 -14.64 43.64 -5.52
CA GLY B 24 -13.85 43.40 -4.35
C GLY B 24 -12.35 43.43 -4.64
N SER B 25 -11.54 43.94 -3.76
CA SER B 25 -10.09 43.89 -3.97
C SER B 25 -9.33 43.60 -2.68
N GLY B 26 -8.21 42.87 -2.82
CA GLY B 26 -7.32 42.61 -1.70
C GLY B 26 -7.55 41.27 -1.04
N SER B 27 -7.05 41.13 0.20
CA SER B 27 -7.13 39.90 0.98
C SER B 27 -7.45 40.15 2.48
N SER B 28 -8.26 39.28 3.08
CA SER B 28 -8.58 39.29 4.51
C SER B 28 -7.75 38.19 5.17
N PHE B 29 -8.23 37.64 6.30
CA PHE B 29 -7.55 36.51 7.00
C PHE B 29 -7.25 35.33 6.08
N GLY B 30 -6.06 34.77 6.23
CA GLY B 30 -5.45 33.89 5.23
C GLY B 30 -5.00 34.76 4.08
N GLU B 31 -5.56 34.50 2.90
CA GLU B 31 -5.51 35.45 1.77
C GLU B 31 -6.87 35.44 1.05
N SER B 32 -7.94 35.46 1.84
CA SER B 32 -9.31 35.26 1.32
C SER B 32 -9.90 36.49 0.64
N THR B 33 -10.34 36.33 -0.60
CA THR B 33 -10.98 37.38 -1.35
C THR B 33 -12.48 37.37 -1.11
N LEU B 34 -13.13 38.37 -1.69
CA LEU B 34 -14.59 38.51 -1.59
C LEU B 34 -15.39 37.25 -1.94
N SER B 35 -14.84 36.41 -2.81
CA SER B 35 -15.51 35.19 -3.29
C SER B 35 -15.60 34.11 -2.23
N TYR B 36 -15.00 34.36 -1.06
CA TYR B 36 -15.09 33.47 0.08
C TYR B 36 -16.32 33.77 0.90
N TYR B 37 -16.94 34.94 0.62
CA TYR B 37 -17.97 35.49 1.51
C TYR B 37 -19.33 35.68 0.84
N ALA B 38 -20.35 35.68 1.68
CA ALA B 38 -21.69 36.18 1.31
C ALA B 38 -21.79 37.68 1.43
N VAL B 39 -22.52 38.29 0.48
CA VAL B 39 -22.65 39.72 0.35
C VAL B 39 -24.13 40.06 0.16
N SER B 40 -24.45 41.27 0.55
CA SER B 40 -25.80 41.82 0.39
C SER B 40 -25.76 43.24 -0.08
N TRP B 41 -26.86 43.64 -0.74
CA TRP B 41 -27.08 45.00 -1.16
C TRP B 41 -28.01 45.74 -0.20
N VAL B 42 -27.67 46.96 0.09
CA VAL B 42 -28.34 47.78 1.10
C VAL B 42 -28.46 49.16 0.55
N ARG B 43 -29.66 49.79 0.66
CA ARG B 43 -29.82 51.17 0.18
C ARG B 43 -30.24 52.13 1.26
N GLN B 44 -30.09 53.41 0.99
CA GLN B 44 -30.43 54.48 1.92
C GLN B 44 -31.00 55.63 1.10
N ALA B 45 -32.31 55.86 1.26
CA ALA B 45 -32.96 56.99 0.59
C ALA B 45 -32.54 58.27 1.27
N PRO B 46 -32.54 59.40 0.56
CA PRO B 46 -32.02 60.64 1.15
C PRO B 46 -32.71 61.04 2.44
N GLY B 47 -31.91 61.20 3.50
CA GLY B 47 -32.42 61.52 4.84
C GLY B 47 -33.20 60.41 5.52
N LYS B 48 -33.04 59.17 5.05
CA LYS B 48 -33.74 58.03 5.65
C LYS B 48 -32.74 57.00 6.19
N GLY B 49 -33.26 55.91 6.75
CA GLY B 49 -32.45 54.84 7.26
C GLY B 49 -31.96 53.85 6.21
N LEU B 50 -31.31 52.81 6.71
CA LEU B 50 -30.78 51.74 5.84
C LEU B 50 -31.83 50.69 5.60
N GLU B 51 -31.98 50.24 4.35
CA GLU B 51 -32.90 49.21 3.95
C GLU B 51 -32.12 48.09 3.24
N TRP B 52 -32.23 46.91 3.82
CA TRP B 52 -31.66 45.71 3.25
C TRP B 52 -32.47 45.28 2.03
N LEU B 53 -31.77 44.89 0.99
CA LEU B 53 -32.44 44.50 -0.29
C LEU B 53 -32.36 43.03 -0.61
N SER B 54 -31.13 42.51 -0.66
CA SER B 54 -30.87 41.18 -1.20
C SER B 54 -29.57 40.57 -0.70
N ILE B 55 -29.55 39.25 -0.59
CA ILE B 55 -28.35 38.53 -0.11
C ILE B 55 -28.00 37.42 -1.10
N ILE B 56 -26.72 37.14 -1.24
CA ILE B 56 -26.28 36.00 -2.05
C ILE B 56 -25.11 35.29 -1.38
N ASN B 57 -25.23 33.98 -1.26
CA ASN B 57 -24.17 33.20 -0.63
C ASN B 57 -22.96 33.08 -1.56
N ALA B 58 -21.77 32.91 -0.97
CA ALA B 58 -20.51 32.90 -1.69
C ALA B 58 -20.57 32.26 -3.06
N GLY B 59 -21.17 31.07 -3.13
CA GLY B 59 -21.25 30.31 -4.36
C GLY B 59 -22.35 30.66 -5.32
N GLY B 60 -23.18 31.65 -4.99
CA GLY B 60 -24.23 32.11 -5.88
C GLY B 60 -25.61 31.60 -5.54
N GLY B 61 -25.72 30.78 -4.50
CA GLY B 61 -27.01 30.22 -4.09
C GLY B 61 -27.57 30.91 -2.89
N ASP B 62 -28.60 30.31 -2.29
CA ASP B 62 -29.27 30.79 -1.08
C ASP B 62 -29.68 32.25 -1.17
N ILE B 63 -30.18 32.63 -2.35
CA ILE B 63 -30.60 34.04 -2.58
C ILE B 63 -31.99 34.27 -2.04
N ASP B 64 -32.17 35.42 -1.35
CA ASP B 64 -33.45 35.93 -0.88
C ASP B 64 -33.50 37.44 -1.08
N TYR B 65 -34.73 37.99 -1.01
CA TYR B 65 -35.00 39.37 -1.32
C TYR B 65 -35.90 39.94 -0.23
N ALA B 66 -35.97 41.29 -0.27
CA ALA B 66 -37.00 42.01 0.50
C ALA B 66 -38.26 42.13 -0.35
N ASP B 67 -39.41 42.19 0.31
CA ASP B 67 -40.69 42.36 -0.39
C ASP B 67 -40.80 43.64 -1.25
N SER B 68 -40.02 44.66 -0.88
CA SER B 68 -40.02 45.93 -1.61
C SER B 68 -39.42 45.87 -3.01
N VAL B 69 -38.53 44.90 -3.23
CA VAL B 69 -37.80 44.78 -4.50
C VAL B 69 -37.91 43.40 -5.14
N GLU B 70 -38.66 42.48 -4.50
CA GLU B 70 -38.83 41.16 -5.03
C GLU B 70 -39.61 41.18 -6.34
N GLY B 71 -39.19 40.31 -7.24
CA GLY B 71 -39.80 40.24 -8.58
C GLY B 71 -39.14 41.09 -9.64
N ARG B 72 -38.51 42.20 -9.23
CA ARG B 72 -37.86 43.16 -10.11
C ARG B 72 -36.35 43.12 -10.13
N PHE B 73 -35.75 42.91 -8.96
CA PHE B 73 -34.31 42.89 -8.77
C PHE B 73 -33.75 41.48 -8.81
N THR B 74 -32.58 41.32 -9.40
CA THR B 74 -31.89 40.04 -9.47
C THR B 74 -30.46 40.22 -9.01
N ILE B 75 -30.09 39.50 -7.95
CA ILE B 75 -28.74 39.54 -7.44
C ILE B 75 -27.91 38.41 -8.04
N SER B 76 -26.65 38.69 -8.36
CA SER B 76 -25.82 37.69 -9.04
C SER B 76 -24.37 38.03 -8.91
N ARG B 77 -23.46 37.05 -9.11
CA ARG B 77 -22.05 37.29 -8.94
C ARG B 77 -21.19 36.50 -9.93
N ASP B 78 -20.03 37.09 -10.28
CA ASP B 78 -19.02 36.45 -11.10
C ASP B 78 -17.74 36.36 -10.28
N ASN B 79 -17.49 35.21 -9.66
CA ASN B 79 -16.37 35.12 -8.73
C ASN B 79 -15.00 35.10 -9.38
N SER B 80 -14.96 34.76 -10.67
CA SER B 80 -13.73 34.84 -11.46
C SER B 80 -13.25 36.29 -11.58
N LYS B 81 -14.21 37.22 -11.53
CA LYS B 81 -13.92 38.65 -11.57
C LYS B 81 -14.03 39.32 -10.21
N GLU B 82 -14.35 38.57 -9.17
CA GLU B 82 -14.58 39.08 -7.84
C GLU B 82 -15.64 40.14 -7.78
N THR B 83 -16.72 39.99 -8.56
CA THR B 83 -17.71 41.06 -8.75
C THR B 83 -19.10 40.59 -8.36
N LEU B 84 -19.87 41.46 -7.73
CA LEU B 84 -21.30 41.26 -7.50
C LEU B 84 -22.08 42.25 -8.37
N TYR B 85 -23.31 41.88 -8.68
CA TYR B 85 -24.21 42.62 -9.53
C TYR B 85 -25.56 42.70 -8.88
N LEU B 86 -26.25 43.83 -9.07
CA LEU B 86 -27.67 43.91 -8.75
C LEU B 86 -28.37 44.50 -9.98
N GLN B 87 -29.09 43.64 -10.73
CA GLN B 87 -29.86 44.09 -11.86
C GLN B 87 -31.15 44.58 -11.25
N MET B 88 -31.54 45.76 -11.64
CA MET B 88 -32.84 46.35 -11.25
C MET B 88 -33.65 46.56 -12.52
N THR B 89 -34.92 46.13 -12.48
CA THR B 89 -35.85 46.44 -13.58
C THR B 89 -37.08 47.15 -13.03
N ASN B 90 -37.92 47.70 -13.91
CA ASN B 90 -39.15 48.39 -13.52
C ASN B 90 -38.95 49.36 -12.35
N LEU B 91 -37.95 50.23 -12.48
CA LEU B 91 -37.56 51.12 -11.35
C LEU B 91 -38.63 52.18 -11.07
N ARG B 92 -38.73 52.60 -9.84
CA ARG B 92 -39.73 53.63 -9.46
C ARG B 92 -39.04 54.76 -8.73
N VAL B 93 -39.78 55.84 -8.55
CA VAL B 93 -39.23 57.06 -7.91
C VAL B 93 -38.66 56.79 -6.50
N GLU B 94 -39.32 55.92 -5.76
CA GLU B 94 -38.95 55.64 -4.39
C GLU B 94 -37.79 54.68 -4.25
N ASP B 95 -37.26 54.17 -5.37
CA ASP B 95 -36.03 53.39 -5.34
C ASP B 95 -34.81 54.29 -5.31
N THR B 96 -35.02 55.62 -5.40
CA THR B 96 -33.94 56.57 -5.36
C THR B 96 -33.17 56.54 -4.05
N GLY B 97 -31.86 56.69 -4.16
CA GLY B 97 -31.02 56.69 -2.92
C GLY B 97 -29.60 56.25 -3.23
N VAL B 98 -28.81 56.17 -2.18
CA VAL B 98 -27.44 55.60 -2.28
C VAL B 98 -27.50 54.09 -1.99
N TYR B 99 -26.88 53.33 -2.89
CA TYR B 99 -26.79 51.88 -2.82
C TYR B 99 -25.37 51.45 -2.38
N TYR B 100 -25.39 50.61 -1.34
CA TYR B 100 -24.17 50.06 -0.75
C TYR B 100 -24.01 48.58 -1.07
N CYS B 101 -22.79 48.22 -1.30
CA CYS B 101 -22.37 46.81 -1.22
C CYS B 101 -21.87 46.51 0.16
N ALA B 102 -22.29 45.38 0.80
CA ALA B 102 -21.89 45.09 2.17
C ALA B 102 -21.59 43.59 2.42
N LYS B 103 -20.35 43.26 2.78
CA LYS B 103 -19.96 41.87 3.00
C LYS B 103 -20.31 41.34 4.39
N HIS B 104 -20.90 40.14 4.47
CA HIS B 104 -21.11 39.45 5.76
C HIS B 104 -19.80 38.82 6.22
N MET B 105 -19.46 38.90 7.50
CA MET B 105 -18.09 38.55 7.89
C MET B 105 -17.77 37.05 7.81
N SER B 106 -18.66 36.21 8.33
CA SER B 106 -18.37 34.74 8.42
C SER B 106 -18.01 34.16 7.07
N MET B 107 -16.89 33.44 7.02
CA MET B 107 -16.47 32.79 5.78
C MET B 107 -17.46 31.70 5.37
N GLN B 108 -17.91 31.71 4.13
CA GLN B 108 -18.90 30.79 3.60
C GLN B 108 -18.33 29.72 2.66
N GLN B 109 -17.25 30.09 1.92
CA GLN B 109 -16.55 29.13 1.13
C GLN B 109 -15.05 29.41 1.00
N VAL B 110 -14.34 28.37 0.59
CA VAL B 110 -12.93 28.42 0.17
C VAL B 110 -12.90 27.75 -1.21
N PRO B 111 -12.96 28.54 -2.29
CA PRO B 111 -13.15 28.00 -3.61
C PRO B 111 -12.09 27.02 -4.11
N SER B 112 -10.85 27.34 -3.80
CA SER B 112 -9.72 26.51 -4.28
C SER B 112 -9.70 25.15 -3.60
N ALA B 113 -10.36 25.09 -2.44
CA ALA B 113 -10.40 23.83 -1.65
C ALA B 113 -11.64 23.02 -2.02
N GLY B 114 -12.71 23.69 -2.37
CA GLY B 114 -13.98 23.07 -2.68
C GLY B 114 -14.85 22.90 -1.47
N TRP B 115 -14.66 23.74 -0.46
CA TRP B 115 -15.51 23.79 0.74
C TRP B 115 -16.67 24.78 0.65
N GLU B 116 -17.82 24.36 1.16
CA GLU B 116 -18.96 25.26 1.38
C GLU B 116 -19.69 25.04 2.72
N ARG B 117 -19.90 26.10 3.48
CA ARG B 117 -20.67 25.96 4.71
C ARG B 117 -22.13 25.72 4.37
N GLU B 118 -22.75 24.72 5.00
CA GLU B 118 -24.11 24.35 4.65
C GLU B 118 -25.11 25.39 5.11
N ASP B 119 -24.86 25.98 6.29
CA ASP B 119 -25.71 27.07 6.76
C ASP B 119 -25.27 28.43 6.28
N LEU B 120 -26.19 29.25 5.74
CA LEU B 120 -25.90 30.62 5.39
C LEU B 120 -26.06 31.49 6.64
N VAL B 121 -24.93 32.00 7.13
CA VAL B 121 -24.92 32.75 8.41
C VAL B 121 -25.53 34.13 8.25
N GLY B 122 -25.04 34.85 7.24
CA GLY B 122 -25.49 36.19 6.89
C GLY B 122 -25.42 37.20 8.00
N ASP B 123 -24.32 37.15 8.74
CA ASP B 123 -24.11 37.97 9.97
C ASP B 123 -23.65 39.43 9.74
N ALA B 124 -22.64 39.92 10.49
CA ALA B 124 -22.37 41.35 10.51
C ALA B 124 -21.68 41.92 9.25
N PHE B 125 -22.10 43.13 8.84
CA PHE B 125 -21.58 43.75 7.64
C PHE B 125 -20.24 44.42 7.93
N ASP B 126 -19.18 43.61 7.94
CA ASP B 126 -17.86 44.04 8.43
C ASP B 126 -17.09 44.90 7.44
N VAL B 127 -17.46 44.81 6.15
CA VAL B 127 -16.94 45.72 5.12
C VAL B 127 -18.07 46.32 4.26
N TRP B 128 -18.03 47.65 4.13
CA TRP B 128 -18.96 48.36 3.25
C TRP B 128 -18.19 49.13 2.19
N GLY B 129 -18.79 49.26 0.99
CA GLY B 129 -18.30 50.12 -0.05
C GLY B 129 -18.55 51.58 0.25
N GLN B 130 -18.11 52.47 -0.65
CA GLN B 130 -18.35 53.91 -0.48
C GLN B 130 -19.76 54.29 -0.89
N GLY B 131 -20.35 53.44 -1.72
CA GLY B 131 -21.73 53.54 -2.14
C GLY B 131 -21.85 54.23 -3.48
N THR B 132 -22.96 54.03 -4.16
CA THR B 132 -23.15 54.58 -5.51
C THR B 132 -24.55 55.16 -5.62
N MET B 133 -24.67 56.35 -6.19
CA MET B 133 -25.93 57.09 -6.16
C MET B 133 -26.84 56.70 -7.32
N VAL B 134 -28.07 56.24 -7.01
CA VAL B 134 -29.06 55.93 -8.06
C VAL B 134 -30.22 56.91 -7.93
N THR B 135 -30.58 57.49 -9.03
CA THR B 135 -31.69 58.50 -9.04
C THR B 135 -32.70 58.17 -10.14
N VAL B 136 -33.96 58.02 -9.75
CA VAL B 136 -35.03 57.67 -10.65
C VAL B 136 -35.90 58.91 -10.76
N SER B 137 -35.88 59.59 -11.91
CA SER B 137 -36.75 60.74 -12.10
C SER B 137 -37.12 60.91 -13.59
N SER B 138 -37.81 62.01 -13.79
CA SER B 138 -38.26 62.45 -15.10
C SER B 138 -37.61 63.75 -15.51
N ALA B 139 -36.78 64.34 -14.63
CA ALA B 139 -36.04 65.54 -14.95
C ALA B 139 -34.68 65.05 -15.42
N SER B 140 -34.30 65.34 -16.66
CA SER B 140 -33.06 64.88 -17.25
C SER B 140 -31.86 65.68 -16.74
N THR B 141 -30.68 65.19 -17.09
CA THR B 141 -29.41 65.70 -16.52
C THR B 141 -29.19 67.14 -16.87
N LYS B 142 -28.79 67.97 -15.90
CA LYS B 142 -28.32 69.35 -16.20
C LYS B 142 -27.02 69.69 -15.43
N GLY B 143 -26.03 70.23 -16.13
CA GLY B 143 -24.76 70.59 -15.51
C GLY B 143 -24.81 71.92 -14.77
N PRO B 144 -23.94 72.08 -13.75
CA PRO B 144 -23.95 73.32 -12.93
C PRO B 144 -23.22 74.49 -13.58
N SER B 145 -23.70 75.71 -13.33
CA SER B 145 -22.98 76.95 -13.52
C SER B 145 -22.16 77.23 -12.25
N VAL B 146 -20.91 77.68 -12.43
CA VAL B 146 -20.04 77.98 -11.29
C VAL B 146 -19.70 79.47 -11.26
N PHE B 147 -20.05 80.13 -10.15
CA PHE B 147 -19.73 81.56 -9.96
C PHE B 147 -18.78 81.81 -8.79
N PRO B 148 -17.83 82.74 -8.97
CA PRO B 148 -16.91 82.99 -7.86
C PRO B 148 -17.53 83.85 -6.74
N LEU B 149 -17.22 83.54 -5.49
CA LEU B 149 -17.63 84.39 -4.37
C LEU B 149 -16.41 85.12 -3.86
N ALA B 150 -16.20 86.36 -4.30
CA ALA B 150 -14.96 87.06 -4.13
C ALA B 150 -14.84 87.68 -2.72
N PRO B 151 -13.64 87.62 -2.17
CA PRO B 151 -13.33 88.37 -0.93
C PRO B 151 -13.24 89.87 -1.16
N SER B 152 -14.11 90.63 -0.48
CA SER B 152 -14.21 92.08 -0.69
C SER B 152 -13.28 92.86 0.24
N SER B 153 -13.20 94.16 -0.02
CA SER B 153 -12.51 95.10 0.86
C SER B 153 -13.45 95.43 2.04
N LYS B 154 -12.90 95.38 3.25
CA LYS B 154 -13.66 95.45 4.52
C LYS B 154 -14.40 94.13 4.86
N SER B 155 -13.93 93.02 4.30
CA SER B 155 -14.45 91.69 4.63
C SER B 155 -13.91 91.17 5.97
N THR B 156 -12.75 91.68 6.37
CA THR B 156 -12.01 91.17 7.54
C THR B 156 -12.84 91.10 8.83
N SER B 157 -13.14 89.87 9.27
CA SER B 157 -13.77 89.58 10.55
C SER B 157 -12.77 88.77 11.37
N GLY B 158 -12.11 89.43 12.33
CA GLY B 158 -11.01 88.85 13.11
C GLY B 158 -9.68 89.27 12.52
N GLY B 159 -9.02 88.36 11.80
CA GLY B 159 -7.82 88.68 11.01
C GLY B 159 -7.63 87.80 9.79
N THR B 160 -8.74 87.41 9.17
CA THR B 160 -8.76 86.53 7.98
C THR B 160 -9.74 87.11 6.95
N ALA B 161 -9.95 86.39 5.86
CA ALA B 161 -11.01 86.68 4.91
C ALA B 161 -11.63 85.34 4.46
N ALA B 162 -12.79 85.49 3.83
CA ALA B 162 -13.57 84.36 3.30
C ALA B 162 -13.81 84.52 1.80
N LEU B 163 -13.71 83.42 1.07
CA LEU B 163 -14.06 83.37 -0.35
C LEU B 163 -14.68 82.00 -0.67
N GLY B 164 -15.26 81.84 -1.85
CA GLY B 164 -15.93 80.58 -2.15
C GLY B 164 -16.43 80.40 -3.56
N CYS B 165 -17.19 79.35 -3.82
CA CYS B 165 -17.80 79.13 -5.11
C CYS B 165 -19.26 78.83 -4.93
N LEU B 166 -20.07 79.44 -5.77
CA LEU B 166 -21.51 79.13 -5.84
C LEU B 166 -21.75 78.19 -7.01
N VAL B 167 -22.15 76.96 -6.73
CA VAL B 167 -22.44 75.95 -7.76
C VAL B 167 -23.94 75.80 -7.93
N LYS B 168 -24.51 76.37 -8.99
CA LYS B 168 -25.94 76.58 -9.07
C LYS B 168 -26.57 75.87 -10.27
N ASP B 169 -27.81 75.45 -10.07
CA ASP B 169 -28.67 74.88 -11.09
C ASP B 169 -28.11 73.61 -11.81
N TYR B 170 -28.06 72.53 -11.06
CA TYR B 170 -27.71 71.21 -11.61
C TYR B 170 -28.71 70.16 -11.15
N PHE B 171 -28.71 69.02 -11.86
CA PHE B 171 -29.53 67.87 -11.51
C PHE B 171 -28.94 66.66 -12.23
N PRO B 172 -28.89 65.49 -11.57
CA PRO B 172 -29.30 65.29 -10.18
C PRO B 172 -28.12 65.49 -9.24
N GLU B 173 -28.32 65.13 -7.98
CA GLU B 173 -27.22 65.04 -7.01
C GLU B 173 -26.32 63.85 -7.34
N PRO B 174 -25.02 63.95 -7.02
CA PRO B 174 -24.34 65.06 -6.34
C PRO B 174 -23.23 65.69 -7.20
N VAL B 175 -22.71 66.82 -6.71
CA VAL B 175 -21.49 67.44 -7.21
C VAL B 175 -20.42 67.22 -6.18
N THR B 176 -19.19 67.33 -6.63
CA THR B 176 -18.03 67.33 -5.67
C THR B 176 -17.18 68.58 -5.89
N VAL B 177 -16.63 69.08 -4.78
CA VAL B 177 -15.78 70.27 -4.80
C VAL B 177 -14.47 70.00 -4.08
N SER B 178 -13.37 70.34 -4.72
CA SER B 178 -12.05 70.45 -4.06
C SER B 178 -11.48 71.81 -4.41
N TRP B 179 -10.46 72.24 -3.64
CA TRP B 179 -9.79 73.50 -3.84
C TRP B 179 -8.32 73.31 -4.15
N ASN B 180 -7.84 74.00 -5.17
CA ASN B 180 -6.43 73.89 -5.58
C ASN B 180 -6.00 72.46 -5.80
N SER B 181 -6.90 71.68 -6.41
CA SER B 181 -6.70 70.27 -6.76
C SER B 181 -6.48 69.37 -5.54
N GLY B 182 -7.07 69.79 -4.40
CA GLY B 182 -6.96 69.02 -3.18
C GLY B 182 -5.82 69.45 -2.29
N ALA B 183 -5.06 70.47 -2.73
CA ALA B 183 -4.01 71.05 -1.95
C ALA B 183 -4.51 71.83 -0.73
N LEU B 184 -5.72 72.36 -0.83
CA LEU B 184 -6.33 73.13 0.24
C LEU B 184 -7.51 72.38 0.81
N THR B 185 -7.40 71.95 2.06
CA THR B 185 -8.53 71.38 2.79
C THR B 185 -8.85 72.10 4.10
N SER B 186 -7.84 72.66 4.78
N SER B 186 -7.84 72.66 4.78
CA SER B 186 -8.05 73.34 6.06
CA SER B 186 -8.05 73.35 6.05
C SER B 186 -8.95 74.55 5.88
C SER B 186 -8.96 74.56 5.87
N GLY B 187 -10.04 74.59 6.65
CA GLY B 187 -10.95 75.74 6.68
C GLY B 187 -11.99 75.73 5.58
N VAL B 188 -12.13 74.58 4.90
CA VAL B 188 -13.08 74.46 3.79
C VAL B 188 -14.40 73.92 4.34
N HIS B 189 -15.49 74.54 3.91
CA HIS B 189 -16.81 74.01 4.20
C HIS B 189 -17.62 73.89 2.96
N THR B 190 -18.05 72.67 2.58
CA THR B 190 -18.93 72.46 1.44
C THR B 190 -20.31 72.13 1.97
N PHE B 191 -21.25 73.05 1.70
CA PHE B 191 -22.57 72.96 2.29
C PHE B 191 -23.41 71.91 1.54
N PRO B 192 -24.35 71.25 2.23
CA PRO B 192 -25.29 70.35 1.56
C PRO B 192 -26.12 71.05 0.48
N ALA B 193 -26.40 70.35 -0.60
CA ALA B 193 -27.15 70.92 -1.71
C ALA B 193 -28.58 71.16 -1.30
N VAL B 194 -29.23 72.19 -1.82
CA VAL B 194 -30.64 72.45 -1.48
C VAL B 194 -31.43 72.36 -2.76
N LEU B 195 -32.61 71.77 -2.65
CA LEU B 195 -33.54 71.65 -3.78
C LEU B 195 -34.30 72.94 -3.97
N GLN B 196 -34.15 73.61 -5.13
CA GLN B 196 -34.79 74.91 -5.27
C GLN B 196 -36.26 74.72 -5.69
N SER B 197 -36.96 75.82 -5.89
CA SER B 197 -38.33 75.78 -6.39
C SER B 197 -38.37 75.37 -7.85
N SER B 198 -37.29 75.64 -8.57
CA SER B 198 -37.18 75.21 -9.97
C SER B 198 -37.02 73.69 -10.12
N GLY B 199 -36.68 73.01 -9.04
CA GLY B 199 -36.43 71.58 -9.11
C GLY B 199 -34.99 71.24 -9.37
N LEU B 200 -34.14 72.25 -9.50
CA LEU B 200 -32.70 72.06 -9.64
C LEU B 200 -31.97 72.33 -8.32
N TYR B 201 -30.84 71.66 -8.11
CA TYR B 201 -30.05 71.87 -6.92
C TYR B 201 -29.07 73.07 -7.05
N SER B 202 -28.68 73.52 -5.88
CA SER B 202 -27.76 74.62 -5.71
C SER B 202 -26.97 74.38 -4.45
N LEU B 203 -25.71 74.80 -4.46
CA LEU B 203 -24.78 74.48 -3.36
C LEU B 203 -23.68 75.53 -3.31
N SER B 204 -23.09 75.73 -2.14
CA SER B 204 -21.91 76.60 -1.98
C SER B 204 -20.75 75.90 -1.31
N SER B 205 -19.53 76.26 -1.69
CA SER B 205 -18.33 75.86 -0.95
C SER B 205 -17.56 77.13 -0.55
N VAL B 206 -17.15 77.24 0.69
CA VAL B 206 -16.46 78.45 1.15
C VAL B 206 -15.24 78.05 1.93
N VAL B 207 -14.26 78.94 2.00
CA VAL B 207 -13.01 78.65 2.69
C VAL B 207 -12.49 79.92 3.34
N THR B 208 -11.88 79.82 4.52
CA THR B 208 -11.33 80.97 5.21
C THR B 208 -9.85 80.96 5.03
N VAL B 209 -9.27 82.03 4.47
CA VAL B 209 -7.81 82.15 4.28
C VAL B 209 -7.32 83.53 4.75
N PRO B 210 -6.08 83.60 5.23
CA PRO B 210 -5.51 84.88 5.66
C PRO B 210 -5.53 85.96 4.58
N SER B 211 -5.66 87.21 5.01
CA SER B 211 -5.81 88.37 4.10
C SER B 211 -4.63 88.58 3.17
N SER B 212 -3.44 88.24 3.64
CA SER B 212 -2.20 88.37 2.88
C SER B 212 -2.09 87.36 1.74
N SER B 213 -2.79 86.23 1.85
CA SER B 213 -2.83 85.29 0.75
C SER B 213 -3.41 85.82 -0.53
N LEU B 214 -4.41 86.71 -0.45
CA LEU B 214 -5.31 86.97 -1.58
C LEU B 214 -4.64 87.32 -2.88
N GLY B 215 -3.80 88.36 -2.85
CA GLY B 215 -2.96 88.73 -3.99
C GLY B 215 -1.92 87.69 -4.39
N THR B 216 -1.20 87.16 -3.39
CA THR B 216 -0.01 86.36 -3.69
C THR B 216 -0.33 84.92 -4.12
N GLN B 217 -1.15 84.27 -3.31
CA GLN B 217 -1.66 82.90 -3.58
C GLN B 217 -2.87 82.88 -4.51
N THR B 218 -3.12 81.73 -5.12
CA THR B 218 -4.23 81.55 -6.06
C THR B 218 -5.19 80.50 -5.56
N TYR B 219 -6.49 80.81 -5.63
CA TYR B 219 -7.51 79.89 -5.12
C TYR B 219 -8.51 79.51 -6.18
N ILE B 220 -8.51 78.23 -6.57
CA ILE B 220 -9.39 77.72 -7.61
C ILE B 220 -10.20 76.57 -7.06
N CYS B 221 -11.54 76.62 -7.26
CA CYS B 221 -12.40 75.56 -6.81
C CYS B 221 -12.74 74.60 -7.93
N ASN B 222 -12.29 73.36 -7.85
CA ASN B 222 -12.55 72.38 -8.89
C ASN B 222 -13.89 71.72 -8.62
N VAL B 223 -14.84 71.90 -9.52
CA VAL B 223 -16.18 71.33 -9.35
C VAL B 223 -16.43 70.20 -10.34
N ASN B 224 -16.84 69.04 -9.85
CA ASN B 224 -17.16 67.90 -10.69
C ASN B 224 -18.61 67.48 -10.54
N HIS B 225 -19.28 67.34 -11.67
CA HIS B 225 -20.61 66.76 -11.74
C HIS B 225 -20.60 65.63 -12.76
N LYS B 226 -20.63 64.39 -12.27
CA LYS B 226 -20.46 63.23 -13.12
C LYS B 226 -21.66 62.94 -14.02
N PRO B 227 -22.92 63.09 -13.51
CA PRO B 227 -24.10 62.90 -14.37
C PRO B 227 -24.15 63.72 -15.65
N SER B 228 -23.46 64.86 -15.71
CA SER B 228 -23.41 65.64 -16.95
C SER B 228 -22.00 65.80 -17.50
N ASN B 229 -21.05 64.94 -17.12
CA ASN B 229 -19.65 65.01 -17.59
C ASN B 229 -19.00 66.41 -17.46
N THR B 230 -19.42 67.17 -16.44
CA THR B 230 -18.97 68.55 -16.22
C THR B 230 -17.75 68.61 -15.30
N LYS B 231 -16.81 69.43 -15.68
CA LYS B 231 -15.59 69.62 -14.87
C LYS B 231 -15.11 71.03 -15.06
N VAL B 232 -15.42 71.89 -14.08
CA VAL B 232 -15.06 73.32 -14.12
C VAL B 232 -14.00 73.64 -13.07
N ASP B 233 -13.07 74.51 -13.46
CA ASP B 233 -12.01 74.99 -12.57
C ASP B 233 -12.05 76.51 -12.45
N LYS B 234 -12.88 76.97 -11.51
CA LYS B 234 -13.15 78.44 -11.40
C LYS B 234 -12.24 79.17 -10.45
N ARG B 235 -11.45 80.12 -10.98
CA ARG B 235 -10.57 80.96 -10.22
C ARG B 235 -11.32 82.07 -9.46
N VAL B 236 -11.00 82.21 -8.20
CA VAL B 236 -11.63 83.26 -7.36
C VAL B 236 -10.59 84.32 -7.01
N GLU B 237 -10.86 85.56 -7.42
CA GLU B 237 -9.98 86.68 -7.15
C GLU B 237 -10.77 87.88 -6.60
N PRO B 238 -10.05 88.86 -6.02
CA PRO B 238 -10.73 90.09 -5.59
C PRO B 238 -11.30 90.90 -6.75
N LYS B 239 -12.40 91.58 -6.47
CA LYS B 239 -13.07 92.49 -7.43
C LYS B 239 -12.54 93.93 -7.34
N ASP C 1 -42.43 40.45 9.69
CA ASP C 1 -41.11 41.15 9.61
C ASP C 1 -40.77 41.82 10.94
N ILE C 2 -39.51 41.66 11.37
CA ILE C 2 -39.09 42.18 12.68
C ILE C 2 -38.81 43.67 12.61
N GLN C 3 -39.55 44.48 13.38
CA GLN C 3 -39.28 45.91 13.57
C GLN C 3 -38.29 46.18 14.73
N LEU C 4 -37.36 47.07 14.46
CA LEU C 4 -36.45 47.57 15.49
C LEU C 4 -36.73 49.01 15.79
N THR C 5 -36.94 49.31 17.07
CA THR C 5 -37.17 50.66 17.56
C THR C 5 -35.98 51.13 18.39
N GLN C 6 -35.26 52.16 17.94
CA GLN C 6 -34.21 52.79 18.73
C GLN C 6 -34.72 53.93 19.61
N SER C 7 -34.03 54.16 20.67
CA SER C 7 -34.30 55.31 21.56
C SER C 7 -33.00 55.84 22.14
N PRO C 8 -32.73 57.17 22.16
CA PRO C 8 -33.58 58.18 21.56
C PRO C 8 -33.50 58.24 20.04
N SER C 9 -34.26 59.15 19.47
CA SER C 9 -34.17 59.49 18.06
C SER C 9 -33.05 60.52 17.85
N SER C 10 -32.79 61.38 18.82
CA SER C 10 -31.73 62.34 18.71
C SER C 10 -31.18 62.67 20.13
N LEU C 11 -29.87 62.94 20.23
CA LEU C 11 -29.29 63.28 21.51
C LEU C 11 -28.11 64.26 21.51
N SER C 12 -27.91 64.91 22.64
CA SER C 12 -26.75 65.86 22.87
C SER C 12 -26.12 65.57 24.22
N ALA C 13 -24.80 65.47 24.22
CA ALA C 13 -24.00 65.31 25.45
C ALA C 13 -22.62 65.96 25.27
N SER C 14 -22.02 66.37 26.39
CA SER C 14 -20.73 67.01 26.38
C SER C 14 -19.60 66.02 26.20
N VAL C 15 -18.46 66.54 25.81
CA VAL C 15 -17.21 65.75 25.73
C VAL C 15 -16.97 65.06 27.08
N GLY C 16 -16.78 63.77 27.03
CA GLY C 16 -16.54 62.95 28.18
C GLY C 16 -17.75 62.45 28.95
N ASP C 17 -18.95 62.65 28.41
CA ASP C 17 -20.17 62.11 29.00
C ASP C 17 -20.38 60.63 28.66
N ARG C 18 -21.02 59.96 29.60
CA ARG C 18 -21.49 58.59 29.43
C ARG C 18 -22.77 58.62 28.61
N VAL C 19 -22.79 57.92 27.46
CA VAL C 19 -23.96 58.00 26.55
C VAL C 19 -24.59 56.63 26.40
N THR C 20 -25.91 56.57 26.50
CA THR C 20 -26.65 55.31 26.36
C THR C 20 -27.65 55.29 25.22
N LEU C 21 -27.39 54.41 24.21
CA LEU C 21 -28.32 54.24 23.11
C LEU C 21 -29.01 52.88 23.30
N THR C 22 -30.27 52.73 22.98
CA THR C 22 -30.90 51.40 23.10
C THR C 22 -31.56 51.03 21.79
N CYS C 23 -31.80 49.73 21.65
CA CYS C 23 -32.51 49.14 20.50
C CYS C 23 -33.40 48.11 21.10
N GLN C 24 -34.68 48.14 20.78
CA GLN C 24 -35.67 47.20 21.24
C GLN C 24 -36.23 46.48 20.00
N ALA C 25 -36.66 45.25 20.20
CA ALA C 25 -36.99 44.37 19.04
C ALA C 25 -38.38 43.80 19.14
N SER C 26 -38.99 43.64 17.95
CA SER C 26 -40.36 43.14 17.78
C SER C 26 -40.53 41.76 18.41
N GLN C 27 -39.47 40.94 18.38
CA GLN C 27 -39.49 39.66 19.01
C GLN C 27 -38.12 39.22 19.50
N ASP C 28 -38.08 38.00 20.05
CA ASP C 28 -36.83 37.38 20.49
C ASP C 28 -35.90 37.17 19.29
N ILE C 29 -34.78 37.89 19.29
CA ILE C 29 -33.75 37.70 18.30
C ILE C 29 -32.45 37.19 18.92
N ARG C 30 -32.55 36.60 20.11
CA ARG C 30 -31.39 36.01 20.79
C ARG C 30 -30.21 36.99 20.94
N LYS C 31 -29.08 36.79 20.24
CA LYS C 31 -28.03 37.79 20.22
C LYS C 31 -27.55 38.12 18.80
N PHE C 32 -28.39 37.79 17.82
CA PHE C 32 -28.10 38.10 16.43
C PHE C 32 -28.31 39.60 16.13
N LEU C 33 -27.47 40.45 16.68
CA LEU C 33 -27.65 41.88 16.58
C LEU C 33 -26.32 42.62 16.58
N ASN C 34 -26.23 43.64 15.70
CA ASN C 34 -25.02 44.41 15.43
C ASN C 34 -25.32 45.89 15.63
N TRP C 35 -24.27 46.71 15.70
CA TRP C 35 -24.39 48.16 15.75
C TRP C 35 -23.38 48.78 14.74
N TYR C 36 -23.76 49.93 14.27
CA TYR C 36 -23.05 50.68 13.19
C TYR C 36 -22.97 52.17 13.42
N GLN C 37 -21.82 52.75 13.08
CA GLN C 37 -21.60 54.19 13.15
C GLN C 37 -21.50 54.87 11.80
N GLN C 38 -22.59 55.42 11.29
CA GLN C 38 -22.56 56.26 10.11
C GLN C 38 -22.15 57.69 10.39
N LYS C 39 -20.96 58.07 9.92
CA LYS C 39 -20.47 59.42 10.00
C LYS C 39 -21.06 60.23 8.85
N PRO C 40 -21.08 61.57 9.02
CA PRO C 40 -21.83 62.36 8.02
C PRO C 40 -21.12 62.46 6.67
N GLY C 41 -21.83 62.06 5.63
CA GLY C 41 -21.27 62.08 4.26
C GLY C 41 -20.32 60.92 4.00
N LYS C 42 -20.51 59.85 4.75
CA LYS C 42 -19.66 58.65 4.67
C LYS C 42 -20.50 57.42 4.98
N GLY C 43 -19.91 56.24 4.71
CA GLY C 43 -20.60 54.97 4.77
C GLY C 43 -20.62 54.43 6.18
N PRO C 44 -21.46 53.43 6.44
CA PRO C 44 -21.48 52.78 7.78
C PRO C 44 -20.27 51.92 8.10
N LYS C 45 -19.85 51.94 9.37
CA LYS C 45 -18.73 51.15 9.88
C LYS C 45 -19.16 50.35 11.11
N LEU C 46 -18.77 49.07 11.10
CA LEU C 46 -19.13 48.17 12.15
C LEU C 46 -18.51 48.55 13.47
N LEU C 47 -19.30 48.64 14.53
CA LEU C 47 -18.75 48.85 15.87
C LEU C 47 -18.80 47.59 16.70
N ILE C 48 -20.00 47.05 16.76
CA ILE C 48 -20.33 45.90 17.61
C ILE C 48 -20.98 44.83 16.78
N TYR C 49 -20.43 43.61 16.83
CA TYR C 49 -21.13 42.49 16.16
C TYR C 49 -21.58 41.46 17.17
N ASP C 50 -22.73 40.82 16.91
CA ASP C 50 -23.25 39.77 17.79
C ASP C 50 -23.46 40.22 19.24
N ALA C 51 -24.24 41.30 19.38
CA ALA C 51 -24.64 41.85 20.67
C ALA C 51 -23.58 42.61 21.46
N SER C 52 -22.46 41.93 21.73
CA SER C 52 -21.43 42.44 22.64
C SER C 52 -19.99 42.59 22.15
N ASN C 53 -19.67 42.04 20.96
CA ASN C 53 -18.29 41.95 20.50
C ASN C 53 -17.79 43.21 19.79
N LEU C 54 -16.75 43.80 20.34
CA LEU C 54 -16.12 44.93 19.71
C LEU C 54 -15.29 44.53 18.48
N GLN C 55 -15.48 45.33 17.44
CA GLN C 55 -14.74 45.11 16.19
C GLN C 55 -13.29 45.56 16.29
N ARG C 56 -12.38 44.82 15.66
CA ARG C 56 -10.96 45.15 15.67
C ARG C 56 -10.74 46.45 14.92
N GLY C 57 -10.13 47.41 15.61
CA GLY C 57 -9.92 48.75 15.10
C GLY C 57 -10.77 49.81 15.79
N VAL C 58 -11.94 49.40 16.26
CA VAL C 58 -12.88 50.30 16.93
C VAL C 58 -12.43 50.55 18.38
N PRO C 59 -12.42 51.83 18.83
CA PRO C 59 -11.96 52.18 20.17
C PRO C 59 -12.61 51.36 21.28
N SER C 60 -11.85 51.11 22.34
CA SER C 60 -12.35 50.41 23.55
C SER C 60 -13.49 51.10 24.30
N ARG C 61 -13.63 52.41 24.09
CA ARG C 61 -14.63 53.24 24.75
C ARG C 61 -16.07 52.87 24.34
N PHE C 62 -16.22 52.23 23.16
CA PHE C 62 -17.46 51.71 22.73
C PHE C 62 -17.69 50.29 23.25
N SER C 63 -18.93 50.04 23.67
CA SER C 63 -19.28 48.68 24.17
C SER C 63 -20.70 48.31 23.79
N GLY C 64 -21.02 47.05 23.95
CA GLY C 64 -22.34 46.52 23.56
C GLY C 64 -22.86 45.51 24.54
N GLY C 65 -24.18 45.47 24.68
CA GLY C 65 -24.81 44.55 25.63
C GLY C 65 -26.23 44.20 25.31
N GLY C 66 -26.71 43.04 25.77
CA GLY C 66 -28.12 42.71 25.62
C GLY C 66 -28.43 41.37 25.01
N SER C 67 -29.71 41.01 25.06
CA SER C 67 -30.22 39.78 24.46
C SER C 67 -31.73 39.75 24.40
N GLY C 68 -32.27 38.86 23.61
CA GLY C 68 -33.70 38.80 23.41
C GLY C 68 -34.26 39.89 22.57
N THR C 69 -34.81 40.87 23.28
CA THR C 69 -35.46 42.03 22.62
C THR C 69 -34.71 43.32 22.90
N ASP C 70 -34.15 43.49 24.10
CA ASP C 70 -33.46 44.64 24.52
C ASP C 70 -31.96 44.56 24.27
N PHE C 71 -31.40 45.66 23.85
CA PHE C 71 -29.94 45.72 23.55
C PHE C 71 -29.50 47.14 23.71
N THR C 72 -28.24 47.34 24.21
CA THR C 72 -27.68 48.66 24.49
C THR C 72 -26.34 48.90 23.78
N LEU C 73 -26.12 50.11 23.31
CA LEU C 73 -24.80 50.51 22.85
C LEU C 73 -24.27 51.73 23.62
N ILE C 74 -23.22 51.52 24.43
CA ILE C 74 -22.72 52.54 25.33
C ILE C 74 -21.45 53.17 24.77
N ILE C 75 -21.39 54.50 24.89
CA ILE C 75 -20.14 55.24 24.72
C ILE C 75 -19.66 55.73 26.08
N SER C 76 -18.58 55.15 26.61
CA SER C 76 -18.17 55.45 27.98
C SER C 76 -17.66 56.89 28.12
N SER C 77 -17.10 57.44 27.05
CA SER C 77 -16.64 58.82 27.08
C SER C 77 -16.74 59.45 25.69
N LEU C 78 -17.83 60.18 25.45
CA LEU C 78 -18.12 60.70 24.15
C LEU C 78 -17.07 61.72 23.68
N GLN C 79 -16.63 61.55 22.45
CA GLN C 79 -15.58 62.38 21.87
C GLN C 79 -16.11 63.16 20.69
N PRO C 80 -15.44 64.26 20.33
CA PRO C 80 -15.80 65.04 19.15
C PRO C 80 -16.01 64.24 17.86
N GLU C 81 -15.14 63.27 17.64
CA GLU C 81 -15.21 62.40 16.44
C GLU C 81 -16.43 61.49 16.44
N ASP C 82 -16.96 61.23 17.65
CA ASP C 82 -18.10 60.28 17.77
C ASP C 82 -19.49 60.78 17.34
N VAL C 83 -19.54 61.93 16.68
CA VAL C 83 -20.75 62.41 16.06
C VAL C 83 -21.20 61.53 14.87
N GLY C 84 -22.46 61.71 14.51
CA GLY C 84 -23.12 60.99 13.46
C GLY C 84 -24.15 60.02 14.02
N THR C 85 -24.84 59.34 13.10
CA THR C 85 -25.98 58.47 13.38
C THR C 85 -25.50 57.04 13.64
N TYR C 86 -26.21 56.38 14.52
CA TYR C 86 -25.97 55.02 14.93
C TYR C 86 -27.17 54.16 14.62
N TYR C 87 -26.91 52.99 14.03
CA TYR C 87 -27.98 52.05 13.67
C TYR C 87 -27.73 50.74 14.37
N CYS C 88 -28.81 50.11 14.84
CA CYS C 88 -28.79 48.70 15.19
C CYS C 88 -29.33 47.89 14.07
N GLN C 89 -28.84 46.64 13.93
CA GLN C 89 -29.23 45.74 12.86
C GLN C 89 -29.36 44.31 13.37
N GLN C 90 -30.37 43.62 12.88
CA GLN C 90 -30.64 42.29 13.29
C GLN C 90 -30.50 41.32 12.10
N TYR C 91 -30.17 40.09 12.44
CA TYR C 91 -30.19 39.02 11.43
C TYR C 91 -30.73 37.70 11.88
N ASP C 92 -31.59 37.73 12.90
CA ASP C 92 -32.23 36.48 13.40
C ASP C 92 -33.06 35.79 12.33
N GLY C 93 -33.79 36.59 11.55
CA GLY C 93 -34.67 36.10 10.50
C GLY C 93 -34.83 37.09 9.35
N LEU C 94 -35.12 36.56 8.18
CA LEU C 94 -35.32 37.39 6.99
C LEU C 94 -36.77 37.89 6.94
N PRO C 95 -37.04 39.12 6.50
CA PRO C 95 -36.01 40.02 6.02
C PRO C 95 -35.27 40.75 7.13
N PHE C 96 -34.02 41.10 6.83
CA PHE C 96 -33.14 41.80 7.76
C PHE C 96 -33.53 43.27 7.81
N THR C 97 -33.51 43.83 9.02
CA THR C 97 -33.90 45.23 9.22
C THR C 97 -32.90 45.97 10.11
N PHE C 98 -33.00 47.30 10.05
CA PHE C 98 -32.20 48.23 10.81
C PHE C 98 -33.14 49.02 11.69
N GLY C 99 -32.54 49.72 12.64
CA GLY C 99 -33.29 50.64 13.50
C GLY C 99 -33.55 51.94 12.80
N GLY C 100 -34.34 52.74 13.48
CA GLY C 100 -34.74 54.09 12.94
C GLY C 100 -33.56 55.05 12.86
N GLY C 101 -32.70 54.98 13.88
CA GLY C 101 -31.47 55.72 13.94
C GLY C 101 -31.33 56.43 15.29
N THR C 102 -30.12 56.73 15.71
CA THR C 102 -29.92 57.69 16.82
C THR C 102 -28.88 58.69 16.41
N LYS C 103 -29.31 59.92 16.13
CA LYS C 103 -28.28 60.98 15.76
C LYS C 103 -27.61 61.53 17.01
N VAL C 104 -26.26 61.40 17.12
CA VAL C 104 -25.54 61.96 18.28
C VAL C 104 -24.82 63.26 17.96
N VAL C 105 -24.97 64.26 18.85
CA VAL C 105 -24.37 65.59 18.68
C VAL C 105 -23.60 65.97 19.97
N ILE C 106 -22.45 66.57 19.74
CA ILE C 106 -21.60 67.13 20.82
C ILE C 106 -22.04 68.53 21.31
N LYS C 107 -22.04 68.68 22.64
CA LYS C 107 -22.45 69.90 23.27
C LYS C 107 -21.20 70.58 23.79
N ARG C 108 -21.00 71.80 23.27
CA ARG C 108 -19.89 72.66 23.60
C ARG C 108 -20.43 74.05 24.01
N THR C 109 -19.49 74.93 24.34
CA THR C 109 -19.81 76.25 24.84
C THR C 109 -20.17 77.16 23.68
N VAL C 110 -20.64 78.35 24.04
CA VAL C 110 -21.10 79.32 23.01
C VAL C 110 -19.93 79.86 22.23
N ALA C 111 -20.07 79.89 20.88
CA ALA C 111 -19.09 80.46 19.99
C ALA C 111 -19.82 81.27 18.92
N ALA C 112 -19.50 82.56 18.87
CA ALA C 112 -20.17 83.47 17.97
C ALA C 112 -19.71 83.23 16.56
N PRO C 113 -20.62 83.35 15.58
CA PRO C 113 -20.20 83.25 14.19
C PRO C 113 -19.43 84.45 13.68
N SER C 114 -18.40 84.21 12.86
CA SER C 114 -17.87 85.30 12.02
C SER C 114 -18.78 85.43 10.81
N VAL C 115 -19.23 86.65 10.52
CA VAL C 115 -20.19 86.87 9.41
C VAL C 115 -19.55 87.56 8.21
N PHE C 116 -19.83 87.04 7.01
CA PHE C 116 -19.40 87.63 5.73
C PHE C 116 -20.54 87.74 4.75
N ILE C 117 -20.53 88.79 3.94
CA ILE C 117 -21.50 88.95 2.83
C ILE C 117 -20.81 89.00 1.49
N PHE C 118 -21.38 88.35 0.49
CA PHE C 118 -20.82 88.25 -0.87
C PHE C 118 -21.83 88.77 -1.88
N PRO C 119 -21.46 89.80 -2.68
CA PRO C 119 -22.33 90.26 -3.74
C PRO C 119 -22.41 89.26 -4.86
N PRO C 120 -23.38 89.44 -5.80
CA PRO C 120 -23.35 88.56 -6.97
C PRO C 120 -22.18 88.92 -7.85
N SER C 121 -21.54 87.91 -8.45
CA SER C 121 -20.44 88.15 -9.36
C SER C 121 -20.94 88.73 -10.64
N ASP C 122 -20.04 89.34 -11.43
CA ASP C 122 -20.43 89.96 -12.68
C ASP C 122 -20.80 88.88 -13.70
N GLU C 123 -20.10 87.74 -13.62
CA GLU C 123 -20.43 86.57 -14.43
C GLU C 123 -21.88 86.10 -14.23
N GLN C 124 -22.37 86.16 -12.99
CA GLN C 124 -23.74 85.77 -12.69
C GLN C 124 -24.82 86.70 -13.21
N LEU C 125 -24.64 87.99 -12.99
CA LEU C 125 -25.55 89.02 -13.49
C LEU C 125 -25.68 88.87 -15.01
N LYS C 126 -24.55 88.60 -15.68
CA LYS C 126 -24.54 88.33 -17.12
C LYS C 126 -25.55 87.26 -17.53
N SER C 127 -25.78 86.29 -16.64
CA SER C 127 -26.84 85.28 -16.88
C SER C 127 -28.18 85.60 -16.26
N GLY C 128 -28.51 86.86 -16.03
CA GLY C 128 -29.89 87.19 -15.65
C GLY C 128 -30.44 86.83 -14.27
N THR C 129 -29.61 86.61 -13.33
CA THR C 129 -29.98 86.36 -11.96
C THR C 129 -28.88 86.85 -11.02
N ALA C 130 -29.30 87.22 -9.81
CA ALA C 130 -28.43 87.67 -8.75
C ALA C 130 -28.60 86.85 -7.49
N SER C 131 -27.49 86.24 -7.04
CA SER C 131 -27.43 85.58 -5.74
C SER C 131 -26.48 86.36 -4.81
N VAL C 132 -27.02 86.75 -3.66
CA VAL C 132 -26.29 87.36 -2.57
C VAL C 132 -26.12 86.34 -1.47
N VAL C 133 -24.90 86.06 -1.03
CA VAL C 133 -24.67 84.98 -0.08
C VAL C 133 -24.17 85.51 1.25
N CYS C 134 -24.75 85.05 2.38
CA CYS C 134 -24.30 85.40 3.68
C CYS C 134 -23.82 84.16 4.38
N LEU C 135 -22.61 84.25 4.95
CA LEU C 135 -21.96 83.13 5.60
C LEU C 135 -21.83 83.40 7.07
N LEU C 136 -22.32 82.46 7.90
CA LEU C 136 -22.05 82.45 9.34
C LEU C 136 -21.09 81.28 9.65
N ASN C 137 -19.91 81.61 10.12
CA ASN C 137 -18.82 80.61 10.13
C ASN C 137 -18.40 80.17 11.51
N ASN C 138 -18.35 78.86 11.71
CA ASN C 138 -17.89 78.24 12.94
C ASN C 138 -18.54 78.74 14.22
N PHE C 139 -19.80 78.40 14.42
CA PHE C 139 -20.52 78.87 15.59
C PHE C 139 -21.23 77.74 16.32
N TYR C 140 -21.69 78.07 17.51
CA TYR C 140 -22.46 77.15 18.33
C TYR C 140 -23.23 78.01 19.36
N PRO C 141 -24.52 77.74 19.60
CA PRO C 141 -25.31 76.62 19.03
C PRO C 141 -25.77 76.88 17.62
N ARG C 142 -26.32 75.83 17.01
CA ARG C 142 -26.81 75.78 15.64
C ARG C 142 -27.84 76.87 15.34
N GLU C 143 -28.73 77.12 16.29
CA GLU C 143 -29.88 78.02 16.01
C GLU C 143 -29.45 79.47 15.92
N ALA C 144 -29.56 80.06 14.74
CA ALA C 144 -29.18 81.45 14.52
C ALA C 144 -30.09 82.03 13.47
N LYS C 145 -30.42 83.35 13.62
CA LYS C 145 -31.44 83.99 12.80
C LYS C 145 -30.78 84.95 11.82
N VAL C 146 -31.09 84.79 10.54
CA VAL C 146 -30.48 85.59 9.48
C VAL C 146 -31.59 86.32 8.75
N GLN C 147 -31.49 87.65 8.74
CA GLN C 147 -32.51 88.49 8.15
C GLN C 147 -31.94 89.28 6.98
N TRP C 148 -32.56 89.22 5.81
CA TRP C 148 -32.12 90.03 4.67
C TRP C 148 -32.83 91.36 4.61
N LYS C 149 -32.08 92.40 4.24
CA LYS C 149 -32.64 93.73 4.05
C LYS C 149 -32.17 94.30 2.72
N VAL C 150 -33.09 94.69 1.85
CA VAL C 150 -32.77 95.29 0.56
C VAL C 150 -33.30 96.71 0.49
N ASP C 151 -32.41 97.70 0.38
CA ASP C 151 -32.70 99.09 0.74
C ASP C 151 -33.48 99.22 2.03
N ASN C 152 -33.01 98.46 3.02
CA ASN C 152 -33.47 98.53 4.35
C ASN C 152 -34.88 97.91 4.56
N ALA C 153 -35.38 97.24 3.55
CA ALA C 153 -36.68 96.63 3.59
C ALA C 153 -36.53 95.13 3.86
N LEU C 154 -37.25 94.65 4.87
CA LEU C 154 -37.16 93.30 5.39
C LEU C 154 -37.65 92.28 4.35
N GLN C 155 -36.77 91.32 4.03
CA GLN C 155 -37.07 90.36 2.95
C GLN C 155 -37.70 89.06 3.46
N SER C 156 -38.53 88.42 2.63
CA SER C 156 -39.16 87.15 2.97
C SER C 156 -39.61 86.30 1.77
N GLY C 157 -39.51 84.98 1.93
CA GLY C 157 -39.97 84.02 0.94
C GLY C 157 -39.09 83.93 -0.32
N ASN C 158 -37.88 84.47 -0.23
CA ASN C 158 -36.98 84.49 -1.36
C ASN C 158 -35.54 84.17 -1.01
N SER C 159 -35.29 83.55 0.13
CA SER C 159 -33.94 83.16 0.50
C SER C 159 -33.88 81.80 1.12
N GLN C 160 -32.82 81.01 0.80
CA GLN C 160 -32.71 79.62 1.21
C GLN C 160 -31.49 79.39 2.10
N GLU C 161 -31.65 78.56 3.11
CA GLU C 161 -30.58 78.31 4.08
C GLU C 161 -29.99 76.94 3.88
N SER C 162 -28.73 76.76 4.20
CA SER C 162 -28.13 75.43 4.27
C SER C 162 -27.19 75.40 5.44
N VAL C 163 -27.12 74.26 6.12
CA VAL C 163 -26.26 74.14 7.30
C VAL C 163 -25.34 72.94 7.17
N THR C 164 -24.07 73.13 7.51
CA THR C 164 -23.13 72.00 7.55
C THR C 164 -23.46 71.11 8.75
N GLU C 165 -22.98 69.88 8.69
CA GLU C 165 -23.04 68.95 9.80
C GLU C 165 -22.05 69.42 10.85
N GLN C 166 -22.21 68.87 12.04
CA GLN C 166 -21.40 69.34 13.19
C GLN C 166 -19.96 68.89 12.96
N ASP C 167 -19.03 69.84 13.02
CA ASP C 167 -17.64 69.59 12.70
C ASP C 167 -17.00 68.58 13.70
N SER C 168 -16.22 67.67 13.14
CA SER C 168 -15.75 66.51 13.89
C SER C 168 -14.61 66.85 14.85
N LYS C 169 -13.96 68.00 14.67
CA LYS C 169 -12.87 68.41 15.52
C LYS C 169 -13.30 69.37 16.64
N ASP C 170 -13.92 70.47 16.22
CA ASP C 170 -14.30 71.57 17.14
C ASP C 170 -15.81 71.72 17.38
N SER C 171 -16.62 70.87 16.76
CA SER C 171 -18.01 70.73 17.13
C SER C 171 -18.89 71.93 16.85
N THR C 172 -18.47 72.80 15.92
CA THR C 172 -19.25 73.97 15.55
C THR C 172 -20.05 73.69 14.29
N TYR C 173 -20.88 74.66 13.91
CA TYR C 173 -21.66 74.59 12.68
C TYR C 173 -21.32 75.76 11.80
N SER C 174 -21.62 75.64 10.52
CA SER C 174 -21.56 76.81 9.64
C SER C 174 -22.83 76.83 8.83
N LEU C 175 -23.22 78.02 8.42
CA LEU C 175 -24.49 78.23 7.74
C LEU C 175 -24.38 79.28 6.67
N SER C 176 -25.12 79.04 5.58
CA SER C 176 -25.22 80.00 4.47
C SER C 176 -26.67 80.35 4.21
N SER C 177 -26.95 81.64 3.96
CA SER C 177 -28.25 82.11 3.47
C SER C 177 -28.06 82.72 2.11
N THR C 178 -28.83 82.29 1.13
CA THR C 178 -28.67 82.79 -0.25
C THR C 178 -29.94 83.52 -0.69
N LEU C 179 -29.79 84.84 -0.94
CA LEU C 179 -30.89 85.67 -1.37
C LEU C 179 -30.92 85.65 -2.85
N THR C 180 -31.99 85.07 -3.46
CA THR C 180 -32.07 84.94 -4.91
C THR C 180 -33.13 85.89 -5.45
N LEU C 181 -32.75 86.68 -6.43
CA LEU C 181 -33.70 87.56 -7.09
C LEU C 181 -33.21 87.83 -8.50
N SER C 182 -34.14 88.33 -9.34
CA SER C 182 -33.79 88.63 -10.73
C SER C 182 -32.85 89.83 -10.83
N LYS C 183 -32.10 89.85 -11.93
CA LYS C 183 -31.18 90.94 -12.24
C LYS C 183 -31.92 92.29 -12.18
N ALA C 184 -33.14 92.31 -12.73
CA ALA C 184 -33.96 93.50 -12.75
C ALA C 184 -34.15 94.08 -11.32
N ASP C 185 -34.74 93.28 -10.43
CA ASP C 185 -34.97 93.68 -9.04
C ASP C 185 -33.66 93.96 -8.30
N TYR C 186 -32.58 93.24 -8.62
CA TYR C 186 -31.26 93.56 -8.01
C TYR C 186 -30.79 94.97 -8.39
N GLU C 187 -31.00 95.35 -9.65
CA GLU C 187 -30.52 96.62 -10.17
C GLU C 187 -31.38 97.80 -9.76
N LYS C 188 -32.65 97.53 -9.43
CA LYS C 188 -33.52 98.50 -8.80
C LYS C 188 -33.12 99.07 -7.46
N HIS C 189 -32.41 98.30 -6.63
CA HIS C 189 -31.97 98.75 -5.31
C HIS C 189 -30.45 98.89 -5.16
N LYS C 190 -30.03 99.55 -4.07
CA LYS C 190 -28.62 99.89 -3.83
C LYS C 190 -27.97 99.16 -2.66
N VAL C 191 -28.65 99.19 -1.51
CA VAL C 191 -28.07 98.74 -0.24
C VAL C 191 -28.51 97.32 0.12
N TYR C 192 -27.56 96.41 0.23
CA TYR C 192 -27.86 95.02 0.52
C TYR C 192 -27.23 94.62 1.83
N ALA C 193 -28.03 94.08 2.76
CA ALA C 193 -27.57 93.83 4.13
C ALA C 193 -28.02 92.47 4.65
N CYS C 194 -27.10 91.78 5.31
CA CYS C 194 -27.37 90.54 6.04
C CYS C 194 -27.23 90.87 7.51
N GLU C 195 -28.30 90.74 8.28
CA GLU C 195 -28.28 90.99 9.74
C GLU C 195 -28.41 89.67 10.52
N VAL C 196 -27.41 89.36 11.33
CA VAL C 196 -27.37 88.09 12.07
C VAL C 196 -27.58 88.26 13.59
N THR C 197 -28.47 87.44 14.15
CA THR C 197 -28.68 87.34 15.60
C THR C 197 -28.27 85.95 16.11
N HIS C 198 -27.46 85.93 17.18
CA HIS C 198 -26.95 84.68 17.74
C HIS C 198 -26.54 84.88 19.18
N GLN C 199 -26.72 83.84 20.01
CA GLN C 199 -26.47 83.91 21.46
C GLN C 199 -25.12 84.50 21.87
N GLY C 200 -24.10 84.17 21.08
CA GLY C 200 -22.72 84.57 21.37
C GLY C 200 -22.43 86.02 21.02
N LEU C 201 -23.29 86.56 20.13
CA LEU C 201 -23.22 87.98 19.78
C LEU C 201 -24.04 88.80 20.75
N SER C 202 -23.43 89.85 21.33
CA SER C 202 -24.12 90.65 22.34
C SER C 202 -25.39 91.31 21.77
N SER C 203 -25.24 91.77 20.52
CA SER C 203 -26.30 92.38 19.74
C SER C 203 -26.15 92.04 18.24
N PRO C 204 -27.26 92.16 17.48
CA PRO C 204 -27.20 91.69 16.09
C PRO C 204 -26.16 92.43 15.20
N VAL C 205 -25.47 91.57 14.42
CA VAL C 205 -24.36 91.99 13.57
C VAL C 205 -24.88 92.16 12.15
N THR C 206 -24.51 93.26 11.50
CA THR C 206 -24.90 93.51 10.10
C THR C 206 -23.66 93.57 9.19
N LYS C 207 -23.65 92.79 8.12
CA LYS C 207 -22.69 93.01 7.04
C LYS C 207 -23.41 93.51 5.79
N SER C 208 -22.96 94.62 5.20
CA SER C 208 -23.67 95.22 4.06
C SER C 208 -22.77 95.79 3.03
N PHE C 209 -23.28 95.99 1.81
CA PHE C 209 -22.53 96.61 0.73
C PHE C 209 -23.47 97.44 -0.16
N ASN C 210 -22.90 98.38 -0.92
CA ASN C 210 -23.66 99.12 -1.91
C ASN C 210 -23.32 98.57 -3.27
N ARG C 211 -24.34 98.36 -4.06
CA ARG C 211 -24.17 97.85 -5.44
C ARG C 211 -23.18 98.68 -6.28
N GLY C 212 -22.26 98.00 -6.97
CA GLY C 212 -21.25 98.66 -7.80
C GLY C 212 -20.02 99.19 -7.06
N GLU C 213 -20.02 99.09 -5.73
CA GLU C 213 -18.93 99.56 -4.87
C GLU C 213 -18.20 98.37 -4.26
N VAL D 1 16.53 38.40 -25.93
CA VAL D 1 15.57 37.27 -25.83
C VAL D 1 14.84 37.31 -24.49
N GLN D 2 13.51 37.17 -24.51
CA GLN D 2 12.72 37.04 -23.28
C GLN D 2 12.66 35.58 -22.85
N SER D 3 13.31 35.26 -21.73
CA SER D 3 13.38 33.89 -21.18
C SER D 3 12.72 33.74 -19.80
N SER D 4 12.02 34.79 -19.33
CA SER D 4 11.36 34.78 -18.02
C SER D 4 9.90 35.24 -18.14
N SER D 5 9.09 34.86 -17.17
CA SER D 5 7.64 35.15 -17.15
C SER D 5 7.22 35.77 -15.82
N THR D 6 6.06 36.41 -15.84
CA THR D 6 5.44 37.00 -14.64
C THR D 6 4.69 35.95 -13.79
N GLY D 7 4.21 34.90 -14.45
CA GLY D 7 3.48 33.81 -13.84
C GLY D 7 1.97 33.97 -13.95
N LYS D 8 1.52 35.12 -14.46
CA LYS D 8 0.10 35.45 -14.45
C LYS D 8 -0.33 35.97 -15.81
N ILE D 9 -1.51 35.61 -16.28
CA ILE D 9 -2.07 36.11 -17.55
C ILE D 9 -2.81 37.42 -17.30
N CYS D 10 -2.37 38.47 -17.95
CA CYS D 10 -3.00 39.81 -17.80
C CYS D 10 -4.32 39.90 -18.55
N ASN D 11 -5.32 40.44 -17.86
CA ASN D 11 -6.70 40.53 -18.35
C ASN D 11 -7.00 41.59 -19.41
N ASN D 12 -6.00 42.42 -19.72
CA ASN D 12 -6.07 43.39 -20.79
C ASN D 12 -4.77 43.31 -21.61
N PRO D 13 -4.81 43.83 -22.84
CA PRO D 13 -5.96 44.46 -23.49
C PRO D 13 -6.98 43.51 -24.13
N HIS D 14 -6.62 42.24 -24.25
CA HIS D 14 -7.49 41.23 -24.86
C HIS D 14 -8.51 40.73 -23.87
N ARG D 15 -9.72 40.43 -24.35
CA ARG D 15 -10.75 39.88 -23.47
C ARG D 15 -10.52 38.39 -23.23
N ILE D 16 -10.13 38.06 -22.00
CA ILE D 16 -9.80 36.72 -21.59
C ILE D 16 -10.98 36.13 -20.87
N LEU D 17 -11.38 34.93 -21.25
CA LEU D 17 -12.49 34.25 -20.61
C LEU D 17 -11.95 32.98 -19.97
N ASP D 18 -12.01 32.92 -18.65
CA ASP D 18 -11.53 31.77 -17.89
C ASP D 18 -12.57 30.66 -17.88
N GLY D 19 -12.20 29.52 -18.43
CA GLY D 19 -13.09 28.35 -18.43
C GLY D 19 -13.28 27.66 -17.09
N ILE D 20 -12.35 27.84 -16.16
CA ILE D 20 -12.49 27.26 -14.82
C ILE D 20 -12.72 25.75 -14.89
N ASP D 21 -13.90 25.25 -14.53
CA ASP D 21 -14.17 23.81 -14.58
C ASP D 21 -14.71 23.30 -15.92
N CYS D 22 -14.67 24.11 -16.99
CA CYS D 22 -15.30 23.73 -18.23
C CYS D 22 -14.36 23.83 -19.42
N THR D 23 -14.43 22.82 -20.27
CA THR D 23 -13.83 22.89 -21.57
C THR D 23 -14.72 23.69 -22.48
N LEU D 24 -14.21 24.16 -23.61
CA LEU D 24 -15.02 24.92 -24.54
C LEU D 24 -16.14 24.13 -25.15
N ILE D 25 -15.91 22.84 -25.44
CA ILE D 25 -16.95 21.97 -25.98
C ILE D 25 -18.11 21.77 -24.99
N ASP D 26 -17.79 21.58 -23.71
CA ASP D 26 -18.82 21.44 -22.68
C ASP D 26 -19.65 22.70 -22.53
N ALA D 27 -18.99 23.83 -22.72
CA ALA D 27 -19.67 25.12 -22.69
C ALA D 27 -20.58 25.25 -23.88
N LEU D 28 -20.09 24.79 -25.04
CA LEU D 28 -20.84 24.87 -26.30
C LEU D 28 -22.16 24.09 -26.19
N LEU D 29 -22.05 22.84 -25.78
CA LEU D 29 -23.20 21.91 -25.72
C LEU D 29 -24.18 22.30 -24.63
N GLY D 30 -23.66 22.83 -23.52
CA GLY D 30 -24.52 23.24 -22.40
C GLY D 30 -24.63 22.24 -21.29
N ASP D 31 -23.48 21.75 -20.86
CA ASP D 31 -23.32 20.97 -19.63
C ASP D 31 -23.83 21.89 -18.51
N PRO D 32 -24.79 21.42 -17.66
CA PRO D 32 -25.33 22.23 -16.59
C PRO D 32 -24.36 23.13 -15.78
N HIS D 33 -23.16 22.64 -15.46
CA HIS D 33 -22.19 23.42 -14.70
C HIS D 33 -21.31 24.31 -15.57
N CYS D 34 -21.64 24.42 -16.85
CA CYS D 34 -21.14 25.40 -17.77
C CYS D 34 -22.19 26.33 -18.30
N ASP D 35 -23.33 26.46 -17.61
CA ASP D 35 -24.44 27.27 -18.08
C ASP D 35 -24.15 28.79 -18.08
N VAL D 36 -23.30 29.19 -17.14
CA VAL D 36 -22.84 30.58 -17.04
C VAL D 36 -22.16 31.04 -18.33
N PHE D 37 -21.61 30.10 -19.13
CA PHE D 37 -20.91 30.50 -20.36
C PHE D 37 -21.82 30.68 -21.55
N GLN D 38 -23.13 30.52 -21.37
CA GLN D 38 -24.08 30.81 -22.42
C GLN D 38 -23.98 32.23 -22.97
N ASN D 39 -23.92 32.32 -24.30
CA ASN D 39 -23.79 33.58 -25.01
C ASN D 39 -22.55 34.45 -24.70
N GLU D 40 -21.48 33.82 -24.23
CA GLU D 40 -20.24 34.52 -23.86
C GLU D 40 -19.39 34.81 -25.09
N THR D 41 -18.43 35.74 -24.97
CA THR D 41 -17.50 36.07 -26.05
C THR D 41 -16.06 36.09 -25.53
N TRP D 42 -15.07 35.99 -26.42
CA TRP D 42 -13.68 36.03 -25.99
C TRP D 42 -12.74 36.42 -27.12
N ASP D 43 -11.62 37.08 -26.75
CA ASP D 43 -10.47 37.10 -27.65
C ASP D 43 -9.59 35.89 -27.41
N LEU D 44 -9.57 35.41 -26.20
CA LEU D 44 -8.83 34.21 -25.80
C LEU D 44 -9.63 33.45 -24.75
N PHE D 45 -9.98 32.20 -25.08
CA PHE D 45 -10.55 31.25 -24.13
C PHE D 45 -9.37 30.55 -23.47
N VAL D 46 -9.46 30.41 -22.16
CA VAL D 46 -8.42 29.68 -21.38
C VAL D 46 -8.94 28.38 -20.80
N GLU D 47 -8.54 27.23 -21.38
CA GLU D 47 -8.94 25.92 -20.81
C GLU D 47 -8.05 25.47 -19.68
N ARG D 48 -8.62 25.14 -18.52
CA ARG D 48 -7.87 24.70 -17.37
C ARG D 48 -7.81 23.17 -17.30
N SER D 49 -6.73 22.69 -16.72
CA SER D 49 -6.53 21.24 -16.54
C SER D 49 -7.51 20.62 -15.56
N LYS D 50 -8.14 21.45 -14.73
CA LYS D 50 -9.13 21.00 -13.75
C LYS D 50 -10.50 20.74 -14.34
N ALA D 51 -10.70 21.16 -15.60
CA ALA D 51 -11.97 20.96 -16.27
C ALA D 51 -12.41 19.49 -16.29
N PHE D 52 -13.71 19.29 -16.16
CA PHE D 52 -14.28 17.94 -16.21
C PHE D 52 -15.69 17.99 -16.78
N SER D 53 -16.18 16.84 -17.20
CA SER D 53 -17.56 16.70 -17.71
C SER D 53 -18.45 16.11 -16.65
N ASN D 54 -19.70 16.61 -16.59
CA ASN D 54 -20.68 16.16 -15.64
C ASN D 54 -22.09 16.05 -16.19
N CYS D 55 -22.22 15.67 -17.47
CA CYS D 55 -23.43 15.44 -18.15
C CYS D 55 -23.47 13.99 -18.69
N TYR D 56 -24.27 13.79 -19.71
CA TYR D 56 -24.40 12.46 -20.29
C TYR D 56 -23.11 12.11 -20.98
N PRO D 57 -22.61 10.87 -20.74
CA PRO D 57 -21.34 10.45 -21.35
C PRO D 57 -21.29 10.54 -22.88
N TYR D 58 -20.25 11.15 -23.42
CA TYR D 58 -20.29 11.57 -24.82
C TYR D 58 -18.95 11.53 -25.45
N ASP D 59 -18.91 11.40 -26.77
CA ASP D 59 -17.65 11.57 -27.51
C ASP D 59 -17.88 12.38 -28.75
N VAL D 60 -16.81 12.94 -29.32
CA VAL D 60 -16.90 13.75 -30.53
C VAL D 60 -15.92 13.18 -31.55
N PRO D 61 -16.45 12.41 -32.54
CA PRO D 61 -15.58 12.16 -33.73
C PRO D 61 -15.01 13.46 -34.28
N ASP D 62 -13.67 13.56 -34.33
CA ASP D 62 -13.00 14.79 -34.68
C ASP D 62 -13.22 15.98 -33.70
N TYR D 63 -12.94 15.68 -32.44
CA TYR D 63 -13.01 16.64 -31.36
C TYR D 63 -12.22 17.94 -31.59
N ALA D 64 -10.95 17.80 -31.96
CA ALA D 64 -10.04 18.90 -32.05
C ALA D 64 -10.37 19.90 -33.16
N SER D 65 -11.03 19.42 -34.21
CA SER D 65 -11.50 20.32 -35.27
C SER D 65 -12.67 21.18 -34.84
N LEU D 66 -13.63 20.59 -34.18
CA LEU D 66 -14.79 21.35 -33.67
C LEU D 66 -14.39 22.41 -32.66
N ARG D 67 -13.54 21.97 -31.73
CA ARG D 67 -12.90 22.82 -30.73
C ARG D 67 -12.21 24.04 -31.38
N SER D 68 -11.42 23.76 -32.39
CA SER D 68 -10.73 24.85 -33.09
C SER D 68 -11.67 25.85 -33.75
N LEU D 69 -12.65 25.35 -34.47
CA LEU D 69 -13.68 26.17 -35.15
C LEU D 69 -14.41 27.14 -34.25
N VAL D 70 -14.90 26.59 -33.13
CA VAL D 70 -15.64 27.40 -32.10
C VAL D 70 -14.70 28.42 -31.47
N ALA D 71 -13.47 27.99 -31.15
CA ALA D 71 -12.49 28.85 -30.50
C ALA D 71 -12.20 30.07 -31.41
N SER D 72 -12.08 29.81 -32.71
CA SER D 72 -11.76 30.83 -33.65
C SER D 72 -12.94 31.74 -33.92
N SER D 73 -14.13 31.18 -33.80
CA SER D 73 -15.36 31.99 -33.90
C SER D 73 -15.48 33.03 -32.77
N GLY D 74 -15.06 32.64 -31.56
CA GLY D 74 -14.91 33.58 -30.47
C GLY D 74 -16.21 33.98 -29.82
N THR D 75 -17.21 33.14 -29.94
CA THR D 75 -18.52 33.44 -29.34
C THR D 75 -19.33 32.17 -29.19
N LEU D 76 -20.17 32.11 -28.17
CA LEU D 76 -21.14 31.04 -28.03
C LEU D 76 -22.58 31.49 -28.18
N GLU D 77 -22.79 32.55 -28.97
CA GLU D 77 -24.12 33.13 -29.16
C GLU D 77 -25.05 32.16 -29.87
N PHE D 78 -25.94 31.54 -29.09
CA PHE D 78 -26.91 30.61 -29.57
C PHE D 78 -28.19 31.37 -29.92
N ILE D 79 -28.83 30.90 -30.98
CA ILE D 79 -30.18 31.35 -31.38
C ILE D 79 -31.07 30.14 -31.56
N THR D 80 -32.01 29.97 -30.64
CA THR D 80 -32.98 28.93 -30.72
C THR D 80 -33.87 29.16 -31.94
N GLU D 81 -34.17 28.06 -32.65
CA GLU D 81 -35.15 28.09 -33.71
C GLU D 81 -36.32 27.17 -33.41
N GLY D 82 -37.42 27.42 -34.08
CA GLY D 82 -38.63 26.59 -33.94
C GLY D 82 -38.63 25.28 -34.70
N PHE D 83 -37.92 24.31 -34.16
CA PHE D 83 -37.94 22.95 -34.74
C PHE D 83 -39.22 22.18 -34.38
N THR D 84 -39.93 21.72 -35.42
CA THR D 84 -41.16 20.97 -35.25
C THR D 84 -40.95 19.45 -35.31
N TRP D 85 -40.79 18.84 -34.12
CA TRP D 85 -40.56 17.42 -34.00
C TRP D 85 -41.88 16.72 -33.78
N THR D 86 -42.55 16.40 -34.88
CA THR D 86 -43.90 15.85 -34.82
C THR D 86 -43.90 14.37 -34.47
N GLY D 87 -44.67 14.03 -33.44
CA GLY D 87 -44.91 12.64 -33.07
C GLY D 87 -43.87 12.00 -32.19
N VAL D 88 -43.02 12.81 -31.57
CA VAL D 88 -41.97 12.28 -30.69
C VAL D 88 -41.91 13.17 -29.44
N THR D 89 -41.71 12.56 -28.27
CA THR D 89 -41.48 13.27 -27.01
C THR D 89 -40.17 14.05 -27.08
N GLN D 90 -40.21 15.32 -26.65
CA GLN D 90 -39.01 16.14 -26.58
C GLN D 90 -38.45 16.27 -25.18
N ASN D 91 -37.32 16.97 -25.07
CA ASN D 91 -36.71 17.38 -23.81
C ASN D 91 -36.44 16.21 -22.84
N GLY D 92 -35.82 15.17 -23.41
CA GLY D 92 -35.33 14.06 -22.61
C GLY D 92 -34.19 14.56 -21.74
N GLY D 93 -34.09 13.97 -20.55
CA GLY D 93 -33.07 14.31 -19.57
C GLY D 93 -32.49 13.08 -18.88
N SER D 94 -31.53 13.31 -18.00
CA SER D 94 -30.82 12.23 -17.33
C SER D 94 -30.36 12.63 -15.94
N ASN D 95 -30.26 11.64 -15.07
CA ASN D 95 -29.63 11.76 -13.75
C ASN D 95 -28.10 11.94 -13.79
N ALA D 96 -27.56 11.60 -14.94
CA ALA D 96 -26.14 11.79 -15.22
C ALA D 96 -25.86 13.24 -15.59
N CYS D 97 -26.93 13.98 -15.88
CA CYS D 97 -26.81 15.38 -16.17
C CYS D 97 -27.80 16.26 -15.43
N LYS D 98 -27.62 16.36 -14.12
CA LYS D 98 -28.51 17.12 -13.24
C LYS D 98 -28.42 18.61 -13.50
N ARG D 99 -29.56 19.29 -13.54
CA ARG D 99 -29.65 20.72 -13.45
C ARG D 99 -30.65 21.09 -12.41
N GLY D 100 -30.16 21.77 -11.38
CA GLY D 100 -30.96 21.99 -10.15
C GLY D 100 -31.16 20.62 -9.53
N PRO D 101 -32.30 20.42 -8.83
CA PRO D 101 -32.54 19.12 -8.17
C PRO D 101 -32.83 18.00 -9.17
N GLY D 102 -33.59 18.30 -10.21
CA GLY D 102 -34.11 17.28 -11.13
C GLY D 102 -33.17 16.86 -12.26
N SER D 103 -33.63 15.89 -13.04
CA SER D 103 -32.86 15.41 -14.20
C SER D 103 -32.83 16.45 -15.29
N GLY D 104 -31.68 16.55 -15.97
CA GLY D 104 -31.52 17.52 -17.03
C GLY D 104 -30.69 17.01 -18.19
N PHE D 105 -30.29 17.91 -19.05
CA PHE D 105 -29.59 17.54 -20.27
C PHE D 105 -28.76 18.73 -20.74
N PHE D 106 -27.95 18.49 -21.76
CA PHE D 106 -27.33 19.57 -22.54
C PHE D 106 -28.36 20.61 -22.95
N SER D 107 -28.09 21.89 -22.63
CA SER D 107 -29.07 22.93 -22.84
C SER D 107 -29.30 23.25 -24.32
N ARG D 108 -28.33 22.91 -25.17
CA ARG D 108 -28.43 23.21 -26.59
C ARG D 108 -28.86 22.00 -27.41
N LEU D 109 -29.22 20.90 -26.75
CA LEU D 109 -29.63 19.71 -27.44
C LEU D 109 -30.97 19.22 -26.97
N ASN D 110 -31.67 18.45 -27.81
CA ASN D 110 -33.06 18.07 -27.56
C ASN D 110 -33.22 16.56 -27.76
N TRP D 111 -33.25 15.79 -26.68
CA TRP D 111 -33.24 14.35 -26.78
C TRP D 111 -34.64 13.82 -27.09
N LEU D 112 -34.81 13.35 -28.34
CA LEU D 112 -36.14 12.95 -28.85
C LEU D 112 -36.35 11.48 -28.68
N THR D 113 -37.40 11.08 -27.93
CA THR D 113 -37.69 9.65 -27.75
C THR D 113 -39.04 9.33 -28.41
N LYS D 114 -39.64 8.17 -28.14
CA LYS D 114 -40.91 7.85 -28.70
C LYS D 114 -42.06 8.58 -28.04
N SER D 115 -43.16 8.69 -28.79
CA SER D 115 -44.41 9.18 -28.25
C SER D 115 -45.47 8.13 -28.34
N GLY D 116 -46.06 7.73 -27.23
CA GLY D 116 -46.96 6.58 -27.22
C GLY D 116 -46.24 5.30 -27.58
N SER D 117 -46.67 4.65 -28.66
CA SER D 117 -46.07 3.39 -29.08
C SER D 117 -45.38 3.49 -30.41
N THR D 118 -45.10 4.70 -30.84
CA THR D 118 -44.59 4.93 -32.22
C THR D 118 -43.54 5.99 -32.28
N TYR D 119 -42.53 5.79 -33.18
CA TYR D 119 -41.52 6.77 -33.48
C TYR D 119 -41.56 6.90 -35.01
N PRO D 120 -42.13 8.02 -35.48
CA PRO D 120 -42.26 8.20 -36.93
C PRO D 120 -40.98 8.67 -37.58
N VAL D 121 -40.90 8.54 -38.90
CA VAL D 121 -39.79 9.08 -39.63
C VAL D 121 -39.89 10.60 -39.62
N LEU D 122 -39.03 11.25 -38.81
CA LEU D 122 -38.92 12.67 -38.74
C LEU D 122 -38.24 13.19 -40.01
N ASN D 123 -38.74 14.34 -40.44
CA ASN D 123 -38.18 15.04 -41.57
C ASN D 123 -38.45 16.52 -41.43
N VAL D 124 -37.48 17.24 -40.84
CA VAL D 124 -37.59 18.70 -40.73
C VAL D 124 -36.54 19.31 -41.67
N THR D 125 -36.79 20.56 -42.01
CA THR D 125 -35.87 21.31 -42.85
C THR D 125 -35.69 22.70 -42.27
N MET D 126 -34.54 23.35 -42.40
CA MET D 126 -34.35 24.65 -41.81
C MET D 126 -33.41 25.46 -42.68
N PRO D 127 -33.97 26.37 -43.51
CA PRO D 127 -33.10 27.12 -44.39
C PRO D 127 -32.33 28.21 -43.67
N ASN D 128 -31.12 28.49 -44.18
CA ASN D 128 -30.35 29.68 -43.80
C ASN D 128 -30.59 30.80 -44.79
N ASN D 129 -31.46 31.74 -44.41
CA ASN D 129 -31.78 32.93 -45.18
C ASN D 129 -31.07 34.17 -44.67
N ASP D 130 -30.14 33.96 -43.73
CA ASP D 130 -29.24 35.00 -43.26
C ASP D 130 -27.96 35.06 -44.09
N ASN D 131 -27.20 36.14 -43.86
CA ASN D 131 -25.99 36.45 -44.57
C ASN D 131 -24.71 35.96 -43.92
N PHE D 132 -24.82 35.32 -42.74
CA PHE D 132 -23.74 34.66 -42.03
C PHE D 132 -23.95 33.12 -41.85
N ASP D 133 -22.83 32.47 -41.57
CA ASP D 133 -22.80 31.01 -41.41
C ASP D 133 -23.39 30.55 -40.10
N LYS D 134 -24.18 29.47 -40.16
CA LYS D 134 -24.80 28.91 -39.00
C LYS D 134 -24.07 27.66 -38.61
N LEU D 135 -23.75 27.50 -37.33
CA LEU D 135 -23.16 26.23 -36.87
C LEU D 135 -24.19 25.41 -36.12
N TYR D 136 -24.65 24.29 -36.62
CA TYR D 136 -25.58 23.42 -35.91
C TYR D 136 -24.83 22.29 -35.19
N ILE D 137 -25.26 22.01 -33.99
CA ILE D 137 -24.65 20.91 -33.20
C ILE D 137 -25.67 19.83 -32.97
N TRP D 138 -25.43 18.59 -33.39
CA TRP D 138 -26.44 17.54 -33.21
C TRP D 138 -25.71 16.24 -32.85
N GLY D 139 -26.47 15.21 -32.52
CA GLY D 139 -25.86 13.96 -32.11
C GLY D 139 -26.70 12.73 -32.35
N VAL D 140 -26.12 11.59 -31.96
CA VAL D 140 -26.77 10.30 -32.10
C VAL D 140 -26.61 9.53 -30.80
N HIS D 141 -27.70 8.98 -30.28
CA HIS D 141 -27.63 8.18 -29.06
C HIS D 141 -27.35 6.74 -29.43
N HIS D 142 -26.36 6.14 -28.77
CA HIS D 142 -26.00 4.73 -28.97
C HIS D 142 -26.39 3.93 -27.72
N PRO D 143 -27.56 3.25 -27.70
CA PRO D 143 -27.94 2.55 -26.50
C PRO D 143 -27.02 1.36 -26.23
N SER D 144 -27.01 0.87 -24.98
CA SER D 144 -26.13 -0.24 -24.66
C SER D 144 -26.79 -1.60 -24.88
N THR D 145 -28.12 -1.66 -24.97
CA THR D 145 -28.82 -2.90 -25.30
C THR D 145 -29.96 -2.68 -26.30
N ASN D 146 -30.45 -3.80 -26.84
CA ASN D 146 -31.67 -3.78 -27.70
C ASN D 146 -32.93 -3.38 -26.95
N GLN D 147 -33.01 -3.75 -25.68
CA GLN D 147 -34.13 -3.38 -24.81
C GLN D 147 -34.25 -1.84 -24.72
N GLU D 148 -33.11 -1.22 -24.53
CA GLU D 148 -33.04 0.22 -24.51
C GLU D 148 -33.45 0.84 -25.82
N GLN D 149 -32.94 0.29 -26.93
CA GLN D 149 -33.33 0.78 -28.26
C GLN D 149 -34.82 0.81 -28.51
N THR D 150 -35.52 -0.29 -28.14
CA THR D 150 -36.92 -0.39 -28.44
C THR D 150 -37.80 0.33 -27.44
N SER D 151 -37.26 0.55 -26.22
CA SER D 151 -37.98 1.32 -25.21
C SER D 151 -37.89 2.80 -25.55
N LEU D 152 -36.76 3.27 -26.03
CA LEU D 152 -36.59 4.66 -26.32
C LEU D 152 -37.16 5.10 -27.66
N TYR D 153 -36.90 4.31 -28.69
CA TYR D 153 -37.20 4.71 -30.07
C TYR D 153 -37.99 3.71 -30.87
N VAL D 154 -38.54 2.66 -30.24
CA VAL D 154 -39.43 1.72 -31.00
C VAL D 154 -38.68 0.79 -31.99
N GLN D 155 -38.16 1.39 -33.07
CA GLN D 155 -37.56 0.65 -34.16
C GLN D 155 -36.31 -0.08 -33.69
N ALA D 156 -36.06 -1.22 -34.33
CA ALA D 156 -34.95 -2.10 -33.98
C ALA D 156 -33.61 -1.50 -34.35
N SER D 157 -33.61 -0.61 -35.35
CA SER D 157 -32.43 0.12 -35.75
C SER D 157 -32.79 1.56 -36.03
N GLY D 158 -32.00 2.48 -35.47
CA GLY D 158 -32.16 3.89 -35.69
C GLY D 158 -31.41 4.37 -36.91
N ARG D 159 -31.50 5.65 -37.17
CA ARG D 159 -30.78 6.25 -38.31
C ARG D 159 -30.89 7.75 -38.23
N VAL D 160 -29.78 8.44 -38.42
CA VAL D 160 -29.80 9.92 -38.43
C VAL D 160 -29.13 10.39 -39.69
N THR D 161 -29.83 11.19 -40.51
CA THR D 161 -29.27 11.70 -41.74
C THR D 161 -29.39 13.20 -41.74
N VAL D 162 -28.25 13.88 -41.60
CA VAL D 162 -28.22 15.35 -41.63
C VAL D 162 -27.48 15.71 -42.92
N SER D 163 -27.99 16.68 -43.64
CA SER D 163 -27.51 16.97 -44.98
C SER D 163 -27.63 18.44 -45.31
N THR D 164 -26.85 18.87 -46.31
CA THR D 164 -26.98 20.13 -46.98
C THR D 164 -26.96 19.83 -48.49
N ARG D 165 -26.97 20.87 -49.32
CA ARG D 165 -26.96 20.70 -50.79
C ARG D 165 -25.71 19.98 -51.28
N ARG D 166 -24.55 20.37 -50.73
CA ARG D 166 -23.27 19.77 -51.12
C ARG D 166 -23.03 18.39 -50.49
N SER D 167 -23.24 18.28 -49.16
CA SER D 167 -22.76 17.15 -48.38
C SER D 167 -23.88 16.48 -47.63
N GLN D 168 -23.60 15.26 -47.18
CA GLN D 168 -24.53 14.47 -46.36
C GLN D 168 -23.77 13.55 -45.41
N GLN D 169 -24.34 13.31 -44.24
CA GLN D 169 -23.83 12.40 -43.22
C GLN D 169 -25.00 11.53 -42.77
N THR D 170 -24.81 10.22 -42.87
CA THR D 170 -25.74 9.26 -42.30
C THR D 170 -24.98 8.48 -41.25
N ILE D 171 -25.58 8.37 -40.08
CA ILE D 171 -25.03 7.65 -38.95
C ILE D 171 -26.02 6.56 -38.54
N ILE D 172 -25.50 5.34 -38.40
CA ILE D 172 -26.28 4.24 -37.87
C ILE D 172 -25.82 4.02 -36.45
N PRO D 173 -26.76 4.06 -35.49
CA PRO D 173 -26.29 3.92 -34.09
C PRO D 173 -25.79 2.53 -33.71
N ASN D 174 -24.63 2.48 -33.02
CA ASN D 174 -24.03 1.20 -32.68
C ASN D 174 -24.55 0.69 -31.35
N ILE D 175 -25.43 -0.32 -31.37
CA ILE D 175 -26.03 -0.79 -30.17
C ILE D 175 -25.04 -1.71 -29.43
N GLY D 176 -24.55 -1.30 -28.27
CA GLY D 176 -23.66 -2.18 -27.53
C GLY D 176 -22.99 -1.45 -26.40
N SER D 177 -22.43 -2.21 -25.47
CA SER D 177 -21.79 -1.59 -24.29
C SER D 177 -20.45 -0.94 -24.60
N ARG D 178 -20.28 0.31 -24.08
CA ARG D 178 -19.02 0.96 -24.01
C ARG D 178 -18.54 0.91 -22.56
N PRO D 179 -17.30 1.37 -22.32
CA PRO D 179 -16.82 1.38 -20.95
C PRO D 179 -17.70 2.22 -20.02
N TRP D 180 -17.94 1.69 -18.83
CA TRP D 180 -18.84 2.34 -17.88
C TRP D 180 -18.31 3.72 -17.50
N VAL D 181 -19.15 4.73 -17.76
CA VAL D 181 -18.86 6.12 -17.41
C VAL D 181 -20.04 6.66 -16.59
N ARG D 182 -19.75 7.04 -15.34
CA ARG D 182 -20.74 7.49 -14.40
C ARG D 182 -22.05 6.70 -14.47
N GLY D 183 -21.90 5.39 -14.39
CA GLY D 183 -23.02 4.46 -14.37
C GLY D 183 -23.77 4.24 -15.68
N LEU D 184 -23.11 4.61 -16.78
CA LEU D 184 -23.78 4.48 -18.09
C LEU D 184 -22.89 3.87 -19.16
N SER D 185 -23.24 2.66 -19.59
CA SER D 185 -22.57 1.98 -20.71
C SER D 185 -22.91 2.61 -22.07
N SER D 186 -24.08 3.24 -22.19
CA SER D 186 -24.48 3.92 -23.43
C SER D 186 -23.68 5.23 -23.66
N ARG D 187 -23.86 5.84 -24.84
CA ARG D 187 -23.10 7.01 -25.28
C ARG D 187 -23.90 7.90 -26.23
N ILE D 188 -23.46 9.15 -26.33
CA ILE D 188 -23.91 10.05 -27.39
C ILE D 188 -22.70 10.44 -28.20
N SER D 189 -22.80 10.37 -29.53
CA SER D 189 -21.74 10.88 -30.42
C SER D 189 -22.16 12.22 -31.03
N ILE D 190 -21.25 13.17 -31.03
CA ILE D 190 -21.56 14.53 -31.50
C ILE D 190 -20.98 14.75 -32.89
N TYR D 191 -21.81 15.32 -33.76
CA TYR D 191 -21.44 15.74 -35.09
C TYR D 191 -21.93 17.19 -35.22
N TRP D 192 -21.34 17.89 -36.19
CA TRP D 192 -21.76 19.24 -36.51
C TRP D 192 -21.90 19.45 -38.01
N THR D 193 -22.70 20.46 -38.35
CA THR D 193 -22.93 20.84 -39.74
C THR D 193 -22.96 22.33 -39.83
N ILE D 194 -22.19 22.87 -40.79
CA ILE D 194 -22.22 24.29 -41.11
C ILE D 194 -23.12 24.53 -42.31
N VAL D 195 -23.96 25.56 -42.22
CA VAL D 195 -24.91 25.83 -43.28
C VAL D 195 -24.68 27.23 -43.74
N LYS D 196 -24.25 27.43 -45.00
CA LYS D 196 -23.87 28.72 -45.51
C LYS D 196 -25.12 29.49 -45.89
N PRO D 197 -24.98 30.80 -46.17
CA PRO D 197 -26.08 31.58 -46.73
C PRO D 197 -26.69 31.00 -47.99
N GLY D 198 -28.03 30.86 -48.00
CA GLY D 198 -28.72 30.24 -49.09
C GLY D 198 -28.81 28.73 -49.06
N ASP D 199 -28.07 28.11 -48.15
CA ASP D 199 -28.16 26.65 -48.00
C ASP D 199 -29.18 26.24 -46.95
N VAL D 200 -29.55 24.95 -47.04
CA VAL D 200 -30.63 24.36 -46.27
C VAL D 200 -30.26 23.06 -45.50
N LEU D 201 -30.33 23.14 -44.17
CA LEU D 201 -30.16 21.98 -43.32
C LEU D 201 -31.35 21.06 -43.43
N VAL D 202 -31.12 19.79 -43.64
CA VAL D 202 -32.20 18.83 -43.60
C VAL D 202 -31.89 17.68 -42.68
N ILE D 203 -32.72 17.45 -41.65
CA ILE D 203 -32.53 16.37 -40.73
C ILE D 203 -33.70 15.38 -40.96
N ASN D 204 -33.32 14.12 -41.01
CA ASN D 204 -34.28 13.05 -41.22
C ASN D 204 -33.87 11.89 -40.32
N SER D 205 -34.80 11.30 -39.63
CA SER D 205 -34.44 10.22 -38.70
C SER D 205 -35.63 9.36 -38.29
N ASN D 206 -35.38 8.06 -38.15
CA ASN D 206 -36.37 7.14 -37.59
C ASN D 206 -35.89 6.57 -36.23
N GLY D 207 -35.04 7.29 -35.54
CA GLY D 207 -34.55 6.81 -34.24
C GLY D 207 -33.22 7.40 -33.84
N ASN D 208 -33.00 7.46 -32.53
CA ASN D 208 -31.69 7.74 -31.90
C ASN D 208 -31.16 9.16 -32.14
N LEU D 209 -32.03 10.05 -32.60
CA LEU D 209 -31.66 11.41 -32.88
C LEU D 209 -31.48 12.23 -31.59
N ILE D 210 -30.31 12.87 -31.44
CA ILE D 210 -30.20 13.92 -30.42
C ILE D 210 -30.30 15.24 -31.15
N ALA D 211 -31.43 15.91 -31.18
CA ALA D 211 -31.68 16.98 -32.11
C ALA D 211 -31.06 18.31 -31.65
N PRO D 212 -30.71 19.20 -32.60
CA PRO D 212 -30.33 20.56 -32.25
C PRO D 212 -31.51 21.44 -31.89
N ARG D 213 -31.23 22.46 -31.08
CA ARG D 213 -32.28 23.41 -30.68
C ARG D 213 -32.27 24.70 -31.51
N GLY D 214 -31.24 24.89 -32.30
CA GLY D 214 -31.02 26.11 -33.02
C GLY D 214 -29.61 26.11 -33.59
N TYR D 215 -28.99 27.30 -33.69
CA TYR D 215 -27.64 27.38 -34.24
C TYR D 215 -26.75 28.30 -33.47
N PHE D 216 -25.47 28.33 -33.83
CA PHE D 216 -24.53 29.30 -33.23
C PHE D 216 -24.06 30.23 -34.31
N LYS D 217 -24.01 31.50 -34.00
CA LYS D 217 -23.58 32.54 -34.92
C LYS D 217 -22.08 32.44 -35.06
N MET D 218 -21.61 32.31 -36.30
CA MET D 218 -20.19 32.20 -36.62
C MET D 218 -19.61 33.57 -36.98
N ARG D 219 -18.36 33.79 -36.58
CA ARG D 219 -17.63 34.99 -36.89
C ARG D 219 -16.20 34.64 -37.30
N THR D 220 -15.51 35.65 -37.81
CA THR D 220 -14.07 35.55 -38.11
C THR D 220 -13.37 36.76 -37.55
N GLY D 221 -12.67 36.57 -36.43
CA GLY D 221 -11.88 37.63 -35.80
C GLY D 221 -10.47 37.20 -35.42
N LYS D 222 -9.99 37.69 -34.27
CA LYS D 222 -8.69 37.31 -33.73
C LYS D 222 -8.80 36.27 -32.61
N SER D 223 -9.95 35.57 -32.52
CA SER D 223 -10.23 34.76 -31.34
C SER D 223 -9.45 33.44 -31.39
N SER D 224 -9.17 32.89 -30.21
CA SER D 224 -8.38 31.66 -30.13
C SER D 224 -8.57 30.96 -28.79
N ILE D 225 -7.85 29.88 -28.56
CA ILE D 225 -7.97 29.10 -27.31
C ILE D 225 -6.58 28.67 -26.86
N MET D 226 -6.43 28.51 -25.57
CA MET D 226 -5.11 28.18 -24.99
C MET D 226 -5.24 27.33 -23.72
N ARG D 227 -4.41 26.30 -23.58
CA ARG D 227 -4.39 25.47 -22.39
C ARG D 227 -3.36 26.03 -21.43
N SER D 228 -3.78 26.33 -20.20
CA SER D 228 -2.94 26.99 -19.21
C SER D 228 -3.49 26.79 -17.82
N ASP D 229 -2.61 26.73 -16.83
CA ASP D 229 -3.04 26.71 -15.44
C ASP D 229 -2.69 28.01 -14.69
N ALA D 230 -2.11 28.95 -15.42
CA ALA D 230 -1.68 30.23 -14.81
C ALA D 230 -2.87 31.14 -14.50
N PRO D 231 -2.94 31.71 -13.28
CA PRO D 231 -4.12 32.48 -12.91
C PRO D 231 -4.23 33.85 -13.61
N ILE D 232 -5.41 34.47 -13.54
CA ILE D 232 -5.68 35.77 -14.17
C ILE D 232 -5.34 36.91 -13.19
N ASP D 233 -4.93 38.06 -13.74
CA ASP D 233 -4.52 39.23 -12.94
C ASP D 233 -4.94 40.54 -13.62
N THR D 234 -5.12 41.59 -12.81
CA THR D 234 -5.53 42.91 -13.29
C THR D 234 -4.33 43.78 -13.74
N CYS D 235 -3.75 43.42 -14.88
CA CYS D 235 -2.60 44.14 -15.49
C CYS D 235 -2.81 44.35 -16.99
N ILE D 236 -1.81 44.92 -17.67
CA ILE D 236 -1.80 45.07 -19.12
C ILE D 236 -0.56 44.37 -19.71
N SER D 237 -0.81 43.54 -20.72
CA SER D 237 0.25 42.87 -21.47
C SER D 237 -0.30 42.32 -22.79
N GLU D 238 0.26 42.78 -23.92
CA GLU D 238 -0.20 42.36 -25.25
C GLU D 238 0.06 40.87 -25.50
N CYS D 239 1.24 40.42 -25.09
CA CYS D 239 1.66 39.04 -25.27
C CYS D 239 1.24 38.13 -24.10
N ILE D 240 0.63 37.03 -24.46
CA ILE D 240 0.20 36.01 -23.51
C ILE D 240 0.78 34.66 -23.88
N THR D 241 1.31 33.93 -22.90
CA THR D 241 1.71 32.54 -23.15
C THR D 241 1.04 31.69 -22.09
N PRO D 242 1.14 30.38 -22.22
CA PRO D 242 0.65 29.48 -21.16
C PRO D 242 1.34 29.62 -19.81
N ASN D 243 2.64 29.89 -19.84
CA ASN D 243 3.43 30.16 -18.65
C ASN D 243 3.16 31.53 -18.01
N GLY D 244 2.49 32.40 -18.75
CA GLY D 244 2.08 33.68 -18.16
C GLY D 244 2.24 34.77 -19.18
N SER D 245 1.81 35.98 -18.90
CA SER D 245 2.07 37.10 -19.78
C SER D 245 3.52 37.54 -19.74
N ILE D 246 4.01 37.94 -20.93
CA ILE D 246 5.36 38.42 -21.09
C ILE D 246 5.38 39.82 -21.76
N PRO D 247 6.32 40.69 -21.35
CA PRO D 247 6.65 41.87 -22.14
C PRO D 247 7.19 41.46 -23.52
N ASN D 248 6.75 42.18 -24.56
CA ASN D 248 7.10 41.87 -25.95
C ASN D 248 8.18 42.80 -26.54
N ASP D 249 8.79 43.64 -25.69
CA ASP D 249 9.81 44.60 -26.12
C ASP D 249 11.02 43.95 -26.79
N LYS D 250 11.44 42.79 -26.30
CA LYS D 250 12.57 42.05 -26.86
C LYS D 250 12.11 41.36 -28.16
N PRO D 251 13.01 41.27 -29.16
CA PRO D 251 12.60 40.78 -30.49
C PRO D 251 12.26 39.28 -30.56
N PHE D 252 12.85 38.47 -29.68
CA PHE D 252 12.60 37.03 -29.61
C PHE D 252 12.28 36.58 -28.18
N GLN D 253 11.89 35.33 -28.03
CA GLN D 253 11.57 34.72 -26.73
C GLN D 253 11.63 33.17 -26.73
N ASN D 254 11.80 32.57 -25.57
CA ASN D 254 11.79 31.10 -25.46
C ASN D 254 11.06 30.65 -24.19
N VAL D 255 10.00 31.38 -23.85
CA VAL D 255 9.16 31.03 -22.69
C VAL D 255 8.23 29.88 -23.06
N ASN D 256 7.59 29.98 -24.23
CA ASN D 256 6.74 28.91 -24.76
C ASN D 256 6.53 29.05 -26.27
N LYS D 257 6.46 27.91 -26.96
CA LYS D 257 6.14 27.89 -28.40
C LYS D 257 4.72 28.40 -28.74
N ILE D 258 3.78 28.23 -27.80
CA ILE D 258 2.40 28.68 -27.94
C ILE D 258 2.30 30.10 -27.38
N THR D 259 1.77 30.99 -28.21
CA THR D 259 1.54 32.39 -27.82
C THR D 259 0.22 32.95 -28.37
N TYR D 260 -0.19 34.08 -27.81
CA TYR D 260 -1.35 34.81 -28.29
C TYR D 260 -1.13 36.31 -28.18
N GLY D 261 -1.48 37.00 -29.25
CA GLY D 261 -1.38 38.47 -29.31
C GLY D 261 -0.22 38.89 -30.18
N ALA D 262 0.22 40.12 -29.99
CA ALA D 262 1.45 40.63 -30.62
C ALA D 262 2.71 40.27 -29.79
N CYS D 263 3.42 39.23 -30.24
CA CYS D 263 4.48 38.58 -29.45
C CYS D 263 5.83 38.53 -30.18
N PRO D 264 6.93 38.27 -29.43
CA PRO D 264 8.21 37.91 -30.05
C PRO D 264 8.18 36.48 -30.61
N LYS D 265 9.12 36.18 -31.51
CA LYS D 265 9.17 34.86 -32.16
C LYS D 265 9.90 33.83 -31.27
N TYR D 266 9.46 32.58 -31.35
CA TYR D 266 9.97 31.51 -30.49
C TYR D 266 11.34 30.99 -30.95
N VAL D 267 12.23 30.79 -29.98
CA VAL D 267 13.59 30.23 -30.23
C VAL D 267 13.83 29.27 -29.08
N VAL E 2 -47.06 -6.15 -17.68
CA VAL E 2 -47.13 -5.78 -16.27
C VAL E 2 -48.47 -6.21 -15.69
N GLN E 3 -48.40 -6.72 -14.46
CA GLN E 3 -49.59 -6.95 -13.63
C GLN E 3 -49.27 -6.29 -12.28
N LEU E 4 -50.33 -6.02 -11.55
CA LEU E 4 -50.27 -5.37 -10.24
C LEU E 4 -51.07 -6.15 -9.22
N GLN E 5 -50.68 -5.93 -7.98
CA GLN E 5 -51.46 -6.51 -6.87
C GLN E 5 -51.32 -5.68 -5.64
N GLU E 6 -52.39 -5.49 -4.86
CA GLU E 6 -52.35 -4.67 -3.68
C GLU E 6 -52.41 -5.55 -2.43
N SER E 7 -52.09 -4.96 -1.32
CA SER E 7 -52.15 -5.62 -0.01
C SER E 7 -52.22 -4.55 1.06
N GLY E 8 -52.52 -4.97 2.28
CA GLY E 8 -52.37 -4.15 3.47
C GLY E 8 -53.71 -3.66 3.98
N GLY E 9 -54.78 -3.93 3.25
CA GLY E 9 -56.09 -3.46 3.61
C GLY E 9 -56.76 -4.27 4.70
N GLY E 10 -57.62 -3.63 5.45
CA GLY E 10 -58.20 -4.26 6.65
C GLY E 10 -59.24 -3.37 7.29
N LEU E 11 -59.57 -3.72 8.53
CA LEU E 11 -60.40 -2.87 9.39
C LEU E 11 -59.52 -1.95 10.20
N VAL E 12 -59.90 -0.66 10.23
CA VAL E 12 -59.22 0.32 11.09
C VAL E 12 -60.24 1.23 11.80
N GLN E 13 -59.87 1.72 12.95
CA GLN E 13 -60.63 2.74 13.67
C GLN E 13 -60.41 4.14 13.09
N PRO E 14 -61.43 4.98 13.23
CA PRO E 14 -61.21 6.43 12.94
C PRO E 14 -60.08 7.08 13.77
N GLY E 15 -59.06 7.51 13.01
CA GLY E 15 -57.87 8.15 13.49
C GLY E 15 -56.60 7.36 13.26
N GLU E 16 -56.74 6.05 13.06
CA GLU E 16 -55.66 5.13 12.80
C GLU E 16 -54.81 5.46 11.58
N SER E 17 -53.58 4.93 11.58
CA SER E 17 -52.75 4.84 10.37
C SER E 17 -52.91 3.49 9.68
N LEU E 18 -52.70 3.46 8.36
CA LEU E 18 -52.63 2.22 7.61
C LEU E 18 -51.79 2.40 6.37
N ARG E 19 -50.84 1.51 6.16
CA ARG E 19 -50.01 1.51 4.97
C ARG E 19 -50.60 0.51 3.99
N LEU E 20 -50.68 0.91 2.74
CA LEU E 20 -51.05 -0.01 1.64
C LEU E 20 -49.87 -0.20 0.71
N SER E 21 -49.60 -1.44 0.29
CA SER E 21 -48.52 -1.71 -0.67
C SER E 21 -49.09 -2.08 -2.03
N CYS E 22 -48.24 -2.05 -3.06
CA CYS E 22 -48.64 -2.56 -4.39
C CYS E 22 -47.43 -3.04 -5.12
N VAL E 23 -47.38 -4.35 -5.42
CA VAL E 23 -46.25 -4.96 -6.09
C VAL E 23 -46.60 -5.21 -7.55
N GLY E 24 -45.69 -4.75 -8.42
CA GLY E 24 -45.75 -5.01 -9.83
C GLY E 24 -44.94 -6.24 -10.20
N SER E 25 -45.38 -6.96 -11.20
CA SER E 25 -44.55 -8.06 -11.74
C SER E 25 -44.81 -8.35 -13.19
N GLY E 26 -43.74 -8.43 -14.03
CA GLY E 26 -43.90 -8.70 -15.44
C GLY E 26 -43.28 -7.65 -16.31
N SER E 27 -43.54 -7.75 -17.62
CA SER E 27 -42.91 -6.85 -18.62
C SER E 27 -43.88 -6.44 -19.75
N SER E 28 -43.86 -5.15 -20.09
CA SER E 28 -44.65 -4.57 -21.17
C SER E 28 -43.76 -4.45 -22.41
N PHE E 29 -44.07 -3.50 -23.30
CA PHE E 29 -43.23 -3.22 -24.49
C PHE E 29 -41.74 -3.07 -24.16
N GLY E 30 -40.90 -3.70 -24.99
CA GLY E 30 -39.49 -3.93 -24.65
C GLY E 30 -39.42 -5.02 -23.60
N GLU E 31 -38.89 -4.67 -22.43
CA GLU E 31 -38.98 -5.52 -21.23
C GLU E 31 -39.24 -4.63 -20.01
N SER E 32 -40.07 -3.61 -20.19
CA SER E 32 -40.22 -2.54 -19.17
C SER E 32 -41.10 -2.91 -17.99
N THR E 33 -40.55 -2.78 -16.77
CA THR E 33 -41.25 -3.06 -15.56
C THR E 33 -41.97 -1.82 -15.07
N LEU E 34 -42.72 -2.00 -13.99
CA LEU E 34 -43.43 -0.90 -13.33
C LEU E 34 -42.60 0.35 -13.03
N SER E 35 -41.30 0.16 -12.79
CA SER E 35 -40.38 1.25 -12.46
C SER E 35 -40.10 2.19 -13.60
N TYR E 36 -40.63 1.87 -14.80
CA TYR E 36 -40.51 2.72 -15.96
C TYR E 36 -41.62 3.73 -16.01
N TYR E 37 -42.65 3.50 -15.16
CA TYR E 37 -43.94 4.21 -15.28
C TYR E 37 -44.34 5.01 -14.06
N ALA E 38 -45.17 6.00 -14.30
CA ALA E 38 -45.92 6.69 -13.20
C ALA E 38 -47.18 5.91 -12.87
N VAL E 39 -47.51 5.91 -11.56
CA VAL E 39 -48.59 5.19 -10.98
C VAL E 39 -49.36 6.12 -10.05
N SER E 40 -50.63 5.81 -9.88
CA SER E 40 -51.53 6.56 -9.00
C SER E 40 -52.45 5.63 -8.23
N TRP E 41 -52.90 6.16 -7.10
CA TRP E 41 -53.86 5.48 -6.24
C TRP E 41 -55.26 6.07 -6.40
N VAL E 42 -56.23 5.18 -6.48
CA VAL E 42 -57.61 5.52 -6.84
C VAL E 42 -58.49 4.72 -5.95
N ARG E 43 -59.54 5.33 -5.34
CA ARG E 43 -60.45 4.56 -4.50
C ARG E 43 -61.89 4.60 -4.98
N GLN E 44 -62.69 3.73 -4.43
CA GLN E 44 -64.10 3.59 -4.80
C GLN E 44 -64.87 3.21 -3.55
N ALA E 45 -65.69 4.14 -3.04
CA ALA E 45 -66.53 3.89 -1.90
C ALA E 45 -67.62 2.90 -2.31
N PRO E 46 -68.19 2.16 -1.35
CA PRO E 46 -69.12 1.09 -1.73
C PRO E 46 -70.34 1.61 -2.47
N GLY E 47 -70.59 1.07 -3.66
CA GLY E 47 -71.68 1.52 -4.52
C GLY E 47 -71.49 2.87 -5.18
N LYS E 48 -70.26 3.40 -5.16
CA LYS E 48 -70.01 4.75 -5.67
C LYS E 48 -68.99 4.75 -6.81
N GLY E 49 -68.67 5.95 -7.30
CA GLY E 49 -67.73 6.12 -8.39
C GLY E 49 -66.27 6.13 -7.97
N LEU E 50 -65.42 6.42 -8.95
CA LEU E 50 -63.96 6.35 -8.76
C LEU E 50 -63.40 7.70 -8.40
N GLU E 51 -62.54 7.75 -7.36
CA GLU E 51 -61.93 8.98 -6.93
C GLU E 51 -60.41 8.83 -6.93
N TRP E 52 -59.78 9.68 -7.72
CA TRP E 52 -58.33 9.76 -7.79
C TRP E 52 -57.77 10.37 -6.52
N LEU E 53 -56.70 9.81 -6.03
CA LEU E 53 -56.08 10.28 -4.75
C LEU E 53 -54.71 10.91 -4.93
N SER E 54 -53.79 10.16 -5.56
CA SER E 54 -52.39 10.58 -5.59
C SER E 54 -51.62 10.01 -6.75
N ILE E 55 -50.63 10.75 -7.23
CA ILE E 55 -49.80 10.33 -8.36
C ILE E 55 -48.32 10.43 -8.00
N ILE E 56 -47.53 9.51 -8.53
CA ILE E 56 -46.06 9.62 -8.37
C ILE E 56 -45.36 9.25 -9.66
N ASN E 57 -44.45 10.11 -10.10
CA ASN E 57 -43.72 9.85 -11.34
C ASN E 57 -42.68 8.76 -11.15
N ALA E 58 -42.32 8.09 -12.24
CA ALA E 58 -41.46 6.93 -12.22
C ALA E 58 -40.32 7.00 -11.21
N GLY E 59 -39.60 8.11 -11.21
CA GLY E 59 -38.46 8.31 -10.33
C GLY E 59 -38.74 8.77 -8.92
N GLY E 60 -40.01 8.93 -8.55
CA GLY E 60 -40.39 9.32 -7.21
C GLY E 60 -40.72 10.77 -7.01
N GLY E 61 -40.62 11.55 -8.09
CA GLY E 61 -40.90 12.99 -8.04
C GLY E 61 -42.26 13.33 -8.59
N ASP E 62 -42.49 14.63 -8.80
CA ASP E 62 -43.72 15.18 -9.38
C ASP E 62 -44.97 14.65 -8.70
N ILE E 63 -44.92 14.57 -7.37
CA ILE E 63 -46.06 14.06 -6.57
C ILE E 63 -47.07 15.16 -6.34
N ASP E 64 -48.38 14.80 -6.50
CA ASP E 64 -49.51 15.64 -6.23
C ASP E 64 -50.63 14.79 -5.59
N TYR E 65 -51.59 15.51 -4.96
CA TYR E 65 -52.64 14.88 -4.21
C TYR E 65 -53.96 15.54 -4.57
N ALA E 66 -55.03 14.84 -4.13
CA ALA E 66 -56.39 15.42 -4.13
C ALA E 66 -56.62 16.17 -2.82
N ASP E 67 -57.47 17.17 -2.90
CA ASP E 67 -57.81 18.00 -1.72
C ASP E 67 -58.44 17.20 -0.56
N SER E 68 -59.10 16.09 -0.90
CA SER E 68 -59.74 15.24 0.10
C SER E 68 -58.79 14.49 1.03
N VAL E 69 -57.57 14.24 0.56
CA VAL E 69 -56.59 13.41 1.29
C VAL E 69 -55.25 14.10 1.49
N GLU E 70 -55.10 15.35 0.99
CA GLU E 70 -53.88 16.08 1.15
C GLU E 70 -53.64 16.40 2.63
N GLY E 71 -52.40 16.25 3.04
CA GLY E 71 -51.99 16.56 4.41
C GLY E 71 -51.98 15.36 5.32
N ARG E 72 -52.63 14.25 4.92
CA ARG E 72 -52.71 13.02 5.62
C ARG E 72 -52.02 11.86 4.94
N PHE E 73 -52.12 11.82 3.61
CA PHE E 73 -51.63 10.70 2.80
C PHE E 73 -50.27 11.02 2.22
N THR E 74 -49.40 10.03 2.13
CA THR E 74 -48.07 10.18 1.56
C THR E 74 -47.84 9.05 0.60
N ILE E 75 -47.58 9.39 -0.67
CA ILE E 75 -47.28 8.39 -1.68
C ILE E 75 -45.78 8.21 -1.82
N SER E 76 -45.34 6.97 -2.02
CA SER E 76 -43.91 6.69 -2.10
C SER E 76 -43.66 5.39 -2.82
N ARG E 77 -42.43 5.17 -3.31
CA ARG E 77 -42.12 3.96 -4.04
C ARG E 77 -40.67 3.49 -3.84
N ASP E 78 -40.49 2.17 -3.92
CA ASP E 78 -39.18 1.53 -3.89
C ASP E 78 -39.00 0.76 -5.19
N ASN E 79 -38.33 1.37 -6.18
CA ASN E 79 -38.28 0.76 -7.51
C ASN E 79 -37.31 -0.36 -7.66
N SER E 80 -36.48 -0.59 -6.65
CA SER E 80 -35.62 -1.80 -6.59
C SER E 80 -36.49 -3.02 -6.31
N LYS E 81 -37.59 -2.79 -5.58
CA LYS E 81 -38.55 -3.86 -5.25
C LYS E 81 -39.82 -3.83 -6.10
N GLU E 82 -39.90 -2.89 -7.04
CA GLU E 82 -41.01 -2.67 -7.90
C GLU E 82 -42.31 -2.43 -7.14
N THR E 83 -42.24 -1.68 -6.05
CA THR E 83 -43.37 -1.54 -5.12
C THR E 83 -43.76 -0.09 -4.93
N LEU E 84 -45.06 0.17 -4.84
CA LEU E 84 -45.59 1.48 -4.48
C LEU E 84 -46.28 1.37 -3.12
N TYR E 85 -46.38 2.48 -2.44
CA TYR E 85 -46.94 2.56 -1.08
C TYR E 85 -47.83 3.77 -1.01
N LEU E 86 -48.91 3.63 -0.22
CA LEU E 86 -49.71 4.79 0.16
C LEU E 86 -49.87 4.75 1.68
N GLN E 87 -49.16 5.63 2.40
CA GLN E 87 -49.30 5.74 3.83
C GLN E 87 -50.50 6.65 4.02
N MET E 88 -51.42 6.20 4.83
CA MET E 88 -52.58 7.02 5.23
C MET E 88 -52.52 7.24 6.72
N THR E 89 -52.75 8.47 7.15
CA THR E 89 -52.85 8.79 8.59
C THR E 89 -54.17 9.49 8.88
N ASN E 90 -54.52 9.58 10.16
CA ASN E 90 -55.73 10.29 10.61
C ASN E 90 -56.98 9.89 9.80
N LEU E 91 -57.20 8.58 9.64
CA LEU E 91 -58.25 8.12 8.72
C LEU E 91 -59.65 8.40 9.26
N ARG E 92 -60.59 8.54 8.35
CA ARG E 92 -61.98 8.87 8.71
C ARG E 92 -62.94 7.87 8.13
N VAL E 93 -64.18 7.93 8.61
CA VAL E 93 -65.21 6.97 8.16
C VAL E 93 -65.43 7.00 6.63
N GLU E 94 -65.33 8.18 6.05
CA GLU E 94 -65.58 8.36 4.63
C GLU E 94 -64.43 7.95 3.73
N ASP E 95 -63.31 7.52 4.32
CA ASP E 95 -62.21 6.95 3.53
C ASP E 95 -62.47 5.49 3.23
N THR E 96 -63.56 4.94 3.77
CA THR E 96 -63.93 3.54 3.53
C THR E 96 -64.15 3.28 2.06
N GLY E 97 -63.59 2.20 1.57
CA GLY E 97 -63.83 1.76 0.18
C GLY E 97 -62.76 0.80 -0.29
N VAL E 98 -62.85 0.43 -1.57
CA VAL E 98 -61.80 -0.36 -2.24
C VAL E 98 -60.77 0.59 -2.86
N TYR E 99 -59.51 0.30 -2.58
CA TYR E 99 -58.36 1.07 -3.05
C TYR E 99 -57.62 0.29 -4.15
N TYR E 100 -57.46 1.01 -5.28
CA TYR E 100 -56.82 0.46 -6.47
C TYR E 100 -55.46 1.08 -6.72
N CYS E 101 -54.55 0.24 -7.12
CA CYS E 101 -53.30 0.71 -7.74
C CYS E 101 -53.47 0.76 -9.25
N ALA E 102 -53.05 1.86 -9.92
CA ALA E 102 -53.33 2.01 -11.36
C ALA E 102 -52.16 2.68 -12.12
N LYS E 103 -51.55 1.95 -13.05
CA LYS E 103 -50.40 2.46 -13.81
C LYS E 103 -50.77 3.33 -14.99
N HIS E 104 -50.12 4.50 -15.16
CA HIS E 104 -50.30 5.36 -16.33
C HIS E 104 -49.49 4.82 -17.49
N MET E 105 -50.01 4.85 -18.71
CA MET E 105 -49.37 4.05 -19.77
C MET E 105 -48.06 4.68 -20.27
N SER E 106 -48.07 5.99 -20.47
CA SER E 106 -46.87 6.65 -21.10
C SER E 106 -45.60 6.35 -20.32
N MET E 107 -44.56 5.88 -21.01
CA MET E 107 -43.28 5.60 -20.35
C MET E 107 -42.64 6.89 -19.84
N GLN E 108 -42.23 6.91 -18.59
CA GLN E 108 -41.67 8.07 -17.93
C GLN E 108 -40.15 7.99 -17.73
N GLN E 109 -39.62 6.76 -17.54
CA GLN E 109 -38.19 6.57 -17.51
C GLN E 109 -37.76 5.19 -18.03
N VAL E 110 -36.49 5.12 -18.42
CA VAL E 110 -35.80 3.89 -18.79
C VAL E 110 -34.52 3.87 -17.98
N PRO E 111 -34.53 3.19 -16.83
CA PRO E 111 -33.40 3.25 -15.90
C PRO E 111 -32.06 2.83 -16.47
N SER E 112 -32.07 1.74 -17.24
CA SER E 112 -30.84 1.15 -17.79
C SER E 112 -30.18 2.11 -18.78
N ALA E 113 -30.95 3.06 -19.29
CA ALA E 113 -30.44 4.01 -20.29
C ALA E 113 -29.96 5.31 -19.68
N GLY E 114 -30.55 5.63 -18.51
CA GLY E 114 -30.35 6.92 -17.86
C GLY E 114 -31.32 7.96 -18.39
N TRP E 115 -32.52 7.55 -18.80
CA TRP E 115 -33.49 8.50 -19.37
C TRP E 115 -34.60 8.90 -18.40
N GLU E 116 -34.95 10.18 -18.43
CA GLU E 116 -36.16 10.69 -17.75
C GLU E 116 -36.96 11.73 -18.57
N ARG E 117 -38.26 11.48 -18.70
CA ARG E 117 -39.10 12.50 -19.37
C ARG E 117 -39.33 13.67 -18.45
N GLU E 118 -39.13 14.88 -18.98
CA GLU E 118 -39.26 16.10 -18.20
C GLU E 118 -40.71 16.33 -17.77
N ASP E 119 -41.64 16.05 -18.71
CA ASP E 119 -43.05 16.23 -18.38
C ASP E 119 -43.70 15.00 -17.79
N LEU E 120 -44.49 15.17 -16.70
CA LEU E 120 -45.31 14.10 -16.18
C LEU E 120 -46.61 14.04 -16.97
N VAL E 121 -46.77 12.98 -17.75
CA VAL E 121 -47.97 12.86 -18.62
C VAL E 121 -49.22 12.52 -17.82
N GLY E 122 -49.09 11.46 -17.01
CA GLY E 122 -50.15 10.95 -16.15
C GLY E 122 -51.44 10.62 -16.85
N ASP E 123 -51.29 9.97 -18.00
CA ASP E 123 -52.45 9.64 -18.91
C ASP E 123 -53.28 8.40 -18.55
N ALA E 124 -53.53 7.47 -19.50
CA ALA E 124 -54.54 6.44 -19.27
C ALA E 124 -54.10 5.27 -18.36
N PHE E 125 -55.01 4.83 -17.46
CA PHE E 125 -54.69 3.78 -16.52
C PHE E 125 -54.80 2.41 -17.19
N ASP E 126 -53.73 2.02 -17.89
CA ASP E 126 -53.77 0.83 -18.76
C ASP E 126 -53.64 -0.49 -18.02
N VAL E 127 -53.13 -0.45 -16.77
CA VAL E 127 -53.15 -1.60 -15.88
C VAL E 127 -53.71 -1.23 -14.48
N TRP E 128 -54.67 -2.03 -14.03
CA TRP E 128 -55.21 -1.90 -12.68
C TRP E 128 -55.00 -3.18 -11.88
N GLY E 129 -54.78 -3.03 -10.56
CA GLY E 129 -54.77 -4.14 -9.63
C GLY E 129 -56.18 -4.64 -9.34
N GLN E 130 -56.28 -5.69 -8.52
CA GLN E 130 -57.58 -6.25 -8.16
C GLN E 130 -58.29 -5.40 -7.11
N GLY E 131 -57.48 -4.68 -6.34
CA GLY E 131 -57.92 -3.73 -5.36
C GLY E 131 -57.80 -4.31 -3.96
N THR E 132 -57.91 -3.46 -2.98
CA THR E 132 -57.77 -3.93 -1.58
C THR E 132 -58.74 -3.17 -0.71
N MET E 133 -59.45 -3.87 0.18
CA MET E 133 -60.61 -3.24 0.88
C MET E 133 -60.19 -2.60 2.19
N VAL E 134 -60.40 -1.27 2.32
CA VAL E 134 -60.12 -0.55 3.57
C VAL E 134 -61.43 -0.09 4.23
N THR E 135 -61.61 -0.47 5.46
CA THR E 135 -62.86 -0.14 6.17
C THR E 135 -62.56 0.60 7.45
N VAL E 136 -63.16 1.78 7.64
CA VAL E 136 -62.90 2.62 8.79
C VAL E 136 -64.16 2.65 9.64
N SER E 137 -64.14 1.99 10.79
CA SER E 137 -65.31 2.00 11.66
C SER E 137 -64.92 1.80 13.13
N SER E 138 -65.96 1.74 13.91
CA SER E 138 -65.89 1.39 15.35
C SER E 138 -66.77 0.17 15.54
N ALA E 139 -66.14 -1.00 15.59
CA ALA E 139 -66.79 -2.29 15.65
C ALA E 139 -65.72 -3.36 15.91
N SER E 140 -66.19 -4.58 16.13
CA SER E 140 -65.33 -5.75 16.35
C SER E 140 -65.26 -6.66 15.11
N THR E 141 -64.03 -6.88 14.60
CA THR E 141 -63.85 -7.87 13.54
C THR E 141 -64.49 -9.12 14.13
N LYS E 142 -65.60 -9.53 13.50
CA LYS E 142 -66.30 -10.76 13.91
C LYS E 142 -66.29 -11.77 12.75
N GLY E 143 -65.68 -12.93 12.95
CA GLY E 143 -65.62 -13.94 11.91
C GLY E 143 -66.99 -14.53 11.58
N PRO E 144 -67.16 -15.05 10.34
CA PRO E 144 -68.44 -15.71 9.98
C PRO E 144 -68.58 -17.15 10.48
N SER E 145 -69.82 -17.54 10.78
CA SER E 145 -70.18 -18.95 10.91
C SER E 145 -70.56 -19.46 9.52
N VAL E 146 -70.16 -20.68 9.19
CA VAL E 146 -70.48 -21.26 7.88
C VAL E 146 -71.39 -22.48 8.04
N PHE E 147 -72.58 -22.41 7.43
CA PHE E 147 -73.56 -23.51 7.50
C PHE E 147 -73.86 -24.10 6.13
N PRO E 148 -74.15 -25.40 6.09
CA PRO E 148 -74.49 -26.00 4.80
C PRO E 148 -75.94 -25.71 4.36
N LEU E 149 -76.14 -25.46 3.07
CA LEU E 149 -77.47 -25.41 2.48
C LEU E 149 -77.60 -26.71 1.72
N ALA E 150 -78.18 -27.74 2.34
CA ALA E 150 -78.23 -29.07 1.83
C ALA E 150 -79.33 -29.24 0.79
N PRO E 151 -79.03 -30.02 -0.25
CA PRO E 151 -80.08 -30.34 -1.25
C PRO E 151 -81.22 -31.20 -0.64
N SER E 152 -82.47 -30.94 -1.03
CA SER E 152 -83.63 -31.45 -0.30
C SER E 152 -84.00 -32.89 -0.64
N SER E 153 -84.91 -33.46 0.15
CA SER E 153 -85.37 -34.84 -0.02
C SER E 153 -86.38 -35.01 -1.17
N LYS E 154 -87.07 -33.93 -1.52
CA LYS E 154 -88.00 -33.91 -2.67
C LYS E 154 -87.36 -33.23 -3.90
N SER E 155 -86.03 -33.25 -4.00
CA SER E 155 -85.30 -32.53 -5.04
C SER E 155 -85.17 -33.35 -6.34
N THR E 156 -86.32 -33.63 -6.95
CA THR E 156 -86.35 -34.27 -8.27
C THR E 156 -86.19 -33.17 -9.32
N SER E 157 -87.18 -32.27 -9.37
CA SER E 157 -87.13 -31.01 -10.15
C SER E 157 -86.83 -31.08 -11.66
N GLY E 158 -86.77 -32.29 -12.22
CA GLY E 158 -86.34 -32.50 -13.60
C GLY E 158 -84.84 -32.67 -13.79
N GLY E 159 -84.21 -33.46 -12.92
CA GLY E 159 -82.83 -33.93 -13.13
C GLY E 159 -81.69 -33.16 -12.48
N THR E 160 -81.92 -31.91 -12.07
CA THR E 160 -80.88 -31.09 -11.40
C THR E 160 -81.38 -30.55 -10.05
N ALA E 161 -80.44 -30.04 -9.26
CA ALA E 161 -80.66 -29.61 -7.91
C ALA E 161 -79.65 -28.51 -7.55
N ALA E 162 -79.94 -27.88 -6.42
CA ALA E 162 -79.13 -26.77 -5.90
C ALA E 162 -78.66 -27.07 -4.48
N LEU E 163 -77.43 -26.67 -4.19
CA LEU E 163 -76.89 -26.68 -2.82
C LEU E 163 -75.99 -25.47 -2.62
N GLY E 164 -75.58 -25.18 -1.39
CA GLY E 164 -74.80 -23.97 -1.15
C GLY E 164 -74.25 -23.80 0.25
N CYS E 165 -73.67 -22.64 0.53
CA CYS E 165 -73.14 -22.32 1.84
C CYS E 165 -73.71 -21.01 2.31
N LEU E 166 -74.16 -20.99 3.55
CA LEU E 166 -74.61 -19.75 4.18
C LEU E 166 -73.51 -19.22 5.07
N VAL E 167 -72.93 -18.07 4.73
CA VAL E 167 -71.87 -17.44 5.53
C VAL E 167 -72.46 -16.27 6.34
N LYS E 168 -72.67 -16.46 7.64
CA LYS E 168 -73.54 -15.61 8.41
C LYS E 168 -72.85 -14.91 9.56
N ASP E 169 -73.31 -13.68 9.82
CA ASP E 169 -72.84 -12.89 10.97
C ASP E 169 -71.34 -12.59 10.98
N TYR E 170 -70.90 -11.74 10.06
CA TYR E 170 -69.49 -11.32 10.05
C TYR E 170 -69.39 -9.81 9.87
N PHE E 171 -68.21 -9.28 10.24
CA PHE E 171 -67.86 -7.88 10.05
C PHE E 171 -66.35 -7.77 10.11
N PRO E 172 -65.74 -6.94 9.26
CA PRO E 172 -66.40 -6.18 8.20
C PRO E 172 -66.43 -6.97 6.89
N GLU E 173 -66.84 -6.33 5.81
CA GLU E 173 -66.73 -6.94 4.50
C GLU E 173 -65.27 -6.90 4.04
N PRO E 174 -64.86 -7.84 3.18
CA PRO E 174 -65.67 -8.89 2.54
C PRO E 174 -65.18 -10.31 2.89
N VAL E 175 -66.00 -11.30 2.52
CA VAL E 175 -65.63 -12.71 2.52
C VAL E 175 -65.39 -13.08 1.08
N THR E 176 -64.65 -14.13 0.85
CA THR E 176 -64.54 -14.73 -0.50
C THR E 176 -64.86 -16.23 -0.44
N VAL E 177 -65.48 -16.71 -1.51
CA VAL E 177 -65.92 -18.11 -1.58
C VAL E 177 -65.44 -18.74 -2.89
N SER E 178 -64.88 -19.93 -2.79
CA SER E 178 -64.65 -20.81 -3.95
C SER E 178 -65.18 -22.16 -3.63
N TRP E 179 -65.38 -23.01 -4.66
CA TRP E 179 -65.90 -24.36 -4.48
C TRP E 179 -64.91 -25.41 -4.95
N ASN E 180 -64.67 -26.41 -4.12
CA ASN E 180 -63.75 -27.50 -4.43
C ASN E 180 -62.39 -26.96 -4.83
N SER E 181 -61.97 -25.92 -4.12
CA SER E 181 -60.65 -25.29 -4.29
C SER E 181 -60.48 -24.61 -5.66
N GLY E 182 -61.61 -24.21 -6.28
CA GLY E 182 -61.58 -23.59 -7.57
C GLY E 182 -61.77 -24.56 -8.72
N ALA E 183 -61.94 -25.85 -8.39
CA ALA E 183 -62.23 -26.86 -9.38
C ALA E 183 -63.65 -26.73 -9.97
N LEU E 184 -64.56 -26.17 -9.19
CA LEU E 184 -65.93 -25.95 -9.66
C LEU E 184 -66.19 -24.46 -9.77
N THR E 185 -66.39 -23.99 -10.99
CA THR E 185 -66.83 -22.61 -11.20
C THR E 185 -68.15 -22.48 -11.96
N SER E 186 -68.41 -23.40 -12.89
CA SER E 186 -69.61 -23.35 -13.73
C SER E 186 -70.85 -23.52 -12.83
N GLY E 187 -71.78 -22.56 -12.93
CA GLY E 187 -73.05 -22.61 -12.24
C GLY E 187 -72.99 -22.14 -10.80
N VAL E 188 -71.91 -21.42 -10.46
CA VAL E 188 -71.75 -20.88 -9.10
C VAL E 188 -72.29 -19.46 -9.09
N HIS E 189 -73.05 -19.14 -8.06
CA HIS E 189 -73.50 -17.79 -7.79
C HIS E 189 -73.17 -17.36 -6.40
N THR E 190 -72.33 -16.34 -6.19
CA THR E 190 -72.09 -15.81 -4.84
C THR E 190 -72.79 -14.46 -4.76
N PHE E 191 -73.79 -14.41 -3.90
CA PHE E 191 -74.66 -13.28 -3.78
C PHE E 191 -73.96 -12.14 -3.02
N PRO E 192 -74.28 -10.87 -3.34
CA PRO E 192 -73.80 -9.75 -2.53
C PRO E 192 -74.22 -9.84 -1.06
N ALA E 193 -73.34 -9.41 -0.18
CA ALA E 193 -73.60 -9.43 1.27
C ALA E 193 -74.74 -8.48 1.60
N VAL E 194 -75.52 -8.79 2.60
CA VAL E 194 -76.63 -7.93 3.02
C VAL E 194 -76.37 -7.55 4.46
N LEU E 195 -76.65 -6.29 4.78
CA LEU E 195 -76.40 -5.80 6.14
C LEU E 195 -77.60 -6.09 7.01
N GLN E 196 -77.43 -6.91 8.07
CA GLN E 196 -78.59 -7.29 8.86
C GLN E 196 -78.96 -6.15 9.82
N SER E 197 -80.04 -6.35 10.57
CA SER E 197 -80.47 -5.40 11.59
C SER E 197 -79.59 -5.45 12.80
N SER E 198 -78.87 -6.55 12.98
CA SER E 198 -77.87 -6.63 14.06
C SER E 198 -76.63 -5.77 13.79
N GLY E 199 -76.42 -5.41 12.53
CA GLY E 199 -75.22 -4.67 12.14
C GLY E 199 -74.13 -5.57 11.61
N LEU E 200 -74.38 -6.87 11.57
CA LEU E 200 -73.44 -7.83 10.98
C LEU E 200 -73.89 -8.24 9.59
N TYR E 201 -72.92 -8.61 8.74
CA TYR E 201 -73.25 -9.04 7.39
C TYR E 201 -73.52 -10.54 7.26
N SER E 202 -74.22 -10.85 6.20
CA SER E 202 -74.55 -12.22 5.85
C SER E 202 -74.54 -12.38 4.35
N LEU E 203 -74.14 -13.55 3.89
CA LEU E 203 -73.98 -13.82 2.46
C LEU E 203 -74.24 -15.31 2.16
N SER E 204 -74.69 -15.60 0.96
CA SER E 204 -74.85 -17.00 0.51
C SER E 204 -74.16 -17.28 -0.81
N SER E 205 -73.64 -18.48 -0.97
CA SER E 205 -73.10 -18.93 -2.25
C SER E 205 -73.82 -20.23 -2.64
N VAL E 206 -74.25 -20.36 -3.86
CA VAL E 206 -75.01 -21.55 -4.27
C VAL E 206 -74.45 -22.07 -5.57
N VAL E 207 -74.69 -23.34 -5.86
CA VAL E 207 -74.23 -23.95 -7.09
C VAL E 207 -75.27 -24.98 -7.56
N THR E 208 -75.41 -25.09 -8.89
CA THR E 208 -76.40 -26.01 -9.48
C THR E 208 -75.68 -27.23 -9.95
N VAL E 209 -76.09 -28.40 -9.50
CA VAL E 209 -75.41 -29.68 -9.82
C VAL E 209 -76.47 -30.75 -10.12
N PRO E 210 -76.12 -31.73 -10.97
CA PRO E 210 -77.09 -32.77 -11.32
C PRO E 210 -77.55 -33.61 -10.12
N SER E 211 -78.79 -34.08 -10.21
CA SER E 211 -79.42 -34.89 -9.13
C SER E 211 -78.69 -36.19 -8.85
N SER E 212 -78.09 -36.76 -9.90
CA SER E 212 -77.36 -38.02 -9.80
C SER E 212 -76.01 -37.88 -9.09
N SER E 213 -75.39 -36.69 -9.22
CA SER E 213 -74.11 -36.44 -8.62
C SER E 213 -74.15 -36.28 -7.12
N LEU E 214 -75.30 -35.88 -6.59
CA LEU E 214 -75.50 -35.53 -5.20
C LEU E 214 -74.98 -36.54 -4.18
N GLY E 215 -75.40 -37.80 -4.32
CA GLY E 215 -74.89 -38.88 -3.51
C GLY E 215 -73.50 -39.35 -3.81
N THR E 216 -73.01 -39.17 -5.03
CA THR E 216 -71.82 -39.84 -5.52
C THR E 216 -70.54 -39.01 -5.72
N GLN E 217 -70.48 -37.82 -5.11
CA GLN E 217 -69.28 -36.98 -5.11
C GLN E 217 -69.31 -35.95 -3.99
N THR E 218 -68.26 -35.12 -3.94
CA THR E 218 -68.04 -34.18 -2.83
C THR E 218 -68.06 -32.74 -3.30
N TYR E 219 -68.84 -31.91 -2.60
CA TYR E 219 -68.86 -30.47 -2.86
C TYR E 219 -68.52 -29.72 -1.59
N ILE E 220 -67.33 -29.10 -1.57
CA ILE E 220 -66.88 -28.30 -0.42
C ILE E 220 -66.70 -26.84 -0.76
N CYS E 221 -67.44 -25.95 -0.06
CA CYS E 221 -67.17 -24.52 -0.24
C CYS E 221 -66.04 -24.07 0.70
N ASN E 222 -65.18 -23.25 0.16
CA ASN E 222 -64.02 -22.71 0.87
C ASN E 222 -64.20 -21.23 1.10
N VAL E 223 -64.38 -20.84 2.37
CA VAL E 223 -64.70 -19.46 2.73
C VAL E 223 -63.50 -18.79 3.38
N ASN E 224 -63.11 -17.63 2.87
CA ASN E 224 -62.06 -16.84 3.51
C ASN E 224 -62.61 -15.48 3.95
N HIS E 225 -62.34 -15.16 5.23
CA HIS E 225 -62.54 -13.84 5.77
C HIS E 225 -61.22 -13.36 6.36
N LYS E 226 -60.55 -12.46 5.65
CA LYS E 226 -59.20 -12.05 6.01
C LYS E 226 -59.10 -11.20 7.27
N PRO E 227 -60.02 -10.22 7.46
CA PRO E 227 -59.97 -9.38 8.67
C PRO E 227 -59.98 -10.10 10.02
N SER E 228 -60.60 -11.29 10.07
CA SER E 228 -60.62 -12.10 11.27
C SER E 228 -59.87 -13.42 11.12
N ASN E 229 -58.90 -13.50 10.20
CA ASN E 229 -58.09 -14.72 9.97
C ASN E 229 -58.88 -16.06 9.86
N THR E 230 -60.12 -16.00 9.37
CA THR E 230 -61.01 -17.16 9.29
C THR E 230 -60.86 -17.91 7.95
N LYS E 231 -60.81 -19.22 8.05
CA LYS E 231 -60.67 -20.05 6.86
C LYS E 231 -61.41 -21.35 7.11
N VAL E 232 -62.61 -21.46 6.55
CA VAL E 232 -63.47 -22.63 6.72
C VAL E 232 -63.62 -23.39 5.40
N ASP E 233 -63.61 -24.72 5.51
CA ASP E 233 -63.90 -25.60 4.38
C ASP E 233 -65.09 -26.50 4.70
N LYS E 234 -66.29 -25.97 4.41
CA LYS E 234 -67.55 -26.68 4.78
C LYS E 234 -68.04 -27.61 3.68
N ARG E 235 -68.10 -28.92 4.01
CA ARG E 235 -68.66 -29.94 3.17
C ARG E 235 -70.20 -29.90 3.16
N VAL E 236 -70.77 -29.95 1.98
CA VAL E 236 -72.24 -29.99 1.84
C VAL E 236 -72.68 -31.35 1.32
N GLU E 237 -73.51 -32.04 2.12
CA GLU E 237 -74.03 -33.34 1.76
C GLU E 237 -75.53 -33.39 2.04
N PRO E 238 -76.23 -34.43 1.53
CA PRO E 238 -77.62 -34.66 1.87
C PRO E 238 -77.79 -35.13 3.32
N LYS E 239 -78.99 -34.96 3.82
CA LYS E 239 -79.38 -35.38 5.18
C LYS E 239 -79.87 -36.82 5.13
N ASP F 1 -61.48 22.13 -9.56
CA ASP F 1 -61.70 20.69 -9.92
C ASP F 1 -62.66 20.55 -11.10
N ILE F 2 -62.25 19.83 -12.13
CA ILE F 2 -63.09 19.64 -13.32
C ILE F 2 -64.12 18.56 -12.99
N GLN F 3 -65.41 18.88 -13.17
CA GLN F 3 -66.50 17.90 -13.04
C GLN F 3 -66.82 17.21 -14.38
N LEU F 4 -66.98 15.90 -14.33
CA LEU F 4 -67.49 15.17 -15.50
C LEU F 4 -68.89 14.64 -15.19
N THR F 5 -69.82 14.95 -16.09
CA THR F 5 -71.19 14.49 -16.03
C THR F 5 -71.46 13.53 -17.18
N GLN F 6 -71.79 12.27 -16.88
CA GLN F 6 -72.20 11.30 -17.88
C GLN F 6 -73.74 11.26 -18.08
N SER F 7 -74.12 10.93 -19.26
CA SER F 7 -75.53 10.64 -19.58
C SER F 7 -75.64 9.43 -20.53
N PRO F 8 -76.62 8.51 -20.34
CA PRO F 8 -77.48 8.50 -19.16
C PRO F 8 -76.79 7.99 -17.90
N SER F 9 -77.56 7.92 -16.83
CA SER F 9 -77.15 7.32 -15.59
C SER F 9 -77.45 5.82 -15.59
N SER F 10 -78.37 5.33 -16.41
CA SER F 10 -78.56 3.91 -16.56
C SER F 10 -79.26 3.64 -17.91
N LEU F 11 -78.96 2.48 -18.52
CA LEU F 11 -79.60 2.14 -19.80
C LEU F 11 -79.85 0.65 -20.05
N SER F 12 -80.72 0.39 -21.00
CA SER F 12 -81.09 -1.02 -21.44
C SER F 12 -81.14 -1.09 -22.95
N ALA F 13 -80.43 -2.06 -23.51
CA ALA F 13 -80.48 -2.36 -24.95
C ALA F 13 -80.31 -3.86 -25.22
N SER F 14 -80.88 -4.30 -26.34
CA SER F 14 -80.79 -5.70 -26.75
C SER F 14 -79.46 -6.03 -27.41
N VAL F 15 -79.15 -7.30 -27.38
CA VAL F 15 -77.98 -7.85 -28.10
C VAL F 15 -78.02 -7.35 -29.56
N GLY F 16 -76.90 -6.80 -29.97
CA GLY F 16 -76.69 -6.22 -31.26
C GLY F 16 -77.22 -4.84 -31.53
N ASP F 17 -77.60 -4.11 -30.48
CA ASP F 17 -78.01 -2.71 -30.59
C ASP F 17 -76.78 -1.79 -30.63
N ARG F 18 -76.99 -0.66 -31.32
CA ARG F 18 -76.04 0.44 -31.35
C ARG F 18 -76.22 1.27 -30.07
N VAL F 19 -75.17 1.40 -29.26
CA VAL F 19 -75.33 2.06 -27.93
C VAL F 19 -74.45 3.30 -27.87
N THR F 20 -75.04 4.42 -27.41
CA THR F 20 -74.30 5.67 -27.28
C THR F 20 -74.22 6.20 -25.85
N LEU F 21 -72.97 6.27 -25.31
CA LEU F 21 -72.75 6.82 -23.98
C LEU F 21 -72.05 8.17 -24.12
N THR F 22 -72.40 9.14 -23.27
CA THR F 22 -71.78 10.47 -23.41
C THR F 22 -71.10 10.86 -22.10
N CYS F 23 -70.18 11.80 -22.22
CA CYS F 23 -69.46 12.40 -21.08
C CYS F 23 -69.19 13.84 -21.38
N GLN F 24 -69.76 14.77 -20.66
CA GLN F 24 -69.56 16.17 -20.81
C GLN F 24 -68.70 16.70 -19.67
N ALA F 25 -67.80 17.59 -20.03
CA ALA F 25 -66.83 18.18 -19.07
C ALA F 25 -67.13 19.64 -18.80
N SER F 26 -66.76 20.13 -17.64
CA SER F 26 -67.14 21.48 -17.19
C SER F 26 -66.37 22.56 -17.95
N GLN F 27 -65.20 22.17 -18.48
CA GLN F 27 -64.37 23.03 -19.26
C GLN F 27 -63.66 22.32 -20.41
N ASP F 28 -62.89 23.09 -21.17
CA ASP F 28 -62.06 22.52 -22.24
C ASP F 28 -61.01 21.58 -21.65
N ILE F 29 -61.13 20.31 -21.99
CA ILE F 29 -60.11 19.31 -21.67
C ILE F 29 -59.47 18.75 -22.93
N ARG F 30 -59.51 19.50 -24.03
CA ARG F 30 -58.88 19.11 -25.28
C ARG F 30 -59.22 17.70 -25.75
N LYS F 31 -58.28 16.75 -25.76
CA LYS F 31 -58.61 15.35 -25.97
C LYS F 31 -58.00 14.43 -24.91
N PHE F 32 -57.64 15.02 -23.77
CA PHE F 32 -57.12 14.25 -22.65
C PHE F 32 -58.22 13.47 -21.89
N LEU F 33 -58.77 12.45 -22.51
CA LEU F 33 -59.87 11.72 -21.91
C LEU F 33 -59.88 10.24 -22.31
N ASN F 34 -60.20 9.41 -21.31
CA ASN F 34 -60.17 7.94 -21.41
C ASN F 34 -61.53 7.38 -21.06
N TRP F 35 -61.76 6.11 -21.37
CA TRP F 35 -62.97 5.38 -20.98
C TRP F 35 -62.56 4.00 -20.40
N TYR F 36 -63.41 3.55 -19.52
CA TYR F 36 -63.22 2.32 -18.69
C TYR F 36 -64.45 1.48 -18.58
N GLN F 37 -64.22 0.15 -18.59
CA GLN F 37 -65.33 -0.83 -18.38
C GLN F 37 -65.19 -1.57 -17.06
N GLN F 38 -65.81 -1.09 -16.01
CA GLN F 38 -65.86 -1.85 -14.76
C GLN F 38 -66.95 -2.90 -14.72
N LYS F 39 -66.54 -4.18 -14.79
CA LYS F 39 -67.40 -5.31 -14.55
C LYS F 39 -67.56 -5.48 -13.04
N PRO F 40 -68.67 -6.12 -12.62
CA PRO F 40 -68.98 -6.13 -11.19
C PRO F 40 -68.12 -7.13 -10.42
N GLY F 41 -67.55 -6.65 -9.30
CA GLY F 41 -66.65 -7.45 -8.48
C GLY F 41 -65.22 -7.49 -9.03
N LYS F 42 -64.92 -6.58 -9.92
CA LYS F 42 -63.61 -6.53 -10.57
C LYS F 42 -63.22 -5.07 -10.74
N GLY F 43 -61.96 -4.85 -11.18
CA GLY F 43 -61.42 -3.51 -11.34
C GLY F 43 -61.85 -2.96 -12.68
N PRO F 44 -61.62 -1.65 -12.91
CA PRO F 44 -61.81 -1.09 -14.29
C PRO F 44 -60.76 -1.58 -15.29
N LYS F 45 -61.19 -1.71 -16.55
CA LYS F 45 -60.34 -2.09 -17.67
C LYS F 45 -60.45 -1.05 -18.79
N LEU F 46 -59.26 -0.67 -19.29
CA LEU F 46 -59.13 0.37 -20.26
C LEU F 46 -59.77 -0.01 -21.58
N LEU F 47 -60.64 0.83 -22.13
CA LEU F 47 -61.16 0.57 -23.47
C LEU F 47 -60.56 1.51 -24.48
N ILE F 48 -60.70 2.79 -24.15
CA ILE F 48 -60.32 3.88 -25.05
C ILE F 48 -59.43 4.85 -24.30
N TYR F 49 -58.26 5.14 -24.87
CA TYR F 49 -57.39 6.16 -24.29
C TYR F 49 -57.25 7.36 -25.21
N ASP F 50 -57.07 8.54 -24.66
CA ASP F 50 -56.88 9.76 -25.43
C ASP F 50 -57.98 9.90 -26.47
N ALA F 51 -59.19 10.20 -25.99
CA ALA F 51 -60.38 10.38 -26.79
C ALA F 51 -60.94 9.23 -27.62
N SER F 52 -60.15 8.80 -28.62
CA SER F 52 -60.61 7.90 -29.69
C SER F 52 -59.83 6.62 -29.95
N ASN F 53 -58.68 6.43 -29.30
CA ASN F 53 -57.78 5.32 -29.60
C ASN F 53 -58.09 4.05 -28.82
N LEU F 54 -58.40 2.99 -29.55
CA LEU F 54 -58.71 1.73 -28.93
C LEU F 54 -57.48 1.01 -28.34
N GLN F 55 -57.71 0.39 -27.18
CA GLN F 55 -56.65 -0.35 -26.51
C GLN F 55 -56.40 -1.71 -27.17
N ARG F 56 -55.13 -2.12 -27.25
CA ARG F 56 -54.77 -3.40 -27.86
C ARG F 56 -55.29 -4.54 -26.98
N GLY F 57 -56.11 -5.40 -27.59
CA GLY F 57 -56.79 -6.49 -26.90
C GLY F 57 -58.29 -6.29 -26.78
N VAL F 58 -58.71 -5.02 -26.72
CA VAL F 58 -60.13 -4.69 -26.61
C VAL F 58 -60.80 -4.81 -27.99
N PRO F 59 -62.01 -5.45 -28.05
CA PRO F 59 -62.73 -5.64 -29.29
C PRO F 59 -62.88 -4.38 -30.14
N SER F 60 -62.87 -4.57 -31.45
CA SER F 60 -63.05 -3.49 -32.45
C SER F 60 -64.41 -2.79 -32.43
N ARG F 61 -65.39 -3.45 -31.80
CA ARG F 61 -66.76 -2.96 -31.71
C ARG F 61 -66.88 -1.70 -30.81
N PHE F 62 -65.91 -1.53 -29.89
CA PHE F 62 -65.80 -0.37 -29.08
C PHE F 62 -65.04 0.73 -29.81
N SER F 63 -65.53 1.97 -29.69
CA SER F 63 -64.91 3.12 -30.36
C SER F 63 -65.17 4.37 -29.54
N GLY F 64 -64.51 5.46 -29.91
CA GLY F 64 -64.57 6.68 -29.12
C GLY F 64 -64.46 7.94 -29.98
N GLY F 65 -64.92 9.02 -29.41
CA GLY F 65 -64.86 10.30 -30.11
C GLY F 65 -65.08 11.50 -29.24
N GLY F 66 -64.70 12.67 -29.76
CA GLY F 66 -65.00 13.95 -29.13
C GLY F 66 -63.83 14.89 -28.93
N SER F 67 -64.14 16.04 -28.37
CA SER F 67 -63.13 17.05 -28.06
C SER F 67 -63.64 18.18 -27.21
N GLY F 68 -62.80 18.88 -26.49
CA GLY F 68 -63.25 20.00 -25.72
C GLY F 68 -64.01 19.64 -24.48
N THR F 69 -65.34 19.71 -24.63
CA THR F 69 -66.24 19.39 -23.52
C THR F 69 -67.09 18.18 -23.78
N ASP F 70 -67.50 17.92 -25.02
CA ASP F 70 -68.26 16.77 -25.40
C ASP F 70 -67.44 15.54 -25.80
N PHE F 71 -67.82 14.39 -25.28
CA PHE F 71 -67.13 13.13 -25.75
C PHE F 71 -68.12 11.99 -25.69
N THR F 72 -67.94 11.01 -26.63
CA THR F 72 -68.81 9.84 -26.74
C THR F 72 -68.07 8.52 -26.75
N LEU F 73 -68.66 7.51 -26.18
CA LEU F 73 -68.20 6.12 -26.31
C LEU F 73 -69.29 5.24 -26.95
N ILE F 74 -69.05 4.78 -28.18
CA ILE F 74 -70.01 3.97 -28.90
C ILE F 74 -69.67 2.50 -28.78
N ILE F 75 -70.71 1.70 -28.57
CA ILE F 75 -70.66 0.25 -28.76
C ILE F 75 -71.46 -0.10 -30.02
N SER F 76 -70.76 -0.51 -31.08
CA SER F 76 -71.42 -0.71 -32.37
C SER F 76 -72.39 -1.88 -32.34
N SER F 77 -72.09 -2.88 -31.51
CA SER F 77 -72.98 -4.04 -31.38
C SER F 77 -72.88 -4.62 -29.97
N LEU F 78 -73.83 -4.23 -29.12
CA LEU F 78 -73.79 -4.60 -27.73
C LEU F 78 -73.89 -6.12 -27.54
N GLN F 79 -72.99 -6.65 -26.72
CA GLN F 79 -72.95 -8.07 -26.43
C GLN F 79 -73.29 -8.33 -24.97
N PRO F 80 -73.67 -9.57 -24.63
CA PRO F 80 -73.91 -9.94 -23.24
C PRO F 80 -72.79 -9.59 -22.24
N GLU F 81 -71.56 -9.84 -22.66
CA GLU F 81 -70.38 -9.53 -21.85
C GLU F 81 -70.20 -8.04 -21.60
N ASP F 82 -70.79 -7.23 -22.49
CA ASP F 82 -70.65 -5.75 -22.33
C ASP F 82 -71.53 -5.09 -21.28
N VAL F 83 -72.16 -5.89 -20.41
CA VAL F 83 -72.75 -5.32 -19.19
C VAL F 83 -71.70 -4.76 -18.21
N GLY F 84 -72.19 -4.01 -17.22
CA GLY F 84 -71.37 -3.34 -16.26
C GLY F 84 -71.37 -1.83 -16.48
N THR F 85 -70.63 -1.18 -15.55
CA THR F 85 -70.60 0.32 -15.50
C THR F 85 -69.42 0.80 -16.34
N TYR F 86 -69.61 1.95 -16.92
CA TYR F 86 -68.65 2.60 -17.79
C TYR F 86 -68.33 3.98 -17.25
N TYR F 87 -67.03 4.28 -17.14
CA TYR F 87 -66.58 5.56 -16.62
C TYR F 87 -65.78 6.27 -17.66
N CYS F 88 -65.94 7.59 -17.75
CA CYS F 88 -64.98 8.46 -18.42
C CYS F 88 -64.07 9.08 -17.41
N GLN F 89 -62.82 9.36 -17.84
CA GLN F 89 -61.80 9.93 -16.98
C GLN F 89 -60.95 10.93 -17.77
N GLN F 90 -60.61 12.03 -17.11
CA GLN F 90 -59.89 13.09 -17.71
C GLN F 90 -58.52 13.25 -17.02
N TYR F 91 -57.60 13.76 -17.81
CA TYR F 91 -56.29 14.16 -17.23
C TYR F 91 -55.73 15.46 -17.74
N ASP F 92 -56.61 16.35 -18.19
CA ASP F 92 -56.16 17.69 -18.65
C ASP F 92 -55.47 18.48 -17.54
N GLY F 93 -56.02 18.39 -16.32
CA GLY F 93 -55.49 19.12 -15.19
C GLY F 93 -55.83 18.45 -13.87
N LEU F 94 -55.07 18.80 -12.85
CA LEU F 94 -55.21 18.18 -11.52
C LEU F 94 -56.21 18.99 -10.67
N PRO F 95 -57.03 18.35 -9.85
CA PRO F 95 -57.04 16.90 -9.69
C PRO F 95 -57.80 16.17 -10.79
N PHE F 96 -57.40 14.93 -10.98
CA PHE F 96 -58.02 14.04 -11.99
C PHE F 96 -59.37 13.59 -11.45
N THR F 97 -60.34 13.52 -12.34
CA THR F 97 -61.69 13.06 -11.98
C THR F 97 -62.24 12.07 -12.99
N PHE F 98 -63.29 11.36 -12.54
CA PHE F 98 -64.02 10.38 -13.31
C PHE F 98 -65.46 10.87 -13.41
N GLY F 99 -66.17 10.26 -14.33
CA GLY F 99 -67.62 10.50 -14.44
C GLY F 99 -68.38 9.77 -13.38
N GLY F 100 -69.65 10.09 -13.34
CA GLY F 100 -70.57 9.49 -12.30
C GLY F 100 -70.76 7.98 -12.54
N GLY F 101 -70.94 7.63 -13.82
CA GLY F 101 -71.06 6.28 -14.26
C GLY F 101 -72.18 6.13 -15.28
N THR F 102 -72.10 5.09 -16.11
CA THR F 102 -73.27 4.72 -16.93
C THR F 102 -73.41 3.22 -16.81
N LYS F 103 -74.42 2.77 -16.08
CA LYS F 103 -74.70 1.31 -15.94
C LYS F 103 -75.40 0.74 -17.18
N VAL F 104 -74.79 -0.28 -17.83
CA VAL F 104 -75.44 -0.93 -18.99
C VAL F 104 -76.06 -2.26 -18.64
N VAL F 105 -77.34 -2.45 -19.06
CA VAL F 105 -78.09 -3.71 -18.84
C VAL F 105 -78.58 -4.27 -20.18
N ILE F 106 -78.36 -5.60 -20.34
CA ILE F 106 -78.88 -6.35 -21.49
C ILE F 106 -80.37 -6.74 -21.42
N LYS F 107 -81.11 -6.42 -22.49
CA LYS F 107 -82.50 -6.74 -22.60
C LYS F 107 -82.62 -7.99 -23.44
N ARG F 108 -83.09 -9.06 -22.77
CA ARG F 108 -83.14 -10.38 -23.33
C ARG F 108 -84.56 -10.97 -23.25
N THR F 109 -84.66 -12.20 -23.69
CA THR F 109 -85.93 -12.95 -23.64
C THR F 109 -86.33 -13.21 -22.20
N VAL F 110 -87.63 -13.36 -21.99
CA VAL F 110 -88.14 -13.73 -20.65
C VAL F 110 -87.74 -15.15 -20.31
N ALA F 111 -87.24 -15.34 -19.05
CA ALA F 111 -86.79 -16.63 -18.57
C ALA F 111 -87.24 -16.80 -17.14
N ALA F 112 -88.03 -17.83 -16.89
CA ALA F 112 -88.60 -18.07 -15.59
C ALA F 112 -87.54 -18.60 -14.65
N PRO F 113 -87.58 -18.18 -13.37
CA PRO F 113 -86.63 -18.71 -12.42
C PRO F 113 -86.87 -20.15 -12.00
N SER F 114 -85.79 -20.92 -11.85
CA SER F 114 -85.88 -22.18 -11.08
C SER F 114 -85.95 -21.86 -9.61
N VAL F 115 -86.95 -22.35 -8.88
CA VAL F 115 -87.07 -22.00 -7.45
C VAL F 115 -86.77 -23.18 -6.52
N PHE F 116 -85.95 -22.93 -5.48
CA PHE F 116 -85.62 -23.90 -4.45
C PHE F 116 -85.77 -23.31 -3.07
N ILE F 117 -86.15 -24.12 -2.09
CA ILE F 117 -86.15 -23.70 -0.67
C ILE F 117 -85.25 -24.62 0.15
N PHE F 118 -84.56 -24.02 1.12
CA PHE F 118 -83.61 -24.69 2.01
C PHE F 118 -84.04 -24.46 3.46
N PRO F 119 -84.20 -25.54 4.24
CA PRO F 119 -84.40 -25.38 5.67
C PRO F 119 -83.13 -24.97 6.39
N PRO F 120 -83.28 -24.55 7.66
CA PRO F 120 -82.06 -24.29 8.45
C PRO F 120 -81.44 -25.63 8.82
N SER F 121 -80.11 -25.66 8.84
CA SER F 121 -79.36 -26.81 9.28
C SER F 121 -79.47 -26.98 10.78
N ASP F 122 -79.23 -28.20 11.26
CA ASP F 122 -79.23 -28.49 12.68
C ASP F 122 -78.10 -27.76 13.40
N GLU F 123 -76.95 -27.64 12.74
CA GLU F 123 -75.82 -26.88 13.32
C GLU F 123 -76.19 -25.45 13.72
N GLN F 124 -77.00 -24.81 12.89
CA GLN F 124 -77.42 -23.43 13.09
C GLN F 124 -78.37 -23.25 14.27
N LEU F 125 -79.40 -24.09 14.33
CA LEU F 125 -80.35 -24.08 15.43
C LEU F 125 -79.63 -24.10 16.78
N LYS F 126 -78.53 -24.85 16.90
CA LYS F 126 -77.73 -24.86 18.12
C LYS F 126 -77.28 -23.47 18.63
N SER F 127 -77.10 -22.51 17.72
CA SER F 127 -76.66 -21.16 18.06
C SER F 127 -77.82 -20.23 18.36
N GLY F 128 -79.05 -20.76 18.32
CA GLY F 128 -80.23 -19.93 18.62
C GLY F 128 -80.85 -19.11 17.50
N THR F 129 -80.39 -19.29 16.28
CA THR F 129 -81.00 -18.68 15.13
C THR F 129 -81.28 -19.72 14.03
N ALA F 130 -82.27 -19.40 13.23
CA ALA F 130 -82.70 -20.20 12.09
C ALA F 130 -82.82 -19.32 10.85
N SER F 131 -82.13 -19.74 9.79
CA SER F 131 -82.23 -19.09 8.48
C SER F 131 -82.86 -20.04 7.47
N VAL F 132 -83.94 -19.58 6.85
CA VAL F 132 -84.58 -20.33 5.75
C VAL F 132 -84.31 -19.59 4.46
N VAL F 133 -83.78 -20.29 3.45
CA VAL F 133 -83.28 -19.61 2.24
C VAL F 133 -84.07 -20.01 1.00
N CYS F 134 -84.50 -19.02 0.21
CA CYS F 134 -85.18 -19.27 -1.04
C CYS F 134 -84.35 -18.74 -2.18
N LEU F 135 -84.12 -19.59 -3.18
CA LEU F 135 -83.27 -19.28 -4.30
C LEU F 135 -84.08 -19.21 -5.57
N LEU F 136 -83.97 -18.06 -6.29
CA LEU F 136 -84.49 -17.90 -7.64
C LEU F 136 -83.31 -17.91 -8.62
N ASN F 137 -83.23 -18.88 -9.48
CA ASN F 137 -82.03 -19.09 -10.29
C ASN F 137 -82.22 -18.80 -11.77
N ASN F 138 -81.32 -17.98 -12.31
CA ASN F 138 -81.26 -17.66 -13.71
C ASN F 138 -82.56 -17.21 -14.35
N PHE F 139 -82.96 -15.98 -14.07
CA PHE F 139 -84.21 -15.47 -14.60
C PHE F 139 -84.06 -14.08 -15.18
N TYR F 140 -85.07 -13.69 -15.94
CA TYR F 140 -85.18 -12.36 -16.50
C TYR F 140 -86.66 -12.11 -16.80
N PRO F 141 -87.21 -10.93 -16.48
CA PRO F 141 -86.50 -9.75 -15.97
C PRO F 141 -86.16 -9.83 -14.51
N ARG F 142 -85.34 -8.88 -14.05
CA ARG F 142 -84.89 -8.78 -12.66
C ARG F 142 -86.05 -8.66 -11.69
N GLU F 143 -87.11 -7.97 -12.08
CA GLU F 143 -88.21 -7.67 -11.13
C GLU F 143 -88.99 -8.92 -10.82
N ALA F 144 -88.94 -9.37 -9.56
CA ALA F 144 -89.64 -10.55 -9.11
C ALA F 144 -90.09 -10.37 -7.69
N LYS F 145 -91.26 -10.94 -7.33
CA LYS F 145 -91.84 -10.74 -6.00
C LYS F 145 -91.75 -12.03 -5.22
N VAL F 146 -91.12 -12.02 -4.05
CA VAL F 146 -90.95 -13.22 -3.24
C VAL F 146 -91.62 -12.96 -1.89
N GLN F 147 -92.60 -13.81 -1.56
CA GLN F 147 -93.37 -13.70 -0.36
C GLN F 147 -93.12 -14.87 0.57
N TRP F 148 -92.78 -14.61 1.84
CA TRP F 148 -92.67 -15.68 2.83
C TRP F 148 -93.98 -15.93 3.55
N LYS F 149 -94.28 -17.20 3.80
CA LYS F 149 -95.45 -17.58 4.57
C LYS F 149 -95.09 -18.59 5.61
N VAL F 150 -95.36 -18.33 6.89
CA VAL F 150 -95.14 -19.31 7.96
C VAL F 150 -96.50 -19.67 8.60
N ASP F 151 -96.88 -20.95 8.47
CA ASP F 151 -98.26 -21.38 8.71
C ASP F 151 -99.30 -20.50 8.06
N ASN F 152 -99.07 -20.27 6.78
CA ASN F 152 -99.86 -19.48 5.92
C ASN F 152 -99.90 -17.97 6.22
N ALA F 153 -99.11 -17.49 7.16
CA ALA F 153 -99.18 -16.11 7.59
C ALA F 153 -98.05 -15.30 6.94
N LEU F 154 -98.46 -14.19 6.32
CA LEU F 154 -97.58 -13.35 5.53
C LEU F 154 -96.49 -12.71 6.41
N GLN F 155 -95.26 -12.99 6.06
CA GLN F 155 -94.10 -12.40 6.81
C GLN F 155 -93.65 -11.07 6.27
N SER F 156 -93.09 -10.23 7.14
CA SER F 156 -92.62 -8.89 6.80
C SER F 156 -91.72 -8.26 7.89
N GLY F 157 -90.78 -7.42 7.44
CA GLY F 157 -89.80 -6.82 8.32
C GLY F 157 -88.80 -7.80 8.94
N ASN F 158 -88.69 -8.98 8.34
CA ASN F 158 -87.86 -10.05 8.88
C ASN F 158 -87.25 -10.95 7.80
N SER F 159 -87.20 -10.49 6.58
CA SER F 159 -86.51 -11.25 5.53
C SER F 159 -85.76 -10.37 4.59
N GLN F 160 -84.52 -10.76 4.17
CA GLN F 160 -83.67 -9.86 3.39
C GLN F 160 -83.36 -10.47 2.02
N GLU F 161 -83.34 -9.63 1.01
CA GLU F 161 -83.11 -10.08 -0.36
C GLU F 161 -81.73 -9.68 -0.84
N SER F 162 -81.16 -10.44 -1.74
CA SER F 162 -79.92 -10.03 -2.42
C SER F 162 -80.03 -10.45 -3.86
N VAL F 163 -79.50 -9.63 -4.76
CA VAL F 163 -79.59 -9.94 -6.20
C VAL F 163 -78.22 -9.89 -6.83
N THR F 164 -77.89 -10.89 -7.64
CA THR F 164 -76.63 -10.87 -8.37
C THR F 164 -76.69 -9.83 -9.50
N GLU F 165 -75.53 -9.39 -9.95
CA GLU F 165 -75.40 -8.56 -11.12
C GLU F 165 -75.73 -9.41 -12.35
N GLN F 166 -75.97 -8.71 -13.43
CA GLN F 166 -76.51 -9.37 -14.64
C GLN F 166 -75.38 -10.20 -15.26
N ASP F 167 -75.64 -11.50 -15.44
CA ASP F 167 -74.63 -12.45 -15.86
C ASP F 167 -74.06 -12.10 -17.27
N SER F 168 -72.75 -12.22 -17.38
CA SER F 168 -72.03 -11.74 -18.56
C SER F 168 -72.20 -12.66 -19.76
N LYS F 169 -72.64 -13.91 -19.54
CA LYS F 169 -72.84 -14.84 -20.62
C LYS F 169 -74.28 -14.93 -21.11
N ASP F 170 -75.20 -15.17 -20.18
CA ASP F 170 -76.63 -15.38 -20.50
C ASP F 170 -77.57 -14.26 -20.07
N SER F 171 -77.03 -13.22 -19.43
CA SER F 171 -77.77 -12.01 -19.17
C SER F 171 -78.96 -12.17 -18.22
N THR F 172 -78.93 -13.21 -17.38
CA THR F 172 -79.99 -13.42 -16.39
C THR F 172 -79.55 -12.90 -15.04
N TYR F 173 -80.47 -12.95 -14.08
CA TYR F 173 -80.21 -12.59 -12.69
C TYR F 173 -80.47 -13.79 -11.80
N SER F 174 -79.93 -13.74 -10.61
CA SER F 174 -80.31 -14.71 -9.60
C SER F 174 -80.55 -13.95 -8.31
N LEU F 175 -81.36 -14.53 -7.45
CA LEU F 175 -81.82 -13.86 -6.25
C LEU F 175 -81.97 -14.82 -5.10
N SER F 176 -81.63 -14.33 -3.91
CA SER F 176 -81.83 -15.08 -2.66
C SER F 176 -82.67 -14.30 -1.69
N SER F 177 -83.62 -14.94 -1.01
CA SER F 177 -84.39 -14.34 0.08
C SER F 177 -84.14 -15.14 1.35
N THR F 178 -83.74 -14.49 2.42
CA THR F 178 -83.45 -15.19 3.66
C THR F 178 -84.41 -14.75 4.76
N LEU F 179 -85.22 -15.68 5.25
CA LEU F 179 -86.14 -15.48 6.33
C LEU F 179 -85.47 -15.83 7.64
N THR F 180 -85.32 -14.83 8.53
CA THR F 180 -84.59 -15.00 9.78
C THR F 180 -85.51 -14.98 10.94
N LEU F 181 -85.45 -16.02 11.77
CA LEU F 181 -86.21 -16.10 13.02
C LEU F 181 -85.30 -16.73 14.10
N SER F 182 -85.65 -16.43 15.36
CA SER F 182 -85.07 -17.12 16.50
C SER F 182 -85.52 -18.57 16.53
N LYS F 183 -84.70 -19.42 17.16
CA LYS F 183 -84.98 -20.85 17.23
C LYS F 183 -86.36 -21.08 17.85
N ALA F 184 -86.67 -20.33 18.91
CA ALA F 184 -87.94 -20.42 19.60
C ALA F 184 -89.12 -20.26 18.62
N ASP F 185 -89.16 -19.11 17.96
CA ASP F 185 -90.20 -18.78 16.98
C ASP F 185 -90.22 -19.79 15.82
N TYR F 186 -89.04 -20.26 15.38
CA TYR F 186 -89.01 -21.28 14.32
C TYR F 186 -89.67 -22.59 14.75
N GLU F 187 -89.45 -22.98 16.02
CA GLU F 187 -89.95 -24.26 16.51
C GLU F 187 -91.41 -24.24 16.90
N LYS F 188 -91.94 -23.05 17.17
CA LYS F 188 -93.36 -22.84 17.32
C LYS F 188 -94.27 -23.11 16.13
N HIS F 189 -93.75 -22.97 14.91
CA HIS F 189 -94.53 -23.20 13.70
C HIS F 189 -94.05 -24.40 12.86
N LYS F 190 -94.89 -24.85 11.91
CA LYS F 190 -94.66 -26.08 11.16
C LYS F 190 -94.36 -25.89 9.68
N VAL F 191 -95.21 -25.11 9.02
CA VAL F 191 -95.20 -25.00 7.55
C VAL F 191 -94.48 -23.73 7.08
N TYR F 192 -93.42 -23.89 6.33
CA TYR F 192 -92.62 -22.78 5.83
C TYR F 192 -92.66 -22.78 4.32
N ALA F 193 -93.04 -21.66 3.73
CA ALA F 193 -93.26 -21.58 2.28
C ALA F 193 -92.70 -20.31 1.66
N CYS F 194 -92.04 -20.46 0.51
CA CYS F 194 -91.58 -19.34 -0.30
C CYS F 194 -92.39 -19.32 -1.57
N GLU F 195 -93.16 -18.25 -1.78
CA GLU F 195 -94.02 -18.09 -2.98
C GLU F 195 -93.44 -17.04 -3.93
N VAL F 196 -93.11 -17.44 -5.14
CA VAL F 196 -92.50 -16.54 -6.14
C VAL F 196 -93.43 -16.17 -7.30
N THR F 197 -93.52 -14.89 -7.60
CA THR F 197 -94.28 -14.34 -8.73
C THR F 197 -93.34 -13.67 -9.75
N HIS F 198 -93.49 -14.01 -11.02
CA HIS F 198 -92.53 -13.57 -12.05
C HIS F 198 -93.13 -13.70 -13.43
N GLN F 199 -92.83 -12.74 -14.33
CA GLN F 199 -93.46 -12.66 -15.65
C GLN F 199 -93.45 -13.97 -16.46
N GLY F 200 -92.32 -14.68 -16.35
CA GLY F 200 -92.04 -15.89 -17.10
C GLY F 200 -92.65 -17.13 -16.50
N LEU F 201 -93.23 -16.98 -15.29
CA LEU F 201 -94.03 -18.05 -14.71
C LEU F 201 -95.50 -17.84 -15.01
N SER F 202 -96.16 -18.87 -15.55
CA SER F 202 -97.56 -18.72 -15.96
C SER F 202 -98.48 -18.37 -14.77
N SER F 203 -98.19 -19.02 -13.65
CA SER F 203 -98.80 -18.74 -12.37
C SER F 203 -97.65 -18.41 -11.38
N PRO F 204 -97.98 -18.10 -10.11
CA PRO F 204 -96.91 -18.02 -9.13
C PRO F 204 -96.60 -19.41 -8.64
N VAL F 205 -95.42 -19.57 -8.03
CA VAL F 205 -94.87 -20.88 -7.69
C VAL F 205 -94.48 -20.90 -6.22
N THR F 206 -94.85 -21.97 -5.53
CA THR F 206 -94.54 -22.12 -4.09
C THR F 206 -93.61 -23.31 -3.84
N LYS F 207 -92.49 -23.08 -3.16
CA LYS F 207 -91.71 -24.20 -2.63
C LYS F 207 -91.79 -24.21 -1.12
N SER F 208 -92.13 -25.36 -0.50
CA SER F 208 -92.36 -25.39 0.94
C SER F 208 -91.88 -26.62 1.62
N PHE F 209 -91.76 -26.61 2.94
CA PHE F 209 -91.46 -27.82 3.71
C PHE F 209 -92.18 -27.77 5.07
N ASN F 210 -92.37 -28.93 5.68
CA ASN F 210 -92.84 -29.01 7.06
C ASN F 210 -91.66 -29.33 7.92
N ARG F 211 -91.52 -28.58 9.02
CA ARG F 211 -90.37 -28.73 9.93
C ARG F 211 -90.20 -30.18 10.44
N GLY F 212 -88.96 -30.69 10.38
CA GLY F 212 -88.61 -32.01 10.91
C GLY F 212 -89.08 -33.22 10.12
N GLU F 213 -89.82 -32.98 9.03
CA GLU F 213 -90.56 -34.00 8.31
C GLU F 213 -90.04 -34.11 6.88
N VAL G 1 17.14 -34.36 -86.45
CA VAL G 1 17.66 -34.70 -85.09
C VAL G 1 17.40 -33.56 -84.10
N GLN G 2 16.86 -33.90 -82.93
CA GLN G 2 16.66 -32.93 -81.84
C GLN G 2 17.94 -32.82 -81.00
N SER G 3 18.63 -31.68 -81.13
CA SER G 3 19.88 -31.42 -80.40
C SER G 3 19.79 -30.29 -79.36
N SER G 4 18.60 -29.70 -79.20
CA SER G 4 18.37 -28.63 -78.22
C SER G 4 17.12 -28.93 -77.40
N SER G 5 17.08 -28.37 -76.18
CA SER G 5 15.97 -28.58 -75.25
C SER G 5 15.44 -27.25 -74.74
N THR G 6 14.29 -27.32 -74.06
CA THR G 6 13.65 -26.15 -73.45
C THR G 6 14.31 -25.71 -72.13
N GLY G 7 14.93 -26.67 -71.44
CA GLY G 7 15.61 -26.48 -70.16
C GLY G 7 14.71 -26.83 -68.98
N LYS G 8 13.44 -27.15 -69.26
CA LYS G 8 12.44 -27.33 -68.20
C LYS G 8 11.64 -28.59 -68.47
N ILE G 9 11.33 -29.34 -67.43
CA ILE G 9 10.51 -30.54 -67.56
C ILE G 9 9.03 -30.17 -67.50
N CYS G 10 8.29 -30.48 -68.55
CA CYS G 10 6.85 -30.20 -68.63
C CYS G 10 6.04 -31.16 -67.79
N ASN G 11 5.11 -30.59 -67.02
CA ASN G 11 4.30 -31.32 -66.05
C ASN G 11 3.14 -32.15 -66.61
N ASN G 12 2.93 -32.09 -67.92
CA ASN G 12 2.00 -32.94 -68.63
C ASN G 12 2.68 -33.50 -69.89
N PRO G 13 2.14 -34.59 -70.44
CA PRO G 13 0.94 -35.30 -69.95
C PRO G 13 1.16 -36.28 -68.80
N HIS G 14 2.42 -36.59 -68.52
CA HIS G 14 2.79 -37.55 -67.46
C HIS G 14 2.75 -36.90 -66.10
N ARG G 15 2.33 -37.64 -65.08
CA ARG G 15 2.36 -37.13 -63.72
C ARG G 15 3.77 -37.18 -63.13
N ILE G 16 4.34 -35.98 -62.97
CA ILE G 16 5.69 -35.79 -62.48
C ILE G 16 5.62 -35.45 -61.00
N LEU G 17 6.42 -36.14 -60.19
CA LEU G 17 6.39 -35.91 -58.76
C LEU G 17 7.73 -35.40 -58.29
N ASP G 18 7.92 -34.08 -58.31
CA ASP G 18 9.25 -33.52 -57.98
C ASP G 18 9.57 -33.78 -56.53
N GLY G 19 10.59 -34.61 -56.28
CA GLY G 19 11.04 -34.93 -54.93
C GLY G 19 11.99 -33.88 -54.38
N ILE G 20 11.46 -32.69 -54.14
CA ILE G 20 12.34 -31.55 -53.73
C ILE G 20 13.02 -31.88 -52.40
N ASP G 21 14.35 -32.08 -52.41
CA ASP G 21 15.13 -32.48 -51.24
C ASP G 21 14.85 -33.85 -50.66
N CYS G 22 14.30 -34.76 -51.48
CA CYS G 22 14.03 -36.12 -50.97
C CYS G 22 14.22 -37.25 -51.96
N THR G 23 15.13 -38.18 -51.69
CA THR G 23 15.29 -39.29 -52.57
C THR G 23 14.05 -40.15 -52.46
N LEU G 24 13.85 -41.05 -53.42
CA LEU G 24 12.69 -41.93 -53.39
C LEU G 24 12.70 -42.88 -52.21
N ILE G 25 13.87 -43.38 -51.85
CA ILE G 25 14.01 -44.30 -50.71
C ILE G 25 13.69 -43.61 -49.40
N ASP G 26 14.14 -42.36 -49.23
CA ASP G 26 13.82 -41.58 -48.02
C ASP G 26 12.32 -41.35 -47.91
N ALA G 27 11.67 -41.14 -49.04
CA ALA G 27 10.24 -40.96 -49.08
C ALA G 27 9.55 -42.25 -48.71
N LEU G 28 10.07 -43.37 -49.20
CA LEU G 28 9.50 -44.69 -48.93
C LEU G 28 9.50 -44.99 -47.44
N LEU G 29 10.66 -44.86 -46.82
CA LEU G 29 10.88 -45.20 -45.41
C LEU G 29 10.16 -44.26 -44.47
N GLY G 30 10.05 -42.99 -44.87
CA GLY G 30 9.39 -41.98 -44.04
C GLY G 30 10.31 -41.15 -43.17
N ASP G 31 11.38 -40.68 -43.78
CA ASP G 31 12.26 -39.64 -43.24
C ASP G 31 11.34 -38.44 -42.96
N PRO G 32 11.34 -37.90 -41.71
CA PRO G 32 10.40 -36.85 -41.35
C PRO G 32 10.17 -35.69 -42.35
N HIS G 33 11.22 -35.18 -42.98
CA HIS G 33 11.10 -34.10 -43.94
C HIS G 33 10.68 -34.57 -45.33
N CYS G 34 10.36 -35.85 -45.46
CA CYS G 34 9.70 -36.41 -46.62
C CYS G 34 8.34 -37.00 -46.32
N ASP G 35 7.69 -36.55 -45.24
CA ASP G 35 6.36 -37.06 -44.90
C ASP G 35 5.23 -36.65 -45.83
N VAL G 36 5.44 -35.49 -46.45
CA VAL G 36 4.52 -34.99 -47.47
C VAL G 36 4.36 -36.00 -48.61
N PHE G 37 5.36 -36.88 -48.81
CA PHE G 37 5.24 -37.85 -49.91
C PHE G 37 4.50 -39.12 -49.56
N GLN G 38 3.94 -39.16 -48.35
CA GLN G 38 3.10 -40.30 -47.96
C GLN G 38 1.92 -40.54 -48.90
N ASN G 39 1.78 -41.79 -49.33
CA ASN G 39 0.70 -42.22 -50.20
C ASN G 39 0.66 -41.55 -51.60
N GLU G 40 1.77 -40.98 -52.04
CA GLU G 40 1.87 -40.28 -53.32
C GLU G 40 1.98 -41.25 -54.50
N THR G 41 1.69 -40.77 -55.71
CA THR G 41 1.80 -41.56 -56.94
C THR G 41 2.56 -40.81 -58.02
N TRP G 42 3.11 -41.49 -59.01
CA TRP G 42 3.83 -40.83 -60.09
C TRP G 42 3.89 -41.68 -61.35
N ASP G 43 3.98 -40.99 -62.50
CA ASP G 43 4.46 -41.61 -63.72
C ASP G 43 5.96 -41.45 -63.82
N LEU G 44 6.50 -40.38 -63.31
CA LEU G 44 7.96 -40.18 -63.26
C LEU G 44 8.31 -39.49 -61.95
N PHE G 45 9.18 -40.15 -61.16
CA PHE G 45 9.74 -39.55 -59.97
C PHE G 45 11.02 -38.84 -60.41
N VAL G 46 11.20 -37.63 -59.92
CA VAL G 46 12.41 -36.84 -60.25
C VAL G 46 13.31 -36.62 -59.07
N GLU G 47 14.46 -37.32 -59.01
CA GLU G 47 15.41 -37.13 -57.87
C GLU G 47 16.39 -36.00 -58.12
N ARG G 48 16.47 -35.05 -57.17
CA ARG G 48 17.34 -33.89 -57.28
C ARG G 48 18.68 -34.16 -56.59
N SER G 49 19.70 -33.50 -57.11
CA SER G 49 21.05 -33.59 -56.53
C SER G 49 21.16 -32.91 -55.18
N LYS G 50 20.21 -31.99 -54.88
CA LYS G 50 20.18 -31.31 -53.59
C LYS G 50 19.60 -32.16 -52.46
N ALA G 51 18.99 -33.28 -52.81
CA ALA G 51 18.46 -34.20 -51.82
C ALA G 51 19.51 -34.62 -50.79
N PHE G 52 19.06 -34.79 -49.55
CA PHE G 52 19.89 -35.22 -48.44
C PHE G 52 19.05 -36.04 -47.47
N SER G 53 19.72 -36.83 -46.63
CA SER G 53 19.02 -37.58 -45.57
C SER G 53 19.21 -36.90 -44.26
N ASN G 54 18.15 -36.92 -43.42
CA ASN G 54 18.17 -36.28 -42.12
C ASN G 54 17.41 -37.06 -41.07
N CYS G 55 17.51 -38.40 -41.11
CA CYS G 55 17.01 -39.32 -40.14
C CYS G 55 18.18 -40.18 -39.64
N TYR G 56 17.88 -41.40 -39.21
CA TYR G 56 18.91 -42.25 -38.66
C TYR G 56 19.83 -42.68 -39.79
N PRO G 57 21.16 -42.59 -39.57
CA PRO G 57 22.09 -42.98 -40.62
C PRO G 57 21.92 -44.43 -41.11
N TYR G 58 21.92 -44.63 -42.40
CA TYR G 58 21.49 -45.91 -42.95
C TYR G 58 22.17 -46.22 -44.24
N ASP G 59 22.19 -47.49 -44.60
CA ASP G 59 22.63 -47.89 -45.94
C ASP G 59 21.74 -49.02 -46.43
N VAL G 60 21.77 -49.27 -47.74
CA VAL G 60 21.02 -50.32 -48.35
C VAL G 60 22.04 -51.12 -49.14
N PRO G 61 22.19 -52.40 -48.80
CA PRO G 61 22.84 -53.37 -49.69
C PRO G 61 21.88 -53.84 -50.78
N ASP G 62 22.35 -53.81 -52.02
CA ASP G 62 21.49 -53.96 -53.21
C ASP G 62 20.44 -52.83 -53.30
N TYR G 63 20.99 -51.62 -53.29
CA TYR G 63 20.18 -50.38 -53.33
C TYR G 63 19.45 -50.16 -54.66
N ALA G 64 20.24 -50.08 -55.72
CA ALA G 64 19.75 -49.80 -57.05
C ALA G 64 18.56 -50.66 -57.44
N SER G 65 18.56 -51.91 -56.99
CA SER G 65 17.42 -52.81 -57.16
C SER G 65 16.14 -52.37 -56.45
N LEU G 66 16.27 -51.98 -55.19
CA LEU G 66 15.13 -51.54 -54.41
C LEU G 66 14.49 -50.29 -54.99
N ARG G 67 15.36 -49.34 -55.31
CA ARG G 67 14.98 -48.08 -55.93
C ARG G 67 14.25 -48.35 -57.23
N SER G 68 14.79 -49.24 -58.06
CA SER G 68 14.15 -49.56 -59.32
C SER G 68 12.75 -50.13 -59.13
N LEU G 69 12.58 -51.10 -58.22
CA LEU G 69 11.32 -51.76 -57.96
C LEU G 69 10.17 -50.84 -57.52
N VAL G 70 10.54 -49.95 -56.60
CA VAL G 70 9.60 -48.93 -56.06
C VAL G 70 9.24 -47.95 -57.17
N ALA G 71 10.24 -47.52 -57.93
CA ALA G 71 10.05 -46.53 -58.98
C ALA G 71 9.08 -47.08 -60.03
N SER G 72 9.22 -48.36 -60.33
CA SER G 72 8.42 -49.00 -61.34
C SER G 72 7.01 -49.26 -60.83
N SER G 73 6.90 -49.48 -59.53
CA SER G 73 5.57 -49.61 -58.90
C SER G 73 4.75 -48.31 -58.99
N GLY G 74 5.41 -47.17 -58.84
CA GLY G 74 4.80 -45.89 -59.12
C GLY G 74 3.87 -45.41 -58.03
N THR G 75 4.08 -45.89 -56.82
CA THR G 75 3.20 -45.47 -55.72
C THR G 75 3.88 -45.75 -54.38
N LEU G 76 3.61 -44.92 -53.39
CA LEU G 76 4.02 -45.20 -52.01
C LEU G 76 2.85 -45.48 -51.08
N GLU G 77 1.74 -46.01 -51.63
CA GLU G 77 0.55 -46.29 -50.86
C GLU G 77 0.81 -47.36 -49.82
N PHE G 78 0.96 -46.92 -48.57
CA PHE G 78 1.19 -47.77 -47.44
C PHE G 78 -0.13 -48.16 -46.81
N ILE G 79 -0.16 -49.38 -46.33
CA ILE G 79 -1.26 -49.92 -45.51
C ILE G 79 -0.68 -50.48 -44.24
N THR G 80 -0.93 -49.81 -43.11
CA THR G 80 -0.52 -50.32 -41.83
C THR G 80 -1.29 -51.58 -41.49
N GLU G 81 -0.57 -52.57 -40.96
CA GLU G 81 -1.18 -53.80 -40.47
C GLU G 81 -0.95 -53.96 -38.98
N GLY G 82 -1.85 -54.70 -38.35
CA GLY G 82 -1.71 -55.11 -36.96
C GLY G 82 -0.68 -56.17 -36.65
N PHE G 83 0.57 -55.71 -36.54
CA PHE G 83 1.67 -56.57 -36.10
C PHE G 83 1.77 -56.65 -34.58
N THR G 84 1.83 -57.89 -34.07
CA THR G 84 1.83 -58.16 -32.64
C THR G 84 3.25 -58.43 -32.15
N TRP G 85 3.92 -57.36 -31.69
CA TRP G 85 5.26 -57.49 -31.15
C TRP G 85 5.19 -57.65 -29.66
N THR G 86 4.99 -58.90 -29.20
CA THR G 86 4.77 -59.16 -27.79
C THR G 86 6.08 -59.16 -27.00
N GLY G 87 6.10 -58.37 -25.94
CA GLY G 87 7.19 -58.36 -24.98
C GLY G 87 8.37 -57.49 -25.35
N VAL G 88 8.17 -56.58 -26.28
CA VAL G 88 9.24 -55.62 -26.66
C VAL G 88 8.65 -54.21 -26.74
N THR G 89 9.42 -53.22 -26.31
CA THR G 89 9.09 -51.81 -26.45
C THR G 89 9.06 -51.44 -27.93
N GLN G 90 7.99 -50.78 -28.38
CA GLN G 90 7.89 -50.30 -29.76
C GLN G 90 8.20 -48.82 -29.90
N ASN G 91 8.14 -48.33 -31.14
CA ASN G 91 8.22 -46.92 -31.47
C ASN G 91 9.45 -46.18 -30.92
N GLY G 92 10.59 -46.84 -31.13
CA GLY G 92 11.89 -46.27 -30.83
C GLY G 92 12.15 -45.08 -31.74
N GLY G 93 12.78 -44.05 -31.19
CA GLY G 93 13.06 -42.81 -31.90
C GLY G 93 14.44 -42.26 -31.61
N SER G 94 14.82 -41.21 -32.31
CA SER G 94 16.15 -40.65 -32.25
C SER G 94 16.16 -39.15 -32.46
N ASN G 95 17.12 -38.47 -31.85
CA ASN G 95 17.39 -37.05 -32.13
C ASN G 95 18.12 -36.80 -33.44
N ALA G 96 18.58 -37.88 -34.05
CA ALA G 96 19.13 -37.84 -35.40
C ALA G 96 18.00 -37.80 -36.41
N CYS G 97 16.78 -38.08 -35.95
CA CYS G 97 15.63 -38.13 -36.81
C CYS G 97 14.43 -37.38 -36.19
N LYS G 98 14.57 -36.07 -36.04
CA LYS G 98 13.59 -35.22 -35.41
C LYS G 98 12.30 -35.12 -36.25
N ARG G 99 11.15 -35.20 -35.59
CA ARG G 99 9.89 -34.81 -36.13
C ARG G 99 9.15 -33.92 -35.19
N GLY G 100 8.84 -32.72 -35.65
CA GLY G 100 8.34 -31.67 -34.75
C GLY G 100 9.50 -31.33 -33.82
N PRO G 101 9.18 -30.89 -32.56
CA PRO G 101 10.25 -30.53 -31.63
C PRO G 101 11.05 -31.75 -31.16
N GLY G 102 10.37 -32.84 -30.86
CA GLY G 102 10.99 -34.01 -30.23
C GLY G 102 11.58 -35.05 -31.17
N SER G 103 12.01 -36.16 -30.60
CA SER G 103 12.70 -37.22 -31.33
C SER G 103 11.68 -38.07 -32.09
N GLY G 104 12.13 -38.57 -33.25
CA GLY G 104 11.27 -39.38 -34.09
C GLY G 104 12.03 -40.49 -34.79
N PHE G 105 11.34 -41.13 -35.72
CA PHE G 105 11.91 -42.21 -36.50
C PHE G 105 11.28 -42.23 -37.89
N PHE G 106 11.80 -43.07 -38.75
CA PHE G 106 11.13 -43.43 -40.00
C PHE G 106 9.69 -43.84 -39.77
N SER G 107 8.75 -43.17 -40.46
CA SER G 107 7.34 -43.35 -40.17
C SER G 107 6.80 -44.74 -40.53
N ARG G 108 7.47 -45.43 -41.43
CA ARG G 108 7.02 -46.74 -41.88
C ARG G 108 7.78 -47.87 -41.20
N LEU G 109 8.60 -47.55 -40.22
CA LEU G 109 9.38 -48.59 -39.53
C LEU G 109 9.18 -48.52 -38.04
N ASN G 110 9.38 -49.65 -37.35
CA ASN G 110 9.05 -49.76 -35.93
C ASN G 110 10.26 -50.30 -35.16
N TRP G 111 11.02 -49.42 -34.50
CA TRP G 111 12.28 -49.81 -33.88
C TRP G 111 12.06 -50.48 -32.53
N LEU G 112 12.21 -51.82 -32.49
CA LEU G 112 11.85 -52.63 -31.34
C LEU G 112 13.11 -52.83 -30.50
N THR G 113 13.06 -52.34 -29.27
CA THR G 113 14.10 -52.55 -28.26
C THR G 113 13.58 -53.53 -27.19
N LYS G 114 14.33 -53.69 -26.10
CA LYS G 114 13.93 -54.56 -25.04
C LYS G 114 12.76 -54.01 -24.24
N SER G 115 12.06 -54.93 -23.57
CA SER G 115 11.05 -54.58 -22.58
C SER G 115 11.44 -55.11 -21.25
N GLY G 116 11.59 -54.23 -20.25
CA GLY G 116 12.15 -54.64 -18.96
C GLY G 116 13.60 -55.08 -19.12
N SER G 117 13.88 -56.32 -18.75
CA SER G 117 15.25 -56.84 -18.85
C SER G 117 15.35 -57.99 -19.82
N THR G 118 14.39 -58.09 -20.72
CA THR G 118 14.32 -59.27 -21.62
C THR G 118 13.91 -58.90 -23.01
N TYR G 119 14.56 -59.53 -24.05
CA TYR G 119 14.16 -59.40 -25.41
C TYR G 119 13.84 -60.82 -25.82
N PRO G 120 12.54 -61.12 -25.95
CA PRO G 120 12.15 -62.49 -26.33
C PRO G 120 12.29 -62.77 -27.82
N VAL G 121 12.27 -64.05 -28.17
CA VAL G 121 12.29 -64.43 -29.56
C VAL G 121 10.92 -64.08 -30.14
N LEU G 122 10.89 -63.03 -30.97
CA LEU G 122 9.72 -62.67 -31.73
C LEU G 122 9.51 -63.68 -32.86
N ASN G 123 8.24 -63.98 -33.09
CA ASN G 123 7.85 -64.83 -34.19
C ASN G 123 6.44 -64.49 -34.62
N VAL G 124 6.35 -63.58 -35.61
CA VAL G 124 5.03 -63.19 -36.15
C VAL G 124 4.92 -63.76 -37.56
N THR G 125 3.67 -63.86 -37.99
CA THR G 125 3.32 -64.33 -39.32
C THR G 125 2.28 -63.42 -39.91
N MET G 126 2.25 -63.16 -41.21
CA MET G 126 1.22 -62.29 -41.76
C MET G 126 0.90 -62.74 -43.16
N PRO G 127 -0.23 -63.47 -43.34
CA PRO G 127 -0.50 -63.99 -44.68
C PRO G 127 -1.00 -62.92 -45.63
N ASN G 128 -0.66 -63.09 -46.91
CA ASN G 128 -1.28 -62.31 -48.00
C ASN G 128 -2.42 -63.11 -48.61
N ASN G 129 -3.65 -62.76 -48.23
CA ASN G 129 -4.87 -63.34 -48.74
C ASN G 129 -5.54 -62.45 -49.78
N ASP G 130 -4.84 -61.38 -50.15
CA ASP G 130 -5.25 -60.52 -51.27
C ASP G 130 -4.69 -61.04 -52.60
N ASN G 131 -5.16 -60.43 -53.68
CA ASN G 131 -4.85 -60.81 -55.04
C ASN G 131 -3.71 -60.03 -55.67
N PHE G 132 -3.12 -59.10 -54.92
CA PHE G 132 -1.96 -58.30 -55.33
C PHE G 132 -0.73 -58.50 -54.41
N ASP G 133 0.42 -58.11 -54.95
CA ASP G 133 1.69 -58.27 -54.26
C ASP G 133 1.90 -57.21 -53.18
N LYS G 134 2.43 -57.65 -52.04
CA LYS G 134 2.72 -56.79 -50.93
C LYS G 134 4.20 -56.55 -50.88
N LEU G 135 4.65 -55.32 -50.75
CA LEU G 135 6.10 -55.10 -50.53
C LEU G 135 6.33 -54.67 -49.09
N TYR G 136 6.99 -55.50 -48.29
CA TYR G 136 7.35 -55.16 -46.92
C TYR G 136 8.75 -54.56 -46.85
N ILE G 137 8.89 -53.55 -46.03
CA ILE G 137 10.22 -52.90 -45.85
C ILE G 137 10.67 -53.07 -44.43
N TRP G 138 11.81 -53.71 -44.16
CA TRP G 138 12.24 -53.94 -42.77
C TRP G 138 13.73 -53.74 -42.70
N GLY G 139 14.31 -53.77 -41.51
CA GLY G 139 15.74 -53.51 -41.39
C GLY G 139 16.36 -54.07 -40.14
N VAL G 140 17.68 -53.84 -40.03
CA VAL G 140 18.47 -54.36 -38.94
C VAL G 140 19.37 -53.26 -38.41
N HIS G 141 19.38 -53.05 -37.09
CA HIS G 141 20.26 -52.04 -36.48
C HIS G 141 21.60 -52.68 -36.19
N HIS G 142 22.67 -52.02 -36.58
CA HIS G 142 24.04 -52.35 -36.26
C HIS G 142 24.58 -51.37 -35.19
N PRO G 143 24.62 -51.77 -33.90
CA PRO G 143 25.18 -50.87 -32.91
C PRO G 143 26.69 -50.71 -33.05
N SER G 144 27.22 -49.62 -32.53
CA SER G 144 28.66 -49.37 -32.65
C SER G 144 29.48 -50.00 -31.52
N THR G 145 28.87 -50.35 -30.39
CA THR G 145 29.55 -51.11 -29.33
C THR G 145 28.69 -52.25 -28.78
N ASN G 146 29.35 -53.13 -28.03
CA ASN G 146 28.65 -54.21 -27.28
C ASN G 146 27.73 -53.68 -26.18
N GLN G 147 28.16 -52.59 -25.55
CA GLN G 147 27.39 -51.83 -24.58
C GLN G 147 26.00 -51.44 -25.10
N GLU G 148 26.01 -50.85 -26.30
CA GLU G 148 24.83 -50.49 -27.00
C GLU G 148 23.96 -51.68 -27.36
N GLN G 149 24.59 -52.76 -27.83
CA GLN G 149 23.87 -53.98 -28.18
C GLN G 149 23.03 -54.52 -27.01
N THR G 150 23.65 -54.57 -25.81
CA THR G 150 22.97 -55.17 -24.70
C THR G 150 22.02 -54.22 -24.00
N SER G 151 22.25 -52.91 -24.18
CA SER G 151 21.35 -51.90 -23.65
C SER G 151 20.07 -51.92 -24.48
N LEU G 152 20.17 -52.01 -25.79
CA LEU G 152 18.99 -51.98 -26.61
C LEU G 152 18.23 -53.30 -26.72
N TYR G 153 18.95 -54.38 -26.89
CA TYR G 153 18.34 -55.68 -27.13
C TYR G 153 18.79 -56.82 -26.27
N VAL G 154 19.34 -56.55 -25.08
CA VAL G 154 19.69 -57.65 -24.12
C VAL G 154 20.82 -58.60 -24.66
N GLN G 155 20.43 -59.42 -25.63
CA GLN G 155 21.29 -60.46 -26.17
C GLN G 155 22.55 -59.84 -26.77
N ALA G 156 23.67 -60.54 -26.56
CA ALA G 156 24.99 -60.08 -27.00
C ALA G 156 25.10 -60.08 -28.53
N SER G 157 24.33 -60.91 -29.23
CA SER G 157 24.25 -60.83 -30.64
C SER G 157 22.86 -61.09 -31.13
N GLY G 158 22.37 -60.23 -32.02
CA GLY G 158 21.04 -60.28 -32.56
C GLY G 158 20.88 -61.18 -33.76
N ARG G 159 19.70 -61.30 -34.26
CA ARG G 159 19.43 -62.09 -35.47
C ARG G 159 18.08 -61.70 -36.03
N VAL G 160 18.01 -61.53 -37.33
CA VAL G 160 16.72 -61.25 -37.99
C VAL G 160 16.53 -62.21 -39.13
N THR G 161 15.46 -62.99 -39.14
CA THR G 161 15.18 -63.93 -40.20
C THR G 161 13.81 -63.66 -40.75
N VAL G 162 13.78 -63.14 -41.99
CA VAL G 162 12.53 -62.83 -42.67
C VAL G 162 12.39 -63.84 -43.83
N SER G 163 11.24 -64.38 -44.03
CA SER G 163 11.09 -65.56 -44.87
C SER G 163 9.73 -65.65 -45.51
N THR G 164 9.64 -66.39 -46.60
CA THR G 164 8.44 -66.80 -47.25
C THR G 164 8.54 -68.31 -47.53
N ARG G 165 7.55 -68.88 -48.23
CA ARG G 165 7.58 -70.28 -48.67
C ARG G 165 8.85 -70.61 -49.45
N ARG G 166 9.11 -69.81 -50.47
CA ARG G 166 10.23 -70.05 -51.40
C ARG G 166 11.59 -69.69 -50.81
N SER G 167 11.68 -68.53 -50.15
CA SER G 167 12.95 -67.92 -49.83
C SER G 167 13.08 -67.61 -48.36
N GLN G 168 14.30 -67.26 -47.97
CA GLN G 168 14.63 -66.80 -46.62
C GLN G 168 15.87 -65.95 -46.64
N GLN G 169 15.93 -64.97 -45.73
CA GLN G 169 17.11 -64.13 -45.48
C GLN G 169 17.33 -64.09 -43.98
N THR G 170 18.54 -64.45 -43.56
CA THR G 170 18.95 -64.27 -42.18
C THR G 170 20.11 -63.29 -42.17
N ILE G 171 19.99 -62.30 -41.31
CA ILE G 171 21.00 -61.26 -41.14
C ILE G 171 21.48 -61.31 -39.69
N ILE G 172 22.79 -61.35 -39.52
CA ILE G 172 23.42 -61.17 -38.22
C ILE G 172 23.97 -59.76 -38.21
N PRO G 173 23.57 -58.96 -37.19
CA PRO G 173 24.11 -57.59 -37.16
C PRO G 173 25.59 -57.43 -36.75
N ASN G 174 26.29 -56.55 -37.47
CA ASN G 174 27.72 -56.39 -37.26
C ASN G 174 28.00 -55.32 -36.23
N ILE G 175 28.47 -55.72 -35.06
CA ILE G 175 28.72 -54.78 -34.00
C ILE G 175 30.05 -54.05 -34.23
N GLY G 176 30.03 -52.75 -34.49
CA GLY G 176 31.28 -52.05 -34.66
C GLY G 176 31.11 -50.68 -35.22
N SER G 177 32.15 -49.85 -35.11
CA SER G 177 32.09 -48.46 -35.59
C SER G 177 32.15 -48.37 -37.10
N ARG G 178 31.27 -47.49 -37.65
CA ARG G 178 31.33 -47.03 -39.01
C ARG G 178 31.79 -45.58 -38.96
N PRO G 179 31.94 -44.95 -40.14
CA PRO G 179 32.29 -43.57 -40.18
C PRO G 179 31.21 -42.67 -39.55
N TRP G 180 31.68 -41.56 -39.02
CA TRP G 180 30.84 -40.75 -38.11
C TRP G 180 29.90 -39.87 -38.90
N VAL G 181 28.58 -40.13 -38.71
CA VAL G 181 27.54 -39.41 -39.48
C VAL G 181 26.56 -38.76 -38.52
N ARG G 182 26.52 -37.43 -38.53
CA ARG G 182 25.75 -36.65 -37.58
C ARG G 182 25.81 -37.19 -36.17
N GLY G 183 27.05 -37.43 -35.72
CA GLY G 183 27.35 -37.91 -34.37
C GLY G 183 27.03 -39.39 -34.06
N LEU G 184 26.88 -40.17 -35.13
CA LEU G 184 26.47 -41.58 -34.93
C LEU G 184 27.29 -42.55 -35.74
N SER G 185 28.16 -43.29 -35.04
CA SER G 185 28.90 -44.43 -35.59
C SER G 185 28.02 -45.65 -35.95
N SER G 186 26.86 -45.80 -35.30
CA SER G 186 25.92 -46.88 -35.62
C SER G 186 25.23 -46.67 -36.98
N ARG G 187 24.55 -47.71 -37.45
CA ARG G 187 23.89 -47.77 -38.76
C ARG G 187 22.67 -48.71 -38.74
N ILE G 188 21.79 -48.48 -39.72
CA ILE G 188 20.71 -49.41 -40.00
C ILE G 188 20.91 -49.87 -41.43
N SER G 189 20.75 -51.18 -41.66
CA SER G 189 20.71 -51.74 -43.01
C SER G 189 19.26 -52.06 -43.40
N ILE G 190 18.92 -51.71 -44.64
CA ILE G 190 17.54 -51.86 -45.11
C ILE G 190 17.41 -53.08 -46.03
N TYR G 191 16.42 -53.90 -45.80
CA TYR G 191 16.11 -55.07 -46.59
C TYR G 191 14.63 -55.03 -46.93
N TRP G 192 14.23 -55.82 -47.92
CA TRP G 192 12.84 -55.92 -48.34
C TRP G 192 12.42 -57.34 -48.72
N THR G 193 11.11 -57.58 -48.69
CA THR G 193 10.54 -58.88 -49.05
C THR G 193 9.21 -58.66 -49.73
N ILE G 194 9.04 -59.32 -50.88
CA ILE G 194 7.77 -59.32 -51.58
C ILE G 194 7.00 -60.59 -51.25
N VAL G 195 5.71 -60.44 -50.98
CA VAL G 195 4.89 -61.58 -50.62
C VAL G 195 3.72 -61.65 -51.59
N LYS G 196 3.66 -62.72 -52.39
CA LYS G 196 2.69 -62.86 -53.44
C LYS G 196 1.37 -63.37 -52.87
N PRO G 197 0.31 -63.33 -53.68
CA PRO G 197 -0.96 -63.94 -53.30
C PRO G 197 -0.92 -65.39 -52.88
N GLY G 198 -1.49 -65.66 -51.70
CA GLY G 198 -1.35 -66.97 -51.09
C GLY G 198 -0.20 -67.10 -50.11
N ASP G 199 0.90 -66.41 -50.39
CA ASP G 199 2.11 -66.60 -49.57
C ASP G 199 2.05 -65.80 -48.25
N VAL G 200 2.94 -66.27 -47.36
CA VAL G 200 3.01 -65.77 -45.98
C VAL G 200 4.38 -65.25 -45.51
N LEU G 201 4.43 -63.97 -45.09
CA LEU G 201 5.62 -63.43 -44.47
C LEU G 201 5.76 -63.98 -43.09
N VAL G 202 6.94 -64.43 -42.75
CA VAL G 202 7.24 -64.83 -41.37
C VAL G 202 8.50 -64.10 -40.96
N ILE G 203 8.37 -63.28 -39.91
CA ILE G 203 9.51 -62.58 -39.34
C ILE G 203 9.81 -63.24 -37.99
N ASN G 204 11.09 -63.42 -37.74
CA ASN G 204 11.55 -64.07 -36.52
C ASN G 204 12.80 -63.34 -36.07
N SER G 205 12.85 -62.95 -34.82
CA SER G 205 14.07 -62.24 -34.36
C SER G 205 14.25 -62.32 -32.85
N ASN G 206 15.50 -62.44 -32.42
CA ASN G 206 15.90 -62.32 -31.03
C ASN G 206 16.76 -61.07 -30.80
N GLY G 207 16.63 -60.06 -31.64
CA GLY G 207 17.37 -58.84 -31.45
C GLY G 207 17.59 -58.03 -32.72
N ASN G 208 17.72 -56.71 -32.57
CA ASN G 208 18.19 -55.79 -33.60
C ASN G 208 17.22 -55.63 -34.78
N LEU G 209 15.99 -56.09 -34.61
CA LEU G 209 14.99 -55.97 -35.66
C LEU G 209 14.46 -54.55 -35.77
N ILE G 210 14.48 -53.98 -36.97
CA ILE G 210 13.67 -52.76 -37.21
C ILE G 210 12.45 -53.24 -37.99
N ALA G 211 11.31 -53.36 -37.34
CA ALA G 211 10.19 -54.11 -37.86
C ALA G 211 9.39 -53.25 -38.85
N PRO G 212 8.70 -53.92 -39.81
CA PRO G 212 7.79 -53.22 -40.71
C PRO G 212 6.43 -52.89 -40.11
N ARG G 213 5.87 -51.74 -40.48
CA ARG G 213 4.58 -51.36 -39.89
C ARG G 213 3.39 -51.87 -40.71
N GLY G 214 3.67 -52.41 -41.87
CA GLY G 214 2.63 -52.81 -42.81
C GLY G 214 3.25 -53.08 -44.15
N TYR G 215 2.54 -52.80 -45.26
CA TYR G 215 3.12 -53.07 -46.58
C TYR G 215 2.84 -51.98 -47.56
N PHE G 216 3.43 -52.07 -48.73
CA PHE G 216 3.17 -51.14 -49.82
C PHE G 216 2.49 -51.87 -50.96
N LYS G 217 1.43 -51.34 -51.50
CA LYS G 217 0.66 -51.96 -52.55
C LYS G 217 1.45 -51.84 -53.84
N MET G 218 1.67 -52.98 -54.51
CA MET G 218 2.45 -53.04 -55.73
C MET G 218 1.57 -52.99 -56.97
N ARG G 219 2.09 -52.35 -58.00
CA ARG G 219 1.45 -52.28 -59.32
C ARG G 219 2.49 -52.52 -60.40
N THR G 220 2.02 -52.81 -61.60
CA THR G 220 2.90 -52.98 -62.75
C THR G 220 2.45 -52.08 -63.86
N GLY G 221 3.15 -50.95 -64.03
CA GLY G 221 2.82 -49.96 -65.07
C GLY G 221 4.01 -49.44 -65.87
N LYS G 222 3.92 -48.19 -66.32
CA LYS G 222 4.99 -47.54 -67.06
C LYS G 222 5.83 -46.60 -66.18
N SER G 223 5.67 -46.68 -64.86
CA SER G 223 6.29 -45.72 -63.96
C SER G 223 7.82 -45.87 -63.95
N SER G 224 8.52 -44.81 -63.59
CA SER G 224 9.98 -44.86 -63.56
C SER G 224 10.58 -43.75 -62.70
N ILE G 225 11.89 -43.59 -62.75
CA ILE G 225 12.58 -42.56 -61.96
C ILE G 225 13.71 -41.99 -62.79
N MET G 226 14.05 -40.75 -62.50
CA MET G 226 15.07 -40.03 -63.29
C MET G 226 15.82 -39.01 -62.44
N ARG G 227 17.15 -38.91 -62.63
CA ARG G 227 17.96 -37.93 -61.96
C ARG G 227 18.05 -36.68 -62.83
N SER G 228 17.69 -35.54 -62.29
CA SER G 228 17.64 -34.29 -63.04
C SER G 228 17.67 -33.10 -62.10
N ASP G 229 18.26 -32.01 -62.55
CA ASP G 229 18.19 -30.74 -61.82
C ASP G 229 17.35 -29.69 -62.53
N ALA G 230 16.72 -30.09 -63.63
CA ALA G 230 15.90 -29.14 -64.44
C ALA G 230 14.55 -28.87 -63.76
N PRO G 231 14.17 -27.57 -63.63
CA PRO G 231 12.94 -27.27 -62.88
C PRO G 231 11.65 -27.67 -63.60
N ILE G 232 10.53 -27.70 -62.87
CA ILE G 232 9.22 -28.09 -63.44
C ILE G 232 8.48 -26.85 -63.97
N ASP G 233 7.67 -27.04 -65.02
CA ASP G 233 6.92 -25.95 -65.65
C ASP G 233 5.54 -26.42 -66.14
N THR G 234 4.61 -25.48 -66.25
CA THR G 234 3.23 -25.76 -66.72
C THR G 234 3.10 -25.74 -68.25
N CYS G 235 3.60 -26.81 -68.89
CA CYS G 235 3.54 -26.99 -70.35
C CYS G 235 3.14 -28.43 -70.70
N ILE G 236 3.15 -28.78 -72.00
CA ILE G 236 2.91 -30.12 -72.49
C ILE G 236 4.10 -30.57 -73.36
N SER G 237 4.59 -31.78 -73.06
CA SER G 237 5.64 -32.40 -73.86
C SER G 237 5.69 -33.92 -73.59
N GLU G 238 5.58 -34.71 -74.66
CA GLU G 238 5.57 -36.18 -74.53
C GLU G 238 6.89 -36.76 -73.99
N CYS G 239 7.98 -36.26 -74.54
CA CYS G 239 9.35 -36.68 -74.21
C CYS G 239 9.95 -35.80 -73.10
N ILE G 240 10.56 -36.50 -72.17
CA ILE G 240 11.26 -35.87 -71.04
C ILE G 240 12.68 -36.38 -70.97
N THR G 241 13.65 -35.50 -70.78
CA THR G 241 15.03 -35.93 -70.54
C THR G 241 15.50 -35.23 -69.28
N PRO G 242 16.68 -35.61 -68.79
CA PRO G 242 17.31 -34.87 -67.69
C PRO G 242 17.64 -33.41 -67.94
N ASN G 243 18.05 -33.12 -69.19
CA ASN G 243 18.31 -31.75 -69.63
C ASN G 243 17.03 -30.92 -69.86
N GLY G 244 15.89 -31.59 -69.91
CA GLY G 244 14.64 -30.86 -70.05
C GLY G 244 13.71 -31.57 -70.96
N SER G 245 12.49 -31.13 -71.11
CA SER G 245 11.59 -31.70 -72.10
C SER G 245 11.95 -31.29 -73.50
N ILE G 246 11.76 -32.26 -74.43
CA ILE G 246 12.07 -32.04 -75.83
C ILE G 246 10.84 -32.39 -76.70
N PRO G 247 10.63 -31.63 -77.80
CA PRO G 247 9.67 -32.09 -78.82
C PRO G 247 10.17 -33.39 -79.45
N ASN G 248 9.23 -34.32 -79.68
CA ASN G 248 9.52 -35.65 -80.22
C ASN G 248 9.20 -35.77 -81.72
N ASP G 249 8.87 -34.64 -82.37
CA ASP G 249 8.53 -34.61 -83.79
C ASP G 249 9.63 -35.17 -84.71
N LYS G 250 10.89 -34.89 -84.35
CA LYS G 250 12.04 -35.37 -85.12
C LYS G 250 12.29 -36.84 -84.78
N PRO G 251 12.71 -37.65 -85.77
CA PRO G 251 12.84 -39.09 -85.56
C PRO G 251 14.01 -39.52 -84.64
N PHE G 252 15.03 -38.68 -84.51
CA PHE G 252 16.19 -38.95 -83.64
C PHE G 252 16.50 -37.75 -82.74
N GLN G 253 17.42 -37.97 -81.79
CA GLN G 253 17.87 -36.93 -80.85
C GLN G 253 19.23 -37.23 -80.19
N ASN G 254 19.93 -36.20 -79.74
CA ASN G 254 21.19 -36.40 -79.02
C ASN G 254 21.32 -35.44 -77.84
N VAL G 255 20.18 -35.16 -77.22
CA VAL G 255 20.14 -34.29 -76.02
C VAL G 255 20.66 -35.07 -74.80
N ASN G 256 20.17 -36.30 -74.65
CA ASN G 256 20.59 -37.18 -73.55
C ASN G 256 20.24 -38.64 -73.86
N LYS G 257 21.12 -39.56 -73.46
CA LYS G 257 20.85 -41.01 -73.58
C LYS G 257 19.68 -41.50 -72.71
N ILE G 258 19.43 -40.83 -71.58
CA ILE G 258 18.34 -41.14 -70.68
C ILE G 258 17.11 -40.34 -71.10
N THR G 259 16.01 -41.07 -71.32
CA THR G 259 14.72 -40.45 -71.67
C THR G 259 13.53 -41.14 -70.99
N TYR G 260 12.39 -40.46 -71.00
CA TYR G 260 11.14 -41.01 -70.50
C TYR G 260 9.97 -40.56 -71.38
N GLY G 261 9.15 -41.53 -71.74
CA GLY G 261 7.95 -41.31 -72.54
C GLY G 261 8.15 -41.74 -73.98
N ALA G 262 7.29 -41.23 -74.85
CA ALA G 262 7.40 -41.48 -76.29
C ALA G 262 8.42 -40.54 -76.91
N CYS G 263 9.64 -41.04 -77.12
CA CYS G 263 10.80 -40.23 -77.49
C CYS G 263 11.45 -40.63 -78.81
N PRO G 264 12.28 -39.73 -79.38
CA PRO G 264 13.19 -40.10 -80.48
C PRO G 264 14.37 -40.94 -79.97
N LYS G 265 15.03 -41.66 -80.88
CA LYS G 265 16.14 -42.55 -80.53
C LYS G 265 17.45 -41.78 -80.38
N TYR G 266 18.30 -42.22 -79.46
CA TYR G 266 19.54 -41.51 -79.12
C TYR G 266 20.65 -41.76 -80.14
N VAL G 267 21.37 -40.69 -80.51
CA VAL G 267 22.46 -40.74 -81.53
C VAL G 267 23.52 -39.77 -81.02
N VAL H 2 24.18 -48.60 -9.70
CA VAL H 2 24.11 -47.12 -9.77
C VAL H 2 23.83 -46.57 -8.39
N GLN H 3 24.47 -45.47 -8.06
CA GLN H 3 24.25 -44.79 -6.80
C GLN H 3 23.88 -43.33 -7.08
N LEU H 4 23.15 -42.78 -6.12
CA LEU H 4 22.71 -41.40 -6.12
C LEU H 4 23.14 -40.74 -4.81
N GLN H 5 23.21 -39.41 -4.84
CA GLN H 5 23.61 -38.65 -3.67
C GLN H 5 23.17 -37.23 -3.81
N GLU H 6 22.51 -36.69 -2.80
CA GLU H 6 21.98 -35.33 -2.82
C GLU H 6 22.84 -34.38 -2.00
N SER H 7 22.61 -33.12 -2.26
CA SER H 7 23.30 -32.02 -1.55
C SER H 7 22.49 -30.75 -1.73
N GLY H 8 22.88 -29.71 -0.99
CA GLY H 8 22.36 -28.36 -1.18
C GLY H 8 21.39 -27.94 -0.10
N GLY H 9 21.04 -28.89 0.76
CA GLY H 9 20.03 -28.67 1.77
C GLY H 9 20.54 -27.87 2.96
N GLY H 10 19.62 -27.18 3.60
CA GLY H 10 19.97 -26.31 4.71
C GLY H 10 18.76 -25.58 5.25
N LEU H 11 19.05 -24.50 5.96
CA LEU H 11 18.03 -23.61 6.50
C LEU H 11 17.77 -22.46 5.52
N VAL H 12 16.49 -22.17 5.32
CA VAL H 12 16.04 -20.95 4.59
C VAL H 12 14.82 -20.29 5.27
N GLN H 13 14.65 -18.99 5.01
CA GLN H 13 13.49 -18.22 5.49
C GLN H 13 12.30 -18.43 4.58
N PRO H 14 11.09 -18.35 5.14
CA PRO H 14 9.89 -18.40 4.26
C PRO H 14 9.82 -17.33 3.16
N GLY H 15 9.95 -17.79 1.92
CA GLY H 15 9.87 -16.96 0.73
C GLY H 15 11.12 -17.00 -0.14
N GLU H 16 12.25 -17.31 0.48
CA GLU H 16 13.54 -17.48 -0.16
C GLU H 16 13.63 -18.64 -1.16
N SER H 17 14.75 -18.60 -1.91
CA SER H 17 15.13 -19.64 -2.86
C SER H 17 16.23 -20.57 -2.36
N LEU H 18 16.24 -21.79 -2.89
CA LEU H 18 17.28 -22.76 -2.60
C LEU H 18 17.33 -23.80 -3.72
N ARG H 19 18.53 -24.01 -4.25
CA ARG H 19 18.76 -25.04 -5.24
C ARG H 19 19.24 -26.31 -4.54
N LEU H 20 18.72 -27.44 -5.00
CA LEU H 20 19.23 -28.76 -4.57
C LEU H 20 19.86 -29.50 -5.75
N SER H 21 20.98 -30.17 -5.51
CA SER H 21 21.64 -30.98 -6.55
C SER H 21 21.50 -32.47 -6.22
N CYS H 22 21.83 -33.27 -7.21
CA CYS H 22 21.86 -34.74 -7.08
C CYS H 22 22.76 -35.39 -8.10
N VAL H 23 23.91 -35.93 -7.64
CA VAL H 23 24.92 -36.47 -8.52
C VAL H 23 24.86 -38.01 -8.48
N GLY H 24 24.82 -38.59 -9.70
CA GLY H 24 24.79 -40.00 -9.88
C GLY H 24 26.21 -40.54 -10.11
N SER H 25 26.24 -41.85 -10.09
CA SER H 25 27.50 -42.56 -10.42
C SER H 25 27.25 -44.00 -10.73
N GLY H 26 28.18 -44.59 -11.52
CA GLY H 26 28.28 -46.04 -11.72
C GLY H 26 27.63 -46.51 -12.99
N SER H 27 27.42 -47.81 -13.05
CA SER H 27 26.82 -48.49 -14.22
C SER H 27 25.81 -49.57 -13.87
N SER H 28 24.69 -49.58 -14.60
CA SER H 28 23.70 -50.63 -14.51
C SER H 28 23.84 -51.50 -15.76
N PHE H 29 22.73 -52.14 -16.15
CA PHE H 29 22.73 -53.09 -17.27
C PHE H 29 23.26 -52.46 -18.57
N GLY H 30 24.06 -53.23 -19.30
CA GLY H 30 24.92 -52.70 -20.36
C GLY H 30 26.10 -52.06 -19.64
N GLU H 31 26.29 -50.77 -19.83
CA GLU H 31 27.07 -49.93 -18.86
C GLU H 31 26.38 -48.59 -18.61
N SER H 32 25.07 -48.63 -18.43
CA SER H 32 24.24 -47.43 -18.41
C SER H 32 24.29 -46.55 -17.16
N THR H 33 24.55 -45.26 -17.38
CA THR H 33 24.63 -44.27 -16.33
C THR H 33 23.24 -43.63 -16.10
N LEU H 34 23.19 -42.76 -15.11
CA LEU H 34 21.98 -42.03 -14.76
C LEU H 34 21.32 -41.28 -15.94
N SER H 35 22.14 -40.83 -16.88
CA SER H 35 21.66 -40.13 -18.06
C SER H 35 20.85 -40.99 -19.03
N TYR H 36 20.76 -42.31 -18.77
CA TYR H 36 19.92 -43.20 -19.56
C TYR H 36 18.49 -43.25 -19.04
N TYR H 37 18.28 -42.73 -17.82
CA TYR H 37 17.04 -42.96 -17.09
C TYR H 37 16.29 -41.67 -16.75
N ALA H 38 14.98 -41.82 -16.58
CA ALA H 38 14.14 -40.82 -15.95
C ALA H 38 14.20 -40.80 -14.44
N VAL H 39 14.19 -39.59 -13.86
CA VAL H 39 14.40 -39.42 -12.44
C VAL H 39 13.35 -38.45 -11.87
N SER H 40 13.01 -38.60 -10.65
CA SER H 40 12.07 -37.74 -9.95
C SER H 40 12.56 -37.28 -8.61
N TRP H 41 12.02 -36.13 -8.15
CA TRP H 41 12.24 -35.67 -6.78
C TRP H 41 11.00 -35.94 -5.94
N VAL H 42 11.22 -36.43 -4.74
CA VAL H 42 10.18 -36.87 -3.80
C VAL H 42 10.57 -36.30 -2.47
N ARG H 43 9.61 -35.75 -1.73
CA ARG H 43 9.91 -35.25 -0.39
C ARG H 43 9.07 -35.97 0.68
N GLN H 44 9.48 -35.74 1.91
CA GLN H 44 8.89 -36.37 3.06
C GLN H 44 8.96 -35.42 4.23
N ALA H 45 7.81 -34.84 4.64
CA ALA H 45 7.78 -33.95 5.77
C ALA H 45 8.00 -34.73 7.04
N PRO H 46 8.45 -34.09 8.13
CA PRO H 46 8.76 -34.87 9.34
C PRO H 46 7.59 -35.68 9.87
N GLY H 47 7.79 -37.00 9.98
CA GLY H 47 6.73 -37.91 10.45
C GLY H 47 5.55 -38.09 9.52
N LYS H 48 5.74 -37.76 8.24
CA LYS H 48 4.69 -37.91 7.23
C LYS H 48 5.16 -38.86 6.13
N GLY H 49 4.25 -39.13 5.19
CA GLY H 49 4.50 -40.02 4.08
C GLY H 49 5.28 -39.43 2.93
N LEU H 50 5.37 -40.21 1.86
CA LEU H 50 6.17 -39.78 0.69
C LEU H 50 5.32 -38.98 -0.24
N GLU H 51 5.81 -37.79 -0.69
CA GLU H 51 5.13 -36.94 -1.64
C GLU H 51 6.00 -36.73 -2.90
N TRP H 52 5.45 -37.18 -4.03
CA TRP H 52 6.08 -36.98 -5.32
C TRP H 52 6.01 -35.50 -5.72
N LEU H 53 7.12 -34.96 -6.21
CA LEU H 53 7.13 -33.53 -6.62
C LEU H 53 7.16 -33.32 -8.14
N SER H 54 8.08 -34.02 -8.79
CA SER H 54 8.33 -33.80 -10.18
C SER H 54 9.07 -34.95 -10.84
N ILE H 55 9.01 -34.96 -12.13
CA ILE H 55 9.74 -35.99 -12.92
C ILE H 55 10.31 -35.40 -14.17
N ILE H 56 11.57 -35.72 -14.51
CA ILE H 56 12.19 -35.34 -15.77
C ILE H 56 12.55 -36.61 -16.53
N ASN H 57 12.44 -36.50 -17.82
CA ASN H 57 12.85 -37.61 -18.71
C ASN H 57 14.32 -37.53 -19.08
N ALA H 58 14.93 -38.68 -19.30
CA ALA H 58 16.36 -38.83 -19.57
C ALA H 58 16.98 -37.65 -20.36
N GLY H 59 16.30 -37.21 -21.42
CA GLY H 59 16.77 -36.18 -22.28
C GLY H 59 16.50 -34.75 -21.89
N GLY H 60 15.83 -34.57 -20.75
CA GLY H 60 15.46 -33.27 -20.22
C GLY H 60 14.01 -32.89 -20.44
N GLY H 61 13.24 -33.75 -21.10
CA GLY H 61 11.88 -33.42 -21.50
C GLY H 61 10.80 -34.00 -20.61
N ASP H 62 9.56 -33.94 -21.09
CA ASP H 62 8.39 -34.55 -20.47
C ASP H 62 8.23 -34.22 -19.01
N ILE H 63 8.46 -32.94 -18.70
CA ILE H 63 8.39 -32.47 -17.29
C ILE H 63 6.97 -32.23 -16.87
N ASP H 64 6.59 -32.79 -15.69
CA ASP H 64 5.37 -32.49 -14.97
C ASP H 64 5.65 -32.25 -13.48
N TYR H 65 4.64 -31.67 -12.81
CA TYR H 65 4.75 -31.26 -11.44
C TYR H 65 3.53 -31.71 -10.64
N ALA H 66 3.70 -31.61 -9.33
CA ALA H 66 2.57 -31.77 -8.38
C ALA H 66 1.93 -30.41 -8.12
N ASP H 67 0.63 -30.45 -7.84
CA ASP H 67 -0.17 -29.23 -7.61
C ASP H 67 0.34 -28.40 -6.44
N SER H 68 0.96 -29.05 -5.46
CA SER H 68 1.54 -28.37 -4.32
C SER H 68 2.73 -27.44 -4.58
N VAL H 69 3.48 -27.71 -5.65
CA VAL H 69 4.74 -27.01 -5.91
C VAL H 69 4.77 -26.36 -7.33
N GLU H 70 3.73 -26.55 -8.14
CA GLU H 70 3.71 -26.04 -9.51
C GLU H 70 3.73 -24.51 -9.48
N GLY H 71 4.49 -23.92 -10.39
CA GLY H 71 4.73 -22.50 -10.40
C GLY H 71 5.94 -22.04 -9.61
N ARG H 72 6.40 -22.84 -8.64
CA ARG H 72 7.48 -22.39 -7.78
C ARG H 72 8.76 -23.19 -7.98
N PHE H 73 8.63 -24.50 -8.27
CA PHE H 73 9.72 -25.40 -8.47
C PHE H 73 10.07 -25.60 -9.94
N THR H 74 11.34 -25.76 -10.23
CA THR H 74 11.83 -26.00 -11.58
C THR H 74 12.79 -27.15 -11.58
N ILE H 75 12.47 -28.22 -12.32
CA ILE H 75 13.35 -29.38 -12.43
C ILE H 75 14.26 -29.27 -13.65
N SER H 76 15.52 -29.69 -13.50
CA SER H 76 16.44 -29.60 -14.64
C SER H 76 17.60 -30.55 -14.49
N ARG H 77 18.28 -30.91 -15.61
CA ARG H 77 19.40 -31.83 -15.54
C ARG H 77 20.51 -31.49 -16.51
N ASP H 78 21.74 -31.78 -16.08
CA ASP H 78 22.93 -31.62 -16.90
C ASP H 78 23.54 -33.02 -17.03
N ASN H 79 23.28 -33.69 -18.14
CA ASN H 79 23.66 -35.10 -18.26
C ASN H 79 25.10 -35.31 -18.61
N SER H 80 25.81 -34.25 -18.95
CA SER H 80 27.28 -34.34 -19.09
C SER H 80 27.94 -34.50 -17.72
N LYS H 81 27.27 -33.94 -16.69
CA LYS H 81 27.75 -34.06 -15.29
C LYS H 81 27.03 -35.13 -14.50
N GLU H 82 26.09 -35.87 -15.14
CA GLU H 82 25.26 -36.84 -14.51
C GLU H 82 24.50 -36.30 -13.31
N THR H 83 24.03 -35.04 -13.42
CA THR H 83 23.47 -34.31 -12.27
C THR H 83 22.05 -33.85 -12.52
N LEU H 84 21.23 -33.95 -11.48
CA LEU H 84 19.87 -33.39 -11.47
C LEU H 84 19.79 -32.23 -10.49
N TYR H 85 18.88 -31.32 -10.75
CA TYR H 85 18.66 -30.13 -9.95
C TYR H 85 17.18 -29.90 -9.69
N LEU H 86 16.87 -29.38 -8.49
CA LEU H 86 15.52 -28.92 -8.18
C LEU H 86 15.61 -27.49 -7.63
N GLN H 87 15.25 -26.47 -8.43
CA GLN H 87 15.25 -25.11 -7.99
C GLN H 87 13.92 -24.95 -7.29
N MET H 88 14.00 -24.46 -6.08
CA MET H 88 12.80 -24.14 -5.28
C MET H 88 12.77 -22.65 -5.03
N THR H 89 11.59 -22.04 -5.30
CA THR H 89 11.39 -20.62 -5.02
C THR H 89 10.16 -20.40 -4.16
N ASN H 90 9.99 -19.17 -3.65
CA ASN H 90 8.79 -18.81 -2.84
C ASN H 90 8.43 -19.88 -1.80
N LEU H 91 9.44 -20.31 -1.05
CA LEU H 91 9.29 -21.41 -0.08
C LEU H 91 8.37 -21.08 1.08
N ARG H 92 7.73 -22.10 1.62
CA ARG H 92 6.80 -21.93 2.74
C ARG H 92 7.18 -22.90 3.82
N VAL H 93 6.59 -22.69 5.00
CA VAL H 93 6.92 -23.50 6.18
C VAL H 93 6.63 -24.98 5.98
N GLU H 94 5.52 -25.27 5.31
CA GLU H 94 5.08 -26.63 5.06
C GLU H 94 5.88 -27.34 3.97
N ASP H 95 6.82 -26.62 3.33
CA ASP H 95 7.74 -27.21 2.39
C ASP H 95 8.92 -27.89 3.10
N THR H 96 8.98 -27.77 4.42
CA THR H 96 10.02 -28.37 5.21
C THR H 96 10.03 -29.89 5.10
N GLY H 97 11.18 -30.49 4.91
CA GLY H 97 11.19 -31.96 4.78
C GLY H 97 12.53 -32.50 4.34
N VAL H 98 12.62 -33.81 4.27
CA VAL H 98 13.77 -34.47 3.60
C VAL H 98 13.39 -34.65 2.12
N TYR H 99 14.30 -34.25 1.25
CA TYR H 99 14.11 -34.32 -0.19
C TYR H 99 14.99 -35.41 -0.80
N TYR H 100 14.32 -36.28 -1.56
CA TYR H 100 14.96 -37.48 -2.14
C TYR H 100 15.09 -37.41 -3.66
N CYS H 101 16.19 -37.90 -4.14
CA CYS H 101 16.37 -38.19 -5.57
C CYS H 101 16.01 -39.64 -5.84
N ALA H 102 15.19 -39.93 -6.88
CA ALA H 102 14.72 -41.30 -7.10
C ALA H 102 14.69 -41.71 -8.56
N LYS H 103 15.49 -42.66 -9.01
CA LYS H 103 15.49 -43.06 -10.43
C LYS H 103 14.41 -44.07 -10.78
N HIS H 104 13.67 -43.87 -11.87
CA HIS H 104 12.70 -44.83 -12.42
C HIS H 104 13.44 -45.91 -13.20
N MET H 105 13.01 -47.17 -13.15
CA MET H 105 13.93 -48.24 -13.59
C MET H 105 14.06 -48.33 -15.11
N SER H 106 12.94 -48.29 -15.83
CA SER H 106 12.95 -48.52 -17.30
C SER H 106 13.88 -47.57 -18.05
N MET H 107 14.72 -48.13 -18.93
CA MET H 107 15.66 -47.31 -19.68
C MET H 107 14.91 -46.41 -20.65
N GLN H 108 15.20 -45.14 -20.66
CA GLN H 108 14.55 -44.15 -21.51
C GLN H 108 15.39 -43.67 -22.68
N GLN H 109 16.73 -43.65 -22.51
CA GLN H 109 17.60 -43.37 -23.61
C GLN H 109 18.95 -44.07 -23.51
N VAL H 110 19.61 -44.15 -24.66
CA VAL H 110 20.99 -44.57 -24.80
C VAL H 110 21.68 -43.49 -25.61
N PRO H 111 22.32 -42.51 -24.95
CA PRO H 111 22.85 -41.34 -25.62
C PRO H 111 23.85 -41.57 -26.75
N SER H 112 24.77 -42.51 -26.54
CA SER H 112 25.84 -42.77 -27.52
C SER H 112 25.27 -43.41 -28.79
N ALA H 113 24.08 -43.99 -28.65
CA ALA H 113 23.45 -44.71 -29.77
C ALA H 113 22.53 -43.80 -30.60
N GLY H 114 22.01 -42.77 -29.96
CA GLY H 114 20.95 -41.96 -30.41
C GLY H 114 19.58 -42.58 -30.35
N TRP H 115 19.34 -43.34 -29.29
CA TRP H 115 18.00 -43.88 -28.99
C TRP H 115 17.27 -43.08 -27.92
N GLU H 116 15.97 -42.89 -28.16
CA GLU H 116 15.07 -42.36 -27.13
C GLU H 116 13.69 -43.03 -27.15
N ARG H 117 13.22 -43.47 -26.00
CA ARG H 117 11.85 -44.03 -25.93
C ARG H 117 10.80 -42.94 -25.99
N GLU H 118 9.84 -43.05 -26.92
CA GLU H 118 8.91 -41.97 -27.14
C GLU H 118 7.95 -41.72 -25.98
N ASP H 119 7.50 -42.81 -25.34
CA ASP H 119 6.76 -42.72 -24.07
C ASP H 119 7.64 -42.69 -22.80
N LEU H 120 7.33 -41.75 -21.88
CA LEU H 120 7.95 -41.73 -20.57
C LEU H 120 7.19 -42.68 -19.66
N VAL H 121 7.86 -43.77 -19.28
CA VAL H 121 7.21 -44.83 -18.48
C VAL H 121 6.99 -44.38 -17.04
N GLY H 122 8.05 -43.88 -16.41
CA GLY H 122 8.02 -43.35 -15.06
C GLY H 122 7.57 -44.31 -14.00
N ASP H 123 8.05 -45.54 -14.14
CA ASP H 123 7.69 -46.71 -13.28
C ASP H 123 8.40 -46.79 -11.93
N ALA H 124 8.95 -47.96 -11.54
CA ALA H 124 9.30 -48.14 -10.15
C ALA H 124 10.63 -47.49 -9.74
N PHE H 125 10.66 -46.85 -8.56
CA PHE H 125 11.86 -46.18 -8.12
C PHE H 125 12.87 -47.18 -7.56
N ASP H 126 13.73 -47.72 -8.43
CA ASP H 126 14.59 -48.83 -8.10
C ASP H 126 15.86 -48.38 -7.40
N VAL H 127 16.19 -47.09 -7.53
CA VAL H 127 17.29 -46.48 -6.80
C VAL H 127 16.94 -45.13 -6.13
N TRP H 128 17.25 -45.00 -4.84
CA TRP H 128 17.02 -43.74 -4.11
C TRP H 128 18.30 -43.24 -3.50
N GLY H 129 18.50 -41.93 -3.39
CA GLY H 129 19.56 -41.37 -2.60
C GLY H 129 19.24 -41.39 -1.11
N GLN H 130 20.17 -40.91 -0.29
CA GLN H 130 20.03 -40.91 1.17
C GLN H 130 19.12 -39.77 1.66
N GLY H 131 19.02 -38.73 0.82
CA GLY H 131 18.13 -37.62 1.02
C GLY H 131 18.86 -36.39 1.52
N THR H 132 18.23 -35.26 1.51
CA THR H 132 18.91 -34.04 2.04
C THR H 132 17.88 -33.18 2.68
N MET H 133 18.13 -32.68 3.90
CA MET H 133 17.08 -32.00 4.68
C MET H 133 17.01 -30.50 4.40
N VAL H 134 15.83 -30.07 3.93
CA VAL H 134 15.51 -28.65 3.81
C VAL H 134 14.59 -28.18 4.93
N THR H 135 14.92 -27.08 5.48
CA THR H 135 14.11 -26.49 6.59
C THR H 135 13.75 -25.05 6.31
N VAL H 136 12.46 -24.77 6.41
CA VAL H 136 11.93 -23.42 6.20
C VAL H 136 11.48 -22.82 7.52
N SER H 137 12.25 -21.90 8.10
CA SER H 137 11.77 -21.20 9.30
C SER H 137 12.51 -19.89 9.50
N SER H 138 11.83 -18.94 10.15
CA SER H 138 12.36 -17.64 10.48
C SER H 138 13.23 -17.70 11.72
N ALA H 139 13.12 -18.77 12.51
CA ALA H 139 14.04 -18.98 13.65
C ALA H 139 15.51 -19.09 13.19
N SER H 140 16.41 -18.42 13.90
CA SER H 140 17.80 -18.36 13.49
C SER H 140 18.56 -19.64 13.75
N THR H 141 19.61 -19.89 12.95
CA THR H 141 20.44 -21.06 13.13
C THR H 141 21.19 -20.96 14.47
N LYS H 142 21.32 -22.07 15.16
CA LYS H 142 22.21 -22.17 16.33
C LYS H 142 22.91 -23.51 16.31
N GLY H 143 24.24 -23.52 16.48
CA GLY H 143 25.00 -24.76 16.55
C GLY H 143 24.88 -25.43 17.91
N PRO H 144 25.03 -26.77 17.96
CA PRO H 144 24.82 -27.51 19.21
C PRO H 144 26.01 -27.44 20.16
N SER H 145 25.72 -27.52 21.46
CA SER H 145 26.75 -27.78 22.47
C SER H 145 26.80 -29.28 22.68
N VAL H 146 28.01 -29.84 22.82
CA VAL H 146 28.18 -31.29 23.09
C VAL H 146 28.79 -31.55 24.45
N PHE H 147 28.05 -32.28 25.28
CA PHE H 147 28.48 -32.66 26.63
C PHE H 147 28.61 -34.20 26.77
N PRO H 148 29.58 -34.63 27.58
CA PRO H 148 29.70 -36.07 27.76
C PRO H 148 28.64 -36.63 28.75
N LEU H 149 28.17 -37.83 28.44
CA LEU H 149 27.36 -38.61 29.35
C LEU H 149 28.27 -39.71 29.85
N ALA H 150 29.03 -39.44 30.91
CA ALA H 150 30.10 -40.26 31.38
C ALA H 150 29.57 -41.43 32.23
N PRO H 151 30.19 -42.59 32.06
CA PRO H 151 29.86 -43.74 32.95
C PRO H 151 30.26 -43.50 34.42
N SER H 152 29.36 -43.87 35.34
CA SER H 152 29.42 -43.42 36.74
C SER H 152 30.35 -44.22 37.65
N SER H 153 30.51 -43.74 38.88
CA SER H 153 31.31 -44.42 39.91
C SER H 153 30.63 -45.69 40.46
N LYS H 154 29.30 -45.74 40.39
CA LYS H 154 28.52 -46.92 40.80
C LYS H 154 27.95 -47.67 39.58
N SER H 155 28.75 -47.78 38.51
CA SER H 155 28.34 -48.47 37.28
C SER H 155 29.23 -49.71 37.05
N THR H 156 29.21 -50.62 38.01
CA THR H 156 29.78 -51.96 37.83
C THR H 156 28.80 -52.76 36.98
N SER H 157 27.55 -52.84 37.46
CA SER H 157 26.41 -53.36 36.70
C SER H 157 26.60 -54.72 36.01
N GLY H 158 27.43 -55.59 36.60
CA GLY H 158 27.67 -56.94 36.10
C GLY H 158 28.14 -57.07 34.66
N GLY H 159 29.33 -56.55 34.37
CA GLY H 159 30.01 -56.79 33.09
C GLY H 159 29.92 -55.71 32.02
N THR H 160 28.80 -55.00 31.95
CA THR H 160 28.57 -53.95 30.95
C THR H 160 28.09 -52.62 31.55
N ALA H 161 28.13 -51.58 30.73
CA ALA H 161 27.79 -50.23 31.12
C ALA H 161 27.51 -49.42 29.83
N ALA H 162 27.02 -48.21 30.05
CA ALA H 162 26.59 -47.33 28.99
C ALA H 162 27.29 -45.99 29.12
N LEU H 163 27.56 -45.38 27.97
CA LEU H 163 28.05 -44.00 27.91
C LEU H 163 27.49 -43.28 26.69
N GLY H 164 27.61 -41.97 26.62
CA GLY H 164 26.99 -41.25 25.51
C GLY H 164 27.35 -39.79 25.37
N CYS H 165 26.67 -39.12 24.45
CA CYS H 165 26.85 -37.70 24.21
C CYS H 165 25.51 -37.02 24.19
N LEU H 166 25.41 -35.91 24.92
CA LEU H 166 24.21 -35.08 24.90
C LEU H 166 24.46 -33.92 23.95
N VAL H 167 23.70 -33.89 22.85
CA VAL H 167 23.80 -32.81 21.86
C VAL H 167 22.63 -31.86 22.04
N LYS H 168 22.88 -30.71 22.67
CA LYS H 168 21.83 -29.84 23.16
C LYS H 168 21.79 -28.45 22.49
N ASP H 169 20.57 -27.93 22.35
CA ASP H 169 20.37 -26.52 21.94
C ASP H 169 20.92 -26.18 20.53
N TYR H 170 20.31 -26.79 19.52
CA TYR H 170 20.64 -26.46 18.13
C TYR H 170 19.40 -26.23 17.30
N PHE H 171 19.54 -25.58 16.17
CA PHE H 171 18.45 -25.42 15.21
C PHE H 171 19.04 -25.05 13.87
N PRO H 172 18.57 -25.64 12.77
CA PRO H 172 17.47 -26.61 12.66
C PRO H 172 18.03 -28.03 12.69
N GLU H 173 17.14 -28.98 12.39
CA GLU H 173 17.51 -30.35 12.14
C GLU H 173 18.29 -30.42 10.83
N PRO H 174 19.18 -31.38 10.68
CA PRO H 174 19.53 -32.44 11.64
C PRO H 174 21.01 -32.38 12.06
N VAL H 175 21.32 -33.13 13.11
CA VAL H 175 22.69 -33.45 13.52
C VAL H 175 22.89 -34.91 13.16
N THR H 176 24.13 -35.25 12.99
CA THR H 176 24.54 -36.65 12.73
C THR H 176 25.65 -37.02 13.72
N VAL H 177 25.57 -38.25 14.22
CA VAL H 177 26.51 -38.75 15.20
C VAL H 177 27.13 -40.04 14.72
N SER H 178 28.46 -40.13 14.81
CA SER H 178 29.18 -41.41 14.69
C SER H 178 30.10 -41.56 15.87
N TRP H 179 30.50 -42.81 16.20
CA TRP H 179 31.41 -43.08 17.31
C TRP H 179 32.77 -43.65 16.85
N ASN H 180 33.83 -43.01 17.33
CA ASN H 180 35.18 -43.31 16.93
C ASN H 180 35.30 -43.37 15.41
N SER H 181 34.70 -42.37 14.78
CA SER H 181 34.75 -42.15 13.34
C SER H 181 34.09 -43.30 12.57
N GLY H 182 33.12 -43.97 13.23
CA GLY H 182 32.41 -45.06 12.63
C GLY H 182 33.00 -46.42 12.90
N ALA H 183 34.10 -46.46 13.69
CA ALA H 183 34.69 -47.69 14.14
C ALA H 183 33.80 -48.47 15.12
N LEU H 184 32.96 -47.73 15.82
CA LEU H 184 32.00 -48.30 16.76
C LEU H 184 30.60 -48.10 16.21
N THR H 185 29.95 -49.19 15.84
CA THR H 185 28.55 -49.13 15.43
C THR H 185 27.65 -50.06 16.21
N SER H 186 28.15 -51.25 16.61
CA SER H 186 27.33 -52.19 17.37
C SER H 186 26.94 -51.61 18.72
N GLY H 187 25.64 -51.62 19.02
CA GLY H 187 25.10 -51.19 20.29
C GLY H 187 24.95 -49.67 20.41
N VAL H 188 24.92 -48.98 19.28
CA VAL H 188 24.75 -47.53 19.28
C VAL H 188 23.27 -47.23 19.11
N HIS H 189 22.80 -46.30 19.94
CA HIS H 189 21.45 -45.77 19.76
C HIS H 189 21.45 -44.28 19.68
N THR H 190 21.05 -43.69 18.57
CA THR H 190 20.97 -42.22 18.48
C THR H 190 19.48 -41.86 18.46
N PHE H 191 19.03 -41.20 19.51
CA PHE H 191 17.62 -40.99 19.69
C PHE H 191 17.14 -39.87 18.76
N PRO H 192 15.89 -39.94 18.29
CA PRO H 192 15.28 -38.82 17.59
C PRO H 192 15.32 -37.52 18.37
N ALA H 193 15.53 -36.43 17.65
CA ALA H 193 15.62 -35.10 18.28
C ALA H 193 14.27 -34.72 18.84
N VAL H 194 14.25 -34.00 19.95
CA VAL H 194 13.00 -33.55 20.55
C VAL H 194 13.02 -32.03 20.62
N LEU H 195 11.87 -31.46 20.36
CA LEU H 195 11.73 -29.98 20.36
C LEU H 195 11.51 -29.45 21.76
N GLN H 196 12.41 -28.62 22.26
CA GLN H 196 12.26 -28.11 23.61
C GLN H 196 11.25 -26.96 23.62
N SER H 197 10.93 -26.49 24.82
CA SER H 197 10.08 -25.30 24.96
C SER H 197 10.76 -24.03 24.52
N SER H 198 12.10 -24.05 24.52
CA SER H 198 12.87 -22.90 24.01
C SER H 198 12.76 -22.77 22.48
N GLY H 199 12.31 -23.83 21.81
CA GLY H 199 12.25 -23.82 20.36
C GLY H 199 13.49 -24.36 19.70
N LEU H 200 14.44 -24.81 20.51
CA LEU H 200 15.67 -25.46 20.03
C LEU H 200 15.56 -26.99 20.20
N TYR H 201 16.27 -27.72 19.35
CA TYR H 201 16.28 -29.17 19.43
C TYR H 201 17.36 -29.70 20.36
N SER H 202 17.12 -30.91 20.84
CA SER H 202 18.06 -31.61 21.70
C SER H 202 17.99 -33.09 21.37
N LEU H 203 19.11 -33.78 21.48
CA LEU H 203 19.21 -35.18 21.03
C LEU H 203 20.31 -35.88 21.83
N SER H 204 20.19 -37.19 22.01
CA SER H 204 21.27 -37.96 22.66
C SER H 204 21.71 -39.15 21.85
N SER H 205 22.98 -39.53 22.01
CA SER H 205 23.48 -40.80 21.45
C SER H 205 24.12 -41.58 22.61
N VAL H 206 23.86 -42.87 22.69
CA VAL H 206 24.43 -43.69 23.76
C VAL H 206 24.95 -44.97 23.12
N VAL H 207 25.86 -45.65 23.82
CA VAL H 207 26.45 -46.88 23.31
C VAL H 207 26.80 -47.77 24.48
N THR H 208 26.75 -49.08 24.26
CA THR H 208 26.96 -50.06 25.32
C THR H 208 28.34 -50.67 25.20
N VAL H 209 29.09 -50.59 26.28
CA VAL H 209 30.53 -50.96 26.34
C VAL H 209 30.82 -51.75 27.62
N PRO H 210 31.82 -52.65 27.56
CA PRO H 210 32.22 -53.38 28.75
C PRO H 210 32.78 -52.48 29.88
N SER H 211 32.55 -52.93 31.10
CA SER H 211 33.01 -52.17 32.30
C SER H 211 34.53 -52.07 32.34
N SER H 212 35.24 -53.11 31.89
CA SER H 212 36.72 -53.12 31.87
C SER H 212 37.34 -52.21 30.79
N SER H 213 36.62 -52.00 29.70
CA SER H 213 37.10 -51.14 28.60
C SER H 213 37.14 -49.64 28.95
N LEU H 214 36.35 -49.21 29.94
CA LEU H 214 36.16 -47.80 30.27
C LEU H 214 37.48 -47.07 30.51
N GLY H 215 38.36 -47.70 31.27
CA GLY H 215 39.68 -47.15 31.55
C GLY H 215 40.72 -47.34 30.45
N THR H 216 40.60 -48.43 29.68
CA THR H 216 41.67 -48.91 28.79
C THR H 216 41.43 -48.75 27.27
N GLN H 217 40.55 -47.83 26.87
CA GLN H 217 40.40 -47.44 25.44
C GLN H 217 39.67 -46.09 25.28
N THR H 218 39.51 -45.63 24.04
CA THR H 218 39.01 -44.28 23.73
C THR H 218 37.63 -44.30 23.05
N TYR H 219 36.69 -43.53 23.59
CA TYR H 219 35.35 -43.39 23.00
C TYR H 219 35.07 -41.95 22.72
N ILE H 220 35.13 -41.56 21.44
CA ILE H 220 34.82 -40.19 21.01
C ILE H 220 33.60 -40.15 20.08
N CYS H 221 32.55 -39.41 20.52
CA CYS H 221 31.42 -39.22 19.62
C CYS H 221 31.74 -38.08 18.65
N ASN H 222 31.46 -38.27 17.39
CA ASN H 222 31.67 -37.22 16.39
C ASN H 222 30.34 -36.62 15.96
N VAL H 223 30.11 -35.37 16.40
CA VAL H 223 28.86 -34.67 16.09
C VAL H 223 29.06 -33.65 14.98
N ASN H 224 28.15 -33.68 13.98
CA ASN H 224 28.19 -32.77 12.84
C ASN H 224 26.79 -32.15 12.62
N HIS H 225 26.77 -30.84 12.58
CA HIS H 225 25.58 -30.03 12.30
C HIS H 225 26.00 -29.18 11.10
N LYS H 226 25.48 -29.52 9.93
CA LYS H 226 25.87 -28.82 8.69
C LYS H 226 25.40 -27.38 8.61
N PRO H 227 24.13 -27.10 8.99
CA PRO H 227 23.57 -25.75 8.87
C PRO H 227 24.31 -24.62 9.59
N SER H 228 25.16 -24.97 10.58
CA SER H 228 26.00 -24.02 11.29
C SER H 228 27.48 -24.41 11.22
N ASN H 229 27.84 -25.28 10.26
CA ASN H 229 29.20 -25.61 9.98
C ASN H 229 29.96 -26.13 11.20
N THR H 230 29.26 -26.80 12.11
CA THR H 230 29.81 -27.29 13.36
C THR H 230 30.30 -28.74 13.22
N LYS H 231 31.41 -29.01 13.91
CA LYS H 231 32.04 -30.33 13.91
C LYS H 231 32.77 -30.53 15.20
N VAL H 232 32.13 -31.26 16.13
CA VAL H 232 32.71 -31.47 17.49
C VAL H 232 33.02 -32.99 17.68
N ASP H 233 34.18 -33.22 18.29
CA ASP H 233 34.62 -34.58 18.61
C ASP H 233 34.83 -34.75 20.09
N LYS H 234 33.76 -35.10 20.84
CA LYS H 234 33.81 -35.09 22.30
C LYS H 234 34.21 -36.42 22.89
N ARG H 235 35.27 -36.42 23.71
CA ARG H 235 35.76 -37.61 24.37
C ARG H 235 34.95 -37.86 25.62
N VAL H 236 34.63 -39.13 25.87
CA VAL H 236 33.81 -39.49 27.02
C VAL H 236 34.58 -40.42 27.96
N GLU H 237 34.88 -39.94 29.17
CA GLU H 237 35.66 -40.69 30.15
C GLU H 237 34.93 -40.69 31.50
N PRO H 238 35.25 -41.65 32.40
CA PRO H 238 34.59 -41.68 33.71
C PRO H 238 34.97 -40.50 34.62
N LYS H 239 34.13 -40.22 35.61
CA LYS H 239 34.41 -39.19 36.62
C LYS H 239 35.09 -39.83 37.83
N ASP I 1 -6.20 -35.99 -8.80
CA ASP I 1 -5.19 -36.87 -8.16
C ASP I 1 -5.84 -38.17 -7.77
N ILE I 2 -5.19 -39.30 -8.06
CA ILE I 2 -5.61 -40.62 -7.53
C ILE I 2 -5.15 -40.76 -6.09
N GLN I 3 -6.10 -41.06 -5.19
CA GLN I 3 -5.80 -41.29 -3.77
C GLN I 3 -5.60 -42.81 -3.50
N LEU I 4 -4.56 -43.10 -2.75
CA LEU I 4 -4.28 -44.49 -2.38
C LEU I 4 -4.50 -44.76 -0.92
N THR I 5 -5.35 -45.73 -0.61
CA THR I 5 -5.80 -45.99 0.76
C THR I 5 -5.26 -47.34 1.22
N GLN I 6 -4.40 -47.35 2.25
CA GLN I 6 -3.86 -48.56 2.77
C GLN I 6 -4.67 -49.05 3.97
N SER I 7 -4.68 -50.35 4.12
CA SER I 7 -5.18 -50.95 5.39
C SER I 7 -4.31 -52.09 5.86
N PRO I 8 -3.97 -52.22 7.15
CA PRO I 8 -4.27 -51.23 8.19
C PRO I 8 -3.32 -50.02 8.17
N SER I 9 -3.52 -49.14 9.15
CA SER I 9 -2.65 -48.01 9.43
C SER I 9 -1.48 -48.42 10.32
N SER I 10 -1.59 -49.49 11.11
CA SER I 10 -0.45 -50.00 11.78
C SER I 10 -0.75 -51.44 12.08
N LEU I 11 0.30 -52.26 12.14
CA LEU I 11 0.12 -53.67 12.52
C LEU I 11 1.19 -54.34 13.31
N SER I 12 0.85 -55.47 13.94
CA SER I 12 1.78 -56.24 14.79
C SER I 12 1.71 -57.72 14.48
N ALA I 13 2.85 -58.36 14.32
CA ALA I 13 2.88 -59.83 14.14
C ALA I 13 4.21 -60.43 14.62
N SER I 14 4.18 -61.69 15.05
CA SER I 14 5.38 -62.35 15.54
C SER I 14 6.24 -62.85 14.39
N VAL I 15 7.48 -63.17 14.75
CA VAL I 15 8.43 -63.82 13.81
C VAL I 15 7.80 -65.09 13.21
N GLY I 16 7.78 -65.16 11.90
CA GLY I 16 7.25 -66.32 11.23
C GLY I 16 5.76 -66.27 10.96
N ASP I 17 5.13 -65.11 11.21
CA ASP I 17 3.73 -64.93 10.92
C ASP I 17 3.53 -64.57 9.45
N ARG I 18 2.37 -65.00 8.94
CA ARG I 18 1.85 -64.59 7.64
C ARG I 18 1.22 -63.21 7.76
N VAL I 19 1.73 -62.23 6.99
CA VAL I 19 1.19 -60.82 7.11
C VAL I 19 0.57 -60.40 5.77
N THR I 20 -0.62 -59.77 5.84
CA THR I 20 -1.30 -59.22 4.66
C THR I 20 -1.50 -57.71 4.76
N LEU I 21 -0.91 -56.95 3.81
CA LEU I 21 -1.18 -55.51 3.72
C LEU I 21 -2.03 -55.32 2.46
N THR I 22 -2.91 -54.33 2.48
CA THR I 22 -3.69 -54.01 1.27
C THR I 22 -3.46 -52.55 0.83
N CYS I 23 -3.68 -52.33 -0.46
CA CYS I 23 -3.66 -50.97 -1.02
C CYS I 23 -4.82 -50.81 -1.98
N GLN I 24 -5.81 -50.00 -1.60
CA GLN I 24 -6.97 -49.67 -2.40
C GLN I 24 -6.72 -48.36 -3.10
N ALA I 25 -7.09 -48.25 -4.37
CA ALA I 25 -7.01 -47.03 -5.13
C ALA I 25 -8.42 -46.49 -5.40
N SER I 26 -8.50 -45.20 -5.63
CA SER I 26 -9.78 -44.49 -5.78
C SER I 26 -10.46 -44.83 -7.10
N GLN I 27 -9.61 -45.23 -8.08
CA GLN I 27 -10.03 -45.59 -9.40
C GLN I 27 -9.41 -46.94 -9.82
N ASP I 28 -9.56 -47.27 -11.09
CA ASP I 28 -8.97 -48.43 -11.66
C ASP I 28 -7.64 -47.99 -12.30
N ILE I 29 -6.59 -48.64 -11.84
CA ILE I 29 -5.21 -48.38 -12.23
C ILE I 29 -4.53 -49.62 -12.76
N ARG I 30 -5.36 -50.59 -13.23
CA ARG I 30 -4.81 -51.80 -13.82
C ARG I 30 -3.78 -52.35 -12.91
N LYS I 31 -2.58 -52.65 -13.40
CA LYS I 31 -1.55 -53.27 -12.57
C LYS I 31 -0.34 -52.31 -12.45
N PHE I 32 -0.59 -51.00 -12.60
CA PHE I 32 0.41 -50.01 -12.41
C PHE I 32 0.70 -49.64 -10.91
N LEU I 33 1.28 -50.56 -10.18
CA LEU I 33 1.44 -50.35 -8.76
C LEU I 33 2.64 -51.09 -8.20
N ASN I 34 3.39 -50.41 -7.32
CA ASN I 34 4.64 -50.91 -6.77
C ASN I 34 4.50 -50.86 -5.22
N TRP I 35 5.44 -51.53 -4.57
CA TRP I 35 5.54 -51.52 -3.11
C TRP I 35 6.96 -51.14 -2.69
N TYR I 36 7.07 -50.51 -1.58
CA TYR I 36 8.38 -50.01 -1.03
C TYR I 36 8.49 -50.33 0.42
N GLN I 37 9.72 -50.55 0.90
CA GLN I 37 10.02 -50.76 2.32
C GLN I 37 10.90 -49.64 2.84
N GLN I 38 10.30 -48.63 3.43
CA GLN I 38 11.08 -47.60 4.13
C GLN I 38 11.48 -48.03 5.53
N LYS I 39 12.80 -48.23 5.75
CA LYS I 39 13.35 -48.31 7.09
C LYS I 39 13.57 -46.88 7.62
N PRO I 40 13.44 -46.69 8.94
CA PRO I 40 13.48 -45.33 9.47
C PRO I 40 14.87 -44.66 9.40
N GLY I 41 14.90 -43.47 8.83
CA GLY I 41 16.16 -42.72 8.67
C GLY I 41 16.98 -43.17 7.49
N LYS I 42 16.33 -43.83 6.54
CA LYS I 42 16.97 -44.36 5.34
C LYS I 42 15.99 -44.28 4.17
N GLY I 43 16.53 -44.56 2.97
CA GLY I 43 15.78 -44.44 1.73
C GLY I 43 14.78 -45.57 1.61
N PRO I 44 13.69 -45.36 0.85
CA PRO I 44 12.86 -46.52 0.43
C PRO I 44 13.59 -47.44 -0.53
N LYS I 45 13.23 -48.73 -0.47
CA LYS I 45 13.76 -49.76 -1.33
C LYS I 45 12.63 -50.51 -2.02
N LEU I 46 12.79 -50.72 -3.31
CA LEU I 46 11.81 -51.42 -4.10
C LEU I 46 11.72 -52.88 -3.69
N LEU I 47 10.52 -53.37 -3.46
CA LEU I 47 10.30 -54.77 -3.17
C LEU I 47 9.63 -55.44 -4.37
N ILE I 48 8.51 -54.86 -4.77
CA ILE I 48 7.63 -55.49 -5.76
C ILE I 48 7.22 -54.41 -6.74
N TYR I 49 7.78 -54.52 -7.95
CA TYR I 49 7.44 -53.58 -9.05
C TYR I 49 6.51 -54.31 -10.00
N ASP I 50 5.87 -53.56 -10.89
CA ASP I 50 4.90 -54.08 -11.84
C ASP I 50 3.80 -54.95 -11.23
N ALA I 51 3.03 -54.32 -10.34
CA ALA I 51 1.94 -55.01 -9.63
C ALA I 51 2.34 -56.26 -8.87
N SER I 52 2.57 -57.35 -9.63
CA SER I 52 2.93 -58.68 -9.13
C SER I 52 4.23 -59.26 -9.76
N ASN I 53 5.36 -58.74 -9.30
CA ASN I 53 6.68 -59.14 -9.76
C ASN I 53 7.76 -58.78 -8.73
N LEU I 54 8.56 -59.78 -8.37
CA LEU I 54 9.65 -59.61 -7.41
C LEU I 54 10.92 -58.98 -8.00
N GLN I 55 11.53 -58.10 -7.18
CA GLN I 55 12.76 -57.40 -7.57
C GLN I 55 13.99 -58.23 -7.25
N ARG I 56 14.99 -58.12 -8.12
CA ARG I 56 16.26 -58.86 -7.91
C ARG I 56 17.00 -58.39 -6.68
N GLY I 57 17.28 -59.32 -5.76
CA GLY I 57 17.93 -59.01 -4.48
C GLY I 57 17.00 -59.09 -3.29
N VAL I 58 15.72 -58.83 -3.52
CA VAL I 58 14.72 -58.85 -2.46
C VAL I 58 14.28 -60.30 -2.15
N PRO I 59 14.17 -60.63 -0.86
CA PRO I 59 13.77 -61.96 -0.41
C PRO I 59 12.50 -62.50 -1.06
N SER I 60 12.51 -63.79 -1.34
CA SER I 60 11.40 -64.54 -1.93
C SER I 60 10.12 -64.57 -1.07
N ARG I 61 10.32 -64.28 0.22
CA ARG I 61 9.21 -64.26 1.21
C ARG I 61 8.17 -63.16 0.93
N PHE I 62 8.61 -62.10 0.22
CA PHE I 62 7.76 -61.06 -0.24
C PHE I 62 7.09 -61.42 -1.54
N SER I 63 5.79 -61.20 -1.65
CA SER I 63 5.07 -61.45 -2.89
C SER I 63 3.97 -60.44 -3.09
N GLY I 64 3.47 -60.33 -4.31
CA GLY I 64 2.54 -59.28 -4.67
C GLY I 64 1.32 -59.86 -5.38
N GLY I 65 0.26 -59.08 -5.36
CA GLY I 65 -0.97 -59.49 -6.03
C GLY I 65 -1.89 -58.34 -6.33
N GLY I 66 -2.89 -58.61 -7.16
CA GLY I 66 -4.01 -57.70 -7.36
C GLY I 66 -4.01 -56.96 -8.68
N SER I 67 -5.16 -56.36 -8.97
CA SER I 67 -5.36 -55.54 -10.16
C SER I 67 -6.58 -54.65 -9.98
N GLY I 68 -6.65 -53.60 -10.78
CA GLY I 68 -7.74 -52.69 -10.76
C GLY I 68 -7.56 -51.65 -9.70
N THR I 69 -8.28 -51.87 -8.59
CA THR I 69 -8.26 -50.96 -7.46
C THR I 69 -7.54 -51.51 -6.22
N ASP I 70 -7.74 -52.81 -6.00
CA ASP I 70 -7.24 -53.55 -4.88
C ASP I 70 -6.00 -54.35 -5.19
N PHE I 71 -5.02 -54.14 -4.36
CA PHE I 71 -3.69 -54.78 -4.50
C PHE I 71 -3.21 -55.16 -3.13
N THR I 72 -2.43 -56.27 -3.05
CA THR I 72 -1.99 -56.83 -1.77
C THR I 72 -0.47 -57.06 -1.80
N LEU I 73 0.16 -56.85 -0.65
CA LEU I 73 1.53 -57.23 -0.42
C LEU I 73 1.62 -58.20 0.75
N ILE I 74 2.03 -59.44 0.44
CA ILE I 74 2.10 -60.50 1.43
C ILE I 74 3.55 -60.70 1.86
N ILE I 75 3.76 -60.84 3.16
CA ILE I 75 5.02 -61.35 3.72
C ILE I 75 4.74 -62.74 4.25
N SER I 76 5.27 -63.78 3.56
CA SER I 76 4.87 -65.15 3.92
C SER I 76 5.42 -65.56 5.27
N SER I 77 6.53 -64.97 5.68
CA SER I 77 7.11 -65.25 6.99
C SER I 77 7.85 -64.02 7.51
N LEU I 78 7.19 -63.24 8.38
CA LEU I 78 7.74 -62.01 8.87
C LEU I 78 9.01 -62.23 9.70
N GLN I 79 10.00 -61.41 9.41
CA GLN I 79 11.31 -61.48 10.06
C GLN I 79 11.56 -60.21 10.82
N PRO I 80 12.48 -60.22 11.80
CA PRO I 80 12.85 -59.02 12.54
C PRO I 80 13.27 -57.82 11.70
N GLU I 81 14.01 -58.07 10.63
CA GLU I 81 14.46 -57.01 9.71
C GLU I 81 13.31 -56.33 8.96
N ASP I 82 12.19 -57.07 8.87
CA ASP I 82 11.02 -56.59 8.09
C ASP I 82 10.13 -55.59 8.85
N VAL I 83 10.62 -55.05 9.98
CA VAL I 83 10.07 -53.81 10.54
C VAL I 83 10.22 -52.59 9.60
N GLY I 84 9.47 -51.55 9.92
CA GLY I 84 9.44 -50.31 9.20
C GLY I 84 8.19 -50.18 8.35
N THR I 85 8.00 -49.02 7.74
CA THR I 85 6.80 -48.61 7.06
C THR I 85 6.79 -49.09 5.62
N TYR I 86 5.61 -49.50 5.16
CA TYR I 86 5.46 -50.00 3.77
C TYR I 86 4.55 -49.08 3.03
N TYR I 87 4.96 -48.69 1.83
CA TYR I 87 4.16 -47.80 0.99
C TYR I 87 3.77 -48.47 -0.29
N CYS I 88 2.52 -48.33 -0.71
CA CYS I 88 2.16 -48.64 -2.09
C CYS I 88 2.20 -47.39 -2.93
N GLN I 89 2.52 -47.56 -4.23
CA GLN I 89 2.71 -46.46 -5.15
C GLN I 89 2.14 -46.78 -6.54
N GLN I 90 1.49 -45.79 -7.15
CA GLN I 90 0.86 -45.94 -8.41
C GLN I 90 1.51 -45.00 -9.43
N TYR I 91 1.46 -45.48 -10.65
CA TYR I 91 1.89 -44.59 -11.79
C TYR I 91 1.05 -44.74 -13.01
N ASP I 92 -0.21 -45.14 -12.81
CA ASP I 92 -1.18 -45.22 -13.96
C ASP I 92 -1.37 -43.84 -14.60
N GLY I 93 -1.40 -42.80 -13.76
CA GLY I 93 -1.68 -41.43 -14.18
C GLY I 93 -1.04 -40.42 -13.25
N LEU I 94 -0.96 -39.20 -13.76
CA LEU I 94 -0.35 -38.06 -13.02
C LEU I 94 -1.39 -37.30 -12.18
N PRO I 95 -1.01 -36.79 -11.01
CA PRO I 95 0.32 -36.91 -10.41
C PRO I 95 0.48 -38.27 -9.73
N PHE I 96 1.74 -38.64 -9.53
CA PHE I 96 2.03 -39.92 -8.89
C PHE I 96 1.83 -39.74 -7.40
N THR I 97 1.20 -40.74 -6.78
CA THR I 97 0.94 -40.73 -5.35
C THR I 97 1.34 -42.03 -4.66
N PHE I 98 1.53 -41.93 -3.34
CA PHE I 98 1.82 -43.05 -2.46
C PHE I 98 0.62 -43.22 -1.50
N GLY I 99 0.62 -44.40 -0.87
CA GLY I 99 -0.32 -44.67 0.23
C GLY I 99 0.01 -43.80 1.42
N GLY I 100 -0.84 -43.82 2.41
CA GLY I 100 -0.57 -43.18 3.70
C GLY I 100 0.57 -43.93 4.36
N GLY I 101 0.44 -45.26 4.45
CA GLY I 101 1.47 -46.10 5.00
C GLY I 101 0.91 -47.24 5.84
N THR I 102 1.75 -48.26 5.99
CA THR I 102 1.45 -49.35 6.96
C THR I 102 2.66 -49.65 7.77
N LYS I 103 2.69 -49.24 9.06
CA LYS I 103 3.86 -49.46 9.91
C LYS I 103 3.85 -50.83 10.53
N VAL I 104 4.87 -51.64 10.31
CA VAL I 104 4.90 -53.01 10.84
C VAL I 104 5.82 -53.06 12.05
N VAL I 105 5.32 -53.72 13.11
CA VAL I 105 6.03 -53.93 14.36
C VAL I 105 6.08 -55.44 14.64
N ILE I 106 7.27 -55.91 15.05
CA ILE I 106 7.48 -57.28 15.52
C ILE I 106 7.03 -57.47 16.97
N LYS I 107 6.31 -58.59 17.21
CA LYS I 107 5.80 -58.91 18.53
C LYS I 107 6.71 -59.98 19.06
N ARG I 108 7.54 -59.57 20.05
CA ARG I 108 8.58 -60.39 20.64
C ARG I 108 8.22 -60.73 22.10
N THR I 109 9.08 -61.54 22.69
CA THR I 109 9.02 -61.91 24.09
C THR I 109 9.31 -60.68 24.92
N VAL I 110 8.96 -60.73 26.20
CA VAL I 110 9.27 -59.62 27.13
C VAL I 110 10.73 -59.57 27.41
N ALA I 111 11.30 -58.34 27.42
CA ALA I 111 12.70 -58.07 27.75
C ALA I 111 12.75 -56.84 28.64
N ALA I 112 13.26 -56.98 29.86
CA ALA I 112 13.35 -55.87 30.78
C ALA I 112 14.45 -54.94 30.33
N PRO I 113 14.27 -53.62 30.48
CA PRO I 113 15.34 -52.65 30.16
C PRO I 113 16.49 -52.62 31.14
N SER I 114 17.71 -52.43 30.64
CA SER I 114 18.82 -52.02 31.50
C SER I 114 18.73 -50.54 31.77
N VAL I 115 18.81 -50.13 33.04
CA VAL I 115 18.59 -48.71 33.36
C VAL I 115 19.89 -48.06 33.84
N PHE I 116 20.18 -46.88 33.30
CA PHE I 116 21.32 -46.07 33.72
C PHE I 116 20.90 -44.64 33.97
N ILE I 117 21.54 -43.99 34.91
CA ILE I 117 21.32 -42.54 35.11
C ILE I 117 22.63 -41.80 34.97
N PHE I 118 22.55 -40.62 34.36
CA PHE I 118 23.68 -39.73 34.09
C PHE I 118 23.41 -38.37 34.71
N PRO I 119 24.31 -37.87 35.61
CA PRO I 119 24.14 -36.56 36.15
C PRO I 119 24.50 -35.50 35.14
N PRO I 120 24.12 -34.22 35.42
CA PRO I 120 24.58 -33.14 34.54
C PRO I 120 26.08 -32.89 34.75
N SER I 121 26.79 -32.59 33.67
CA SER I 121 28.19 -32.19 33.75
C SER I 121 28.37 -30.79 34.34
N ASP I 122 29.58 -30.51 34.79
CA ASP I 122 29.97 -29.18 35.25
C ASP I 122 30.03 -28.16 34.12
N GLU I 123 30.44 -28.59 32.93
CA GLU I 123 30.46 -27.72 31.76
C GLU I 123 29.06 -27.14 31.47
N GLN I 124 28.05 -27.96 31.69
CA GLN I 124 26.69 -27.60 31.40
C GLN I 124 26.08 -26.59 32.37
N LEU I 125 26.31 -26.82 33.67
CA LEU I 125 25.90 -25.87 34.71
C LEU I 125 26.40 -24.47 34.38
N LYS I 126 27.59 -24.37 33.80
CA LYS I 126 28.17 -23.11 33.41
C LYS I 126 27.26 -22.22 32.53
N SER I 127 26.38 -22.89 31.77
CA SER I 127 25.40 -22.28 30.90
C SER I 127 24.07 -21.97 31.55
N GLY I 128 23.93 -22.21 32.83
CA GLY I 128 22.72 -21.95 33.59
C GLY I 128 21.62 -23.02 33.58
N THR I 129 21.85 -24.15 32.96
CA THR I 129 20.88 -25.23 32.96
C THR I 129 21.58 -26.57 33.23
N ALA I 130 20.82 -27.48 33.80
CA ALA I 130 21.21 -28.83 34.18
C ALA I 130 20.29 -29.87 33.56
N SER I 131 20.89 -30.82 32.83
CA SER I 131 20.16 -31.94 32.26
C SER I 131 20.61 -33.25 32.93
N VAL I 132 19.65 -33.97 33.49
CA VAL I 132 19.80 -35.31 34.04
C VAL I 132 19.14 -36.30 33.09
N VAL I 133 19.87 -37.32 32.66
CA VAL I 133 19.38 -38.23 31.63
C VAL I 133 19.21 -39.65 32.15
N CYS I 134 18.09 -40.30 31.84
CA CYS I 134 17.84 -41.66 32.18
C CYS I 134 17.64 -42.49 30.94
N LEU I 135 18.37 -43.60 30.85
CA LEU I 135 18.36 -44.48 29.68
C LEU I 135 17.77 -45.82 30.03
N LEU I 136 16.76 -46.24 29.25
CA LEU I 136 16.26 -47.61 29.27
C LEU I 136 16.71 -48.31 27.99
N ASN I 137 17.53 -49.33 28.12
CA ASN I 137 18.19 -49.93 26.96
C ASN I 137 17.67 -51.33 26.62
N ASN I 138 17.34 -51.50 25.34
CA ASN I 138 16.90 -52.74 24.76
C ASN I 138 15.80 -53.48 25.49
N PHE I 139 14.57 -52.98 25.40
CA PHE I 139 13.44 -53.60 26.07
C PHE I 139 12.23 -53.85 25.18
N TYR I 140 11.34 -54.68 25.66
CA TYR I 140 10.03 -54.93 25.03
C TYR I 140 9.05 -55.45 26.08
N PRO I 141 7.81 -54.96 26.10
CA PRO I 141 7.18 -54.05 25.12
C PRO I 141 7.60 -52.61 25.27
N ARG I 142 7.23 -51.80 24.28
CA ARG I 142 7.48 -50.36 24.23
C ARG I 142 6.91 -49.62 25.43
N GLU I 143 5.72 -50.05 25.88
CA GLU I 143 5.00 -49.36 26.95
C GLU I 143 5.71 -49.50 28.28
N ALA I 144 6.22 -48.36 28.80
CA ALA I 144 6.89 -48.28 30.06
C ALA I 144 6.47 -46.98 30.76
N LYS I 145 6.97 -46.83 31.97
CA LYS I 145 6.74 -45.58 32.74
C LYS I 145 8.05 -45.21 33.41
N VAL I 146 8.46 -43.97 33.22
CA VAL I 146 9.68 -43.45 33.85
C VAL I 146 9.29 -42.28 34.72
N GLN I 147 9.58 -42.41 36.02
CA GLN I 147 9.18 -41.40 37.00
C GLN I 147 10.37 -40.71 37.57
N TRP I 148 10.42 -39.38 37.48
CA TRP I 148 11.49 -38.61 38.10
C TRP I 148 11.15 -38.17 39.51
N LYS I 149 12.14 -38.23 40.39
CA LYS I 149 11.98 -37.77 41.77
C LYS I 149 13.17 -36.91 42.19
N VAL I 150 12.89 -35.70 42.67
CA VAL I 150 13.94 -34.82 43.19
C VAL I 150 13.69 -34.60 44.67
N ASP I 151 14.58 -35.11 45.56
CA ASP I 151 14.32 -35.22 46.97
C ASP I 151 12.93 -35.83 47.26
N ASN I 152 12.65 -36.94 46.58
CA ASN I 152 11.44 -37.68 46.65
C ASN I 152 10.15 -36.98 46.20
N ALA I 153 10.32 -35.83 45.55
CA ALA I 153 9.23 -35.07 45.02
C ALA I 153 8.93 -35.46 43.60
N LEU I 154 7.72 -35.90 43.34
CA LEU I 154 7.35 -36.44 42.05
C LEU I 154 7.29 -35.32 41.01
N GLN I 155 8.06 -35.53 39.94
CA GLN I 155 8.20 -34.53 38.89
C GLN I 155 7.25 -34.74 37.73
N SER I 156 6.78 -33.63 37.16
CA SER I 156 5.94 -33.65 35.96
C SER I 156 6.01 -32.33 35.20
N GLY I 157 5.87 -32.45 33.88
CA GLY I 157 5.89 -31.29 32.99
C GLY I 157 7.23 -30.59 32.82
N ASN I 158 8.31 -31.26 33.17
CA ASN I 158 9.65 -30.73 32.96
C ASN I 158 10.65 -31.77 32.51
N SER I 159 10.18 -32.87 31.94
CA SER I 159 11.10 -33.88 31.37
C SER I 159 10.65 -34.37 30.01
N GLN I 160 11.55 -34.57 29.04
CA GLN I 160 11.14 -34.98 27.70
C GLN I 160 11.62 -36.40 27.37
N GLU I 161 10.78 -37.18 26.70
CA GLU I 161 11.14 -38.54 26.32
C GLU I 161 11.42 -38.67 24.83
N SER I 162 12.24 -39.63 24.47
CA SER I 162 12.40 -40.02 23.05
C SER I 162 12.56 -41.51 22.99
N VAL I 163 12.04 -42.13 21.94
CA VAL I 163 12.08 -43.59 21.80
C VAL I 163 12.68 -43.94 20.44
N THR I 164 13.60 -44.91 20.40
CA THR I 164 14.15 -45.37 19.13
C THR I 164 13.10 -46.21 18.40
N GLU I 165 13.30 -46.37 17.10
CA GLU I 165 12.48 -47.26 16.31
C GLU I 165 12.85 -48.70 16.63
N GLN I 166 11.97 -49.61 16.24
CA GLN I 166 12.15 -51.02 16.64
C GLN I 166 13.36 -51.59 15.91
N ASP I 167 14.32 -52.13 16.69
CA ASP I 167 15.58 -52.58 16.17
C ASP I 167 15.38 -53.72 15.15
N SER I 168 16.11 -53.64 14.06
CA SER I 168 15.92 -54.57 12.94
C SER I 168 16.48 -55.96 13.20
N LYS I 169 17.35 -56.10 14.19
CA LYS I 169 17.92 -57.40 14.52
C LYS I 169 17.26 -58.13 15.67
N ASP I 170 17.12 -57.41 16.80
CA ASP I 170 16.57 -57.92 18.05
C ASP I 170 15.16 -57.46 18.42
N SER I 171 14.57 -56.57 17.63
CA SER I 171 13.18 -56.15 17.80
C SER I 171 12.85 -55.45 19.12
N THR I 172 13.86 -54.89 19.80
CA THR I 172 13.63 -54.17 21.04
C THR I 172 13.60 -52.66 20.77
N TYR I 173 13.19 -51.89 21.77
CA TYR I 173 13.23 -50.44 21.76
C TYR I 173 14.21 -49.93 22.81
N SER I 174 14.59 -48.68 22.68
CA SER I 174 15.32 -48.01 23.74
C SER I 174 14.69 -46.63 23.97
N LEU I 175 14.85 -46.09 25.17
CA LEU I 175 14.20 -44.83 25.53
C LEU I 175 15.07 -43.98 26.41
N SER I 176 15.03 -42.65 26.16
CA SER I 176 15.76 -41.68 26.98
C SER I 176 14.79 -40.68 27.57
N SER I 177 14.91 -40.34 28.84
CA SER I 177 14.16 -39.31 29.52
C SER I 177 15.13 -38.25 30.01
N THR I 178 14.90 -37.00 29.66
CA THR I 178 15.79 -35.92 30.05
C THR I 178 15.07 -34.96 30.95
N LEU I 179 15.55 -34.86 32.22
CA LEU I 179 14.96 -33.94 33.17
C LEU I 179 15.70 -32.66 33.12
N THR I 180 15.03 -31.56 32.70
CA THR I 180 15.68 -30.28 32.53
C THR I 180 15.22 -29.31 33.58
N LEU I 181 16.18 -28.72 34.30
CA LEU I 181 15.94 -27.82 35.42
C LEU I 181 17.03 -26.75 35.38
N SER I 182 16.70 -25.53 35.90
CA SER I 182 17.69 -24.50 36.02
C SER I 182 18.73 -24.85 37.08
N LYS I 183 19.94 -24.28 36.92
CA LYS I 183 21.04 -24.54 37.86
C LYS I 183 20.60 -24.23 39.31
N ALA I 184 19.87 -23.14 39.47
CA ALA I 184 19.37 -22.73 40.78
C ALA I 184 18.58 -23.86 41.45
N ASP I 185 17.60 -24.36 40.70
CA ASP I 185 16.74 -25.41 41.21
C ASP I 185 17.53 -26.67 41.44
N TYR I 186 18.42 -27.02 40.51
CA TYR I 186 19.27 -28.19 40.70
C TYR I 186 20.13 -28.17 41.97
N GLU I 187 20.74 -27.02 42.28
CA GLU I 187 21.62 -26.86 43.42
C GLU I 187 20.90 -26.70 44.75
N LYS I 188 19.60 -26.35 44.71
CA LYS I 188 18.74 -26.40 45.89
C LYS I 188 18.39 -27.77 46.44
N HIS I 189 18.41 -28.81 45.59
CA HIS I 189 18.13 -30.18 46.05
C HIS I 189 19.32 -31.12 45.95
N LYS I 190 19.21 -32.27 46.59
CA LYS I 190 20.33 -33.22 46.71
C LYS I 190 20.14 -34.56 46.00
N VAL I 191 18.97 -35.17 46.22
CA VAL I 191 18.74 -36.56 45.77
C VAL I 191 17.95 -36.62 44.45
N TYR I 192 18.53 -37.17 43.43
CA TYR I 192 17.97 -37.27 42.10
C TYR I 192 17.81 -38.71 41.66
N ALA I 193 16.58 -39.10 41.30
CA ALA I 193 16.25 -40.50 41.11
C ALA I 193 15.39 -40.76 39.89
N CYS I 194 15.78 -41.74 39.06
CA CYS I 194 14.97 -42.25 37.94
C CYS I 194 14.41 -43.63 38.32
N GLU I 195 13.10 -43.75 38.48
CA GLU I 195 12.41 -45.01 38.77
C GLU I 195 11.71 -45.48 37.48
N VAL I 196 12.04 -46.70 37.08
CA VAL I 196 11.41 -47.29 35.88
C VAL I 196 10.48 -48.42 36.29
N THR I 197 9.27 -48.39 35.73
CA THR I 197 8.31 -49.49 35.80
C THR I 197 8.11 -50.07 34.39
N HIS I 198 8.15 -51.40 34.31
CA HIS I 198 8.08 -52.12 33.05
C HIS I 198 7.67 -53.57 33.29
N GLN I 199 6.94 -54.16 32.35
CA GLN I 199 6.32 -55.47 32.51
C GLN I 199 7.33 -56.57 32.85
N GLY I 200 8.52 -56.41 32.30
CA GLY I 200 9.62 -57.35 32.44
C GLY I 200 10.38 -57.16 33.71
N LEU I 201 10.01 -56.10 34.49
CA LEU I 201 10.55 -55.91 35.81
C LEU I 201 9.53 -56.31 36.85
N SER I 202 9.98 -57.06 37.86
CA SER I 202 9.08 -57.54 38.92
C SER I 202 8.52 -56.39 39.78
N SER I 203 9.43 -55.42 40.04
CA SER I 203 9.12 -54.19 40.74
C SER I 203 9.88 -53.00 40.17
N PRO I 204 9.37 -51.79 40.43
CA PRO I 204 10.06 -50.63 39.85
C PRO I 204 11.51 -50.46 40.28
N VAL I 205 12.38 -50.28 39.28
CA VAL I 205 13.83 -50.26 39.49
C VAL I 205 14.27 -48.81 39.54
N THR I 206 15.11 -48.48 40.51
CA THR I 206 15.56 -47.12 40.71
C THR I 206 17.07 -46.99 40.49
N LYS I 207 17.47 -46.05 39.65
CA LYS I 207 18.86 -45.59 39.62
C LYS I 207 18.92 -44.14 40.09
N SER I 208 19.77 -43.86 41.08
CA SER I 208 19.83 -42.54 41.69
C SER I 208 21.19 -42.05 42.03
N PHE I 209 21.38 -40.77 42.24
CA PHE I 209 22.61 -40.17 42.70
C PHE I 209 22.37 -38.98 43.64
N ASN I 210 23.40 -38.70 44.45
CA ASN I 210 23.45 -37.49 45.25
C ASN I 210 24.36 -36.48 44.56
N ARG I 211 23.88 -35.25 44.48
CA ARG I 211 24.62 -34.16 43.81
C ARG I 211 26.05 -34.01 44.35
N GLY I 212 27.01 -34.04 43.43
CA GLY I 212 28.38 -33.81 43.70
C GLY I 212 29.17 -34.88 44.35
N GLU I 213 28.60 -36.07 44.44
CA GLU I 213 29.14 -37.23 45.17
C GLU I 213 29.36 -38.46 44.26
N VAL J 2 59.03 0.11 13.27
CA VAL J 2 58.30 -1.13 13.59
C VAL J 2 56.81 -0.88 13.42
N GLN J 3 56.14 -1.91 12.95
CA GLN J 3 54.69 -1.95 12.83
C GLN J 3 54.22 -3.24 13.48
N LEU J 4 52.95 -3.24 13.89
CA LEU J 4 52.33 -4.37 14.59
C LEU J 4 51.01 -4.71 13.94
N GLN J 5 50.61 -5.94 14.17
CA GLN J 5 49.26 -6.37 13.75
C GLN J 5 48.80 -7.50 14.61
N GLU J 6 47.53 -7.49 15.02
CA GLU J 6 46.99 -8.51 15.88
C GLU J 6 46.06 -9.43 15.06
N SER J 7 45.77 -10.57 15.64
CA SER J 7 44.89 -11.57 15.04
C SER J 7 44.36 -12.44 16.17
N GLY J 8 43.40 -13.29 15.84
CA GLY J 8 42.96 -14.39 16.68
C GLY J 8 41.62 -14.12 17.36
N GLY J 9 41.12 -12.90 17.17
CA GLY J 9 39.91 -12.46 17.82
C GLY J 9 38.66 -12.98 17.14
N GLY J 10 37.59 -13.05 17.90
CA GLY J 10 36.35 -13.64 17.40
C GLY J 10 35.28 -13.71 18.47
N LEU J 11 34.32 -14.61 18.24
CA LEU J 11 33.27 -14.91 19.20
C LEU J 11 33.72 -16.06 20.07
N VAL J 12 33.46 -15.93 21.37
CA VAL J 12 33.58 -17.08 22.31
C VAL J 12 32.41 -17.04 23.32
N GLN J 13 32.13 -18.21 23.86
CA GLN J 13 31.14 -18.30 24.96
C GLN J 13 31.80 -18.02 26.31
N PRO J 14 31.02 -17.40 27.20
CA PRO J 14 31.52 -17.23 28.59
C PRO J 14 32.01 -18.51 29.31
N GLY J 15 33.31 -18.51 29.58
CA GLY J 15 34.04 -19.54 30.24
C GLY J 15 35.14 -20.14 29.38
N GLU J 16 34.96 -20.09 28.06
CA GLU J 16 35.89 -20.60 27.08
C GLU J 16 37.21 -19.82 26.99
N SER J 17 38.17 -20.43 26.31
CA SER J 17 39.50 -19.87 26.11
C SER J 17 39.71 -19.32 24.71
N LEU J 18 40.64 -18.37 24.57
CA LEU J 18 40.99 -17.82 23.28
C LEU J 18 42.40 -17.27 23.30
N ARG J 19 43.19 -17.63 22.31
CA ARG J 19 44.53 -17.12 22.15
C ARG J 19 44.49 -15.96 21.14
N LEU J 20 45.18 -14.88 21.49
CA LEU J 20 45.42 -13.77 20.55
C LEU J 20 46.89 -13.67 20.19
N SER J 21 47.22 -13.39 18.93
CA SER J 21 48.62 -13.22 18.50
C SER J 21 48.89 -11.76 18.13
N CYS J 22 50.15 -11.38 18.01
CA CYS J 22 50.52 -10.06 17.44
C CYS J 22 51.91 -10.15 16.84
N VAL J 23 51.98 -9.99 15.50
CA VAL J 23 53.22 -10.12 14.77
C VAL J 23 53.72 -8.70 14.42
N GLY J 24 55.03 -8.52 14.70
CA GLY J 24 55.73 -7.33 14.39
C GLY J 24 56.48 -7.44 13.09
N SER J 25 56.83 -6.29 12.54
CA SER J 25 57.74 -6.27 11.36
C SER J 25 58.32 -4.92 11.08
N GLY J 26 59.51 -4.89 10.49
CA GLY J 26 60.21 -3.65 10.15
C GLY J 26 61.28 -3.30 11.16
N SER J 27 61.85 -2.11 11.02
CA SER J 27 63.03 -1.70 11.81
C SER J 27 62.99 -0.22 12.27
N SER J 28 63.36 0.01 13.52
CA SER J 28 63.41 1.33 14.14
C SER J 28 64.87 1.81 14.12
N PHE J 29 65.25 2.69 15.07
CA PHE J 29 66.65 3.15 15.23
C PHE J 29 67.66 1.99 15.29
N GLY J 30 68.79 2.19 14.61
CA GLY J 30 69.69 1.09 14.25
C GLY J 30 69.00 0.30 13.15
N GLU J 31 68.73 -0.97 13.40
CA GLU J 31 67.76 -1.76 12.64
C GLU J 31 66.99 -2.67 13.60
N SER J 32 66.52 -2.09 14.70
CA SER J 32 65.95 -2.88 15.82
C SER J 32 64.52 -3.32 15.60
N THR J 33 64.27 -4.63 15.75
CA THR J 33 62.98 -5.21 15.61
C THR J 33 62.26 -5.25 16.94
N LEU J 34 61.03 -5.74 16.89
CA LEU J 34 60.18 -5.88 18.09
C LEU J 34 60.82 -6.60 19.29
N SER J 35 61.70 -7.55 19.00
CA SER J 35 62.42 -8.35 20.00
C SER J 35 63.38 -7.55 20.85
N TYR J 36 63.60 -6.28 20.49
CA TYR J 36 64.45 -5.40 21.27
C TYR J 36 63.67 -4.72 22.35
N TYR J 37 62.33 -4.82 22.25
CA TYR J 37 61.44 -3.97 23.07
C TYR J 37 60.50 -4.73 24.00
N ALA J 38 60.10 -4.06 25.05
CA ALA J 38 58.97 -4.51 25.90
C ALA J 38 57.63 -4.09 25.34
N VAL J 39 56.63 -4.97 25.46
CA VAL J 39 55.35 -4.82 24.83
C VAL J 39 54.25 -5.13 25.86
N SER J 40 53.12 -4.50 25.68
CA SER J 40 51.97 -4.69 26.52
C SER J 40 50.71 -4.89 25.74
N TRP J 41 49.76 -5.59 26.37
CA TRP J 41 48.40 -5.72 25.86
C TRP J 41 47.46 -4.76 26.60
N VAL J 42 46.61 -4.12 25.84
CA VAL J 42 45.73 -3.07 26.32
C VAL J 42 44.41 -3.28 25.67
N ARG J 43 43.29 -3.23 26.44
CA ARG J 43 41.96 -3.39 25.86
C ARG J 43 41.07 -2.18 26.06
N GLN J 44 39.99 -2.19 25.31
CA GLN J 44 39.02 -1.08 25.31
C GLN J 44 37.65 -1.68 25.07
N ALA J 45 36.81 -1.64 26.11
CA ALA J 45 35.42 -2.10 25.96
C ALA J 45 34.64 -1.07 25.17
N PRO J 46 33.59 -1.47 24.46
CA PRO J 46 32.92 -0.57 23.52
C PRO J 46 32.45 0.74 24.13
N GLY J 47 32.94 1.85 23.57
CA GLY J 47 32.62 3.20 24.06
C GLY J 47 33.20 3.54 25.43
N LYS J 48 34.17 2.75 25.89
CA LYS J 48 34.85 3.04 27.16
C LYS J 48 36.31 3.42 26.93
N GLY J 49 37.05 3.66 28.02
CA GLY J 49 38.44 4.03 27.95
C GLY J 49 39.39 2.87 27.79
N LEU J 50 40.68 3.19 27.87
CA LEU J 50 41.73 2.17 27.67
C LEU J 50 42.14 1.57 28.99
N GLU J 51 42.24 0.23 29.05
CA GLU J 51 42.63 -0.52 30.21
C GLU J 51 43.88 -1.36 29.86
N TRP J 52 44.94 -1.08 30.61
CA TRP J 52 46.17 -1.84 30.48
C TRP J 52 45.95 -3.22 31.09
N LEU J 53 46.44 -4.24 30.44
CA LEU J 53 46.28 -5.62 30.98
C LEU J 53 47.57 -6.24 31.50
N SER J 54 48.60 -6.21 30.66
CA SER J 54 49.79 -7.02 30.84
C SER J 54 51.00 -6.50 30.11
N ILE J 55 52.18 -6.73 30.70
CA ILE J 55 53.45 -6.29 30.10
C ILE J 55 54.42 -7.45 30.08
N ILE J 56 55.28 -7.49 29.09
CA ILE J 56 56.38 -8.46 29.03
C ILE J 56 57.64 -7.80 28.51
N ASN J 57 58.74 -7.96 29.29
CA ASN J 57 60.00 -7.40 28.87
C ASN J 57 60.58 -8.14 27.68
N ALA J 58 61.43 -7.46 26.90
CA ALA J 58 61.99 -7.98 25.68
C ALA J 58 62.34 -9.48 25.71
N GLY J 59 63.07 -9.91 26.74
CA GLY J 59 63.47 -11.27 26.88
C GLY J 59 62.47 -12.26 27.44
N GLY J 60 61.25 -11.80 27.73
CA GLY J 60 60.18 -12.67 28.20
C GLY J 60 59.95 -12.65 29.69
N GLY J 61 60.73 -11.86 30.42
CA GLY J 61 60.64 -11.78 31.87
C GLY J 61 59.93 -10.55 32.35
N ASP J 62 60.02 -10.25 33.64
CA ASP J 62 59.45 -9.08 34.28
C ASP J 62 57.97 -8.88 33.93
N ILE J 63 57.23 -9.98 33.90
CA ILE J 63 55.80 -9.94 33.57
C ILE J 63 54.98 -9.53 34.78
N ASP J 64 53.99 -8.63 34.55
CA ASP J 64 53.00 -8.20 35.52
C ASP J 64 51.62 -8.11 34.86
N TYR J 65 50.57 -8.11 35.71
CA TYR J 65 49.22 -8.10 35.26
C TYR J 65 48.41 -7.05 36.02
N ALA J 66 47.23 -6.78 35.41
CA ALA J 66 46.17 -6.01 36.10
C ALA J 66 45.30 -6.94 36.93
N ASP J 67 44.79 -6.40 38.01
CA ASP J 67 43.93 -7.15 38.95
C ASP J 67 42.69 -7.77 38.29
N SER J 68 42.20 -7.13 37.23
CA SER J 68 40.98 -7.59 36.52
C SER J 68 41.15 -8.89 35.75
N VAL J 69 42.38 -9.20 35.34
CA VAL J 69 42.67 -10.33 34.46
C VAL J 69 43.74 -11.29 35.04
N GLU J 70 44.30 -10.93 36.22
CA GLU J 70 45.31 -11.76 36.82
C GLU J 70 44.72 -13.12 37.20
N GLY J 71 45.47 -14.15 36.89
CA GLY J 71 45.07 -15.52 37.22
C GLY J 71 44.39 -16.21 36.08
N ARG J 72 43.96 -15.47 35.05
CA ARG J 72 43.28 -15.98 33.90
C ARG J 72 44.06 -15.86 32.60
N PHE J 73 44.75 -14.72 32.47
CA PHE J 73 45.52 -14.35 31.28
C PHE J 73 46.98 -14.72 31.45
N THR J 74 47.62 -15.17 30.38
CA THR J 74 49.05 -15.46 30.38
C THR J 74 49.66 -14.80 29.17
N ILE J 75 50.63 -13.91 29.41
CA ILE J 75 51.33 -13.23 28.34
C ILE J 75 52.62 -13.99 28.00
N SER J 76 52.95 -14.05 26.71
CA SER J 76 54.13 -14.79 26.30
C SER J 76 54.61 -14.35 24.94
N ARG J 77 55.88 -14.63 24.60
CA ARG J 77 56.43 -14.20 23.33
C ARG J 77 57.41 -15.20 22.71
N ASP J 78 57.42 -15.21 21.37
CA ASP J 78 58.34 -16.01 20.57
C ASP J 78 59.18 -15.05 19.73
N ASN J 79 60.38 -14.72 20.19
CA ASN J 79 61.16 -13.69 19.52
C ASN J 79 61.89 -14.13 18.28
N SER J 80 61.84 -15.42 17.98
CA SER J 80 62.29 -15.94 16.66
C SER J 80 61.27 -15.57 15.59
N LYS J 81 59.98 -15.50 16.01
CA LYS J 81 58.89 -15.15 15.10
C LYS J 81 58.45 -13.69 15.24
N GLU J 82 59.09 -12.93 16.12
CA GLU J 82 58.74 -11.58 16.43
C GLU J 82 57.29 -11.43 16.85
N THR J 83 56.79 -12.38 17.64
CA THR J 83 55.35 -12.48 17.93
C THR J 83 55.10 -12.43 19.44
N LEU J 84 54.03 -11.76 19.84
CA LEU J 84 53.51 -11.79 21.20
C LEU J 84 52.17 -12.53 21.20
N TYR J 85 51.83 -13.08 22.35
CA TYR J 85 50.62 -13.87 22.53
C TYR J 85 49.98 -13.44 23.84
N LEU J 86 48.65 -13.48 23.86
CA LEU J 86 47.91 -13.35 25.09
C LEU J 86 46.90 -14.50 25.16
N GLN J 87 47.16 -15.50 26.02
CA GLN J 87 46.25 -16.59 26.22
C GLN J 87 45.27 -16.07 27.26
N MET J 88 44.01 -16.20 26.95
CA MET J 88 42.92 -15.83 27.87
C MET J 88 42.10 -17.07 28.18
N THR J 89 41.80 -17.27 29.45
CA THR J 89 40.92 -18.37 29.88
C THR J 89 39.84 -17.80 30.79
N ASN J 90 38.84 -18.65 31.06
CA ASN J 90 37.71 -18.31 31.94
C ASN J 90 37.11 -16.94 31.58
N LEU J 91 36.82 -16.75 30.30
CA LEU J 91 36.39 -15.45 29.79
C LEU J 91 34.96 -15.11 30.26
N ARG J 92 34.68 -13.84 30.40
CA ARG J 92 33.35 -13.38 30.84
C ARG J 92 32.82 -12.36 29.88
N VAL J 93 31.53 -12.03 30.04
CA VAL J 93 30.88 -11.06 29.14
C VAL J 93 31.58 -9.70 29.12
N GLU J 94 32.09 -9.28 30.26
CA GLU J 94 32.72 -7.97 30.41
C GLU J 94 34.14 -7.90 29.88
N ASP J 95 34.68 -9.03 29.41
CA ASP J 95 35.98 -9.01 28.74
C ASP J 95 35.84 -8.60 27.28
N THR J 96 34.59 -8.43 26.82
CA THR J 96 34.33 -8.04 25.44
C THR J 96 34.96 -6.70 25.12
N GLY J 97 35.65 -6.59 23.99
CA GLY J 97 36.17 -5.28 23.58
C GLY J 97 37.21 -5.43 22.47
N VAL J 98 37.84 -4.32 22.11
CA VAL J 98 39.00 -4.37 21.21
C VAL J 98 40.29 -4.48 22.05
N TYR J 99 41.12 -5.42 21.66
CA TYR J 99 42.42 -5.67 22.25
C TYR J 99 43.54 -5.16 21.32
N TYR J 100 44.40 -4.33 21.94
CA TYR J 100 45.54 -3.74 21.24
C TYR J 100 46.87 -4.32 21.70
N CYS J 101 47.74 -4.44 20.78
CA CYS J 101 49.17 -4.66 21.07
C CYS J 101 49.90 -3.33 21.06
N ALA J 102 50.82 -3.05 22.00
CA ALA J 102 51.39 -1.72 22.14
C ALA J 102 52.85 -1.75 22.63
N LYS J 103 53.80 -1.31 21.81
CA LYS J 103 55.22 -1.36 22.14
C LYS J 103 55.70 -0.19 23.00
N HIS J 104 56.45 -0.45 24.08
CA HIS J 104 57.05 0.61 24.90
C HIS J 104 58.29 1.13 24.20
N MET J 105 58.55 2.44 24.20
CA MET J 105 59.58 2.94 23.27
C MET J 105 61.03 2.56 23.63
N SER J 106 61.36 2.67 24.91
CA SER J 106 62.78 2.49 25.35
C SER J 106 63.32 1.11 25.01
N MET J 107 64.49 1.06 24.39
CA MET J 107 65.10 -0.22 24.03
C MET J 107 65.48 -1.01 25.28
N GLN J 108 65.10 -2.25 25.35
CA GLN J 108 65.33 -3.14 26.49
C GLN J 108 66.41 -4.21 26.23
N GLN J 109 66.55 -4.65 24.97
CA GLN J 109 67.57 -5.56 24.62
C GLN J 109 68.11 -5.46 23.21
N VAL J 110 69.30 -6.02 23.01
CA VAL J 110 69.90 -6.20 21.67
C VAL J 110 70.31 -7.64 21.58
N PRO J 111 69.43 -8.51 21.03
CA PRO J 111 69.59 -9.96 21.13
C PRO J 111 70.90 -10.50 20.57
N SER J 112 71.27 -9.99 19.38
CA SER J 112 72.43 -10.49 18.66
C SER J 112 73.73 -10.13 19.37
N ALA J 113 73.65 -9.07 20.20
CA ALA J 113 74.85 -8.61 20.95
C ALA J 113 74.96 -9.29 22.31
N GLY J 114 73.83 -9.59 22.90
CA GLY J 114 73.70 -10.17 24.21
C GLY J 114 73.59 -9.10 25.30
N TRP J 115 72.99 -7.97 24.91
CA TRP J 115 72.70 -6.87 25.86
C TRP J 115 71.29 -6.91 26.43
N GLU J 116 71.20 -6.58 27.71
CA GLU J 116 69.92 -6.37 28.40
C GLU J 116 69.93 -5.19 29.39
N ARG J 117 68.94 -4.32 29.29
CA ARG J 117 68.76 -3.32 30.36
C ARG J 117 68.23 -3.99 31.60
N GLU J 118 68.84 -3.72 32.76
CA GLU J 118 68.47 -4.41 33.97
C GLU J 118 67.10 -4.00 34.45
N ASP J 119 66.78 -2.71 34.29
CA ASP J 119 65.47 -2.22 34.70
C ASP J 119 64.45 -2.21 33.59
N LEU J 120 63.20 -2.66 33.85
CA LEU J 120 62.13 -2.56 32.90
C LEU J 120 61.52 -1.16 32.98
N VAL J 121 61.72 -0.39 31.91
CA VAL J 121 61.26 1.02 31.89
C VAL J 121 59.75 1.12 31.70
N GLY J 122 59.26 0.41 30.68
CA GLY J 122 57.83 0.31 30.39
C GLY J 122 57.13 1.63 30.17
N ASP J 123 57.81 2.51 29.45
CA ASP J 123 57.34 3.92 29.22
C ASP J 123 56.29 4.13 28.12
N ALA J 124 56.48 5.10 27.21
CA ALA J 124 55.37 5.50 26.33
C ALA J 124 55.11 4.56 25.14
N PHE J 125 53.82 4.32 24.84
CA PHE J 125 53.44 3.38 23.80
C PHE J 125 53.58 3.99 22.39
N ASP J 126 54.79 3.91 21.81
CA ASP J 126 55.11 4.65 20.61
C ASP J 126 54.58 4.00 19.33
N VAL J 127 54.29 2.70 19.40
CA VAL J 127 53.64 1.99 18.29
C VAL J 127 52.46 1.13 18.79
N TRP J 128 51.32 1.26 18.13
CA TRP J 128 50.15 0.42 18.44
C TRP J 128 49.71 -0.32 17.19
N GLY J 129 49.15 -1.52 17.36
CA GLY J 129 48.47 -2.24 16.31
C GLY J 129 47.11 -1.66 16.01
N GLN J 130 46.41 -2.22 15.00
CA GLN J 130 45.08 -1.75 14.63
C GLN J 130 44.00 -2.26 15.59
N GLY J 131 44.33 -3.38 16.25
CA GLY J 131 43.52 -3.97 17.27
C GLY J 131 42.75 -5.19 16.77
N THR J 132 42.24 -5.96 17.68
CA THR J 132 41.49 -7.17 17.31
C THR J 132 40.28 -7.32 18.21
N MET J 133 39.10 -7.59 17.65
CA MET J 133 37.87 -7.56 18.46
C MET J 133 37.58 -8.94 19.05
N VAL J 134 37.46 -8.96 20.42
CA VAL J 134 37.04 -10.21 21.10
C VAL J 134 35.64 -9.99 21.67
N THR J 135 34.77 -10.92 21.38
CA THR J 135 33.37 -10.86 21.80
C THR J 135 32.94 -12.11 22.57
N VAL J 136 32.47 -11.93 23.78
CA VAL J 136 32.09 -13.02 24.67
C VAL J 136 30.59 -12.95 24.79
N SER J 137 29.89 -13.92 24.20
CA SER J 137 28.43 -13.94 24.30
C SER J 137 27.90 -15.36 24.21
N SER J 138 26.70 -15.50 24.73
CA SER J 138 25.91 -16.74 24.67
C SER J 138 25.11 -16.80 23.38
N ALA J 139 25.08 -15.71 22.63
CA ALA J 139 24.46 -15.76 21.29
C ALA J 139 25.40 -16.39 20.25
N SER J 140 24.79 -17.06 19.29
CA SER J 140 25.49 -17.77 18.19
C SER J 140 25.88 -16.86 17.05
N THR J 141 26.98 -17.16 16.36
CA THR J 141 27.43 -16.29 15.25
C THR J 141 26.45 -16.41 14.08
N LYS J 142 26.08 -15.27 13.48
CA LYS J 142 25.30 -15.24 12.24
C LYS J 142 25.86 -14.27 11.19
N GLY J 143 25.96 -14.73 9.95
CA GLY J 143 26.49 -13.93 8.86
C GLY J 143 25.49 -12.92 8.30
N PRO J 144 26.01 -11.80 7.73
CA PRO J 144 25.11 -10.75 7.21
C PRO J 144 24.52 -11.06 5.85
N SER J 145 23.28 -10.61 5.61
CA SER J 145 22.71 -10.48 4.27
C SER J 145 23.06 -9.08 3.76
N VAL J 146 23.41 -9.00 2.48
CA VAL J 146 23.78 -7.72 1.84
C VAL J 146 22.76 -7.33 0.79
N PHE J 147 22.17 -6.15 0.95
CA PHE J 147 21.15 -5.63 0.01
C PHE J 147 21.61 -4.32 -0.63
N PRO J 148 21.27 -4.13 -1.91
CA PRO J 148 21.68 -2.87 -2.55
C PRO J 148 20.81 -1.67 -2.14
N LEU J 149 21.44 -0.51 -1.94
CA LEU J 149 20.71 0.75 -1.83
C LEU J 149 20.91 1.45 -3.16
N ALA J 150 19.97 1.31 -4.11
CA ALA J 150 20.13 1.74 -5.44
C ALA J 150 19.87 3.26 -5.60
N PRO J 151 20.67 3.89 -6.45
CA PRO J 151 20.35 5.29 -6.85
C PRO J 151 19.14 5.34 -7.79
N SER J 152 18.18 6.24 -7.50
CA SER J 152 16.98 6.41 -8.33
C SER J 152 17.08 7.67 -9.18
N SER J 153 16.09 7.85 -10.06
CA SER J 153 15.95 9.08 -10.85
C SER J 153 15.32 10.16 -9.97
N LYS J 154 15.88 11.38 -10.03
CA LYS J 154 15.55 12.50 -9.14
C LYS J 154 16.07 12.29 -7.70
N SER J 155 17.20 11.57 -7.57
CA SER J 155 17.86 11.33 -6.28
C SER J 155 19.19 12.07 -6.25
N THR J 156 19.14 13.35 -6.66
CA THR J 156 20.32 14.19 -6.86
C THR J 156 20.25 15.41 -5.94
N SER J 157 21.38 15.75 -5.31
CA SER J 157 21.48 16.91 -4.42
C SER J 157 22.51 17.89 -4.97
N GLY J 158 22.02 18.85 -5.75
CA GLY J 158 22.88 19.83 -6.43
C GLY J 158 23.31 19.30 -7.79
N GLY J 159 24.28 18.39 -7.77
CA GLY J 159 24.69 17.67 -8.98
C GLY J 159 25.33 16.30 -8.77
N THR J 160 24.98 15.63 -7.68
CA THR J 160 25.50 14.28 -7.34
C THR J 160 24.37 13.37 -6.87
N ALA J 161 24.67 12.09 -6.78
CA ALA J 161 23.77 11.04 -6.38
C ALA J 161 24.47 10.11 -5.39
N ALA J 162 23.62 9.36 -4.67
CA ALA J 162 24.06 8.46 -3.60
C ALA J 162 23.62 7.03 -3.86
N LEU J 163 24.51 6.09 -3.54
CA LEU J 163 24.17 4.65 -3.52
C LEU J 163 24.91 3.97 -2.37
N GLY J 164 24.54 2.75 -2.03
CA GLY J 164 25.16 2.08 -0.90
C GLY J 164 24.81 0.64 -0.70
N CYS J 165 25.26 0.05 0.42
CA CYS J 165 24.95 -1.33 0.76
C CYS J 165 24.38 -1.37 2.15
N LEU J 166 23.29 -2.10 2.32
CA LEU J 166 22.74 -2.39 3.65
C LEU J 166 23.19 -3.76 4.09
N VAL J 167 24.01 -3.83 5.14
CA VAL J 167 24.50 -5.10 5.70
C VAL J 167 23.69 -5.44 6.96
N LYS J 168 22.79 -6.40 6.87
CA LYS J 168 21.74 -6.58 7.88
C LYS J 168 21.80 -7.96 8.52
N ASP J 169 21.42 -7.99 9.79
CA ASP J 169 21.29 -9.20 10.60
C ASP J 169 22.57 -10.07 10.73
N TYR J 170 23.55 -9.53 11.43
CA TYR J 170 24.77 -10.28 11.73
C TYR J 170 25.14 -10.16 13.20
N PHE J 171 25.97 -11.10 13.66
CA PHE J 171 26.50 -11.12 15.01
C PHE J 171 27.69 -12.07 15.04
N PRO J 172 28.77 -11.72 15.76
CA PRO J 172 28.92 -10.47 16.49
C PRO J 172 29.60 -9.43 15.60
N GLU J 173 30.00 -8.32 16.22
CA GLU J 173 30.88 -7.35 15.59
C GLU J 173 32.27 -7.92 15.39
N PRO J 174 33.00 -7.46 14.35
CA PRO J 174 32.60 -6.42 13.39
C PRO J 174 32.57 -6.94 11.94
N VAL J 175 32.02 -6.11 11.05
CA VAL J 175 32.07 -6.28 9.60
C VAL J 175 33.03 -5.23 9.07
N THR J 176 33.58 -5.50 7.92
CA THR J 176 34.34 -4.46 7.18
C THR J 176 33.82 -4.31 5.76
N VAL J 177 33.83 -3.07 5.28
CA VAL J 177 33.34 -2.75 3.93
C VAL J 177 34.39 -1.96 3.16
N SER J 178 34.67 -2.39 1.94
CA SER J 178 35.40 -1.58 0.95
C SER J 178 34.63 -1.50 -0.31
N TRP J 179 34.88 -0.51 -1.17
CA TRP J 179 34.17 -0.36 -2.44
C TRP J 179 35.08 -0.51 -3.64
N ASN J 180 34.70 -1.35 -4.59
CA ASN J 180 35.56 -1.61 -5.75
C ASN J 180 36.94 -2.04 -5.34
N SER J 181 37.01 -2.84 -4.26
CA SER J 181 38.25 -3.40 -3.73
C SER J 181 39.23 -2.33 -3.22
N GLY J 182 38.67 -1.19 -2.78
CA GLY J 182 39.47 -0.10 -2.26
C GLY J 182 39.84 0.92 -3.30
N ALA J 183 39.39 0.72 -4.55
CA ALA J 183 39.55 1.68 -5.60
C ALA J 183 38.73 2.96 -5.41
N LEU J 184 37.63 2.85 -4.68
CA LEU J 184 36.79 3.99 -4.37
C LEU J 184 36.85 4.29 -2.89
N THR J 185 37.44 5.42 -2.52
CA THR J 185 37.45 5.85 -1.12
C THR J 185 36.83 7.23 -0.87
N SER J 186 37.02 8.16 -1.80
N SER J 186 37.02 8.15 -1.80
CA SER J 186 36.50 9.52 -1.66
CA SER J 186 36.49 9.51 -1.66
C SER J 186 34.97 9.50 -1.58
C SER J 186 34.97 9.50 -1.58
N GLY J 187 34.43 10.09 -0.52
CA GLY J 187 32.98 10.26 -0.37
C GLY J 187 32.29 9.02 0.16
N VAL J 188 33.06 8.11 0.74
CA VAL J 188 32.49 6.89 1.35
C VAL J 188 32.27 7.17 2.83
N HIS J 189 31.10 6.76 3.30
CA HIS J 189 30.76 6.76 4.71
C HIS J 189 30.25 5.43 5.12
N THR J 190 30.94 4.73 6.05
CA THR J 190 30.45 3.49 6.63
C THR J 190 29.99 3.82 8.05
N PHE J 191 28.68 3.66 8.25
CA PHE J 191 28.05 4.07 9.47
C PHE J 191 28.34 3.06 10.59
N PRO J 192 28.40 3.53 11.86
CA PRO J 192 28.50 2.61 12.99
C PRO J 192 27.32 1.63 13.05
N ALA J 193 27.58 0.39 13.47
CA ALA J 193 26.54 -0.63 13.52
C ALA J 193 25.56 -0.26 14.63
N VAL J 194 24.29 -0.62 14.46
CA VAL J 194 23.27 -0.31 15.45
C VAL J 194 22.67 -1.62 15.91
N LEU J 195 22.34 -1.67 17.19
CA LEU J 195 21.79 -2.92 17.77
C LEU J 195 20.28 -2.94 17.57
N GLN J 196 19.77 -3.94 16.83
CA GLN J 196 18.37 -4.03 16.55
C GLN J 196 17.61 -4.57 17.77
N SER J 197 16.29 -4.61 17.68
CA SER J 197 15.47 -5.22 18.71
C SER J 197 15.57 -6.73 18.72
N SER J 198 15.94 -7.29 17.58
CA SER J 198 16.22 -8.73 17.48
C SER J 198 17.48 -9.15 18.22
N GLY J 199 18.35 -8.19 18.52
CA GLY J 199 19.60 -8.47 19.18
C GLY J 199 20.79 -8.48 18.23
N LEU J 200 20.48 -8.60 16.94
CA LEU J 200 21.50 -8.62 15.89
C LEU J 200 21.91 -7.18 15.54
N TYR J 201 23.07 -7.09 14.89
CA TYR J 201 23.56 -5.82 14.37
C TYR J 201 23.08 -5.58 12.94
N SER J 202 23.09 -4.32 12.57
CA SER J 202 22.83 -3.88 11.22
C SER J 202 23.67 -2.65 10.94
N LEU J 203 24.08 -2.50 9.70
CA LEU J 203 25.01 -1.42 9.32
C LEU J 203 24.80 -1.01 7.86
N SER J 204 25.08 0.23 7.54
CA SER J 204 25.01 0.71 6.14
C SER J 204 26.29 1.40 5.70
N SER J 205 26.69 1.21 4.45
CA SER J 205 27.78 1.97 3.86
C SER J 205 27.27 2.68 2.61
N VAL J 206 27.55 3.95 2.46
CA VAL J 206 27.04 4.74 1.35
C VAL J 206 28.17 5.53 0.73
N VAL J 207 28.01 5.91 -0.53
CA VAL J 207 29.02 6.67 -1.24
C VAL J 207 28.33 7.65 -2.20
N THR J 208 28.90 8.83 -2.38
CA THR J 208 28.35 9.85 -3.26
C THR J 208 29.15 9.83 -4.53
N VAL J 209 28.49 9.66 -5.67
CA VAL J 209 29.10 9.63 -7.00
C VAL J 209 28.33 10.56 -7.96
N PRO J 210 29.05 11.14 -8.94
CA PRO J 210 28.39 11.93 -9.98
C PRO J 210 27.34 11.16 -10.78
N SER J 211 26.30 11.85 -11.20
CA SER J 211 25.14 11.24 -11.87
C SER J 211 25.47 10.53 -13.18
N SER J 212 26.47 11.03 -13.89
CA SER J 212 26.92 10.46 -15.16
C SER J 212 27.65 9.14 -14.98
N SER J 213 28.22 8.91 -13.81
CA SER J 213 28.86 7.63 -13.54
C SER J 213 27.93 6.43 -13.55
N LEU J 214 26.64 6.62 -13.24
CA LEU J 214 25.79 5.50 -12.80
C LEU J 214 25.65 4.35 -13.77
N GLY J 215 25.31 4.66 -15.02
CA GLY J 215 25.32 3.67 -16.09
C GLY J 215 26.70 3.18 -16.49
N THR J 216 27.65 4.10 -16.60
CA THR J 216 28.95 3.77 -17.22
C THR J 216 29.91 2.98 -16.34
N GLN J 217 30.08 3.41 -15.12
CA GLN J 217 30.95 2.77 -14.10
C GLN J 217 30.25 1.64 -13.36
N THR J 218 31.04 0.84 -12.66
CA THR J 218 30.50 -0.24 -11.80
C THR J 218 30.88 -0.01 -10.35
N TYR J 219 29.88 -0.11 -9.46
CA TYR J 219 30.13 0.01 -8.03
C TYR J 219 29.75 -1.23 -7.25
N ILE J 220 30.79 -1.93 -6.73
CA ILE J 220 30.59 -3.14 -5.95
C ILE J 220 31.08 -2.97 -4.52
N CYS J 221 30.17 -3.12 -3.53
CA CYS J 221 30.67 -3.17 -2.15
C CYS J 221 31.13 -4.59 -1.81
N ASN J 222 32.26 -4.64 -1.15
CA ASN J 222 32.86 -5.87 -0.65
C ASN J 222 32.75 -5.94 0.85
N VAL J 223 31.95 -6.88 1.35
CA VAL J 223 31.68 -7.00 2.79
C VAL J 223 32.40 -8.21 3.36
N ASN J 224 33.16 -8.02 4.42
CA ASN J 224 33.79 -9.13 5.13
C ASN J 224 33.29 -9.21 6.55
N HIS J 225 32.85 -10.43 6.92
CA HIS J 225 32.50 -10.74 8.29
C HIS J 225 33.28 -11.98 8.71
N LYS J 226 34.28 -11.77 9.57
CA LYS J 226 35.21 -12.84 9.92
C LYS J 226 34.61 -13.95 10.83
N PRO J 227 33.86 -13.55 11.88
CA PRO J 227 33.27 -14.56 12.77
C PRO J 227 32.33 -15.59 12.15
N SER J 228 31.79 -15.34 10.97
CA SER J 228 31.02 -16.33 10.24
C SER J 228 31.63 -16.65 8.88
N ASN J 229 32.92 -16.37 8.66
CA ASN J 229 33.62 -16.58 7.38
C ASN J 229 32.82 -16.17 6.11
N THR J 230 32.07 -15.08 6.21
CA THR J 230 31.25 -14.54 5.12
C THR J 230 32.03 -13.51 4.28
N LYS J 231 31.86 -13.61 2.99
CA LYS J 231 32.54 -12.70 2.07
C LYS J 231 31.67 -12.47 0.86
N VAL J 232 30.97 -11.32 0.85
CA VAL J 232 30.02 -10.98 -0.20
C VAL J 232 30.51 -9.80 -1.03
N ASP J 233 30.28 -9.90 -2.35
CA ASP J 233 30.55 -8.81 -3.28
C ASP J 233 29.28 -8.40 -4.00
N LYS J 234 28.55 -7.46 -3.39
CA LYS J 234 27.24 -7.01 -3.96
C LYS J 234 27.36 -5.83 -4.90
N ARG J 235 27.00 -6.04 -6.17
CA ARG J 235 26.89 -5.01 -7.18
C ARG J 235 25.65 -4.11 -6.98
N VAL J 236 25.88 -2.82 -7.05
CA VAL J 236 24.77 -1.84 -6.91
C VAL J 236 24.53 -1.14 -8.24
N GLU J 237 23.29 -1.30 -8.75
CA GLU J 237 22.88 -0.78 -10.03
C GLU J 237 21.59 0.07 -9.90
N PRO J 238 21.36 0.99 -10.86
CA PRO J 238 20.13 1.77 -10.82
C PRO J 238 18.88 0.92 -11.10
N LYS J 239 17.78 1.37 -10.54
CA LYS J 239 16.44 0.80 -10.79
C LYS J 239 15.80 1.49 -12.00
N ASP K 1 45.66 1.52 42.94
CA ASP K 1 45.69 2.06 41.54
C ASP K 1 45.70 3.58 41.54
N ILE K 2 46.56 4.17 40.71
CA ILE K 2 46.54 5.63 40.47
C ILE K 2 45.40 5.95 39.52
N GLN K 3 44.54 6.90 39.96
CA GLN K 3 43.45 7.40 39.16
C GLN K 3 43.85 8.69 38.43
N LEU K 4 43.54 8.73 37.16
CA LEU K 4 43.76 9.96 36.38
C LEU K 4 42.44 10.56 35.96
N THR K 5 42.19 11.81 36.31
CA THR K 5 40.98 12.53 36.00
C THR K 5 41.31 13.64 34.97
N GLN K 6 40.70 13.56 33.77
CA GLN K 6 40.83 14.57 32.76
C GLN K 6 39.73 15.66 32.81
N SER K 7 40.15 16.83 32.40
CA SER K 7 39.18 17.95 32.25
C SER K 7 39.55 18.88 31.09
N PRO K 8 38.59 19.32 30.26
CA PRO K 8 37.20 18.84 30.30
C PRO K 8 37.04 17.46 29.68
N SER K 9 35.93 16.81 30.02
CA SER K 9 35.58 15.54 29.42
C SER K 9 35.18 15.63 27.96
N SER K 10 34.79 16.80 27.48
CA SER K 10 34.48 16.96 26.09
C SER K 10 34.62 18.44 25.78
N LEU K 11 35.07 18.73 24.56
CA LEU K 11 35.09 20.14 24.15
C LEU K 11 34.89 20.40 22.69
N SER K 12 34.59 21.68 22.41
CA SER K 12 34.40 22.20 21.02
C SER K 12 35.12 23.53 20.88
N ALA K 13 35.94 23.66 19.85
CA ALA K 13 36.61 24.95 19.52
C ALA K 13 36.75 25.11 18.01
N SER K 14 36.79 26.37 17.56
CA SER K 14 36.92 26.65 16.13
C SER K 14 38.35 26.49 15.66
N VAL K 15 38.46 26.42 14.34
CA VAL K 15 39.78 26.39 13.67
C VAL K 15 40.65 27.57 14.14
N GLY K 16 41.85 27.25 14.63
CA GLY K 16 42.76 28.26 15.05
C GLY K 16 42.59 28.74 16.47
N ASP K 17 41.75 28.01 17.25
CA ASP K 17 41.60 28.29 18.66
C ASP K 17 42.74 27.65 19.46
N ARG K 18 43.13 28.31 20.55
CA ARG K 18 44.04 27.76 21.56
C ARG K 18 43.26 26.81 22.47
N VAL K 19 43.68 25.54 22.57
CA VAL K 19 42.92 24.55 23.40
C VAL K 19 43.84 24.07 24.51
N THR K 20 43.27 23.97 25.73
CA THR K 20 43.96 23.42 26.91
C THR K 20 43.32 22.16 27.49
N LEU K 21 44.05 21.01 27.43
CA LEU K 21 43.58 19.80 28.08
C LEU K 21 44.38 19.56 29.36
N THR K 22 43.66 19.19 30.45
CA THR K 22 44.40 18.92 31.71
C THR K 22 44.19 17.45 32.13
N CYS K 23 45.14 16.99 32.91
CA CYS K 23 45.18 15.65 33.49
C CYS K 23 45.61 15.74 34.92
N GLN K 24 44.73 15.41 35.87
CA GLN K 24 45.08 15.42 37.27
C GLN K 24 45.23 14.00 37.76
N ALA K 25 46.27 13.78 38.53
CA ALA K 25 46.66 12.45 39.01
C ALA K 25 46.49 12.37 40.49
N SER K 26 46.14 11.20 41.02
CA SER K 26 45.69 11.08 42.41
C SER K 26 46.83 11.31 43.38
N GLN K 27 48.05 11.08 42.89
CA GLN K 27 49.26 11.26 43.63
C GLN K 27 50.41 11.78 42.77
N ASP K 28 51.51 12.05 43.44
CA ASP K 28 52.76 12.51 42.79
C ASP K 28 53.26 11.45 41.83
N ILE K 29 53.22 11.73 40.54
CA ILE K 29 53.83 10.84 39.56
C ILE K 29 54.99 11.51 38.85
N ARG K 30 55.54 12.55 39.47
CA ARG K 30 56.69 13.29 38.96
C ARG K 30 56.59 13.79 37.52
N LYS K 31 57.27 13.19 36.54
CA LYS K 31 57.00 13.54 35.16
C LYS K 31 56.61 12.35 34.32
N PHE K 32 56.44 11.16 34.89
CA PHE K 32 56.13 9.97 34.15
C PHE K 32 54.69 9.96 33.54
N LEU K 33 54.48 10.75 32.53
CA LEU K 33 53.16 10.93 31.97
C LEU K 33 53.23 11.28 30.49
N ASN K 34 52.33 10.65 29.72
CA ASN K 34 52.28 10.71 28.26
C ASN K 34 50.91 11.17 27.82
N TRP K 35 50.78 11.48 26.54
CA TRP K 35 49.47 11.84 25.96
C TRP K 35 49.35 11.09 24.63
N TYR K 36 48.11 10.80 24.29
CA TYR K 36 47.74 9.95 23.12
C TYR K 36 46.53 10.48 22.40
N GLN K 37 46.57 10.34 21.08
CA GLN K 37 45.51 10.88 20.20
C GLN K 37 44.86 9.75 19.40
N GLN K 38 43.75 9.25 19.94
CA GLN K 38 42.89 8.30 19.25
C GLN K 38 41.94 8.93 18.28
N LYS K 39 42.13 8.67 16.97
CA LYS K 39 41.13 8.97 15.97
C LYS K 39 40.11 7.83 15.98
N PRO K 40 38.86 8.11 15.56
CA PRO K 40 37.80 7.11 15.76
C PRO K 40 37.85 5.89 14.84
N GLY K 41 37.73 4.70 15.44
CA GLY K 41 37.87 3.44 14.74
C GLY K 41 39.31 3.08 14.37
N LYS K 42 40.28 3.61 15.11
CA LYS K 42 41.70 3.38 14.86
C LYS K 42 42.47 3.46 16.18
N GLY K 43 43.73 3.07 16.12
CA GLY K 43 44.58 2.95 17.28
C GLY K 43 45.09 4.28 17.78
N PRO K 44 45.45 4.35 19.07
CA PRO K 44 46.08 5.59 19.58
C PRO K 44 47.50 5.81 19.07
N LYS K 45 47.89 7.09 18.97
CA LYS K 45 49.22 7.52 18.52
C LYS K 45 49.80 8.48 19.55
N LEU K 46 51.08 8.27 19.84
CA LEU K 46 51.79 9.08 20.82
C LEU K 46 51.98 10.50 20.32
N LEU K 47 51.65 11.48 21.17
CA LEU K 47 51.96 12.89 20.89
C LEU K 47 53.09 13.41 21.74
N ILE K 48 52.90 13.24 23.05
CA ILE K 48 53.83 13.78 24.06
C ILE K 48 54.26 12.67 24.98
N TYR K 49 55.58 12.48 25.12
CA TYR K 49 56.10 11.53 26.12
C TYR K 49 56.88 12.24 27.21
N ASP K 50 56.79 11.70 28.44
CA ASP K 50 57.53 12.27 29.57
C ASP K 50 57.19 13.74 29.81
N ALA K 51 55.88 13.98 29.94
CA ALA K 51 55.36 15.31 30.26
C ALA K 51 55.37 16.41 29.21
N SER K 52 56.56 16.72 28.68
CA SER K 52 56.77 17.87 27.80
C SER K 52 57.40 17.62 26.43
N ASN K 53 57.87 16.39 26.20
CA ASN K 53 58.66 16.08 25.03
C ASN K 53 57.83 15.65 23.83
N LEU K 54 57.97 16.40 22.75
CA LEU K 54 57.21 16.14 21.54
C LEU K 54 57.78 14.98 20.72
N GLN K 55 56.89 14.11 20.23
CA GLN K 55 57.33 12.93 19.50
C GLN K 55 57.67 13.25 18.05
N ARG K 56 58.64 12.50 17.54
CA ARG K 56 59.05 12.64 16.12
C ARG K 56 57.88 12.27 15.19
N GLY K 57 57.50 13.21 14.31
CA GLY K 57 56.39 13.00 13.42
C GLY K 57 55.05 13.46 13.91
N VAL K 58 55.07 14.24 14.99
CA VAL K 58 53.88 14.95 15.50
C VAL K 58 54.07 16.47 15.35
N PRO K 59 53.02 17.17 14.87
CA PRO K 59 53.08 18.60 14.63
C PRO K 59 53.60 19.42 15.80
N SER K 60 54.33 20.47 15.49
CA SER K 60 54.88 21.43 16.44
C SER K 60 53.84 22.21 17.25
N ARG K 61 52.61 22.20 16.74
CA ARG K 61 51.48 22.86 17.39
C ARG K 61 51.06 22.20 18.71
N PHE K 62 51.39 20.91 18.86
CA PHE K 62 51.21 20.21 20.11
C PHE K 62 52.44 20.38 21.00
N SER K 63 52.18 20.62 22.29
CA SER K 63 53.22 20.70 23.32
C SER K 63 52.67 20.12 24.64
N GLY K 64 53.47 20.12 25.67
CA GLY K 64 53.04 19.57 26.95
C GLY K 64 53.75 20.26 28.12
N GLY K 65 53.17 20.14 29.29
CA GLY K 65 53.82 20.63 30.50
C GLY K 65 53.26 20.03 31.76
N GLY K 66 53.85 20.44 32.89
CA GLY K 66 53.39 20.03 34.21
C GLY K 66 54.32 19.07 34.94
N SER K 67 54.03 18.86 36.21
CA SER K 67 54.78 17.96 37.05
C SER K 67 53.92 17.57 38.25
N GLY K 68 54.26 16.44 38.87
CA GLY K 68 53.61 16.13 40.14
C GLY K 68 52.26 15.51 39.97
N THR K 69 51.21 16.30 40.17
CA THR K 69 49.83 15.80 40.03
C THR K 69 49.07 16.39 38.82
N ASP K 70 49.48 17.61 38.46
CA ASP K 70 48.83 18.39 37.38
C ASP K 70 49.65 18.44 36.08
N PHE K 71 49.00 18.07 34.99
CA PHE K 71 49.68 18.06 33.67
C PHE K 71 48.79 18.62 32.62
N THR K 72 49.35 19.32 31.62
CA THR K 72 48.60 19.97 30.55
C THR K 72 49.10 19.60 29.17
N LEU K 73 48.20 19.43 28.24
CA LEU K 73 48.57 19.32 26.82
C LEU K 73 47.90 20.47 26.09
N ILE K 74 48.67 21.38 25.45
CA ILE K 74 48.16 22.49 24.71
C ILE K 74 48.18 22.16 23.21
N ILE K 75 47.10 22.51 22.52
CA ILE K 75 47.09 22.58 21.07
C ILE K 75 47.07 24.06 20.75
N SER K 76 48.17 24.59 20.21
CA SER K 76 48.26 26.07 20.08
C SER K 76 47.32 26.58 19.01
N SER K 77 46.97 25.73 18.05
CA SER K 77 46.03 26.11 17.02
C SER K 77 45.31 24.89 16.46
N LEU K 78 44.07 24.69 16.88
CA LEU K 78 43.32 23.48 16.56
C LEU K 78 43.03 23.37 15.07
N GLN K 79 43.25 22.18 14.54
CA GLN K 79 42.99 21.91 13.13
C GLN K 79 41.93 20.85 12.98
N PRO K 80 41.26 20.81 11.81
CA PRO K 80 40.26 19.81 11.50
C PRO K 80 40.65 18.36 11.78
N GLU K 81 41.89 18.01 11.44
CA GLU K 81 42.43 16.66 11.66
C GLU K 81 42.58 16.34 13.15
N ASP K 82 42.72 17.41 13.98
CA ASP K 82 42.87 17.21 15.43
C ASP K 82 41.63 16.76 16.21
N VAL K 83 40.52 16.46 15.51
CA VAL K 83 39.41 15.73 16.17
C VAL K 83 39.78 14.35 16.74
N GLY K 84 38.95 13.86 17.65
CA GLY K 84 39.10 12.59 18.28
C GLY K 84 39.49 12.72 19.73
N THR K 85 39.55 11.59 20.40
CA THR K 85 39.67 11.52 21.86
C THR K 85 41.15 11.48 22.25
N TYR K 86 41.43 12.13 23.35
CA TYR K 86 42.78 12.26 23.91
C TYR K 86 42.80 11.61 25.28
N TYR K 87 43.85 10.81 25.51
CA TYR K 87 44.11 10.20 26.80
C TYR K 87 45.42 10.69 27.36
N CYS K 88 45.46 11.00 28.65
CA CYS K 88 46.74 11.08 29.36
C CYS K 88 47.05 9.76 29.98
N GLN K 89 48.32 9.47 30.25
CA GLN K 89 48.78 8.18 30.76
C GLN K 89 50.01 8.41 31.65
N GLN K 90 50.09 7.59 32.71
CA GLN K 90 51.16 7.65 33.63
C GLN K 90 51.80 6.28 33.67
N TYR K 91 53.08 6.27 33.97
CA TYR K 91 53.81 5.01 34.25
C TYR K 91 54.78 5.13 35.42
N ASP K 92 54.49 6.01 36.36
CA ASP K 92 55.24 6.07 37.63
C ASP K 92 55.19 4.72 38.36
N GLY K 93 54.01 4.08 38.33
CA GLY K 93 53.78 2.89 39.10
C GLY K 93 52.80 1.96 38.43
N LEU K 94 52.81 0.73 38.91
CA LEU K 94 51.85 -0.29 38.44
C LEU K 94 50.59 -0.31 39.31
N PRO K 95 49.44 -0.60 38.70
CA PRO K 95 49.31 -0.85 37.26
C PRO K 95 49.24 0.45 36.46
N PHE K 96 49.49 0.31 35.17
CA PHE K 96 49.37 1.48 34.25
C PHE K 96 47.91 1.80 34.02
N THR K 97 47.58 3.09 34.15
CA THR K 97 46.23 3.59 33.92
C THR K 97 46.21 4.80 33.00
N PHE K 98 45.06 5.02 32.37
CA PHE K 98 44.82 6.12 31.46
C PHE K 98 43.72 7.02 32.05
N GLY K 99 43.66 8.22 31.49
CA GLY K 99 42.58 9.13 31.83
C GLY K 99 41.26 8.63 31.25
N GLY K 100 40.21 9.29 31.64
CA GLY K 100 38.85 8.93 31.19
C GLY K 100 38.61 9.20 29.70
N GLY K 101 39.19 10.31 29.25
CA GLY K 101 39.09 10.75 27.88
C GLY K 101 38.89 12.26 27.79
N THR K 102 39.23 12.81 26.63
CA THR K 102 38.72 14.18 26.28
C THR K 102 38.39 14.21 24.82
N LYS K 103 37.08 14.17 24.52
CA LYS K 103 36.64 14.10 23.11
C LYS K 103 36.64 15.49 22.50
N VAL K 104 37.47 15.75 21.50
CA VAL K 104 37.52 17.08 20.85
C VAL K 104 36.77 17.13 19.53
N VAL K 105 35.96 18.21 19.39
CA VAL K 105 35.11 18.47 18.21
C VAL K 105 35.41 19.90 17.67
N ILE K 106 35.48 19.96 16.34
CA ILE K 106 35.67 21.23 15.62
C ILE K 106 34.37 21.99 15.38
N LYS K 107 34.42 23.31 15.60
CA LYS K 107 33.25 24.16 15.36
C LYS K 107 33.43 24.91 14.08
N ARG K 108 32.46 24.80 13.16
CA ARG K 108 32.59 25.20 11.78
C ARG K 108 31.32 25.92 11.35
N THR K 109 31.21 26.18 10.04
CA THR K 109 30.04 26.85 9.49
C THR K 109 28.91 25.89 9.28
N VAL K 110 27.70 26.42 9.24
CA VAL K 110 26.47 25.58 9.10
C VAL K 110 26.39 25.07 7.68
N ALA K 111 26.10 23.76 7.54
CA ALA K 111 26.04 23.11 6.27
C ALA K 111 24.86 22.14 6.21
N ALA K 112 23.94 22.37 5.27
CA ALA K 112 22.72 21.62 5.22
C ALA K 112 23.03 20.25 4.65
N PRO K 113 22.33 19.22 5.15
CA PRO K 113 22.52 17.87 4.63
C PRO K 113 21.91 17.63 3.26
N SER K 114 22.63 16.89 2.41
CA SER K 114 21.97 16.32 1.21
C SER K 114 21.17 15.11 1.62
N VAL K 115 19.89 15.05 1.27
CA VAL K 115 19.00 13.97 1.73
C VAL K 115 18.61 13.00 0.62
N PHE K 116 18.70 11.69 0.92
CA PHE K 116 18.30 10.64 -0.01
C PHE K 116 17.41 9.62 0.69
N ILE K 117 16.45 9.07 -0.04
CA ILE K 117 15.64 7.95 0.45
C ILE K 117 15.87 6.75 -0.43
N PHE K 118 15.97 5.57 0.18
CA PHE K 118 16.21 4.30 -0.51
C PHE K 118 15.09 3.36 -0.16
N PRO K 119 14.36 2.85 -1.19
CA PRO K 119 13.38 1.82 -0.90
C PRO K 119 14.08 0.52 -0.56
N PRO K 120 13.31 -0.43 0.01
CA PRO K 120 13.86 -1.79 0.24
C PRO K 120 14.11 -2.46 -1.11
N SER K 121 15.14 -3.32 -1.15
CA SER K 121 15.44 -4.10 -2.32
C SER K 121 14.42 -5.23 -2.45
N ASP K 122 14.21 -5.71 -3.68
CA ASP K 122 13.34 -6.87 -3.94
C ASP K 122 13.87 -8.16 -3.29
N GLU K 123 15.19 -8.30 -3.20
CA GLU K 123 15.81 -9.43 -2.50
C GLU K 123 15.36 -9.53 -1.03
N GLN K 124 15.28 -8.39 -0.36
CA GLN K 124 14.96 -8.31 1.06
C GLN K 124 13.49 -8.65 1.30
N LEU K 125 12.61 -8.08 0.48
CA LEU K 125 11.17 -8.34 0.55
C LEU K 125 10.85 -9.83 0.54
N LYS K 126 11.58 -10.57 -0.28
CA LYS K 126 11.50 -12.04 -0.34
C LYS K 126 11.59 -12.72 1.05
N SER K 127 12.37 -12.15 1.96
CA SER K 127 12.52 -12.68 3.33
C SER K 127 11.56 -12.07 4.39
N GLY K 128 10.46 -11.43 3.96
CA GLY K 128 9.45 -10.94 4.93
C GLY K 128 9.77 -9.69 5.74
N THR K 129 10.83 -9.01 5.40
CA THR K 129 11.17 -7.76 6.06
C THR K 129 11.52 -6.70 5.04
N ALA K 130 11.20 -5.48 5.36
CA ALA K 130 11.45 -4.29 4.56
C ALA K 130 12.16 -3.20 5.34
N SER K 131 13.33 -2.78 4.84
CA SER K 131 14.07 -1.66 5.41
C SER K 131 14.05 -0.48 4.45
N VAL K 132 13.58 0.66 4.91
CA VAL K 132 13.62 1.91 4.14
C VAL K 132 14.67 2.79 4.78
N VAL K 133 15.61 3.28 3.99
CA VAL K 133 16.74 4.02 4.54
C VAL K 133 16.75 5.47 4.11
N CYS K 134 16.96 6.39 5.06
CA CYS K 134 17.16 7.78 4.82
C CYS K 134 18.55 8.26 5.18
N LEU K 135 19.23 8.89 4.22
CA LEU K 135 20.61 9.32 4.41
C LEU K 135 20.71 10.84 4.42
N LEU K 136 21.32 11.38 5.49
CA LEU K 136 21.67 12.80 5.56
C LEU K 136 23.20 12.91 5.44
N ASN K 137 23.65 13.56 4.40
CA ASN K 137 25.07 13.54 4.07
C ASN K 137 25.76 14.88 4.26
N ASN K 138 26.90 14.84 4.94
CA ASN K 138 27.77 15.99 5.11
C ASN K 138 27.12 17.27 5.58
N PHE K 139 26.76 17.32 6.86
CA PHE K 139 26.10 18.48 7.43
C PHE K 139 26.73 18.92 8.74
N TYR K 140 26.45 20.15 9.12
CA TYR K 140 26.85 20.68 10.42
C TYR K 140 25.83 21.77 10.85
N PRO K 141 25.36 21.78 12.09
CA PRO K 141 25.78 20.92 13.23
C PRO K 141 25.13 19.56 13.23
N ARG K 142 25.64 18.72 14.12
CA ARG K 142 25.25 17.34 14.34
C ARG K 142 23.77 17.15 14.59
N GLU K 143 23.17 18.06 15.34
CA GLU K 143 21.77 17.90 15.76
C GLU K 143 20.75 18.06 14.62
N ALA K 144 20.12 16.95 14.23
CA ALA K 144 19.16 16.96 13.15
C ALA K 144 18.00 16.03 13.46
N LYS K 145 16.76 16.51 13.18
CA LYS K 145 15.58 15.69 13.40
C LYS K 145 15.25 14.94 12.10
N VAL K 146 15.01 13.66 12.19
CA VAL K 146 14.55 12.90 11.00
C VAL K 146 13.26 12.19 11.36
N GLN K 147 12.20 12.50 10.62
CA GLN K 147 10.87 12.00 10.94
C GLN K 147 10.30 11.13 9.80
N TRP K 148 9.80 9.95 10.12
CA TRP K 148 9.21 9.05 9.09
C TRP K 148 7.70 9.20 8.94
N LYS K 149 7.23 9.10 7.71
CA LYS K 149 5.78 9.11 7.42
C LYS K 149 5.40 8.00 6.44
N VAL K 150 4.45 7.13 6.79
CA VAL K 150 3.95 6.07 5.90
C VAL K 150 2.47 6.31 5.57
N ASP K 151 2.13 6.55 4.30
CA ASP K 151 0.85 7.11 3.92
C ASP K 151 0.41 8.27 4.79
N ASN K 152 1.34 9.21 4.91
CA ASN K 152 1.20 10.41 5.65
C ASN K 152 0.98 10.23 7.16
N ALA K 153 1.21 9.00 7.67
CA ALA K 153 1.07 8.70 9.08
C ALA K 153 2.42 8.77 9.82
N LEU K 154 2.45 9.56 10.89
CA LEU K 154 3.68 9.84 11.61
C LEU K 154 4.17 8.57 12.28
N GLN K 155 5.37 8.11 11.90
CA GLN K 155 5.84 6.81 12.47
C GLN K 155 6.71 6.99 13.71
N SER K 156 6.63 6.04 14.65
CA SER K 156 7.40 6.10 15.90
C SER K 156 7.67 4.72 16.52
N GLY K 157 8.84 4.59 17.13
CA GLY K 157 9.22 3.38 17.84
C GLY K 157 9.56 2.22 16.89
N ASN K 158 9.84 2.54 15.64
CA ASN K 158 10.23 1.54 14.66
C ASN K 158 11.29 2.00 13.71
N SER K 159 12.09 2.98 14.09
CA SER K 159 13.25 3.41 13.27
C SER K 159 14.42 3.72 14.13
N GLN K 160 15.66 3.45 13.63
CA GLN K 160 16.87 3.59 14.43
C GLN K 160 17.89 4.40 13.66
N GLU K 161 18.60 5.27 14.37
CA GLU K 161 19.55 6.17 13.72
C GLU K 161 20.99 5.78 14.03
N SER K 162 21.87 6.18 13.13
CA SER K 162 23.29 6.11 13.38
C SER K 162 23.96 7.37 12.87
N VAL K 163 24.98 7.83 13.58
CA VAL K 163 25.68 9.07 13.22
C VAL K 163 27.19 8.81 13.11
N THR K 164 27.81 9.31 12.04
CA THR K 164 29.25 9.17 11.90
C THR K 164 29.98 10.14 12.83
N GLU K 165 31.23 9.82 13.13
CA GLU K 165 32.08 10.75 13.86
C GLU K 165 32.46 11.90 12.95
N GLN K 166 32.91 12.99 13.56
CA GLN K 166 33.14 14.25 12.80
C GLN K 166 34.30 14.11 11.83
N ASP K 167 34.05 14.35 10.54
CA ASP K 167 35.01 14.12 9.49
C ASP K 167 36.33 14.94 9.69
N SER K 168 37.44 14.25 9.43
CA SER K 168 38.77 14.75 9.78
C SER K 168 39.26 15.85 8.87
N LYS K 169 38.69 15.94 7.67
CA LYS K 169 39.05 16.98 6.71
C LYS K 169 38.11 18.17 6.71
N ASP K 170 36.81 17.88 6.56
CA ASP K 170 35.74 18.89 6.41
C ASP K 170 34.84 19.13 7.66
N SER K 171 35.09 18.38 8.73
CA SER K 171 34.42 18.59 10.00
C SER K 171 32.90 18.49 10.00
N THR K 172 32.33 17.78 9.02
CA THR K 172 30.86 17.55 8.96
C THR K 172 30.49 16.17 9.48
N TYR K 173 29.19 15.93 9.63
CA TYR K 173 28.67 14.65 10.11
C TYR K 173 27.76 14.06 9.04
N SER K 174 27.46 12.78 9.17
CA SER K 174 26.46 12.14 8.32
C SER K 174 25.59 11.23 9.18
N LEU K 175 24.38 10.97 8.71
CA LEU K 175 23.42 10.25 9.50
C LEU K 175 22.53 9.39 8.64
N SER K 176 22.18 8.21 9.18
CA SER K 176 21.25 7.30 8.53
C SER K 176 20.11 7.02 9.45
N SER K 177 18.89 6.99 8.95
CA SER K 177 17.73 6.53 9.71
C SER K 177 17.16 5.34 8.97
N THR K 178 16.98 4.24 9.68
CA THR K 178 16.46 3.02 9.06
C THR K 178 15.11 2.67 9.64
N LEU K 179 14.09 2.69 8.78
CA LEU K 179 12.74 2.32 9.17
C LEU K 179 12.47 0.88 8.88
N THR K 180 12.26 0.03 9.90
CA THR K 180 12.15 -1.43 9.67
C THR K 180 10.71 -1.84 9.97
N LEU K 181 10.13 -2.55 9.02
CA LEU K 181 8.77 -3.05 9.15
C LEU K 181 8.58 -4.28 8.28
N SER K 182 7.57 -5.09 8.63
CA SER K 182 7.32 -6.36 7.94
C SER K 182 6.79 -6.17 6.52
N LYS K 183 7.06 -7.15 5.65
CA LYS K 183 6.51 -7.16 4.30
C LYS K 183 5.00 -6.90 4.23
N ALA K 184 4.24 -7.57 5.09
CA ALA K 184 2.80 -7.35 5.19
C ALA K 184 2.49 -5.85 5.30
N ASP K 185 3.06 -5.18 6.30
CA ASP K 185 2.77 -3.80 6.54
C ASP K 185 3.30 -2.90 5.46
N TYR K 186 4.47 -3.22 4.92
CA TYR K 186 5.01 -2.47 3.81
C TYR K 186 4.09 -2.49 2.56
N GLU K 187 3.57 -3.66 2.18
CA GLU K 187 2.65 -3.78 1.02
C GLU K 187 1.23 -3.21 1.19
N LYS K 188 0.77 -3.00 2.43
CA LYS K 188 -0.50 -2.38 2.73
C LYS K 188 -0.53 -0.91 2.43
N HIS K 189 0.62 -0.23 2.45
CA HIS K 189 0.70 1.20 2.16
C HIS K 189 1.52 1.55 0.90
N LYS K 190 1.39 2.79 0.44
CA LYS K 190 1.99 3.25 -0.82
C LYS K 190 3.11 4.29 -0.69
N VAL K 191 2.85 5.34 0.07
CA VAL K 191 3.73 6.52 0.10
C VAL K 191 4.64 6.50 1.31
N TYR K 192 5.94 6.49 1.07
CA TYR K 192 6.96 6.46 2.11
C TYR K 192 7.81 7.73 2.04
N ALA K 193 7.92 8.42 3.18
CA ALA K 193 8.55 9.73 3.22
C ALA K 193 9.48 9.89 4.40
N CYS K 194 10.64 10.49 4.11
CA CYS K 194 11.61 10.95 5.10
C CYS K 194 11.60 12.46 5.13
N GLU K 195 11.22 13.08 6.25
CA GLU K 195 11.25 14.51 6.46
C GLU K 195 12.43 14.92 7.38
N VAL K 196 13.30 15.79 6.88
CA VAL K 196 14.47 16.25 7.61
C VAL K 196 14.35 17.71 8.07
N THR K 197 14.63 17.94 9.34
CA THR K 197 14.73 19.30 9.91
C THR K 197 16.16 19.52 10.35
N HIS K 198 16.72 20.67 9.96
CA HIS K 198 18.12 20.98 10.24
C HIS K 198 18.36 22.46 10.07
N GLN K 199 19.24 23.03 10.90
CA GLN K 199 19.45 24.45 11.02
C GLN K 199 19.76 25.15 9.69
N GLY K 200 20.44 24.40 8.83
CA GLY K 200 20.91 24.87 7.54
C GLY K 200 19.87 24.82 6.46
N LEU K 201 18.68 24.25 6.77
CA LEU K 201 17.55 24.27 5.88
C LEU K 201 16.55 25.29 6.40
N SER K 202 16.04 26.10 5.47
CA SER K 202 15.09 27.17 5.79
C SER K 202 13.75 26.59 6.24
N SER K 203 13.41 25.43 5.62
CA SER K 203 12.26 24.65 5.97
C SER K 203 12.54 23.15 5.93
N PRO K 204 11.64 22.36 6.51
CA PRO K 204 11.85 20.90 6.46
C PRO K 204 11.76 20.28 5.06
N VAL K 205 12.77 19.44 4.76
CA VAL K 205 12.92 18.82 3.45
C VAL K 205 12.40 17.40 3.46
N THR K 206 11.63 17.04 2.44
CA THR K 206 11.05 15.70 2.34
C THR K 206 11.55 14.97 1.07
N LYS K 207 12.04 13.76 1.24
CA LYS K 207 12.25 12.86 0.10
C LYS K 207 11.31 11.69 0.23
N SER K 208 10.55 11.37 -0.83
CA SER K 208 9.54 10.31 -0.75
C SER K 208 9.46 9.49 -2.01
N PHE K 209 8.88 8.29 -1.93
CA PHE K 209 8.64 7.44 -3.08
C PHE K 209 7.33 6.65 -2.95
N ASN K 210 6.79 6.20 -4.10
CA ASN K 210 5.62 5.34 -4.09
C ASN K 210 6.10 3.94 -4.39
N ARG K 211 5.58 3.01 -3.60
CA ARG K 211 5.91 1.58 -3.77
C ARG K 211 5.59 1.04 -5.17
N GLY K 212 6.51 0.27 -5.74
CA GLY K 212 6.39 -0.27 -7.09
C GLY K 212 6.57 0.72 -8.23
N GLU K 213 7.01 1.95 -7.92
CA GLU K 213 7.24 3.00 -8.92
C GLU K 213 8.71 3.38 -8.91
N VAL L 1 120.59 -30.86 48.79
CA VAL L 1 119.63 -30.36 47.76
C VAL L 1 118.28 -31.07 47.91
N GLN L 2 117.19 -30.29 47.92
CA GLN L 2 115.83 -30.82 48.02
C GLN L 2 115.30 -31.21 46.63
N SER L 3 115.12 -32.51 46.40
CA SER L 3 114.64 -33.05 45.12
C SER L 3 113.26 -33.75 45.16
N SER L 4 112.61 -33.75 46.32
CA SER L 4 111.27 -34.34 46.48
C SER L 4 110.33 -33.39 47.22
N SER L 5 109.03 -33.57 47.02
CA SER L 5 107.99 -32.74 47.63
C SER L 5 106.93 -33.59 48.33
N THR L 6 106.07 -32.93 49.11
CA THR L 6 105.00 -33.59 49.88
C THR L 6 103.74 -33.89 49.05
N GLY L 7 103.54 -33.08 48.01
CA GLY L 7 102.40 -33.19 47.10
C GLY L 7 101.27 -32.24 47.46
N LYS L 8 101.41 -31.52 48.58
CA LYS L 8 100.31 -30.68 49.08
C LYS L 8 100.84 -29.31 49.47
N ILE L 9 100.09 -28.27 49.20
CA ILE L 9 100.47 -26.89 49.57
C ILE L 9 100.01 -26.62 51.00
N CYS L 10 100.94 -26.31 51.88
CA CYS L 10 100.62 -25.99 53.28
C CYS L 10 100.04 -24.60 53.43
N ASN L 11 98.96 -24.50 54.19
CA ASN L 11 98.21 -23.26 54.36
C ASN L 11 98.79 -22.21 55.30
N ASN L 12 99.91 -22.53 55.95
CA ASN L 12 100.65 -21.61 56.78
C ASN L 12 102.14 -21.76 56.45
N PRO L 13 102.94 -20.75 56.82
CA PRO L 13 102.54 -19.51 57.50
C PRO L 13 101.96 -18.42 56.61
N HIS L 14 102.09 -18.57 55.29
CA HIS L 14 101.60 -17.59 54.33
C HIS L 14 100.10 -17.76 54.11
N ARG L 15 99.42 -16.63 53.89
CA ARG L 15 98.00 -16.66 53.57
C ARG L 15 97.78 -17.05 52.11
N ILE L 16 97.24 -18.26 51.92
CA ILE L 16 96.94 -18.76 50.59
C ILE L 16 95.47 -18.56 50.27
N LEU L 17 95.18 -17.84 49.17
CA LEU L 17 93.81 -17.70 48.73
C LEU L 17 93.73 -18.68 47.57
N ASP L 18 93.29 -19.92 47.87
CA ASP L 18 92.92 -20.85 46.78
C ASP L 18 91.82 -20.21 45.95
N GLY L 19 92.12 -20.01 44.67
CA GLY L 19 91.21 -19.43 43.70
C GLY L 19 90.51 -20.43 42.80
N ILE L 20 89.75 -21.33 43.45
CA ILE L 20 88.83 -22.27 42.78
C ILE L 20 88.05 -21.63 41.62
N ASP L 21 88.09 -22.25 40.45
CA ASP L 21 87.25 -21.90 39.29
C ASP L 21 87.19 -20.42 38.88
N CYS L 22 88.20 -19.64 39.26
CA CYS L 22 88.11 -18.20 39.16
C CYS L 22 89.46 -17.56 39.06
N THR L 23 90.09 -17.72 37.91
CA THR L 23 91.32 -17.04 37.63
C THR L 23 91.34 -15.71 38.34
N LEU L 24 92.52 -15.15 38.57
CA LEU L 24 92.63 -13.87 39.26
C LEU L 24 91.99 -12.73 38.52
N ILE L 25 92.08 -12.70 37.19
CA ILE L 25 91.44 -11.65 36.39
C ILE L 25 89.92 -11.71 36.48
N ASP L 26 89.35 -12.91 36.44
CA ASP L 26 87.91 -13.09 36.58
C ASP L 26 87.41 -12.62 37.94
N ALA L 27 88.26 -12.89 38.95
CA ALA L 27 87.97 -12.45 40.31
C ALA L 27 88.01 -10.94 40.39
N LEU L 28 89.01 -10.35 39.72
CA LEU L 28 89.23 -8.91 39.74
C LEU L 28 88.00 -8.19 39.16
N LEU L 29 87.59 -8.59 37.97
CA LEU L 29 86.51 -7.95 37.21
C LEU L 29 85.16 -8.17 37.86
N GLY L 30 84.97 -9.33 38.47
CA GLY L 30 83.70 -9.67 39.12
C GLY L 30 82.74 -10.50 38.31
N ASP L 31 83.28 -11.54 37.67
CA ASP L 31 82.51 -12.62 37.08
C ASP L 31 81.57 -13.14 38.19
N PRO L 32 80.24 -13.22 37.94
CA PRO L 32 79.30 -13.62 38.96
C PRO L 32 79.66 -14.81 39.90
N HIS L 33 80.22 -15.90 39.35
CA HIS L 33 80.61 -17.04 40.14
C HIS L 33 81.98 -16.90 40.79
N CYS L 34 82.56 -15.72 40.70
CA CYS L 34 83.71 -15.27 41.46
C CYS L 34 83.42 -14.14 42.42
N ASP L 35 82.16 -13.95 42.80
CA ASP L 35 81.80 -12.85 43.70
C ASP L 35 82.32 -13.00 45.15
N VAL L 36 82.47 -14.26 45.55
CA VAL L 36 83.06 -14.60 46.85
C VAL L 36 84.47 -14.00 46.99
N PHE L 37 85.17 -13.74 45.88
CA PHE L 37 86.52 -13.18 45.97
C PHE L 37 86.58 -11.68 46.14
N GLN L 38 85.41 -11.05 46.21
CA GLN L 38 85.37 -9.62 46.49
C GLN L 38 86.06 -9.21 47.79
N ASN L 39 86.91 -8.20 47.66
CA ASN L 39 87.66 -7.63 48.78
C ASN L 39 88.62 -8.59 49.50
N GLU L 40 89.00 -9.67 48.81
CA GLU L 40 89.90 -10.71 49.35
C GLU L 40 91.36 -10.24 49.37
N THR L 41 92.20 -10.90 50.18
CA THR L 41 93.64 -10.62 50.23
C THR L 41 94.43 -11.92 50.15
N TRP L 42 95.71 -11.86 49.81
CA TRP L 42 96.52 -13.08 49.73
C TRP L 42 98.01 -12.78 49.82
N ASP L 43 98.77 -13.72 50.39
CA ASP L 43 100.20 -13.77 50.15
C ASP L 43 100.49 -14.57 48.89
N LEU L 44 99.66 -15.52 48.58
CA LEU L 44 99.81 -16.34 47.37
C LEU L 44 98.44 -16.70 46.84
N PHE L 45 98.15 -16.29 45.60
CA PHE L 45 96.96 -16.70 44.89
C PHE L 45 97.30 -17.98 44.14
N VAL L 46 96.39 -18.95 44.23
CA VAL L 46 96.62 -20.25 43.53
C VAL L 46 95.64 -20.48 42.40
N GLU L 47 96.09 -20.35 41.14
CA GLU L 47 95.20 -20.57 39.99
C GLU L 47 95.12 -22.03 39.57
N ARG L 48 93.89 -22.57 39.49
CA ARG L 48 93.68 -23.96 39.14
C ARG L 48 93.38 -24.11 37.65
N SER L 49 93.75 -25.27 37.14
CA SER L 49 93.49 -25.62 35.73
C SER L 49 92.01 -25.80 35.43
N LYS L 50 91.20 -26.05 36.48
CA LYS L 50 89.77 -26.26 36.33
C LYS L 50 88.97 -24.96 36.20
N ALA L 51 89.64 -23.82 36.41
CA ALA L 51 88.99 -22.54 36.23
C ALA L 51 88.35 -22.36 34.84
N PHE L 52 87.21 -21.68 34.84
CA PHE L 52 86.50 -21.32 33.62
C PHE L 52 85.87 -19.93 33.76
N SER L 53 85.60 -19.31 32.63
CA SER L 53 84.84 -18.03 32.61
C SER L 53 83.41 -18.27 32.22
N ASN L 54 82.49 -17.57 32.93
CA ASN L 54 81.07 -17.71 32.68
C ASN L 54 80.31 -16.39 32.72
N CYS L 55 80.95 -15.34 32.17
CA CYS L 55 80.40 -14.03 31.99
C CYS L 55 80.52 -13.65 30.51
N TYR L 56 80.58 -12.35 30.26
CA TYR L 56 80.63 -11.87 28.89
C TYR L 56 81.96 -12.24 28.30
N PRO L 57 81.97 -12.77 27.07
CA PRO L 57 83.23 -13.16 26.43
C PRO L 57 84.25 -12.01 26.34
N TYR L 58 85.49 -12.27 26.69
CA TYR L 58 86.42 -11.16 26.88
C TYR L 58 87.82 -11.57 26.63
N ASP L 59 88.65 -10.58 26.37
CA ASP L 59 90.12 -10.82 26.30
C ASP L 59 90.83 -9.64 26.97
N VAL L 60 92.10 -9.84 27.28
CA VAL L 60 92.92 -8.79 27.87
C VAL L 60 94.15 -8.62 27.03
N PRO L 61 94.21 -7.55 26.19
CA PRO L 61 95.51 -7.14 25.64
C PRO L 61 96.55 -6.93 26.72
N ASP L 62 97.70 -7.61 26.60
CA ASP L 62 98.69 -7.71 27.66
C ASP L 62 98.16 -8.31 28.98
N TYR L 63 97.58 -9.50 28.84
CA TYR L 63 97.07 -10.27 29.97
C TYR L 63 98.07 -10.49 31.10
N ALA L 64 99.26 -10.95 30.75
CA ALA L 64 100.26 -11.37 31.71
C ALA L 64 100.77 -10.24 32.58
N SER L 65 100.85 -9.04 32.03
CA SER L 65 101.23 -7.86 32.81
C SER L 65 100.19 -7.45 33.83
N LEU L 66 98.94 -7.41 33.45
CA LEU L 66 97.88 -7.00 34.40
C LEU L 66 97.77 -8.00 35.54
N ARG L 67 97.77 -9.29 35.15
CA ARG L 67 97.73 -10.39 36.11
C ARG L 67 98.89 -10.28 37.09
N SER L 68 100.09 -10.01 36.60
CA SER L 68 101.23 -9.86 37.47
C SER L 68 101.05 -8.70 38.47
N LEU L 69 100.61 -7.52 38.00
CA LEU L 69 100.44 -6.35 38.82
C LEU L 69 99.46 -6.51 39.98
N VAL L 70 98.33 -7.13 39.66
CA VAL L 70 97.26 -7.42 40.65
C VAL L 70 97.79 -8.45 41.65
N ALA L 71 98.45 -9.48 41.15
CA ALA L 71 98.96 -10.56 42.00
C ALA L 71 99.96 -9.99 43.02
N SER L 72 100.79 -9.05 42.57
CA SER L 72 101.80 -8.47 43.40
C SER L 72 101.21 -7.48 44.39
N SER L 73 100.11 -6.86 43.99
CA SER L 73 99.37 -5.98 44.91
C SER L 73 98.76 -6.74 46.09
N GLY L 74 98.29 -7.96 45.84
CA GLY L 74 97.91 -8.87 46.90
C GLY L 74 96.56 -8.56 47.51
N THR L 75 95.72 -7.90 46.77
CA THR L 75 94.38 -7.56 47.30
C THR L 75 93.44 -7.21 46.17
N LEU L 76 92.16 -7.47 46.36
CA LEU L 76 91.11 -7.00 45.45
C LEU L 76 90.19 -5.99 46.11
N GLU L 77 90.72 -5.22 47.07
CA GLU L 77 89.97 -4.24 47.81
C GLU L 77 89.50 -3.11 46.92
N PHE L 78 88.23 -3.17 46.52
CA PHE L 78 87.61 -2.20 45.67
C PHE L 78 86.98 -1.11 46.51
N ILE L 79 87.03 0.08 45.98
CA ILE L 79 86.33 1.27 46.51
C ILE L 79 85.52 1.89 45.41
N THR L 80 84.20 1.77 45.48
CA THR L 80 83.32 2.41 44.55
C THR L 80 83.39 3.92 44.73
N GLU L 81 83.42 4.62 43.59
CA GLU L 81 83.39 6.08 43.59
C GLU L 81 82.15 6.57 42.86
N GLY L 82 81.76 7.79 43.18
CA GLY L 82 80.71 8.50 42.45
C GLY L 82 81.08 9.05 41.09
N PHE L 83 81.09 8.15 40.12
CA PHE L 83 81.21 8.58 38.71
C PHE L 83 79.89 9.07 38.10
N THR L 84 79.87 10.33 37.64
CA THR L 84 78.70 10.90 37.02
C THR L 84 78.72 10.69 35.50
N TRP L 85 78.05 9.64 35.05
CA TRP L 85 77.91 9.33 33.65
C TRP L 85 76.65 9.98 33.13
N THR L 86 76.80 11.23 32.69
CA THR L 86 75.67 12.06 32.29
C THR L 86 75.18 11.68 30.90
N GLY L 87 73.88 11.41 30.80
CA GLY L 87 73.20 11.18 29.55
C GLY L 87 73.31 9.81 28.94
N VAL L 88 73.71 8.83 29.73
CA VAL L 88 73.82 7.43 29.21
C VAL L 88 73.20 6.45 30.20
N THR L 89 72.51 5.42 29.71
CA THR L 89 71.98 4.35 30.55
C THR L 89 73.13 3.53 31.14
N GLN L 90 73.05 3.26 32.46
CA GLN L 90 74.05 2.45 33.13
C GLN L 90 73.60 1.03 33.39
N ASN L 91 74.51 0.22 33.97
CA ASN L 91 74.23 -1.11 34.48
C ASN L 91 73.66 -2.09 33.44
N GLY L 92 74.30 -2.04 32.27
CA GLY L 92 74.03 -2.99 31.21
C GLY L 92 74.49 -4.37 31.65
N GLY L 93 73.73 -5.38 31.24
CA GLY L 93 74.01 -6.77 31.56
C GLY L 93 73.85 -7.73 30.38
N SER L 94 73.93 -9.01 30.69
CA SER L 94 73.88 -10.04 29.65
C SER L 94 73.40 -11.36 30.18
N ASN L 95 72.73 -12.12 29.35
CA ASN L 95 72.34 -13.52 29.62
C ASN L 95 73.55 -14.50 29.63
N ALA L 96 74.63 -14.03 29.05
CA ALA L 96 75.90 -14.74 29.09
C ALA L 96 76.61 -14.58 30.42
N CYS L 97 76.13 -13.60 31.21
CA CYS L 97 76.66 -13.37 32.52
C CYS L 97 75.58 -13.25 33.61
N LYS L 98 74.95 -14.38 33.90
CA LYS L 98 73.86 -14.44 34.88
C LYS L 98 74.37 -14.26 36.31
N ARG L 99 73.67 -13.46 37.09
CA ARG L 99 73.80 -13.40 38.52
C ARG L 99 72.47 -13.50 39.20
N GLY L 100 72.31 -14.52 40.05
CA GLY L 100 70.99 -14.91 40.53
C GLY L 100 70.19 -15.37 39.32
N PRO L 101 68.85 -15.20 39.35
CA PRO L 101 68.04 -15.63 38.20
C PRO L 101 68.24 -14.75 36.96
N GLY L 102 68.34 -13.44 37.17
CA GLY L 102 68.38 -12.47 36.07
C GLY L 102 69.74 -12.23 35.42
N SER L 103 69.70 -11.46 34.34
CA SER L 103 70.91 -11.12 33.59
C SER L 103 71.76 -10.10 34.35
N GLY L 104 73.08 -10.29 34.27
CA GLY L 104 74.04 -9.52 35.02
C GLY L 104 75.29 -9.22 34.23
N PHE L 105 76.25 -8.63 34.93
CA PHE L 105 77.51 -8.21 34.35
C PHE L 105 78.63 -8.37 35.36
N PHE L 106 79.84 -8.12 34.92
CA PHE L 106 80.99 -7.94 35.81
C PHE L 106 80.70 -6.90 36.89
N SER L 107 80.86 -7.28 38.17
CA SER L 107 80.42 -6.44 39.25
C SER L 107 81.22 -5.15 39.42
N ARG L 108 82.43 -5.10 38.87
CA ARG L 108 83.28 -3.94 38.99
C ARG L 108 83.26 -3.07 37.74
N LEU L 109 82.39 -3.39 36.79
CA LEU L 109 82.33 -2.65 35.55
C LEU L 109 80.95 -2.16 35.26
N ASN L 110 80.81 -1.07 34.50
CA ASN L 110 79.55 -0.38 34.30
C ASN L 110 79.30 -0.17 32.80
N TRP L 111 78.44 -1.00 32.21
CA TRP L 111 78.27 -1.00 30.75
C TRP L 111 77.34 0.12 30.30
N LEU L 112 77.90 1.18 29.73
CA LEU L 112 77.18 2.41 29.40
C LEU L 112 76.72 2.33 27.97
N THR L 113 75.41 2.33 27.78
CA THR L 113 74.79 2.38 26.43
C THR L 113 74.15 3.75 26.21
N LYS L 114 73.35 3.90 25.17
CA LYS L 114 72.64 5.12 24.91
C LYS L 114 71.49 5.33 25.86
N SER L 115 71.15 6.62 26.07
CA SER L 115 69.99 7.04 26.80
C SER L 115 69.06 7.78 25.89
N GLY L 116 67.82 7.30 25.74
CA GLY L 116 66.95 7.75 24.67
C GLY L 116 67.52 7.41 23.30
N SER L 117 67.77 8.43 22.49
CA SER L 117 68.33 8.23 21.15
C SER L 117 69.68 8.89 20.99
N THR L 118 70.34 9.11 22.11
CA THR L 118 71.58 9.96 22.10
C THR L 118 72.62 9.43 23.05
N TYR L 119 73.92 9.43 22.60
CA TYR L 119 75.04 9.05 23.38
C TYR L 119 75.96 10.26 23.30
N PRO L 120 76.07 11.01 24.41
CA PRO L 120 76.91 12.20 24.39
C PRO L 120 78.38 11.88 24.59
N VAL L 121 79.24 12.85 24.27
CA VAL L 121 80.64 12.74 24.56
C VAL L 121 80.78 12.87 26.07
N LEU L 122 81.08 11.74 26.74
CA LEU L 122 81.37 11.71 28.15
C LEU L 122 82.76 12.31 28.39
N ASN L 123 82.85 13.05 29.47
CA ASN L 123 84.11 13.61 29.91
C ASN L 123 84.12 13.81 31.41
N VAL L 124 84.58 12.75 32.12
CA VAL L 124 84.64 12.80 33.59
C VAL L 124 86.11 12.89 33.98
N THR L 125 86.31 13.36 35.21
CA THR L 125 87.63 13.48 35.80
C THR L 125 87.57 12.96 37.21
N MET L 126 88.62 12.35 37.77
CA MET L 126 88.54 11.88 39.13
C MET L 126 89.93 11.97 39.74
N PRO L 127 90.17 13.01 40.57
CA PRO L 127 91.53 13.18 41.06
C PRO L 127 91.85 12.19 42.18
N ASN L 128 93.14 11.81 42.24
CA ASN L 128 93.67 11.06 43.39
C ASN L 128 94.30 12.01 44.39
N ASN L 129 93.58 12.31 45.46
CA ASN L 129 94.02 13.15 46.55
C ASN L 129 94.48 12.39 47.76
N ASP L 130 94.54 11.06 47.60
CA ASP L 130 95.15 10.15 48.58
C ASP L 130 96.64 9.94 48.29
N ASN L 131 97.29 9.29 49.26
CA ASN L 131 98.73 9.08 49.27
C ASN L 131 99.18 7.77 48.72
N PHE L 132 98.24 6.91 48.27
CA PHE L 132 98.50 5.65 47.61
C PHE L 132 97.97 5.59 46.14
N ASP L 133 98.51 4.64 45.39
CA ASP L 133 98.17 4.47 43.99
C ASP L 133 96.82 3.79 43.80
N LYS L 134 96.07 4.30 42.82
CA LYS L 134 94.77 3.75 42.49
C LYS L 134 94.90 2.92 41.24
N LEU L 135 94.34 1.74 41.22
CA LEU L 135 94.32 0.98 39.95
C LEU L 135 92.90 0.96 39.40
N TYR L 136 92.66 1.63 38.28
CA TYR L 136 91.39 1.63 37.59
C TYR L 136 91.35 0.55 36.51
N ILE L 137 90.22 -0.14 36.43
CA ILE L 137 90.04 -1.23 35.46
C ILE L 137 88.89 -0.86 34.59
N TRP L 138 89.10 -0.74 33.27
CA TRP L 138 87.99 -0.28 32.38
C TRP L 138 88.15 -1.07 31.09
N GLY L 139 87.19 -0.94 30.19
CA GLY L 139 87.22 -1.72 28.96
C GLY L 139 86.48 -1.09 27.81
N VAL L 140 86.54 -1.81 26.68
CA VAL L 140 85.91 -1.38 25.45
C VAL L 140 85.13 -2.55 24.85
N HIS L 141 83.88 -2.29 24.47
CA HIS L 141 83.05 -3.29 23.83
C HIS L 141 83.31 -3.28 22.34
N HIS L 142 83.54 -4.45 21.76
CA HIS L 142 83.68 -4.61 20.32
C HIS L 142 82.45 -5.35 19.76
N PRO L 143 81.46 -4.63 19.18
CA PRO L 143 80.30 -5.32 18.66
C PRO L 143 80.65 -6.15 17.44
N SER L 144 79.80 -7.12 17.10
CA SER L 144 80.07 -7.97 15.95
C SER L 144 79.52 -7.39 14.64
N THR L 145 78.57 -6.48 14.71
CA THR L 145 78.08 -5.78 13.51
C THR L 145 77.90 -4.28 13.72
N ASN L 146 77.74 -3.57 12.60
CA ASN L 146 77.41 -2.11 12.63
C ASN L 146 76.04 -1.83 13.24
N GLN L 147 75.09 -2.72 12.99
CA GLN L 147 73.75 -2.71 13.56
C GLN L 147 73.79 -2.62 15.09
N GLU L 148 74.62 -3.48 15.66
CA GLU L 148 74.84 -3.53 17.08
C GLU L 148 75.49 -2.29 17.60
N GLN L 149 76.50 -1.79 16.89
CA GLN L 149 77.17 -0.54 17.27
C GLN L 149 76.23 0.63 17.41
N THR L 150 75.32 0.80 16.44
CA THR L 150 74.45 1.95 16.45
C THR L 150 73.23 1.78 17.35
N SER L 151 72.89 0.50 17.64
CA SER L 151 71.82 0.22 18.57
C SER L 151 72.32 0.51 19.98
N LEU L 152 73.54 0.11 20.32
CA LEU L 152 74.02 0.33 21.66
C LEU L 152 74.55 1.71 21.96
N TYR L 153 75.30 2.27 21.04
CA TYR L 153 75.94 3.57 21.24
C TYR L 153 75.68 4.65 20.25
N VAL L 154 74.64 4.53 19.42
CA VAL L 154 74.31 5.62 18.42
C VAL L 154 75.41 5.78 17.32
N GLN L 155 76.54 6.34 17.77
CA GLN L 155 77.62 6.70 16.85
C GLN L 155 78.15 5.45 16.15
N ALA L 156 78.48 5.64 14.87
CA ALA L 156 78.90 4.55 13.99
C ALA L 156 80.26 3.98 14.39
N SER L 157 81.11 4.79 15.03
CA SER L 157 82.34 4.32 15.57
C SER L 157 82.62 4.97 16.89
N GLY L 158 82.97 4.17 17.89
CA GLY L 158 83.24 4.65 19.23
C GLY L 158 84.69 5.08 19.43
N ARG L 159 84.97 5.53 20.61
CA ARG L 159 86.33 5.92 21.00
C ARG L 159 86.42 6.01 22.50
N VAL L 160 87.47 5.47 23.08
CA VAL L 160 87.67 5.56 24.54
C VAL L 160 89.04 6.08 24.81
N THR L 161 89.16 7.22 25.51
CA THR L 161 90.47 7.78 25.82
C THR L 161 90.57 7.97 27.31
N VAL L 162 91.38 7.13 27.94
CA VAL L 162 91.60 7.21 29.40
C VAL L 162 93.04 7.69 29.60
N SER L 163 93.27 8.65 30.43
CA SER L 163 94.55 9.33 30.48
C SER L 163 94.90 9.82 31.88
N THR L 164 96.17 10.08 32.08
CA THR L 164 96.70 10.76 33.24
C THR L 164 97.69 11.83 32.73
N ARG L 165 98.35 12.55 33.64
CA ARG L 165 99.37 13.54 33.25
C ARG L 165 100.56 12.87 32.55
N ARG L 166 100.96 11.70 33.06
CA ARG L 166 102.09 10.94 32.51
C ARG L 166 101.78 10.26 31.18
N SER L 167 100.66 9.52 31.12
CA SER L 167 100.38 8.58 30.04
C SER L 167 98.99 8.78 29.50
N GLN L 168 98.73 8.22 28.33
CA GLN L 168 97.41 8.28 27.68
C GLN L 168 97.18 7.04 26.83
N GLN L 169 95.94 6.54 26.83
CA GLN L 169 95.56 5.41 25.98
C GLN L 169 94.27 5.73 25.27
N THR L 170 94.31 5.68 23.94
CA THR L 170 93.11 5.84 23.12
C THR L 170 92.90 4.54 22.38
N ILE L 171 91.68 4.03 22.46
CA ILE L 171 91.30 2.76 21.86
C ILE L 171 90.13 3.02 20.92
N ILE L 172 90.25 2.52 19.70
CA ILE L 172 89.16 2.52 18.75
C ILE L 172 88.61 1.12 18.72
N PRO L 173 87.29 0.96 18.97
CA PRO L 173 86.75 -0.41 18.94
C PRO L 173 86.62 -1.08 17.57
N ASN L 174 86.97 -2.37 17.51
CA ASN L 174 86.99 -3.06 16.22
C ASN L 174 85.67 -3.76 15.97
N ILE L 175 84.88 -3.23 15.03
CA ILE L 175 83.59 -3.80 14.75
C ILE L 175 83.76 -5.04 13.85
N GLY L 176 83.45 -6.22 14.35
CA GLY L 176 83.51 -7.39 13.49
C GLY L 176 83.40 -8.66 14.26
N SER L 177 83.14 -9.76 13.57
CA SER L 177 82.94 -11.06 14.24
C SER L 177 84.24 -11.68 14.74
N ARG L 178 84.22 -12.13 16.01
CA ARG L 178 85.23 -12.98 16.57
C ARG L 178 84.65 -14.40 16.64
N PRO L 179 85.46 -15.37 17.05
CA PRO L 179 84.95 -16.72 17.17
C PRO L 179 83.80 -16.85 18.15
N TRP L 180 82.87 -17.73 17.81
CA TRP L 180 81.66 -17.90 18.63
C TRP L 180 82.00 -18.44 20.00
N VAL L 181 81.66 -17.65 21.03
CA VAL L 181 81.88 -18.03 22.43
C VAL L 181 80.56 -17.94 23.17
N ARG L 182 80.04 -19.09 23.64
CA ARG L 182 78.72 -19.20 24.17
C ARG L 182 77.68 -18.34 23.44
N GLY L 183 77.67 -18.51 22.12
CA GLY L 183 76.72 -17.81 21.24
C GLY L 183 76.90 -16.30 21.07
N LEU L 184 78.15 -15.85 21.31
CA LEU L 184 78.39 -14.40 21.23
C LEU L 184 79.65 -14.12 20.47
N SER L 185 79.48 -13.59 19.25
CA SER L 185 80.60 -13.13 18.41
C SER L 185 81.27 -11.84 18.90
N SER L 186 80.54 -11.01 19.66
CA SER L 186 81.10 -9.79 20.25
C SER L 186 82.11 -10.08 21.39
N ARG L 187 82.83 -9.05 21.84
CA ARG L 187 83.91 -9.17 22.84
C ARG L 187 84.09 -7.89 23.64
N ILE L 188 84.69 -8.03 24.82
CA ILE L 188 85.15 -6.86 25.57
C ILE L 188 86.63 -6.99 25.75
N SER L 189 87.38 -5.92 25.49
CA SER L 189 88.82 -5.86 25.77
C SER L 189 89.07 -5.04 27.05
N ILE L 190 89.96 -5.56 27.88
CA ILE L 190 90.22 -4.96 29.20
C ILE L 190 91.53 -4.18 29.18
N TYR L 191 91.52 -2.99 29.70
CA TYR L 191 92.66 -2.13 29.85
C TYR L 191 92.68 -1.61 31.28
N TRP L 192 93.83 -1.09 31.70
CA TRP L 192 93.99 -0.54 33.05
C TRP L 192 94.81 0.74 33.11
N THR L 193 94.56 1.53 34.17
CA THR L 193 95.29 2.79 34.35
C THR L 193 95.64 2.98 35.78
N ILE L 194 96.91 3.28 36.05
CA ILE L 194 97.37 3.58 37.41
C ILE L 194 97.47 5.08 37.62
N VAL L 195 96.96 5.56 38.73
CA VAL L 195 96.91 6.98 39.00
C VAL L 195 97.60 7.27 40.32
N LYS L 196 98.76 7.93 40.29
CA LYS L 196 99.56 8.17 41.45
C LYS L 196 98.96 9.31 42.27
N PRO L 197 99.51 9.52 43.48
CA PRO L 197 99.11 10.68 44.29
C PRO L 197 99.32 12.03 43.66
N GLY L 198 98.25 12.85 43.64
CA GLY L 198 98.28 14.15 43.01
C GLY L 198 97.94 14.09 41.54
N ASP L 199 97.87 12.86 40.99
CA ASP L 199 97.47 12.73 39.60
C ASP L 199 95.96 12.54 39.44
N VAL L 200 95.52 12.82 38.19
CA VAL L 200 94.11 12.87 37.82
C VAL L 200 93.72 11.98 36.62
N LEU L 201 92.84 11.00 36.89
CA LEU L 201 92.27 10.20 35.84
C LEU L 201 91.29 10.99 35.03
N VAL L 202 91.41 10.95 33.73
CA VAL L 202 90.42 11.58 32.88
C VAL L 202 89.93 10.61 31.85
N ILE L 203 88.64 10.27 31.91
CA ILE L 203 88.04 9.41 30.89
C ILE L 203 87.18 10.26 29.95
N ASN L 204 87.27 9.98 28.67
CA ASN L 204 86.52 10.73 27.67
C ASN L 204 86.11 9.73 26.60
N SER L 205 84.84 9.68 26.30
CA SER L 205 84.37 8.71 25.30
C SER L 205 83.07 9.12 24.63
N ASN L 206 82.96 8.84 23.34
CA ASN L 206 81.71 9.01 22.60
C ASN L 206 81.19 7.66 22.10
N GLY L 207 81.48 6.60 22.81
CA GLY L 207 80.95 5.28 22.45
C GLY L 207 81.77 4.12 22.96
N ASN L 208 81.10 3.00 23.24
CA ASN L 208 81.73 1.70 23.49
C ASN L 208 82.56 1.65 24.78
N LEU L 209 82.31 2.59 25.68
CA LEU L 209 82.99 2.57 26.97
C LEU L 209 82.42 1.52 27.91
N ILE L 210 83.26 0.63 28.45
CA ILE L 210 82.80 -0.16 29.61
C ILE L 210 83.44 0.49 30.84
N ALA L 211 82.72 1.27 31.59
CA ALA L 211 83.31 2.21 32.53
C ALA L 211 83.67 1.50 33.85
N PRO L 212 84.67 2.05 34.56
CA PRO L 212 85.01 1.56 35.90
C PRO L 212 84.10 2.10 37.00
N ARG L 213 83.81 1.27 38.01
CA ARG L 213 82.92 1.71 39.07
C ARG L 213 83.64 2.43 40.22
N GLY L 214 84.95 2.44 40.16
CA GLY L 214 85.78 2.91 41.26
C GLY L 214 87.20 2.48 41.04
N TYR L 215 87.96 2.20 42.11
CA TYR L 215 89.35 1.78 41.94
C TYR L 215 89.72 0.66 42.86
N PHE L 216 90.92 0.12 42.67
CA PHE L 216 91.46 -0.90 43.58
C PHE L 216 92.64 -0.34 44.30
N LYS L 217 92.74 -0.52 45.58
CA LYS L 217 93.81 0.01 46.41
C LYS L 217 95.06 -0.79 46.16
N MET L 218 96.16 -0.11 45.84
CA MET L 218 97.43 -0.74 45.55
C MET L 218 98.34 -0.77 46.78
N ARG L 219 99.10 -1.87 46.88
CA ARG L 219 100.18 -2.01 47.85
C ARG L 219 101.39 -2.60 47.15
N THR L 220 102.55 -2.47 47.78
CA THR L 220 103.76 -3.11 47.28
C THR L 220 104.34 -3.99 48.35
N GLY L 221 104.01 -5.29 48.27
CA GLY L 221 104.43 -6.27 49.29
C GLY L 221 105.14 -7.50 48.73
N LYS L 222 104.95 -8.63 49.40
CA LYS L 222 105.55 -9.90 49.01
C LYS L 222 104.58 -10.79 48.25
N SER L 223 103.45 -10.25 47.78
CA SER L 223 102.38 -11.08 47.28
C SER L 223 102.71 -11.65 45.88
N SER L 224 102.12 -12.82 45.56
CA SER L 224 102.34 -13.36 44.22
C SER L 224 101.25 -14.27 43.74
N ILE L 225 101.45 -14.95 42.63
CA ILE L 225 100.46 -15.88 42.07
C ILE L 225 101.20 -17.10 41.53
N MET L 226 100.49 -18.22 41.50
CA MET L 226 101.11 -19.50 41.11
C MET L 226 100.08 -20.43 40.47
N ARG L 227 100.46 -21.11 39.37
CA ARG L 227 99.61 -22.09 38.75
C ARG L 227 99.95 -23.46 39.32
N SER L 228 98.95 -24.16 39.84
CA SER L 228 99.14 -25.42 40.55
C SER L 228 97.86 -26.21 40.58
N ASP L 229 97.96 -27.53 40.56
CA ASP L 229 96.81 -28.39 40.80
C ASP L 229 96.89 -29.14 42.13
N ALA L 230 97.93 -28.85 42.91
CA ALA L 230 98.16 -29.55 44.19
C ALA L 230 97.20 -29.05 45.28
N PRO L 231 96.53 -29.97 46.01
CA PRO L 231 95.50 -29.54 46.95
C PRO L 231 96.06 -28.85 48.20
N ILE L 232 95.19 -28.18 48.96
CA ILE L 232 95.58 -27.44 50.18
C ILE L 232 95.51 -28.38 51.39
N ASP L 233 96.35 -28.13 52.40
CA ASP L 233 96.38 -28.94 53.62
C ASP L 233 96.65 -28.06 54.86
N THR L 234 96.31 -28.58 56.04
CA THR L 234 96.50 -27.86 57.32
C THR L 234 97.87 -28.19 57.97
N CYS L 235 98.93 -27.69 57.35
CA CYS L 235 100.32 -27.88 57.83
C CYS L 235 101.08 -26.54 57.84
N ILE L 236 102.38 -26.58 58.16
CA ILE L 236 103.29 -25.44 58.09
C ILE L 236 104.48 -25.78 57.18
N SER L 237 104.76 -24.84 56.28
CA SER L 237 105.92 -24.93 55.38
C SER L 237 106.25 -23.56 54.78
N GLU L 238 107.48 -23.10 54.99
CA GLU L 238 107.90 -21.78 54.50
C GLU L 238 107.92 -21.69 52.97
N CYS L 239 108.43 -22.74 52.35
CA CYS L 239 108.60 -22.80 50.90
C CYS L 239 107.43 -23.55 50.25
N ILE L 240 106.94 -22.95 49.18
CA ILE L 240 105.84 -23.52 48.39
C ILE L 240 106.26 -23.60 46.93
N THR L 241 105.94 -24.70 46.28
CA THR L 241 106.14 -24.79 44.83
C THR L 241 104.83 -25.23 44.20
N PRO L 242 104.74 -25.21 42.88
CA PRO L 242 103.58 -25.76 42.18
C PRO L 242 103.28 -27.24 42.41
N ASN L 243 104.35 -28.03 42.56
CA ASN L 243 104.24 -29.45 42.88
C ASN L 243 103.89 -29.72 44.35
N GLY L 244 103.97 -28.70 45.18
CA GLY L 244 103.65 -28.92 46.59
C GLY L 244 104.60 -28.19 47.47
N SER L 245 104.33 -28.10 48.76
CA SER L 245 105.26 -27.53 49.70
C SER L 245 106.46 -28.41 49.95
N ILE L 246 107.61 -27.73 50.12
CA ILE L 246 108.88 -28.41 50.35
C ILE L 246 109.55 -27.83 51.61
N PRO L 247 110.28 -28.70 52.37
CA PRO L 247 111.16 -28.17 53.41
C PRO L 247 112.31 -27.33 52.82
N ASN L 248 112.63 -26.23 53.49
CA ASN L 248 113.67 -25.28 53.03
C ASN L 248 114.99 -25.43 53.80
N ASP L 249 115.10 -26.46 54.64
CA ASP L 249 116.31 -26.70 55.45
C ASP L 249 117.59 -26.86 54.62
N LYS L 250 117.48 -27.51 53.46
CA LYS L 250 118.61 -27.71 52.55
C LYS L 250 118.87 -26.41 51.79
N PRO L 251 120.15 -26.11 51.47
CA PRO L 251 120.51 -24.83 50.85
C PRO L 251 120.04 -24.62 49.40
N PHE L 252 119.86 -25.72 48.66
CA PHE L 252 119.39 -25.67 47.26
C PHE L 252 118.22 -26.64 47.04
N GLN L 253 117.61 -26.54 45.87
CA GLN L 253 116.50 -27.43 45.45
C GLN L 253 116.34 -27.52 43.92
N ASN L 254 115.76 -28.62 43.45
CA ASN L 254 115.51 -28.77 42.02
C ASN L 254 114.15 -29.41 41.78
N VAL L 255 113.20 -29.08 42.65
CA VAL L 255 111.81 -29.57 42.47
C VAL L 255 111.12 -28.83 41.33
N ASN L 256 111.18 -27.50 41.40
CA ASN L 256 110.51 -26.60 40.46
C ASN L 256 111.23 -25.25 40.41
N LYS L 257 111.38 -24.69 39.21
CA LYS L 257 111.93 -23.32 39.03
C LYS L 257 111.08 -22.21 39.67
N ILE L 258 109.75 -22.42 39.75
CA ILE L 258 108.83 -21.49 40.35
C ILE L 258 108.68 -21.81 41.83
N THR L 259 108.94 -20.81 42.66
CA THR L 259 108.76 -20.94 44.12
C THR L 259 108.15 -19.70 44.76
N TYR L 260 107.66 -19.87 45.99
CA TYR L 260 107.15 -18.78 46.78
C TYR L 260 107.52 -18.93 48.24
N GLY L 261 108.05 -17.84 48.82
CA GLY L 261 108.38 -17.76 50.22
C GLY L 261 109.87 -17.89 50.44
N ALA L 262 110.24 -18.06 51.71
CA ALA L 262 111.64 -18.38 52.08
C ALA L 262 112.03 -19.78 51.56
N CYS L 263 112.81 -19.78 50.47
CA CYS L 263 113.09 -21.00 49.71
C CYS L 263 114.57 -21.22 49.42
N PRO L 264 114.96 -22.49 49.14
CA PRO L 264 116.28 -22.75 48.56
C PRO L 264 116.34 -22.34 47.09
N LYS L 265 117.55 -22.16 46.57
CA LYS L 265 117.75 -21.68 45.18
C LYS L 265 117.67 -22.85 44.18
N TYR L 266 117.14 -22.56 43.00
CA TYR L 266 116.88 -23.60 41.99
C TYR L 266 118.16 -24.04 41.26
N VAL L 267 118.33 -25.37 41.10
CA VAL L 267 119.53 -25.95 40.45
C VAL L 267 119.03 -27.14 39.68
C1 NAG M . 6.44 -69.54 -34.92
C2 NAG M . 6.42 -70.86 -34.14
C3 NAG M . 5.80 -71.98 -34.98
C4 NAG M . 4.48 -71.55 -35.64
C5 NAG M . 4.57 -70.18 -36.29
C6 NAG M . 3.21 -69.68 -36.77
C7 NAG M . 8.08 -72.07 -32.77
C8 NAG M . 9.53 -72.29 -32.50
N2 NAG M . 7.78 -71.20 -33.74
O3 NAG M . 5.55 -73.14 -34.18
O4 NAG M . 4.14 -72.54 -36.63
O5 NAG M . 5.11 -69.23 -35.36
O6 NAG M . 2.46 -69.07 -35.71
O7 NAG M . 7.21 -72.67 -32.14
C1 NAG N . 108.34 -29.95 38.83
C2 NAG N . 108.75 -31.38 38.53
C3 NAG N . 109.28 -31.40 37.09
C4 NAG N . 108.26 -30.80 36.12
C5 NAG N . 107.61 -29.51 36.64
C6 NAG N . 106.40 -29.11 35.80
C7 NAG N . 109.42 -32.63 40.54
C8 NAG N . 110.58 -33.14 41.35
N2 NAG N . 109.73 -31.87 39.48
O3 NAG N . 109.58 -32.74 36.70
O4 NAG N . 108.92 -30.53 34.88
O5 NAG N . 107.23 -29.64 38.00
O6 NAG N . 105.32 -30.04 35.98
O7 NAG N . 108.27 -32.94 40.84
#